data_3UIC
#
_entry.id   3UIC
#
_cell.length_a   85.410
_cell.length_b   123.461
_cell.length_c   203.330
_cell.angle_alpha   90.00
_cell.angle_beta   90.02
_cell.angle_gamma   90.00
#
_symmetry.space_group_name_H-M   'P 1 21 1'
#
loop_
_entity.id
_entity.type
_entity.pdbx_description
1 polymer 'Enoyl-[acyl-carrier-protein] reductase [NADH]'
2 non-polymer NICOTINAMIDE-ADENINE-DINUCLEOTIDE
3 non-polymer 1-(3,4-dichlorobenzyl)-5,6-dimethyl-1H-benzimidazole
4 water water
#
_entity_poly.entity_id   1
_entity_poly.type   'polypeptide(L)'
_entity_poly.pdbx_seq_one_letter_code
;MGSSHHHHHHSSGLVPRGSHMGFLAGKKILITGLLSNKSIAYGIAKAMHREGAELAFTYVGQFKDRVEKLCAEFNPAAVL
PCDVISDQEIKDLFVELGKVWDGLDAIVHSIAFAPRDQLEGNFIDCVTREGFSIAHDISAYSFAALAKEGRSMMKNRNAS
MVALTYIGAEKAMPSYNTMGVAKASLEATVRYTALALGEDGIKVNAVSAGPIKTLAASGISNFKKMLDYNAMVSPLKKNV
DIMEVGNTVAFLCSDMATGITGEVVHVDAGYHCVSMGNVL
;
_entity_poly.pdbx_strand_id   A,B,C,D,E,F,G,H,I,J,K,L,M,N,O,P
#
loop_
_chem_comp.id
_chem_comp.type
_chem_comp.name
_chem_comp.formula
09T non-polymer 1-(3,4-dichlorobenzyl)-5,6-dimethyl-1H-benzimidazole 'C16 H14 Cl2 N2'
NAD non-polymer NICOTINAMIDE-ADENINE-DINUCLEOTIDE 'C21 H27 N7 O14 P2'
#
# COMPACT_ATOMS: atom_id res chain seq x y z
N GLY A 22 40.84 -73.89 13.44
CA GLY A 22 40.28 -73.31 12.19
C GLY A 22 40.07 -74.34 11.10
N PHE A 23 39.10 -74.14 10.18
CA PHE A 23 38.84 -75.10 9.08
C PHE A 23 39.82 -75.03 7.87
N LEU A 24 40.83 -74.18 7.96
CA LEU A 24 41.95 -74.22 6.94
C LEU A 24 43.32 -74.48 7.59
N ALA A 25 43.31 -74.92 8.86
CA ALA A 25 44.54 -75.11 9.64
C ALA A 25 45.50 -76.03 8.88
N GLY A 26 46.74 -75.59 8.80
CA GLY A 26 47.75 -76.29 8.04
C GLY A 26 47.82 -76.03 6.53
N LYS A 27 46.68 -75.71 5.94
CA LYS A 27 46.63 -75.59 4.50
C LYS A 27 47.54 -74.47 4.00
N LYS A 28 48.25 -74.76 2.90
CA LYS A 28 49.18 -73.78 2.28
C LYS A 28 48.53 -73.17 1.03
N ILE A 29 48.20 -71.90 1.14
CA ILE A 29 47.37 -71.24 0.13
C ILE A 29 48.10 -70.03 -0.42
N LEU A 30 48.11 -69.92 -1.75
CA LEU A 30 48.65 -68.75 -2.48
C LEU A 30 47.48 -67.81 -2.79
N ILE A 31 47.67 -66.54 -2.46
CA ILE A 31 46.68 -65.53 -2.82
C ILE A 31 47.30 -64.49 -3.76
N THR A 32 46.69 -64.38 -4.94
CA THR A 32 47.08 -63.30 -5.90
C THR A 32 46.16 -62.05 -5.72
N GLY A 33 46.63 -60.89 -6.18
CA GLY A 33 45.71 -59.72 -6.30
C GLY A 33 45.47 -58.88 -5.05
N LEU A 34 46.32 -59.03 -4.05
CA LEU A 34 46.26 -58.14 -2.88
C LEU A 34 46.85 -56.81 -3.27
N LEU A 35 46.12 -55.71 -3.17
CA LEU A 35 46.63 -54.44 -3.64
C LEU A 35 46.35 -53.27 -2.72
N SER A 36 45.16 -53.21 -2.13
CA SER A 36 44.92 -52.29 -0.98
C SER A 36 44.17 -53.03 0.13
N ASN A 37 43.88 -52.36 1.23
CA ASN A 37 43.03 -53.03 2.21
C ASN A 37 41.55 -53.06 1.85
N LYS A 38 41.21 -52.66 0.64
CA LYS A 38 39.89 -52.73 0.09
C LYS A 38 39.76 -53.91 -0.84
N SER A 39 40.86 -54.45 -1.30
CA SER A 39 40.88 -55.52 -2.27
C SER A 39 40.06 -56.71 -1.79
N ILE A 40 39.40 -57.39 -2.70
CA ILE A 40 38.71 -58.58 -2.31
C ILE A 40 39.75 -59.57 -1.73
N ALA A 41 40.93 -59.64 -2.35
CA ALA A 41 41.99 -60.49 -1.85
C ALA A 41 42.32 -60.25 -0.32
N TYR A 42 42.15 -59.01 0.15
CA TYR A 42 42.38 -58.67 1.54
C TYR A 42 41.34 -59.36 2.47
N GLY A 43 40.08 -59.36 2.01
CA GLY A 43 39.03 -60.03 2.67
C GLY A 43 39.27 -61.52 2.66
N ILE A 44 39.73 -62.04 1.53
CA ILE A 44 40.07 -63.46 1.45
C ILE A 44 41.20 -63.76 2.45
N ALA A 45 42.17 -62.88 2.52
CA ALA A 45 43.34 -63.14 3.33
C ALA A 45 42.86 -63.14 4.79
N LYS A 46 42.08 -62.11 5.18
CA LYS A 46 41.56 -62.02 6.54
C LYS A 46 40.86 -63.29 7.00
N ALA A 47 39.98 -63.79 6.13
CA ALA A 47 39.20 -64.99 6.39
C ALA A 47 40.04 -66.27 6.50
N MET A 48 40.95 -66.48 5.56
CA MET A 48 41.89 -67.60 5.65
C MET A 48 42.90 -67.55 6.81
N HIS A 49 43.42 -66.37 7.12
CA HIS A 49 44.33 -66.28 8.26
C HIS A 49 43.57 -66.65 9.51
N ARG A 50 42.41 -66.01 9.72
CA ARG A 50 41.48 -66.39 10.80
C ARG A 50 41.30 -67.89 10.88
N GLU A 51 41.23 -68.59 9.77
CA GLU A 51 40.92 -70.02 9.79
C GLU A 51 42.13 -70.94 9.80
N GLY A 52 43.31 -70.35 9.97
CA GLY A 52 44.55 -71.10 10.26
C GLY A 52 45.39 -71.50 9.05
N ALA A 53 45.05 -70.95 7.89
CA ALA A 53 45.82 -71.13 6.67
C ALA A 53 47.25 -70.54 6.80
N GLU A 54 48.24 -71.21 6.17
CA GLU A 54 49.53 -70.53 5.85
C GLU A 54 49.48 -69.86 4.49
N LEU A 55 49.82 -68.57 4.47
CA LEU A 55 49.57 -67.73 3.29
C LEU A 55 50.83 -67.28 2.58
N ALA A 56 50.70 -67.23 1.25
CA ALA A 56 51.68 -66.61 0.38
C ALA A 56 50.96 -65.69 -0.57
N PHE A 57 51.59 -64.57 -0.87
CA PHE A 57 51.03 -63.56 -1.74
C PHE A 57 51.94 -63.25 -2.92
N THR A 58 51.30 -62.82 -4.03
CA THR A 58 52.01 -62.24 -5.20
C THR A 58 51.73 -60.74 -5.37
N TYR A 59 52.64 -60.06 -6.06
CA TYR A 59 52.44 -58.66 -6.47
C TYR A 59 52.97 -58.39 -7.88
N VAL A 60 52.49 -57.31 -8.50
CA VAL A 60 53.02 -56.89 -9.79
C VAL A 60 54.13 -55.86 -9.59
N GLY A 61 55.19 -56.04 -10.36
CA GLY A 61 56.44 -55.26 -10.23
C GLY A 61 56.50 -54.11 -9.24
N GLN A 62 55.91 -52.98 -9.62
CA GLN A 62 56.00 -51.71 -8.86
C GLN A 62 55.59 -51.79 -7.38
N PHE A 63 54.59 -52.63 -7.08
CA PHE A 63 53.91 -52.59 -5.80
C PHE A 63 54.51 -53.45 -4.69
N LYS A 64 55.73 -53.96 -4.90
CA LYS A 64 56.44 -54.73 -3.87
C LYS A 64 56.32 -54.22 -2.43
N ASP A 65 56.68 -52.97 -2.18
CA ASP A 65 56.64 -52.39 -0.83
C ASP A 65 55.23 -52.24 -0.26
N ARG A 66 54.32 -51.76 -1.09
CA ARG A 66 52.90 -51.63 -0.74
C ARG A 66 52.40 -52.96 -0.17
N VAL A 67 52.63 -54.03 -0.91
CA VAL A 67 52.03 -55.30 -0.65
C VAL A 67 52.67 -56.01 0.55
N GLU A 68 53.97 -55.88 0.72
CA GLU A 68 54.68 -56.49 1.83
C GLU A 68 54.18 -55.88 3.13
N LYS A 69 54.02 -54.56 3.13
CA LYS A 69 53.50 -53.83 4.28
C LYS A 69 52.08 -54.32 4.63
N LEU A 70 51.27 -54.40 3.60
CA LEU A 70 49.90 -54.74 3.71
C LEU A 70 49.66 -56.13 4.19
N CYS A 71 50.41 -57.11 3.71
CA CYS A 71 50.11 -58.45 4.10
C CYS A 71 51.01 -59.00 5.24
N ALA A 72 51.80 -58.13 5.86
CA ALA A 72 52.70 -58.53 6.91
C ALA A 72 51.91 -59.13 8.06
N GLU A 73 50.73 -58.55 8.30
CA GLU A 73 49.85 -58.97 9.41
C GLU A 73 49.38 -60.42 9.29
N PHE A 74 49.45 -61.00 8.10
CA PHE A 74 49.09 -62.41 7.87
C PHE A 74 50.22 -63.40 7.99
N ASN A 75 51.38 -62.91 8.46
CA ASN A 75 52.61 -63.70 8.63
C ASN A 75 52.91 -64.60 7.44
N PRO A 76 53.11 -63.97 6.27
CA PRO A 76 53.20 -64.73 5.03
C PRO A 76 54.48 -65.56 4.96
N ALA A 77 54.38 -66.76 4.40
CA ALA A 77 55.56 -67.62 4.16
C ALA A 77 56.38 -67.13 2.96
N ALA A 78 55.82 -66.22 2.16
CA ALA A 78 56.47 -65.76 0.95
C ALA A 78 55.64 -64.66 0.31
N VAL A 79 56.34 -63.64 -0.16
CA VAL A 79 55.72 -62.55 -0.91
C VAL A 79 56.56 -62.31 -2.20
N LEU A 80 56.02 -62.74 -3.33
CA LEU A 80 56.79 -62.99 -4.53
C LEU A 80 56.19 -62.25 -5.78
N PRO A 81 57.04 -61.86 -6.75
CA PRO A 81 56.55 -61.11 -7.91
C PRO A 81 55.86 -62.03 -8.85
N CYS A 82 54.70 -61.64 -9.31
CA CYS A 82 54.10 -62.39 -10.38
C CYS A 82 53.16 -61.59 -11.24
N ASP A 83 53.68 -61.12 -12.37
CA ASP A 83 52.89 -60.43 -13.38
C ASP A 83 52.39 -61.45 -14.39
N VAL A 84 51.10 -61.75 -14.38
CA VAL A 84 50.62 -62.88 -15.18
C VAL A 84 50.67 -62.65 -16.67
N ILE A 85 51.22 -61.52 -17.12
CA ILE A 85 51.52 -61.31 -18.54
C ILE A 85 52.66 -62.23 -18.97
N SER A 86 53.50 -62.61 -18.00
CA SER A 86 54.71 -63.31 -18.25
C SER A 86 54.65 -64.81 -17.88
N ASP A 87 54.78 -65.69 -18.87
CA ASP A 87 54.93 -67.11 -18.59
C ASP A 87 56.11 -67.44 -17.72
N GLN A 88 57.24 -66.73 -17.92
CA GLN A 88 58.37 -66.97 -17.11
C GLN A 88 58.09 -66.70 -15.61
N GLU A 89 57.54 -65.53 -15.29
CA GLU A 89 57.40 -65.14 -13.93
C GLU A 89 56.49 -66.16 -13.19
N ILE A 90 55.46 -66.67 -13.87
CA ILE A 90 54.53 -67.62 -13.33
C ILE A 90 55.30 -68.88 -13.05
N LYS A 91 56.17 -69.28 -13.96
CA LYS A 91 56.96 -70.47 -13.75
C LYS A 91 57.86 -70.31 -12.52
N ASP A 92 58.51 -69.15 -12.41
CA ASP A 92 59.42 -68.90 -11.30
C ASP A 92 58.71 -68.76 -9.98
N LEU A 93 57.42 -68.40 -10.05
CA LEU A 93 56.61 -68.23 -8.89
C LEU A 93 56.57 -69.63 -8.25
N PHE A 94 56.29 -70.64 -9.05
CA PHE A 94 56.19 -71.95 -8.42
C PHE A 94 57.49 -72.63 -8.01
N VAL A 95 58.56 -72.33 -8.74
CA VAL A 95 59.92 -72.68 -8.33
C VAL A 95 60.23 -72.12 -6.93
N GLU A 96 60.03 -70.83 -6.74
CA GLU A 96 60.37 -70.18 -5.48
C GLU A 96 59.50 -70.68 -4.32
N LEU A 97 58.24 -70.87 -4.63
CA LEU A 97 57.29 -71.31 -3.66
C LEU A 97 57.62 -72.74 -3.27
N GLY A 98 57.96 -73.57 -4.24
CA GLY A 98 58.36 -74.95 -3.95
C GLY A 98 59.62 -75.05 -3.06
N LYS A 99 60.41 -73.98 -2.95
CA LYS A 99 61.55 -74.00 -2.06
C LYS A 99 61.05 -73.87 -0.62
N VAL A 100 59.94 -73.16 -0.44
CA VAL A 100 59.42 -72.88 0.91
C VAL A 100 58.42 -73.99 1.36
N TRP A 101 57.67 -74.55 0.40
CA TRP A 101 56.57 -75.50 0.69
C TRP A 101 56.70 -76.77 -0.08
N ASP A 102 56.30 -77.90 0.51
CA ASP A 102 56.37 -79.14 -0.21
C ASP A 102 55.21 -79.35 -1.17
N GLY A 103 53.99 -79.12 -0.69
CA GLY A 103 52.86 -79.08 -1.57
C GLY A 103 52.18 -77.73 -1.46
N LEU A 104 51.19 -77.53 -2.31
CA LEU A 104 50.39 -76.32 -2.28
C LEU A 104 48.94 -76.81 -2.16
N ASP A 105 48.17 -76.19 -1.28
CA ASP A 105 46.76 -76.60 -1.12
C ASP A 105 45.76 -75.81 -1.95
N ALA A 106 46.01 -74.52 -2.13
CA ALA A 106 45.06 -73.73 -2.91
C ALA A 106 45.70 -72.55 -3.63
N ILE A 107 45.09 -72.22 -4.77
CA ILE A 107 45.41 -70.94 -5.47
C ILE A 107 44.14 -70.11 -5.54
N VAL A 108 44.25 -68.88 -5.05
CA VAL A 108 43.14 -67.93 -5.15
C VAL A 108 43.51 -66.88 -6.18
N HIS A 109 42.72 -66.88 -7.30
CA HIS A 109 42.94 -66.01 -8.46
C HIS A 109 41.98 -64.85 -8.30
N SER A 110 42.53 -63.66 -8.18
CA SER A 110 41.73 -62.50 -7.83
C SER A 110 42.36 -61.35 -8.56
N ILE A 111 42.54 -61.57 -9.88
CA ILE A 111 43.10 -60.55 -10.72
C ILE A 111 42.26 -60.36 -11.97
N ALA A 112 42.09 -59.11 -12.35
CA ALA A 112 41.50 -58.77 -13.62
C ALA A 112 42.19 -57.53 -14.17
N PHE A 113 42.09 -57.28 -15.48
CA PHE A 113 42.54 -56.03 -16.07
C PHE A 113 42.05 -55.97 -17.52
N ALA A 114 41.69 -54.77 -17.98
CA ALA A 114 41.44 -54.47 -19.37
C ALA A 114 41.87 -53.00 -19.44
N PRO A 115 42.30 -52.53 -20.63
CA PRO A 115 42.61 -51.11 -20.79
C PRO A 115 41.41 -50.22 -20.49
N ARG A 116 41.63 -49.08 -19.82
CA ARG A 116 40.60 -48.03 -19.54
C ARG A 116 39.61 -47.88 -20.69
N ASP A 117 40.08 -47.73 -21.93
CA ASP A 117 39.19 -47.52 -23.12
C ASP A 117 38.14 -48.63 -23.35
N GLN A 118 38.33 -49.78 -22.71
CA GLN A 118 37.47 -50.94 -22.95
C GLN A 118 36.25 -50.96 -22.06
N LEU A 119 36.12 -49.92 -21.25
CA LEU A 119 35.28 -50.04 -20.10
C LEU A 119 34.22 -48.99 -19.91
N GLU A 120 33.91 -48.18 -20.88
CA GLU A 120 32.68 -47.44 -20.71
C GLU A 120 32.16 -47.04 -22.05
N GLY A 121 30.95 -46.51 -22.08
CA GLY A 121 30.32 -46.27 -23.36
C GLY A 121 29.87 -47.57 -24.01
N ASN A 122 29.61 -47.47 -25.32
CA ASN A 122 29.02 -48.50 -26.09
C ASN A 122 30.03 -49.59 -26.39
N PHE A 123 29.63 -50.82 -26.17
CA PHE A 123 30.55 -51.98 -26.38
C PHE A 123 31.23 -52.01 -27.72
N ILE A 124 30.43 -51.92 -28.79
CA ILE A 124 30.93 -51.95 -30.14
C ILE A 124 31.77 -50.74 -30.52
N ASP A 125 31.40 -49.51 -30.12
CA ASP A 125 32.32 -48.40 -30.37
C ASP A 125 33.67 -48.56 -29.74
N CYS A 126 33.67 -49.08 -28.52
CA CYS A 126 34.88 -49.10 -27.76
C CYS A 126 35.77 -50.31 -27.95
N VAL A 127 35.15 -51.50 -28.14
CA VAL A 127 35.96 -52.71 -28.27
C VAL A 127 37.11 -52.57 -29.32
N THR A 128 38.36 -52.93 -28.97
CA THR A 128 39.44 -53.08 -29.97
C THR A 128 40.11 -54.47 -29.97
N ARG A 129 40.70 -54.88 -31.08
CA ARG A 129 41.33 -56.17 -31.10
C ARG A 129 42.33 -56.35 -29.92
N GLU A 130 43.18 -55.34 -29.68
CA GLU A 130 44.24 -55.50 -28.73
C GLU A 130 43.74 -55.44 -27.30
N GLY A 131 42.70 -54.64 -27.07
CA GLY A 131 42.10 -54.54 -25.78
C GLY A 131 41.33 -55.80 -25.41
N PHE A 132 40.64 -56.38 -26.37
CA PHE A 132 39.96 -57.67 -26.20
C PHE A 132 40.99 -58.71 -25.80
N SER A 133 42.15 -58.59 -26.44
CA SER A 133 43.22 -59.56 -26.25
C SER A 133 43.83 -59.50 -24.83
N ILE A 134 44.11 -58.26 -24.39
CA ILE A 134 44.75 -58.06 -23.16
C ILE A 134 43.78 -58.45 -22.06
N ALA A 135 42.56 -57.92 -22.10
CA ALA A 135 41.53 -58.37 -21.15
C ALA A 135 41.48 -59.88 -20.97
N HIS A 136 41.34 -60.65 -22.06
CA HIS A 136 41.35 -62.13 -21.93
C HIS A 136 42.67 -62.71 -21.43
N ASP A 137 43.78 -62.18 -21.95
CA ASP A 137 45.02 -62.72 -21.54
C ASP A 137 45.17 -62.68 -19.94
N ILE A 138 44.84 -61.54 -19.33
CA ILE A 138 45.17 -61.26 -17.98
C ILE A 138 44.08 -61.71 -17.01
N SER A 139 42.84 -61.65 -17.48
CA SER A 139 41.63 -61.94 -16.72
C SER A 139 41.22 -63.35 -16.83
N ALA A 140 41.58 -64.02 -17.89
CA ALA A 140 41.07 -65.37 -18.16
C ALA A 140 42.20 -66.41 -18.38
N TYR A 141 43.03 -66.19 -19.39
CA TYR A 141 44.08 -67.14 -19.62
C TYR A 141 44.95 -67.36 -18.33
N SER A 142 45.28 -66.30 -17.62
CA SER A 142 46.12 -66.38 -16.45
C SER A 142 45.67 -67.41 -15.40
N PHE A 143 44.34 -67.71 -15.35
CA PHE A 143 43.83 -68.70 -14.47
C PHE A 143 44.39 -70.06 -14.90
N ALA A 144 44.26 -70.39 -16.19
CA ALA A 144 44.71 -71.69 -16.68
C ALA A 144 46.19 -71.75 -16.54
N ALA A 145 46.88 -70.59 -16.62
CA ALA A 145 48.34 -70.57 -16.57
C ALA A 145 48.81 -70.90 -15.11
N LEU A 146 48.22 -70.24 -14.12
CA LEU A 146 48.46 -70.65 -12.73
C LEU A 146 48.15 -72.14 -12.47
N ALA A 147 47.09 -72.65 -13.06
CA ALA A 147 46.75 -74.05 -12.91
C ALA A 147 47.85 -74.97 -13.52
N LYS A 148 48.36 -74.57 -14.68
CA LYS A 148 49.27 -75.33 -15.48
C LYS A 148 50.55 -75.46 -14.71
N GLU A 149 51.00 -74.38 -14.08
CA GLU A 149 52.27 -74.40 -13.38
C GLU A 149 52.19 -74.84 -11.95
N GLY A 150 51.00 -74.79 -11.32
CA GLY A 150 50.87 -75.10 -9.91
C GLY A 150 50.47 -76.54 -9.74
N ARG A 151 50.06 -77.13 -10.87
CA ARG A 151 49.45 -78.43 -10.90
C ARG A 151 50.23 -79.48 -10.14
N SER A 152 51.53 -79.55 -10.38
CA SER A 152 52.29 -80.60 -9.71
C SER A 152 52.35 -80.36 -8.18
N MET A 153 52.42 -79.11 -7.71
CA MET A 153 52.50 -78.93 -6.28
C MET A 153 51.19 -79.29 -5.55
N MET A 154 50.12 -79.49 -6.34
CA MET A 154 48.76 -79.54 -5.87
C MET A 154 48.16 -80.93 -6.01
N LYS A 155 48.80 -81.81 -6.79
CA LYS A 155 48.43 -83.22 -6.90
C LYS A 155 48.04 -83.88 -5.57
N ASN A 156 46.87 -84.54 -5.59
CA ASN A 156 46.44 -85.52 -4.55
C ASN A 156 46.52 -85.12 -3.05
N ARG A 157 46.00 -83.95 -2.72
CA ARG A 157 45.89 -83.46 -1.36
C ARG A 157 44.58 -82.64 -1.18
N ASN A 158 43.53 -83.03 -1.88
CA ASN A 158 42.30 -82.25 -1.92
C ASN A 158 42.55 -80.77 -2.10
N ALA A 159 43.29 -80.41 -3.15
CA ALA A 159 43.65 -79.03 -3.38
C ALA A 159 42.49 -78.29 -4.01
N SER A 160 42.65 -76.98 -4.15
CA SER A 160 41.57 -76.09 -4.56
C SER A 160 42.09 -74.93 -5.37
N MET A 161 41.23 -74.49 -6.31
CA MET A 161 41.41 -73.23 -6.98
C MET A 161 40.11 -72.44 -6.92
N VAL A 162 40.20 -71.12 -6.78
CA VAL A 162 39.04 -70.26 -6.77
C VAL A 162 39.34 -69.02 -7.56
N ALA A 163 38.50 -68.74 -8.56
CA ALA A 163 38.62 -67.47 -9.28
C ALA A 163 37.49 -66.48 -8.85
N LEU A 164 37.78 -65.17 -8.88
CA LEU A 164 36.73 -64.17 -8.70
C LEU A 164 36.12 -63.74 -10.03
N THR A 165 34.80 -63.74 -10.11
CA THR A 165 34.12 -63.37 -11.32
C THR A 165 32.97 -62.36 -11.02
N TYR A 166 32.18 -62.01 -12.04
CA TYR A 166 31.16 -60.99 -11.93
C TYR A 166 30.06 -61.37 -12.91
N ILE A 167 28.81 -61.00 -12.58
CA ILE A 167 27.65 -61.40 -13.33
C ILE A 167 27.63 -60.83 -14.74
N GLY A 168 28.50 -59.86 -15.04
CA GLY A 168 28.61 -59.32 -16.42
C GLY A 168 29.06 -60.41 -17.33
N ALA A 169 29.59 -61.50 -16.79
CA ALA A 169 29.86 -62.71 -17.61
C ALA A 169 28.64 -63.35 -18.18
N GLU A 170 27.56 -63.39 -17.38
CA GLU A 170 26.27 -64.00 -17.81
C GLU A 170 25.32 -63.07 -18.58
N LYS A 171 25.34 -61.75 -18.30
CA LYS A 171 24.37 -60.81 -18.88
C LYS A 171 25.13 -59.66 -19.47
N ALA A 172 24.56 -59.01 -20.47
CA ALA A 172 25.14 -57.74 -20.91
C ALA A 172 24.76 -56.60 -19.94
N MET A 173 25.77 -55.86 -19.55
CA MET A 173 25.61 -54.75 -18.62
C MET A 173 26.17 -53.52 -19.26
N PRO A 174 25.64 -52.34 -18.96
CA PRO A 174 26.34 -51.15 -19.50
C PRO A 174 27.76 -51.03 -18.90
N SER A 175 28.67 -50.48 -19.67
CA SER A 175 30.05 -50.21 -19.18
C SER A 175 30.97 -51.40 -19.10
N TYR A 176 30.52 -52.49 -18.48
CA TYR A 176 31.40 -53.62 -18.18
C TYR A 176 32.07 -54.12 -19.41
N ASN A 177 31.32 -54.21 -20.51
CA ASN A 177 31.85 -54.39 -21.85
C ASN A 177 32.79 -55.55 -22.02
N THR A 178 34.04 -55.19 -22.36
CA THR A 178 35.07 -56.16 -22.66
C THR A 178 35.34 -57.03 -21.44
N MET A 179 35.26 -56.45 -20.24
CA MET A 179 35.50 -57.29 -19.02
C MET A 179 34.42 -58.37 -18.88
N GLY A 180 33.22 -58.07 -19.39
CA GLY A 180 32.12 -59.00 -19.33
C GLY A 180 32.53 -60.21 -20.15
N VAL A 181 33.01 -59.93 -21.38
CA VAL A 181 33.38 -60.96 -22.33
C VAL A 181 34.51 -61.77 -21.69
N ALA A 182 35.52 -61.07 -21.17
CA ALA A 182 36.59 -61.76 -20.47
C ALA A 182 36.10 -62.64 -19.33
N LYS A 183 35.28 -62.07 -18.48
CA LYS A 183 34.70 -62.88 -17.40
C LYS A 183 33.98 -64.15 -17.92
N ALA A 184 33.37 -64.09 -19.11
CA ALA A 184 32.71 -65.28 -19.63
C ALA A 184 33.71 -66.34 -19.98
N SER A 185 34.80 -65.90 -20.54
CA SER A 185 35.99 -66.71 -20.78
C SER A 185 36.65 -67.26 -19.49
N LEU A 186 36.81 -66.39 -18.50
CA LEU A 186 37.24 -66.87 -17.16
C LEU A 186 36.37 -68.07 -16.63
N GLU A 187 35.06 -67.94 -16.74
CA GLU A 187 34.13 -68.97 -16.24
C GLU A 187 34.20 -70.29 -17.01
N ALA A 188 34.43 -70.20 -18.32
CA ALA A 188 34.62 -71.37 -19.12
C ALA A 188 35.92 -71.98 -18.73
N THR A 189 36.93 -71.15 -18.50
CA THR A 189 38.22 -71.66 -18.15
C THR A 189 38.11 -72.40 -16.84
N VAL A 190 37.47 -71.79 -15.87
CA VAL A 190 37.17 -72.50 -14.62
C VAL A 190 36.56 -73.90 -14.84
N ARG A 191 35.57 -74.05 -15.70
CA ARG A 191 34.99 -75.36 -15.89
C ARG A 191 35.97 -76.35 -16.57
N TYR A 192 36.65 -75.92 -17.61
CA TYR A 192 37.58 -76.79 -18.33
C TYR A 192 38.76 -77.15 -17.44
N THR A 193 39.18 -76.20 -16.62
CA THR A 193 40.19 -76.54 -15.64
C THR A 193 39.62 -77.52 -14.59
N ALA A 194 38.34 -77.40 -14.24
CA ALA A 194 37.82 -78.32 -13.24
C ALA A 194 37.87 -79.73 -13.77
N LEU A 195 37.57 -79.86 -15.07
CA LEU A 195 37.51 -81.16 -15.72
C LEU A 195 38.94 -81.70 -15.88
N ALA A 196 39.85 -80.82 -16.22
CA ALA A 196 41.23 -81.23 -16.45
C ALA A 196 41.96 -81.55 -15.15
N LEU A 197 41.65 -80.87 -14.05
CA LEU A 197 42.42 -81.14 -12.81
C LEU A 197 41.75 -82.08 -11.78
N GLY A 198 40.53 -82.50 -12.05
CA GLY A 198 39.77 -83.28 -11.08
C GLY A 198 40.31 -84.66 -10.82
N GLU A 199 40.95 -85.27 -11.83
CA GLU A 199 41.62 -86.56 -11.66
C GLU A 199 42.76 -86.49 -10.61
N ASP A 200 43.27 -85.27 -10.35
CA ASP A 200 44.31 -85.06 -9.32
C ASP A 200 43.72 -84.63 -8.03
N GLY A 201 42.39 -84.77 -7.92
CA GLY A 201 41.67 -84.36 -6.72
C GLY A 201 41.53 -82.85 -6.47
N ILE A 202 41.86 -82.04 -7.48
CA ILE A 202 41.88 -80.58 -7.35
C ILE A 202 40.55 -80.01 -7.72
N LYS A 203 39.95 -79.25 -6.80
CA LYS A 203 38.60 -78.68 -7.06
C LYS A 203 38.75 -77.24 -7.48
N VAL A 204 37.91 -76.84 -8.45
CA VAL A 204 38.04 -75.55 -9.15
C VAL A 204 36.68 -74.87 -9.26
N ASN A 205 36.58 -73.66 -8.70
CA ASN A 205 35.35 -73.00 -8.63
C ASN A 205 35.60 -71.49 -8.76
N ALA A 206 34.49 -70.73 -8.86
CA ALA A 206 34.52 -69.26 -8.86
C ALA A 206 33.47 -68.75 -7.85
N VAL A 207 33.80 -67.60 -7.26
CA VAL A 207 32.87 -66.80 -6.59
C VAL A 207 32.48 -65.54 -7.41
N SER A 208 31.20 -65.35 -7.59
CA SER A 208 30.74 -64.19 -8.35
C SER A 208 30.33 -63.11 -7.40
N ALA A 209 31.22 -62.17 -7.16
CA ALA A 209 30.91 -61.12 -6.18
C ALA A 209 29.98 -60.07 -6.72
N GLY A 210 29.05 -59.58 -5.89
CA GLY A 210 28.31 -58.32 -6.16
C GLY A 210 29.36 -57.21 -6.13
N PRO A 211 29.00 -56.02 -6.62
CA PRO A 211 30.01 -54.92 -6.79
C PRO A 211 30.43 -54.43 -5.45
N ILE A 212 31.70 -54.11 -5.26
CA ILE A 212 32.29 -53.65 -4.01
C ILE A 212 33.35 -52.54 -4.35
N LYS A 213 33.41 -51.46 -3.56
CA LYS A 213 34.19 -50.29 -3.91
C LYS A 213 35.66 -50.60 -3.61
N THR A 214 36.37 -51.08 -4.64
CA THR A 214 37.79 -51.44 -4.57
C THR A 214 38.62 -50.57 -5.53
N LEU A 215 39.94 -50.75 -5.59
CA LEU A 215 40.71 -49.94 -6.52
C LEU A 215 40.25 -50.18 -7.92
N ALA A 216 39.94 -51.42 -8.27
CA ALA A 216 39.52 -51.64 -9.69
C ALA A 216 38.24 -50.86 -10.00
N ALA A 217 37.38 -50.75 -9.01
CA ALA A 217 36.14 -50.02 -9.14
C ALA A 217 36.29 -48.52 -9.31
N SER A 218 37.44 -47.97 -8.97
CA SER A 218 37.64 -46.53 -9.08
C SER A 218 37.84 -46.05 -10.51
N GLY A 219 38.03 -46.99 -11.43
CA GLY A 219 38.04 -46.65 -12.85
C GLY A 219 36.66 -46.24 -13.34
N ILE A 220 35.60 -46.81 -12.75
CA ILE A 220 34.21 -46.66 -13.25
C ILE A 220 33.52 -45.41 -12.68
N SER A 221 33.06 -44.52 -13.53
CA SER A 221 32.76 -43.19 -13.01
C SER A 221 31.48 -43.07 -12.19
N ASN A 222 30.50 -43.94 -12.47
CA ASN A 222 29.26 -43.90 -11.70
C ASN A 222 29.03 -45.05 -10.72
N PHE A 223 30.13 -45.53 -10.13
CA PHE A 223 30.11 -46.79 -9.40
C PHE A 223 29.19 -46.75 -8.22
N LYS A 224 29.18 -45.60 -7.51
CA LYS A 224 28.33 -45.45 -6.30
C LYS A 224 26.87 -45.79 -6.65
N LYS A 225 26.47 -45.50 -7.89
CA LYS A 225 25.11 -45.72 -8.30
C LYS A 225 24.79 -47.15 -8.63
N MET A 226 25.76 -47.81 -9.25
CA MET A 226 25.70 -49.27 -9.35
C MET A 226 25.56 -49.93 -7.97
N LEU A 227 26.37 -49.48 -6.99
CA LEU A 227 26.26 -50.00 -5.64
C LEU A 227 24.88 -49.78 -5.06
N ASP A 228 24.33 -48.59 -5.29
CA ASP A 228 23.04 -48.21 -4.75
C ASP A 228 21.92 -48.96 -5.46
N TYR A 229 22.07 -49.17 -6.73
CA TYR A 229 21.11 -49.96 -7.37
C TYR A 229 21.11 -51.40 -6.85
N ASN A 230 22.28 -52.02 -6.85
CA ASN A 230 22.33 -53.36 -6.30
C ASN A 230 21.62 -53.43 -4.95
N ALA A 231 21.95 -52.54 -4.02
CA ALA A 231 21.36 -52.61 -2.70
C ALA A 231 19.84 -52.43 -2.71
N MET A 232 19.31 -51.71 -3.65
CA MET A 232 17.89 -51.52 -3.71
C MET A 232 17.16 -52.74 -4.27
N VAL A 233 17.77 -53.32 -5.27
CA VAL A 233 17.15 -54.37 -6.04
C VAL A 233 17.34 -55.76 -5.42
N SER A 234 18.46 -55.97 -4.74
CA SER A 234 18.73 -57.29 -4.18
C SER A 234 17.74 -57.70 -3.12
N PRO A 235 17.43 -59.00 -3.05
CA PRO A 235 16.54 -59.46 -2.01
C PRO A 235 17.05 -59.09 -0.57
N LEU A 236 18.36 -59.04 -0.37
CA LEU A 236 18.83 -58.75 0.97
C LEU A 236 18.99 -57.26 1.23
N LYS A 237 18.70 -56.40 0.26
CA LYS A 237 18.66 -54.95 0.53
C LYS A 237 19.98 -54.51 1.16
N LYS A 238 21.09 -54.92 0.57
CA LYS A 238 22.36 -54.44 1.09
C LYS A 238 23.44 -54.79 0.08
N ASN A 239 24.65 -54.32 0.33
CA ASN A 239 25.79 -54.52 -0.57
C ASN A 239 26.66 -55.51 0.18
N VAL A 240 27.29 -56.41 -0.54
CA VAL A 240 28.18 -57.34 0.11
C VAL A 240 29.49 -56.64 0.45
N ASP A 241 30.27 -57.22 1.37
CA ASP A 241 31.58 -56.73 1.63
C ASP A 241 32.57 -57.85 1.47
N ILE A 242 33.83 -57.46 1.63
CA ILE A 242 34.96 -58.34 1.36
C ILE A 242 35.07 -59.53 2.26
N MET A 243 34.51 -59.41 3.44
CA MET A 243 34.37 -60.58 4.41
C MET A 243 33.35 -61.64 3.99
N GLU A 244 32.25 -61.18 3.42
CA GLU A 244 31.30 -62.12 2.85
C GLU A 244 31.92 -62.87 1.69
N VAL A 245 32.70 -62.17 0.89
CA VAL A 245 33.30 -62.85 -0.22
C VAL A 245 34.41 -63.76 0.31
N GLY A 246 35.30 -63.15 1.13
CA GLY A 246 36.43 -63.83 1.73
C GLY A 246 36.03 -65.12 2.36
N ASN A 247 35.00 -65.05 3.22
CA ASN A 247 34.54 -66.24 3.90
C ASN A 247 34.12 -67.29 2.92
N THR A 248 33.42 -66.94 1.85
CA THR A 248 33.04 -67.91 0.85
C THR A 248 34.21 -68.56 0.15
N VAL A 249 35.18 -67.75 -0.28
CA VAL A 249 36.41 -68.25 -0.90
C VAL A 249 37.10 -69.24 0.05
N ALA A 250 37.33 -68.81 1.32
CA ALA A 250 37.86 -69.69 2.34
C ALA A 250 37.09 -71.05 2.40
N PHE A 251 35.78 -70.99 2.48
CA PHE A 251 35.01 -72.22 2.42
C PHE A 251 35.35 -73.10 1.24
N LEU A 252 35.48 -72.45 0.08
CA LEU A 252 35.69 -73.26 -1.11
C LEU A 252 37.09 -73.84 -1.17
N CYS A 253 37.96 -73.38 -0.29
CA CYS A 253 39.25 -73.99 -0.19
C CYS A 253 39.35 -74.99 0.94
N SER A 254 38.21 -75.41 1.54
CA SER A 254 38.24 -76.35 2.69
C SER A 254 37.87 -77.80 2.36
N ASP A 255 38.18 -78.69 3.28
CA ASP A 255 37.76 -80.11 3.17
C ASP A 255 36.25 -80.27 3.20
N MET A 256 35.54 -79.24 3.69
CA MET A 256 34.08 -79.26 3.71
C MET A 256 33.52 -79.07 2.34
N ALA A 257 34.25 -78.46 1.41
CA ALA A 257 33.70 -78.28 0.05
C ALA A 257 34.17 -79.30 -0.95
N THR A 258 34.72 -80.43 -0.51
CA THR A 258 35.24 -81.41 -1.46
C THR A 258 34.27 -82.02 -2.43
N GLY A 259 32.98 -81.74 -2.33
CA GLY A 259 32.05 -82.22 -3.31
C GLY A 259 31.69 -81.19 -4.32
N ILE A 260 32.35 -80.03 -4.23
CA ILE A 260 31.97 -78.88 -5.11
C ILE A 260 33.07 -78.55 -6.10
N THR A 261 32.74 -78.54 -7.40
CA THR A 261 33.73 -78.17 -8.45
C THR A 261 33.01 -77.76 -9.71
N GLY A 262 33.70 -76.91 -10.46
CA GLY A 262 33.18 -76.28 -11.62
C GLY A 262 32.04 -75.33 -11.33
N GLU A 263 31.99 -74.83 -10.12
CA GLU A 263 30.79 -74.14 -9.75
C GLU A 263 31.02 -72.62 -9.67
N VAL A 264 29.99 -71.84 -9.89
CA VAL A 264 30.04 -70.36 -9.65
C VAL A 264 29.12 -70.06 -8.52
N VAL A 265 29.61 -69.50 -7.45
CA VAL A 265 28.78 -69.18 -6.30
C VAL A 265 28.62 -67.70 -6.18
N HIS A 266 27.40 -67.26 -6.40
CA HIS A 266 27.09 -65.86 -6.33
C HIS A 266 27.10 -65.32 -4.95
N VAL A 267 27.97 -64.36 -4.69
CA VAL A 267 28.00 -63.77 -3.39
C VAL A 267 27.65 -62.32 -3.60
N ASP A 268 26.34 -62.06 -3.77
CA ASP A 268 25.92 -60.80 -4.24
C ASP A 268 24.64 -60.27 -3.58
N ALA A 269 24.33 -60.70 -2.35
CA ALA A 269 23.08 -60.33 -1.64
C ALA A 269 21.76 -60.75 -2.40
N GLY A 270 21.93 -61.71 -3.33
CA GLY A 270 20.78 -62.28 -4.06
C GLY A 270 20.49 -61.62 -5.40
N TYR A 271 21.33 -60.63 -5.77
CA TYR A 271 21.17 -59.91 -7.05
C TYR A 271 20.89 -60.88 -8.18
N HIS A 272 21.67 -61.95 -8.28
CA HIS A 272 21.55 -62.77 -9.50
C HIS A 272 20.23 -63.38 -9.70
N CYS A 273 19.39 -63.43 -8.69
CA CYS A 273 18.18 -64.26 -8.86
C CYS A 273 16.88 -63.49 -9.05
N VAL A 274 16.96 -62.16 -9.06
CA VAL A 274 15.83 -61.29 -9.39
C VAL A 274 15.84 -60.68 -10.79
N SER A 275 14.69 -60.20 -11.18
CA SER A 275 14.55 -59.37 -12.33
C SER A 275 13.46 -58.29 -12.05
N MET A 276 13.74 -57.07 -12.47
CA MET A 276 12.79 -55.98 -12.45
C MET A 276 12.30 -55.77 -11.06
N GLY A 277 12.97 -55.09 -10.17
CA GLY A 277 12.28 -55.07 -8.85
C GLY A 277 10.86 -54.45 -8.79
N ASN A 278 10.49 -54.01 -7.61
CA ASN A 278 9.31 -53.17 -7.45
C ASN A 278 9.51 -51.67 -7.68
N VAL A 279 10.75 -51.30 -7.93
CA VAL A 279 11.00 -49.97 -8.24
C VAL A 279 11.76 -49.96 -9.59
N LEU A 280 11.04 -49.45 -10.58
CA LEU A 280 11.34 -49.53 -12.00
C LEU A 280 12.22 -48.38 -12.44
N GLY B 22 9.34 -65.49 -50.78
CA GLY B 22 10.37 -66.01 -49.82
C GLY B 22 10.44 -65.06 -48.62
N PHE B 23 10.69 -65.57 -47.41
CA PHE B 23 10.73 -64.68 -46.23
C PHE B 23 12.05 -63.87 -46.07
N LEU B 24 13.01 -64.05 -46.96
CA LEU B 24 14.14 -63.13 -47.00
C LEU B 24 14.21 -62.34 -48.30
N ALA B 25 13.08 -62.23 -49.03
CA ALA B 25 13.04 -61.53 -50.32
C ALA B 25 13.65 -60.17 -50.24
N GLY B 26 14.67 -59.89 -51.04
CA GLY B 26 15.19 -58.52 -51.09
C GLY B 26 16.29 -58.28 -50.09
N LYS B 27 16.33 -59.07 -49.03
CA LYS B 27 17.34 -58.83 -48.00
C LYS B 27 18.77 -59.08 -48.46
N LYS B 28 19.70 -58.23 -48.07
CA LYS B 28 21.07 -58.31 -48.52
C LYS B 28 21.94 -58.82 -47.39
N ILE B 29 22.46 -60.03 -47.57
CA ILE B 29 23.10 -60.74 -46.51
C ILE B 29 24.45 -61.24 -46.88
N LEU B 30 25.45 -60.92 -46.06
CA LEU B 30 26.82 -61.39 -46.11
C LEU B 30 27.04 -62.66 -45.28
N ILE B 31 27.64 -63.70 -45.89
CA ILE B 31 27.91 -65.00 -45.30
C ILE B 31 29.41 -65.23 -45.26
N THR B 32 29.93 -65.44 -44.05
CA THR B 32 31.32 -65.75 -43.95
C THR B 32 31.44 -67.28 -43.81
N GLY B 33 32.66 -67.79 -43.90
CA GLY B 33 32.95 -69.19 -43.63
C GLY B 33 32.49 -70.30 -44.58
N LEU B 34 32.08 -69.98 -45.82
CA LEU B 34 31.78 -71.04 -46.82
C LEU B 34 33.06 -71.63 -47.31
N LEU B 35 33.20 -72.95 -47.17
CA LEU B 35 34.49 -73.57 -47.48
C LEU B 35 34.36 -74.84 -48.32
N SER B 36 33.38 -75.66 -48.02
CA SER B 36 33.11 -76.85 -48.82
C SER B 36 31.58 -76.94 -48.92
N ASN B 37 31.05 -77.93 -49.59
CA ASN B 37 29.59 -78.04 -49.61
C ASN B 37 29.10 -78.84 -48.35
N LYS B 38 30.06 -79.12 -47.45
CA LYS B 38 29.76 -79.67 -46.14
C LYS B 38 29.60 -78.56 -45.10
N SER B 39 30.15 -77.35 -45.40
CA SER B 39 30.12 -76.20 -44.50
C SER B 39 28.73 -75.85 -43.99
N ILE B 40 28.62 -75.51 -42.72
CA ILE B 40 27.33 -75.03 -42.18
C ILE B 40 26.89 -73.77 -43.00
N ALA B 41 27.89 -72.93 -43.32
CA ALA B 41 27.68 -71.79 -44.21
C ALA B 41 26.95 -72.18 -45.53
N TYR B 42 27.25 -73.37 -46.04
CA TYR B 42 26.62 -73.82 -47.28
C TYR B 42 25.11 -74.07 -47.05
N GLY B 43 24.79 -74.77 -45.96
CA GLY B 43 23.39 -74.97 -45.59
C GLY B 43 22.71 -73.65 -45.35
N ILE B 44 23.38 -72.73 -44.65
CA ILE B 44 22.84 -71.37 -44.49
C ILE B 44 22.57 -70.72 -45.86
N ALA B 45 23.55 -70.85 -46.77
CA ALA B 45 23.43 -70.23 -48.07
C ALA B 45 22.25 -70.81 -48.85
N LYS B 46 22.17 -72.15 -48.88
CA LYS B 46 21.03 -72.81 -49.56
C LYS B 46 19.68 -72.29 -49.05
N ALA B 47 19.56 -72.26 -47.74
CA ALA B 47 18.31 -71.85 -47.07
C ALA B 47 17.92 -70.39 -47.35
N MET B 48 18.91 -69.48 -47.34
CA MET B 48 18.67 -68.07 -47.67
C MET B 48 18.39 -67.81 -49.15
N HIS B 49 19.12 -68.53 -49.99
CA HIS B 49 18.86 -68.38 -51.45
C HIS B 49 17.43 -68.82 -51.79
N ARG B 50 17.07 -70.01 -51.30
CA ARG B 50 15.69 -70.49 -51.35
C ARG B 50 14.71 -69.50 -50.83
N GLU B 51 15.09 -68.62 -49.87
CA GLU B 51 14.11 -67.68 -49.33
C GLU B 51 14.11 -66.29 -49.94
N GLY B 52 14.95 -66.10 -50.98
CA GLY B 52 14.91 -64.90 -51.81
C GLY B 52 15.92 -63.85 -51.45
N ALA B 53 16.88 -64.21 -50.59
CA ALA B 53 17.95 -63.27 -50.22
C ALA B 53 18.93 -63.01 -51.39
N GLU B 54 19.54 -61.81 -51.39
CA GLU B 54 20.75 -61.58 -52.16
C GLU B 54 21.98 -61.81 -51.32
N LEU B 55 22.82 -62.73 -51.74
CA LEU B 55 23.96 -63.15 -50.96
C LEU B 55 25.32 -62.60 -51.35
N ALA B 56 26.21 -62.40 -50.38
CA ALA B 56 27.59 -62.09 -50.67
C ALA B 56 28.43 -63.00 -49.83
N PHE B 57 29.65 -63.31 -50.25
CA PHE B 57 30.44 -64.25 -49.51
C PHE B 57 31.87 -63.78 -49.31
N THR B 58 32.51 -64.26 -48.25
CA THR B 58 33.91 -64.00 -48.04
C THR B 58 34.69 -65.32 -48.10
N TYR B 59 36.01 -65.20 -48.26
CA TYR B 59 36.96 -66.33 -48.24
C TYR B 59 38.33 -65.89 -47.67
N VAL B 60 39.08 -66.85 -47.14
CA VAL B 60 40.44 -66.58 -46.66
C VAL B 60 41.46 -66.76 -47.80
N GLY B 61 42.38 -65.80 -47.98
CA GLY B 61 43.38 -65.78 -49.08
C GLY B 61 43.41 -66.94 -50.11
N GLN B 62 44.00 -68.06 -49.71
CA GLN B 62 44.22 -69.23 -50.59
C GLN B 62 43.01 -69.78 -51.35
N PHE B 63 41.84 -69.73 -50.74
CA PHE B 63 40.70 -70.46 -51.21
C PHE B 63 39.82 -69.70 -52.17
N LYS B 64 40.35 -68.64 -52.75
CA LYS B 64 39.57 -67.82 -53.69
C LYS B 64 38.78 -68.63 -54.73
N ASP B 65 39.45 -69.59 -55.38
CA ASP B 65 38.85 -70.29 -56.53
C ASP B 65 37.84 -71.27 -56.07
N ARG B 66 38.25 -72.05 -55.06
CA ARG B 66 37.39 -73.01 -54.37
C ARG B 66 36.02 -72.35 -54.14
N VAL B 67 36.05 -71.21 -53.43
CA VAL B 67 34.87 -70.51 -52.94
C VAL B 67 34.00 -69.88 -54.04
N GLU B 68 34.64 -69.28 -55.05
CA GLU B 68 33.91 -68.71 -56.16
C GLU B 68 33.12 -69.74 -56.91
N LYS B 69 33.74 -70.90 -57.12
CA LYS B 69 33.09 -72.02 -57.80
C LYS B 69 31.88 -72.45 -56.95
N LEU B 70 32.17 -72.74 -55.69
CA LEU B 70 31.20 -73.29 -54.79
C LEU B 70 29.93 -72.45 -54.69
N CYS B 71 30.09 -71.14 -54.55
CA CYS B 71 28.94 -70.28 -54.32
C CYS B 71 28.40 -69.59 -55.51
N ALA B 72 28.84 -69.98 -56.69
CA ALA B 72 28.36 -69.41 -57.92
C ALA B 72 26.90 -69.77 -58.05
N GLU B 73 26.54 -70.98 -57.67
CA GLU B 73 25.09 -71.37 -57.69
C GLU B 73 24.12 -70.44 -56.94
N PHE B 74 24.64 -69.58 -56.05
CA PHE B 74 23.78 -68.68 -55.30
C PHE B 74 23.68 -67.28 -55.87
N ASN B 75 24.28 -67.11 -57.05
CA ASN B 75 24.25 -65.87 -57.78
C ASN B 75 24.70 -64.71 -56.91
N PRO B 76 25.94 -64.77 -56.41
CA PRO B 76 26.38 -63.82 -55.42
C PRO B 76 26.61 -62.42 -55.96
N ALA B 77 26.11 -61.39 -55.27
CA ALA B 77 26.44 -60.02 -55.58
C ALA B 77 27.92 -59.66 -55.38
N ALA B 78 28.68 -60.38 -54.54
CA ALA B 78 30.14 -60.11 -54.41
C ALA B 78 30.74 -61.31 -53.80
N VAL B 79 32.02 -61.59 -54.07
CA VAL B 79 32.76 -62.62 -53.39
C VAL B 79 34.13 -62.02 -53.04
N LEU B 80 34.38 -61.78 -51.75
CA LEU B 80 35.46 -60.87 -51.37
C LEU B 80 36.32 -61.45 -50.32
N PRO B 81 37.62 -61.07 -50.28
CA PRO B 81 38.56 -61.69 -49.33
C PRO B 81 38.34 -61.11 -47.96
N CYS B 82 38.36 -61.96 -46.96
CA CYS B 82 38.39 -61.47 -45.60
C CYS B 82 38.95 -62.46 -44.62
N ASP B 83 40.19 -62.19 -44.23
CA ASP B 83 40.84 -62.95 -43.18
C ASP B 83 40.69 -62.16 -41.88
N VAL B 84 39.89 -62.70 -40.94
CA VAL B 84 39.50 -61.89 -39.80
C VAL B 84 40.67 -61.67 -38.83
N ILE B 85 41.85 -62.16 -39.15
CA ILE B 85 43.02 -61.79 -38.40
C ILE B 85 43.36 -60.32 -38.67
N SER B 86 42.87 -59.78 -39.78
CA SER B 86 43.30 -58.46 -40.24
C SER B 86 42.23 -57.36 -40.12
N ASP B 87 42.49 -56.36 -39.28
CA ASP B 87 41.56 -55.24 -39.19
C ASP B 87 41.37 -54.56 -40.53
N GLN B 88 42.47 -54.46 -41.31
CA GLN B 88 42.44 -53.84 -42.62
C GLN B 88 41.48 -54.52 -43.59
N GLU B 89 41.61 -55.83 -43.69
CA GLU B 89 40.79 -56.59 -44.62
C GLU B 89 39.34 -56.49 -44.27
N ILE B 90 39.06 -56.48 -42.97
CA ILE B 90 37.68 -56.33 -42.47
C ILE B 90 37.11 -54.98 -42.86
N LYS B 91 37.89 -53.94 -42.61
CA LYS B 91 37.59 -52.61 -43.06
C LYS B 91 37.29 -52.58 -44.57
N ASP B 92 38.15 -53.20 -45.35
CA ASP B 92 38.00 -53.18 -46.81
C ASP B 92 36.80 -53.99 -47.27
N LEU B 93 36.45 -54.97 -46.43
CA LEU B 93 35.37 -55.83 -46.85
C LEU B 93 34.18 -54.95 -47.02
N PHE B 94 34.03 -53.97 -46.13
CA PHE B 94 32.82 -53.16 -46.09
C PHE B 94 32.83 -52.01 -47.00
N VAL B 95 34.04 -51.54 -47.32
CA VAL B 95 34.22 -50.54 -48.39
C VAL B 95 33.76 -51.10 -49.75
N GLU B 96 34.29 -52.25 -50.14
CA GLU B 96 33.90 -52.91 -51.37
C GLU B 96 32.43 -53.29 -51.40
N LEU B 97 31.95 -53.85 -50.30
CA LEU B 97 30.59 -54.31 -50.25
C LEU B 97 29.68 -53.10 -50.40
N GLY B 98 30.07 -51.98 -49.77
CA GLY B 98 29.41 -50.67 -49.88
C GLY B 98 29.32 -50.10 -51.30
N LYS B 99 30.26 -50.50 -52.19
CA LYS B 99 30.13 -50.16 -53.61
C LYS B 99 29.03 -50.92 -54.30
N VAL B 100 28.76 -52.12 -53.87
CA VAL B 100 27.74 -52.93 -54.51
C VAL B 100 26.33 -52.68 -53.94
N TRP B 101 26.24 -52.57 -52.61
CA TRP B 101 24.94 -52.40 -51.89
C TRP B 101 24.85 -51.08 -51.14
N ASP B 102 23.65 -50.54 -51.00
CA ASP B 102 23.46 -49.35 -50.17
C ASP B 102 23.42 -49.63 -48.66
N GLY B 103 22.63 -50.61 -48.26
CA GLY B 103 22.67 -51.11 -46.90
C GLY B 103 22.96 -52.60 -46.86
N LEU B 104 23.09 -53.12 -45.66
CA LEU B 104 23.36 -54.50 -45.44
C LEU B 104 22.26 -54.95 -44.50
N ASP B 105 21.59 -56.05 -44.80
CA ASP B 105 20.57 -56.55 -43.89
C ASP B 105 21.07 -57.56 -42.86
N ALA B 106 22.05 -58.39 -43.18
CA ALA B 106 22.53 -59.35 -42.18
C ALA B 106 23.97 -59.74 -42.40
N ILE B 107 24.65 -60.08 -41.30
CA ILE B 107 25.93 -60.71 -41.34
C ILE B 107 25.84 -62.04 -40.64
N VAL B 108 26.23 -63.12 -41.33
CA VAL B 108 26.36 -64.44 -40.78
C VAL B 108 27.79 -64.76 -40.47
N HIS B 109 28.09 -64.96 -39.20
CA HIS B 109 29.48 -65.27 -38.76
C HIS B 109 29.53 -66.74 -38.56
N SER B 110 30.36 -67.40 -39.34
CA SER B 110 30.41 -68.85 -39.26
C SER B 110 31.81 -69.27 -39.45
N ILE B 111 32.65 -68.79 -38.55
CA ILE B 111 34.02 -69.05 -38.63
C ILE B 111 34.54 -69.34 -37.26
N ALA B 112 35.50 -70.27 -37.22
CA ALA B 112 36.17 -70.63 -35.98
C ALA B 112 37.57 -71.13 -36.30
N PHE B 113 38.48 -71.07 -35.34
CA PHE B 113 39.79 -71.66 -35.50
C PHE B 113 40.54 -71.66 -34.15
N ALA B 114 41.29 -72.72 -33.89
CA ALA B 114 42.31 -72.72 -32.85
C ALA B 114 43.41 -73.61 -33.42
N PRO B 115 44.67 -73.42 -33.01
CA PRO B 115 45.73 -74.30 -33.47
C PRO B 115 45.41 -75.74 -33.14
N ARG B 116 45.83 -76.70 -33.98
CA ARG B 116 45.68 -78.17 -33.74
C ARG B 116 45.96 -78.61 -32.27
N ASP B 117 47.02 -78.12 -31.67
CA ASP B 117 47.50 -78.57 -30.40
C ASP B 117 46.56 -78.15 -29.25
N GLN B 118 45.60 -77.28 -29.55
CA GLN B 118 44.69 -76.79 -28.50
C GLN B 118 43.48 -77.70 -28.34
N LEU B 119 43.40 -78.74 -29.16
CA LEU B 119 42.15 -79.40 -29.42
C LEU B 119 42.08 -80.90 -29.20
N GLU B 120 43.01 -81.48 -28.47
CA GLU B 120 42.76 -82.83 -27.93
C GLU B 120 43.63 -83.10 -26.69
N GLY B 121 43.31 -84.15 -25.95
CA GLY B 121 44.01 -84.42 -24.71
C GLY B 121 43.51 -83.49 -23.61
N ASN B 122 44.33 -83.35 -22.58
CA ASN B 122 43.94 -82.70 -21.37
C ASN B 122 44.03 -81.18 -21.57
N PHE B 123 42.94 -80.46 -21.24
CA PHE B 123 42.87 -79.01 -21.36
C PHE B 123 44.08 -78.27 -20.82
N ILE B 124 44.49 -78.62 -19.60
CA ILE B 124 45.59 -77.91 -18.92
C ILE B 124 46.95 -78.24 -19.46
N ASP B 125 47.15 -79.51 -19.88
CA ASP B 125 48.40 -79.88 -20.55
C ASP B 125 48.59 -79.16 -21.87
N CYS B 126 47.48 -79.08 -22.62
CA CYS B 126 47.47 -78.51 -23.95
C CYS B 126 47.35 -77.00 -24.09
N VAL B 127 46.58 -76.33 -23.23
CA VAL B 127 46.36 -74.88 -23.40
C VAL B 127 47.66 -74.10 -23.39
N THR B 128 47.83 -73.17 -24.32
CA THR B 128 48.99 -72.28 -24.25
C THR B 128 48.51 -70.82 -24.32
N ARG B 129 49.33 -69.90 -23.85
CA ARG B 129 48.99 -68.48 -23.94
C ARG B 129 48.63 -68.06 -25.41
N GLU B 130 49.50 -68.43 -26.38
CA GLU B 130 49.28 -68.00 -27.77
C GLU B 130 48.07 -68.67 -28.40
N GLY B 131 47.91 -69.94 -28.09
CA GLY B 131 46.84 -70.73 -28.71
C GLY B 131 45.49 -70.31 -28.17
N PHE B 132 45.46 -69.94 -26.90
CA PHE B 132 44.29 -69.33 -26.26
C PHE B 132 44.00 -68.00 -26.93
N SER B 133 45.02 -67.19 -27.07
CA SER B 133 44.92 -65.89 -27.74
C SER B 133 44.36 -65.94 -29.18
N ILE B 134 44.81 -66.93 -29.96
CA ILE B 134 44.48 -66.96 -31.37
C ILE B 134 43.02 -67.43 -31.46
N ALA B 135 42.70 -68.47 -30.69
CA ALA B 135 41.36 -69.04 -30.77
C ALA B 135 40.31 -67.94 -30.46
N HIS B 136 40.60 -67.08 -29.48
CA HIS B 136 39.69 -65.98 -29.09
C HIS B 136 39.63 -64.92 -30.12
N ASP B 137 40.81 -64.54 -30.62
CA ASP B 137 40.96 -63.56 -31.70
C ASP B 137 40.05 -63.89 -32.87
N ILE B 138 40.13 -65.11 -33.39
CA ILE B 138 39.46 -65.51 -34.63
C ILE B 138 38.01 -65.98 -34.44
N SER B 139 37.81 -66.66 -33.32
CA SER B 139 36.56 -67.28 -33.04
C SER B 139 35.56 -66.39 -32.31
N ALA B 140 36.05 -65.36 -31.58
CA ALA B 140 35.21 -64.46 -30.82
C ALA B 140 35.35 -62.99 -31.14
N TYR B 141 36.55 -62.45 -31.04
CA TYR B 141 36.73 -61.03 -31.33
C TYR B 141 36.22 -60.69 -32.73
N SER B 142 36.45 -61.60 -33.65
CA SER B 142 36.08 -61.32 -35.06
C SER B 142 34.63 -60.97 -35.24
N PHE B 143 33.76 -61.52 -34.40
CA PHE B 143 32.33 -61.21 -34.47
C PHE B 143 32.09 -59.73 -34.14
N ALA B 144 32.76 -59.22 -33.11
CA ALA B 144 32.57 -57.83 -32.75
C ALA B 144 33.19 -56.95 -33.82
N ALA B 145 34.19 -57.48 -34.56
CA ALA B 145 34.93 -56.65 -35.44
C ALA B 145 34.02 -56.50 -36.65
N LEU B 146 33.38 -57.56 -37.08
CA LEU B 146 32.41 -57.42 -38.16
C LEU B 146 31.29 -56.44 -37.81
N ALA B 147 30.92 -56.45 -36.56
CA ALA B 147 29.79 -55.68 -36.09
C ALA B 147 30.19 -54.23 -36.10
N LYS B 148 31.45 -53.99 -35.75
CA LYS B 148 32.06 -52.69 -35.63
C LYS B 148 32.08 -52.08 -37.02
N GLU B 149 32.43 -52.86 -38.01
CA GLU B 149 32.64 -52.28 -39.34
C GLU B 149 31.43 -52.33 -40.19
N GLY B 150 30.48 -53.18 -39.85
CA GLY B 150 29.29 -53.31 -40.70
C GLY B 150 28.19 -52.45 -40.16
N ARG B 151 28.46 -51.83 -39.04
CA ARG B 151 27.45 -51.14 -38.26
C ARG B 151 26.70 -50.13 -39.09
N SER B 152 27.46 -49.23 -39.71
CA SER B 152 26.83 -48.13 -40.40
C SER B 152 26.01 -48.58 -41.61
N MET B 153 26.40 -49.67 -42.27
CA MET B 153 25.56 -50.21 -43.35
C MET B 153 24.24 -50.85 -42.90
N MET B 154 24.18 -51.15 -41.61
CA MET B 154 23.08 -51.92 -41.05
C MET B 154 22.07 -51.09 -40.26
N LYS B 155 22.42 -49.86 -39.92
CA LYS B 155 21.54 -48.93 -39.20
C LYS B 155 20.14 -48.94 -39.72
N ASN B 156 19.18 -49.09 -38.81
CA ASN B 156 17.74 -48.84 -39.01
C ASN B 156 17.09 -49.47 -40.19
N ARG B 157 17.24 -50.79 -40.31
CA ARG B 157 16.50 -51.52 -41.33
C ARG B 157 16.16 -52.93 -40.82
N ASN B 158 15.92 -53.05 -39.52
CA ASN B 158 15.74 -54.37 -38.93
C ASN B 158 16.83 -55.35 -39.32
N ALA B 159 18.08 -54.96 -39.14
CA ALA B 159 19.13 -55.83 -39.55
C ALA B 159 19.35 -56.92 -38.49
N SER B 160 20.17 -57.93 -38.83
CA SER B 160 20.47 -59.06 -38.03
C SER B 160 21.92 -59.46 -38.08
N MET B 161 22.40 -60.10 -37.01
CA MET B 161 23.67 -60.79 -37.03
C MET B 161 23.38 -62.17 -36.41
N VAL B 162 24.09 -63.21 -36.84
CA VAL B 162 23.95 -64.56 -36.32
C VAL B 162 25.30 -65.21 -36.27
N ALA B 163 25.74 -65.67 -35.09
CA ALA B 163 27.01 -66.39 -34.98
C ALA B 163 26.72 -67.88 -34.79
N LEU B 164 27.69 -68.74 -35.14
CA LEU B 164 27.56 -70.16 -34.93
C LEU B 164 28.30 -70.56 -33.74
N THR B 165 27.70 -71.32 -32.84
CA THR B 165 28.36 -71.66 -31.55
C THR B 165 28.13 -73.12 -31.22
N TYR B 166 28.75 -73.61 -30.15
CA TYR B 166 28.62 -75.01 -29.79
C TYR B 166 28.57 -75.13 -28.26
N ILE B 167 27.84 -76.14 -27.80
CA ILE B 167 27.56 -76.41 -26.40
C ILE B 167 28.78 -76.50 -25.51
N GLY B 168 29.94 -76.62 -26.11
CA GLY B 168 31.21 -76.70 -25.34
C GLY B 168 31.54 -75.38 -24.68
N ALA B 169 30.82 -74.35 -25.12
CA ALA B 169 30.82 -73.03 -24.46
C ALA B 169 30.22 -73.12 -23.01
N GLU B 170 29.09 -73.84 -22.86
CA GLU B 170 28.35 -73.98 -21.59
C GLU B 170 28.91 -75.05 -20.66
N LYS B 171 29.42 -76.15 -21.25
CA LYS B 171 29.90 -77.31 -20.49
C LYS B 171 31.36 -77.68 -20.83
N ALA B 172 32.12 -78.20 -19.87
CA ALA B 172 33.41 -78.77 -20.23
C ALA B 172 33.20 -80.13 -20.92
N MET B 173 33.77 -80.24 -22.11
CA MET B 173 33.71 -81.48 -22.87
C MET B 173 35.15 -82.01 -23.07
N PRO B 174 35.30 -83.32 -23.36
CA PRO B 174 36.65 -83.74 -23.75
C PRO B 174 36.96 -83.17 -25.14
N SER B 175 38.26 -82.91 -25.36
CA SER B 175 38.80 -82.45 -26.67
C SER B 175 38.58 -80.98 -27.02
N TYR B 176 37.36 -80.46 -26.88
CA TYR B 176 37.01 -79.13 -27.40
C TYR B 176 37.84 -78.03 -26.79
N ASN B 177 38.16 -78.16 -25.51
CA ASN B 177 39.25 -77.41 -24.88
C ASN B 177 39.17 -75.92 -25.10
N THR B 178 40.25 -75.38 -25.66
CA THR B 178 40.36 -73.98 -25.91
C THR B 178 39.25 -73.46 -26.82
N MET B 179 38.69 -74.30 -27.67
CA MET B 179 37.57 -73.80 -28.46
C MET B 179 36.35 -73.56 -27.62
N GLY B 180 36.25 -74.35 -26.53
CA GLY B 180 35.10 -74.22 -25.61
C GLY B 180 35.18 -72.86 -24.92
N VAL B 181 36.38 -72.53 -24.47
CA VAL B 181 36.60 -71.29 -23.82
C VAL B 181 36.36 -70.16 -24.77
N ALA B 182 36.86 -70.28 -26.00
CA ALA B 182 36.58 -69.26 -27.03
C ALA B 182 35.08 -69.20 -27.36
N LYS B 183 34.41 -70.33 -27.47
CA LYS B 183 32.97 -70.19 -27.81
C LYS B 183 32.23 -69.46 -26.70
N ALA B 184 32.76 -69.57 -25.46
CA ALA B 184 32.16 -68.88 -24.35
C ALA B 184 32.25 -67.37 -24.50
N SER B 185 33.45 -66.93 -24.85
CA SER B 185 33.74 -65.58 -25.27
C SER B 185 32.82 -65.16 -26.42
N LEU B 186 32.71 -66.02 -27.42
CA LEU B 186 31.82 -65.69 -28.53
C LEU B 186 30.38 -65.36 -28.03
N GLU B 187 29.86 -66.21 -27.16
CA GLU B 187 28.43 -66.04 -26.70
C GLU B 187 28.19 -64.76 -25.84
N ALA B 188 29.22 -64.39 -25.06
CA ALA B 188 29.24 -63.16 -24.35
C ALA B 188 29.34 -62.03 -25.34
N THR B 189 30.21 -62.15 -26.33
CA THR B 189 30.28 -61.11 -27.36
C THR B 189 28.92 -60.94 -28.00
N VAL B 190 28.33 -62.03 -28.37
CA VAL B 190 26.96 -61.87 -28.96
C VAL B 190 26.02 -61.03 -28.07
N ARG B 191 26.07 -61.25 -26.75
CA ARG B 191 25.12 -60.53 -25.88
C ARG B 191 25.51 -59.06 -25.73
N TYR B 192 26.76 -58.75 -25.43
CA TYR B 192 27.25 -57.36 -25.48
C TYR B 192 27.05 -56.64 -26.81
N THR B 193 27.16 -57.40 -27.89
CA THR B 193 26.88 -56.80 -29.18
C THR B 193 25.39 -56.54 -29.28
N ALA B 194 24.56 -57.43 -28.78
CA ALA B 194 23.10 -57.22 -28.93
C ALA B 194 22.69 -55.94 -28.19
N LEU B 195 23.35 -55.72 -27.07
CA LEU B 195 23.04 -54.63 -26.25
C LEU B 195 23.53 -53.40 -26.94
N ALA B 196 24.72 -53.46 -27.55
CA ALA B 196 25.32 -52.27 -28.12
C ALA B 196 24.68 -51.84 -29.41
N LEU B 197 24.18 -52.78 -30.21
CA LEU B 197 23.60 -52.46 -31.58
C LEU B 197 22.09 -52.35 -31.61
N GLY B 198 21.42 -52.72 -30.54
CA GLY B 198 19.94 -52.76 -30.55
C GLY B 198 19.24 -51.40 -30.67
N GLU B 199 19.91 -50.32 -30.28
CA GLU B 199 19.42 -48.96 -30.51
C GLU B 199 19.28 -48.65 -32.05
N ASP B 200 20.10 -49.32 -32.88
CA ASP B 200 20.03 -49.19 -34.34
C ASP B 200 19.08 -50.18 -34.95
N GLY B 201 18.37 -50.90 -34.09
CA GLY B 201 17.41 -51.92 -34.53
C GLY B 201 18.05 -53.21 -34.99
N ILE B 202 19.31 -53.46 -34.67
CA ILE B 202 19.98 -54.66 -35.19
C ILE B 202 19.78 -55.77 -34.18
N LYS B 203 19.28 -56.90 -34.63
CA LYS B 203 19.24 -58.02 -33.74
C LYS B 203 20.47 -58.91 -33.86
N VAL B 204 20.92 -59.48 -32.74
CA VAL B 204 22.13 -60.23 -32.67
C VAL B 204 21.89 -61.52 -31.89
N ASN B 205 22.17 -62.67 -32.50
CA ASN B 205 21.80 -64.00 -31.98
C ASN B 205 22.77 -65.04 -32.39
N ALA B 206 22.65 -66.24 -31.83
CA ALA B 206 23.60 -67.30 -32.05
C ALA B 206 22.81 -68.53 -32.18
N VAL B 207 23.32 -69.46 -32.97
CA VAL B 207 22.76 -70.75 -33.14
C VAL B 207 23.82 -71.73 -32.69
N SER B 208 23.42 -72.59 -31.80
CA SER B 208 24.35 -73.51 -31.20
C SER B 208 24.11 -74.85 -31.88
N ALA B 209 24.98 -75.19 -32.84
CA ALA B 209 24.68 -76.39 -33.65
C ALA B 209 25.09 -77.65 -32.92
N GLY B 210 24.31 -78.71 -33.09
CA GLY B 210 24.84 -80.07 -32.80
C GLY B 210 26.07 -80.37 -33.67
N PRO B 211 26.83 -81.44 -33.35
CA PRO B 211 28.02 -81.75 -34.19
C PRO B 211 27.59 -82.23 -35.57
N ILE B 212 28.33 -81.82 -36.59
CA ILE B 212 28.08 -82.05 -38.04
C ILE B 212 29.40 -82.32 -38.77
N LYS B 213 29.46 -83.38 -39.58
CA LYS B 213 30.73 -83.74 -40.23
C LYS B 213 31.10 -82.71 -41.28
N THR B 214 32.00 -81.79 -40.95
CA THR B 214 32.37 -80.72 -41.87
C THR B 214 33.85 -80.75 -41.90
N LEU B 215 34.48 -79.90 -42.71
CA LEU B 215 35.96 -79.76 -42.69
C LEU B 215 36.56 -79.46 -41.32
N ALA B 216 35.97 -78.55 -40.55
CA ALA B 216 36.45 -78.31 -39.16
C ALA B 216 36.45 -79.60 -38.30
N ALA B 217 35.45 -80.43 -38.55
CA ALA B 217 35.29 -81.68 -37.83
C ALA B 217 36.38 -82.71 -38.10
N SER B 218 36.99 -82.63 -39.28
CA SER B 218 38.01 -83.61 -39.66
C SER B 218 39.34 -83.45 -38.90
N GLY B 219 39.50 -82.38 -38.14
CA GLY B 219 40.63 -82.28 -37.21
C GLY B 219 40.52 -83.27 -36.06
N ILE B 220 39.28 -83.59 -35.66
CA ILE B 220 38.99 -84.36 -34.42
C ILE B 220 38.97 -85.86 -34.67
N SER B 221 39.88 -86.61 -34.03
CA SER B 221 40.12 -87.99 -34.47
C SER B 221 38.97 -89.00 -34.27
N ASN B 222 38.12 -88.78 -33.25
CA ASN B 222 37.04 -89.72 -32.97
C ASN B 222 35.63 -89.20 -33.25
N PHE B 223 35.56 -88.32 -34.24
CA PHE B 223 34.37 -87.51 -34.48
C PHE B 223 33.11 -88.36 -34.73
N LYS B 224 33.28 -89.47 -35.46
CA LYS B 224 32.16 -90.31 -35.81
C LYS B 224 31.45 -90.81 -34.54
N LYS B 225 32.23 -90.97 -33.48
CA LYS B 225 31.73 -91.43 -32.19
C LYS B 225 30.98 -90.39 -31.40
N MET B 226 31.49 -89.15 -31.45
CA MET B 226 30.75 -88.01 -30.93
C MET B 226 29.40 -87.91 -31.62
N LEU B 227 29.39 -88.02 -32.96
CA LEU B 227 28.15 -88.03 -33.72
C LEU B 227 27.18 -89.12 -33.22
N ASP B 228 27.71 -90.32 -33.04
CA ASP B 228 26.88 -91.48 -32.69
C ASP B 228 26.27 -91.35 -31.27
N TYR B 229 27.11 -90.97 -30.33
CA TYR B 229 26.69 -90.59 -29.01
C TYR B 229 25.60 -89.50 -28.99
N ASN B 230 25.78 -88.40 -29.73
CA ASN B 230 24.72 -87.42 -29.85
C ASN B 230 23.41 -88.06 -30.33
N ALA B 231 23.46 -88.87 -31.37
CA ALA B 231 22.23 -89.41 -31.96
C ALA B 231 21.56 -90.35 -30.97
N MET B 232 22.39 -91.06 -30.24
CA MET B 232 21.88 -91.97 -29.24
C MET B 232 21.20 -91.26 -28.04
N VAL B 233 21.88 -90.23 -27.51
CA VAL B 233 21.46 -89.57 -26.29
C VAL B 233 20.38 -88.48 -26.49
N SER B 234 20.36 -87.85 -27.66
CA SER B 234 19.38 -86.81 -27.99
C SER B 234 17.95 -87.30 -27.92
N PRO B 235 17.01 -86.41 -27.57
CA PRO B 235 15.61 -86.78 -27.59
C PRO B 235 15.15 -87.18 -28.99
N LEU B 236 15.61 -86.48 -30.03
CA LEU B 236 15.15 -86.79 -31.36
C LEU B 236 15.91 -87.95 -32.01
N LYS B 237 16.89 -88.53 -31.31
CA LYS B 237 17.54 -89.76 -31.80
C LYS B 237 18.02 -89.58 -33.23
N LYS B 238 18.64 -88.45 -33.54
CA LYS B 238 19.23 -88.28 -34.85
C LYS B 238 20.25 -87.20 -34.73
N ASN B 239 21.10 -87.08 -35.76
CA ASN B 239 22.04 -85.96 -35.87
C ASN B 239 21.37 -84.84 -36.66
N VAL B 240 21.71 -83.61 -36.33
CA VAL B 240 21.25 -82.49 -37.17
C VAL B 240 22.07 -82.40 -38.46
N ASP B 241 21.48 -81.79 -39.47
CA ASP B 241 22.21 -81.50 -40.71
C ASP B 241 22.23 -79.98 -41.01
N ILE B 242 23.04 -79.62 -42.01
CA ILE B 242 23.21 -78.23 -42.35
C ILE B 242 21.95 -77.48 -42.75
N MET B 243 20.92 -78.18 -43.25
CA MET B 243 19.69 -77.51 -43.60
C MET B 243 18.88 -77.10 -42.37
N GLU B 244 18.80 -77.99 -41.38
CA GLU B 244 18.23 -77.63 -40.09
C GLU B 244 18.93 -76.40 -39.50
N VAL B 245 20.25 -76.36 -39.53
CA VAL B 245 20.93 -75.21 -39.00
C VAL B 245 20.65 -74.02 -39.87
N GLY B 246 20.98 -74.12 -41.16
CA GLY B 246 20.66 -73.12 -42.16
C GLY B 246 19.31 -72.48 -42.03
N ASN B 247 18.28 -73.32 -42.02
CA ASN B 247 16.97 -72.77 -41.96
C ASN B 247 16.81 -71.90 -40.70
N THR B 248 17.39 -72.36 -39.60
CA THR B 248 17.33 -71.58 -38.40
C THR B 248 18.03 -70.25 -38.50
N VAL B 249 19.26 -70.26 -39.00
CA VAL B 249 19.93 -68.99 -39.28
C VAL B 249 19.07 -68.14 -40.21
N ALA B 250 18.54 -68.73 -41.28
CA ALA B 250 17.69 -67.93 -42.14
C ALA B 250 16.61 -67.23 -41.31
N PHE B 251 15.88 -67.97 -40.50
CA PHE B 251 14.75 -67.41 -39.77
C PHE B 251 15.10 -66.25 -38.85
N LEU B 252 16.26 -66.40 -38.17
CA LEU B 252 16.80 -65.40 -37.33
C LEU B 252 17.29 -64.18 -38.13
N CYS B 253 17.34 -64.27 -39.46
CA CYS B 253 17.60 -63.04 -40.26
C CYS B 253 16.33 -62.48 -40.88
N SER B 254 15.17 -63.00 -40.48
CA SER B 254 13.94 -62.46 -41.05
C SER B 254 13.15 -61.48 -40.19
N ASP B 255 12.15 -60.85 -40.82
CA ASP B 255 11.26 -59.92 -40.13
C ASP B 255 10.43 -60.59 -39.08
N MET B 256 10.37 -61.92 -39.17
CA MET B 256 9.54 -62.72 -38.28
C MET B 256 10.21 -62.81 -36.91
N ALA B 257 11.55 -62.71 -36.86
CA ALA B 257 12.25 -62.80 -35.62
C ALA B 257 12.58 -61.50 -34.96
N THR B 258 11.92 -60.41 -35.35
CA THR B 258 12.36 -59.14 -34.82
C THR B 258 12.11 -58.96 -33.31
N GLY B 259 11.61 -59.97 -32.62
CA GLY B 259 11.47 -59.86 -31.19
C GLY B 259 12.55 -60.59 -30.43
N ILE B 260 13.47 -61.21 -31.14
CA ILE B 260 14.50 -62.05 -30.58
C ILE B 260 15.87 -61.42 -30.77
N THR B 261 16.59 -61.21 -29.65
CA THR B 261 17.96 -60.77 -29.67
C THR B 261 18.69 -61.24 -28.45
N GLY B 262 20.01 -61.34 -28.50
CA GLY B 262 20.82 -61.83 -27.39
C GLY B 262 20.69 -63.31 -27.12
N GLU B 263 20.11 -64.02 -28.07
CA GLU B 263 19.60 -65.36 -27.73
C GLU B 263 20.55 -66.43 -28.35
N VAL B 264 20.65 -67.58 -27.69
CA VAL B 264 21.26 -68.79 -28.25
C VAL B 264 20.20 -69.84 -28.59
N VAL B 265 19.93 -70.14 -29.85
CA VAL B 265 19.03 -71.18 -30.19
C VAL B 265 19.81 -72.45 -30.51
N HIS B 266 19.59 -73.51 -29.70
CA HIS B 266 20.20 -74.85 -29.86
C HIS B 266 19.53 -75.55 -30.99
N VAL B 267 20.33 -75.93 -31.99
CA VAL B 267 19.83 -76.72 -33.11
C VAL B 267 20.67 -78.02 -33.11
N ASP B 268 20.23 -78.98 -32.29
CA ASP B 268 21.06 -80.04 -31.78
C ASP B 268 20.25 -81.29 -31.43
N ALA B 269 19.04 -81.39 -32.01
CA ALA B 269 18.13 -82.53 -31.88
C ALA B 269 17.67 -82.77 -30.40
N GLY B 270 17.95 -81.77 -29.56
CA GLY B 270 17.54 -81.74 -28.19
C GLY B 270 18.65 -82.07 -27.24
N TYR B 271 19.85 -82.29 -27.73
CA TYR B 271 20.95 -82.67 -26.87
C TYR B 271 21.08 -81.81 -25.58
N HIS B 272 20.93 -80.49 -25.69
CA HIS B 272 21.20 -79.57 -24.62
C HIS B 272 20.34 -79.82 -23.41
N CYS B 273 19.16 -80.36 -23.63
CA CYS B 273 18.19 -80.42 -22.56
C CYS B 273 18.23 -81.73 -21.74
N VAL B 274 19.08 -82.70 -22.11
CA VAL B 274 19.10 -84.00 -21.41
C VAL B 274 20.33 -84.21 -20.54
N SER B 275 20.22 -85.11 -19.60
CA SER B 275 21.40 -85.47 -18.89
C SER B 275 21.29 -86.97 -18.70
N MET B 276 22.41 -87.69 -18.80
CA MET B 276 22.43 -89.13 -18.50
C MET B 276 21.46 -89.93 -19.42
N GLY B 277 21.73 -89.95 -20.72
CA GLY B 277 21.10 -90.90 -21.64
C GLY B 277 21.81 -92.26 -21.55
N ASN B 278 21.14 -93.21 -20.89
CA ASN B 278 21.67 -94.55 -20.59
C ASN B 278 22.84 -95.11 -21.40
N GLY C 22 3.37 -71.42 -48.51
CA GLY C 22 3.38 -71.26 -46.99
C GLY C 22 4.19 -72.33 -46.26
N PHE C 23 5.04 -71.98 -45.27
CA PHE C 23 5.88 -73.01 -44.61
C PHE C 23 5.13 -73.97 -43.61
N LEU C 24 3.82 -73.78 -43.41
CA LEU C 24 3.01 -74.72 -42.67
C LEU C 24 1.86 -75.31 -43.56
N ALA C 25 2.05 -75.26 -44.89
CA ALA C 25 0.99 -75.69 -45.83
C ALA C 25 0.60 -77.11 -45.56
N GLY C 26 -0.69 -77.36 -45.44
CA GLY C 26 -1.16 -78.71 -45.11
C GLY C 26 -1.14 -79.11 -43.62
N LYS C 27 -0.21 -78.60 -42.83
CA LYS C 27 -0.11 -78.96 -41.43
C LYS C 27 -1.40 -78.70 -40.63
N LYS C 28 -1.78 -79.70 -39.80
CA LYS C 28 -3.02 -79.62 -38.98
C LYS C 28 -2.69 -79.27 -37.52
N ILE C 29 -2.99 -78.04 -37.14
CA ILE C 29 -2.52 -77.53 -35.87
C ILE C 29 -3.64 -77.16 -34.90
N LEU C 30 -3.55 -77.66 -33.66
CA LEU C 30 -4.53 -77.27 -32.61
C LEU C 30 -3.97 -76.14 -31.77
N ILE C 31 -4.79 -75.10 -31.67
CA ILE C 31 -4.46 -73.87 -30.91
C ILE C 31 -5.37 -73.70 -29.71
N THR C 32 -4.73 -73.70 -28.52
CA THR C 32 -5.48 -73.43 -27.32
C THR C 32 -5.40 -71.95 -26.96
N GLY C 33 -6.19 -71.49 -26.02
CA GLY C 33 -6.02 -70.19 -25.41
C GLY C 33 -6.45 -68.96 -26.14
N LEU C 34 -7.08 -69.08 -27.33
CA LEU C 34 -7.62 -67.89 -28.01
C LEU C 34 -8.84 -67.31 -27.25
N LEU C 35 -8.74 -66.06 -26.82
CA LEU C 35 -9.81 -65.48 -25.99
C LEU C 35 -10.33 -64.10 -26.44
N SER C 36 -9.43 -63.28 -26.93
CA SER C 36 -9.77 -61.97 -27.52
C SER C 36 -8.81 -61.80 -28.68
N ASN C 37 -8.97 -60.71 -29.43
CA ASN C 37 -8.04 -60.46 -30.51
C ASN C 37 -6.72 -59.87 -30.04
N LYS C 38 -6.55 -59.75 -28.71
CA LYS C 38 -5.29 -59.37 -28.11
C LYS C 38 -4.50 -60.59 -27.69
N SER C 39 -5.15 -61.75 -27.62
CA SER C 39 -4.55 -62.97 -27.07
C SER C 39 -3.31 -63.28 -27.80
N ILE C 40 -2.35 -63.93 -27.18
CA ILE C 40 -1.14 -64.32 -27.87
C ILE C 40 -1.52 -65.37 -28.93
N ALA C 41 -2.45 -66.25 -28.57
CA ALA C 41 -3.02 -67.27 -29.44
C ALA C 41 -3.60 -66.65 -30.72
N TYR C 42 -4.16 -65.46 -30.62
CA TYR C 42 -4.65 -64.78 -31.83
C TYR C 42 -3.53 -64.54 -32.84
N GLY C 43 -2.37 -64.09 -32.35
CA GLY C 43 -1.20 -63.71 -33.16
C GLY C 43 -0.64 -64.99 -33.73
N ILE C 44 -0.52 -66.01 -32.89
CA ILE C 44 -0.07 -67.30 -33.38
C ILE C 44 -1.02 -67.76 -34.50
N ALA C 45 -2.34 -67.59 -34.34
CA ALA C 45 -3.33 -68.08 -35.31
C ALA C 45 -3.18 -67.33 -36.58
N LYS C 46 -3.21 -65.99 -36.52
CA LYS C 46 -2.82 -65.11 -37.68
C LYS C 46 -1.61 -65.63 -38.43
N ALA C 47 -0.53 -65.88 -37.73
CA ALA C 47 0.75 -66.30 -38.36
C ALA C 47 0.59 -67.62 -39.11
N MET C 48 -0.05 -68.59 -38.48
CA MET C 48 -0.14 -69.92 -39.01
C MET C 48 -1.14 -69.99 -40.11
N HIS C 49 -2.19 -69.20 -40.06
CA HIS C 49 -3.12 -69.14 -41.20
C HIS C 49 -2.42 -68.54 -42.45
N ARG C 50 -1.78 -67.40 -42.28
CA ARG C 50 -0.90 -66.83 -43.32
C ARG C 50 0.07 -67.87 -43.87
N GLU C 51 0.56 -68.82 -43.07
CA GLU C 51 1.48 -69.86 -43.58
C GLU C 51 0.82 -71.15 -44.06
N GLY C 52 -0.51 -71.14 -44.17
CA GLY C 52 -1.21 -72.21 -44.82
C GLY C 52 -1.65 -73.37 -43.92
N ALA C 53 -1.52 -73.23 -42.60
CA ALA C 53 -1.97 -74.25 -41.71
C ALA C 53 -3.52 -74.49 -41.73
N GLU C 54 -3.92 -75.70 -41.40
CA GLU C 54 -5.32 -75.91 -41.08
C GLU C 54 -5.47 -75.85 -39.52
N LEU C 55 -6.42 -75.05 -39.07
CA LEU C 55 -6.47 -74.67 -37.69
C LEU C 55 -7.67 -75.25 -36.94
N ALA C 56 -7.42 -75.62 -35.70
CA ALA C 56 -8.54 -75.92 -34.78
C ALA C 56 -8.33 -75.23 -33.43
N PHE C 57 -9.45 -74.89 -32.81
CA PHE C 57 -9.41 -74.10 -31.61
C PHE C 57 -10.20 -74.68 -30.48
N THR C 58 -9.70 -74.46 -29.26
CA THR C 58 -10.47 -74.81 -28.10
C THR C 58 -10.94 -73.55 -27.36
N TYR C 59 -11.95 -73.70 -26.53
CA TYR C 59 -12.47 -72.65 -25.66
C TYR C 59 -12.91 -73.20 -24.32
N VAL C 60 -13.00 -72.33 -23.31
CA VAL C 60 -13.51 -72.74 -22.02
C VAL C 60 -14.98 -72.43 -21.88
N GLY C 61 -15.75 -73.44 -21.43
CA GLY C 61 -17.21 -73.46 -21.34
C GLY C 61 -17.98 -72.24 -21.81
N GLN C 62 -17.96 -71.18 -20.99
CA GLN C 62 -18.75 -69.95 -21.22
C GLN C 62 -18.50 -69.23 -22.55
N PHE C 63 -17.26 -69.26 -23.03
CA PHE C 63 -16.84 -68.42 -24.14
C PHE C 63 -17.03 -69.01 -25.56
N LYS C 64 -17.87 -70.01 -25.69
CA LYS C 64 -18.13 -70.65 -26.98
C LYS C 64 -18.38 -69.66 -28.10
N ASP C 65 -19.37 -68.77 -27.95
CA ASP C 65 -19.77 -67.79 -29.00
C ASP C 65 -18.69 -66.76 -29.28
N ARG C 66 -18.14 -66.16 -28.22
CA ARG C 66 -16.98 -65.27 -28.30
C ARG C 66 -15.96 -65.87 -29.29
N VAL C 67 -15.53 -67.09 -29.04
CA VAL C 67 -14.38 -67.70 -29.70
C VAL C 67 -14.72 -68.10 -31.13
N GLU C 68 -15.89 -68.67 -31.36
CA GLU C 68 -16.35 -69.01 -32.74
C GLU C 68 -16.37 -67.81 -33.65
N LYS C 69 -16.92 -66.69 -33.17
CA LYS C 69 -16.90 -65.42 -33.88
C LYS C 69 -15.45 -64.99 -34.16
N LEU C 70 -14.62 -65.06 -33.13
CA LEU C 70 -13.28 -64.58 -33.22
C LEU C 70 -12.43 -65.34 -34.24
N CYS C 71 -12.50 -66.66 -34.22
CA CYS C 71 -11.59 -67.41 -35.04
C CYS C 71 -12.22 -67.87 -36.36
N ALA C 72 -13.42 -67.40 -36.66
CA ALA C 72 -14.12 -67.73 -37.94
C ALA C 72 -13.28 -67.34 -39.16
N GLU C 73 -12.62 -66.19 -39.07
CA GLU C 73 -11.71 -65.69 -40.12
C GLU C 73 -10.53 -66.64 -40.44
N PHE C 74 -10.29 -67.66 -39.63
CA PHE C 74 -9.20 -68.61 -39.90
C PHE C 74 -9.74 -69.92 -40.47
N ASN C 75 -11.02 -69.93 -40.76
CA ASN C 75 -11.64 -71.09 -41.37
C ASN C 75 -11.33 -72.41 -40.65
N PRO C 76 -11.72 -72.49 -39.38
CA PRO C 76 -11.31 -73.59 -38.54
C PRO C 76 -11.99 -74.91 -38.90
N ALA C 77 -11.21 -75.98 -38.87
CA ALA C 77 -11.75 -77.30 -39.12
C ALA C 77 -12.62 -77.71 -37.93
N ALA C 78 -12.34 -77.13 -36.73
CA ALA C 78 -13.10 -77.41 -35.50
C ALA C 78 -12.93 -76.36 -34.45
N VAL C 79 -14.03 -76.09 -33.76
CA VAL C 79 -13.99 -75.26 -32.58
C VAL C 79 -14.62 -76.00 -31.37
N LEU C 80 -13.80 -76.45 -30.42
CA LEU C 80 -14.21 -77.48 -29.49
C LEU C 80 -14.03 -77.06 -28.03
N PRO C 81 -14.94 -77.49 -27.10
CA PRO C 81 -14.72 -77.21 -25.62
C PRO C 81 -13.55 -77.97 -25.04
N CYS C 82 -12.71 -77.29 -24.27
CA CYS C 82 -11.67 -77.96 -23.53
C CYS C 82 -11.19 -77.12 -22.37
N ASP C 83 -11.75 -77.43 -21.21
CA ASP C 83 -11.30 -76.91 -19.93
C ASP C 83 -10.26 -77.88 -19.37
N VAL C 84 -9.00 -77.44 -19.31
CA VAL C 84 -7.94 -78.37 -18.94
C VAL C 84 -7.94 -78.81 -17.45
N ILE C 85 -8.92 -78.34 -16.69
CA ILE C 85 -9.15 -78.88 -15.38
C ILE C 85 -9.64 -80.34 -15.49
N SER C 86 -10.22 -80.73 -16.63
CA SER C 86 -10.93 -81.98 -16.76
C SER C 86 -10.22 -82.94 -17.70
N ASP C 87 -9.70 -84.04 -17.17
CA ASP C 87 -9.18 -85.13 -18.00
C ASP C 87 -10.15 -85.63 -19.05
N GLN C 88 -11.44 -85.62 -18.76
CA GLN C 88 -12.44 -86.18 -19.66
C GLN C 88 -12.56 -85.31 -20.90
N GLU C 89 -12.71 -83.98 -20.69
CA GLU C 89 -12.80 -83.03 -21.77
C GLU C 89 -11.53 -83.06 -22.66
N ILE C 90 -10.37 -83.22 -22.05
CA ILE C 90 -9.14 -83.32 -22.83
C ILE C 90 -9.19 -84.53 -23.75
N LYS C 91 -9.63 -85.68 -23.20
CA LYS C 91 -9.75 -86.92 -23.91
C LYS C 91 -10.70 -86.75 -25.08
N ASP C 92 -11.79 -86.03 -24.84
CA ASP C 92 -12.90 -85.95 -25.80
C ASP C 92 -12.48 -84.95 -26.88
N LEU C 93 -11.50 -84.12 -26.55
CA LEU C 93 -11.08 -83.16 -27.52
C LEU C 93 -10.36 -83.91 -28.63
N PHE C 94 -9.57 -84.89 -28.26
CA PHE C 94 -8.91 -85.68 -29.29
C PHE C 94 -9.75 -86.69 -30.01
N VAL C 95 -10.79 -87.19 -29.36
CA VAL C 95 -11.73 -88.07 -30.00
C VAL C 95 -12.45 -87.29 -31.12
N GLU C 96 -12.96 -86.11 -30.79
CA GLU C 96 -13.71 -85.27 -31.74
C GLU C 96 -12.83 -84.80 -32.89
N LEU C 97 -11.60 -84.44 -32.54
CA LEU C 97 -10.64 -83.92 -33.50
C LEU C 97 -10.21 -85.02 -34.45
N GLY C 98 -10.04 -86.22 -33.90
CA GLY C 98 -9.76 -87.40 -34.71
C GLY C 98 -10.86 -87.79 -35.68
N LYS C 99 -12.09 -87.30 -35.50
CA LYS C 99 -13.17 -87.54 -36.45
C LYS C 99 -13.00 -86.64 -37.66
N VAL C 100 -12.34 -85.51 -37.46
CA VAL C 100 -12.13 -84.52 -38.53
C VAL C 100 -10.79 -84.72 -39.26
N TRP C 101 -9.74 -85.08 -38.52
CA TRP C 101 -8.41 -85.20 -39.10
C TRP C 101 -7.87 -86.57 -38.86
N ASP C 102 -6.94 -87.00 -39.71
CA ASP C 102 -6.31 -88.28 -39.51
C ASP C 102 -5.17 -88.24 -38.53
N GLY C 103 -4.28 -87.28 -38.73
CA GLY C 103 -3.20 -87.04 -37.79
C GLY C 103 -3.24 -85.59 -37.33
N LEU C 104 -2.39 -85.28 -36.37
CA LEU C 104 -2.32 -83.95 -35.87
C LEU C 104 -0.85 -83.57 -36.03
N ASP C 105 -0.61 -82.34 -36.50
CA ASP C 105 0.78 -81.87 -36.64
C ASP C 105 1.34 -81.12 -35.45
N ALA C 106 0.50 -80.32 -34.81
CA ALA C 106 0.99 -79.54 -33.72
C ALA C 106 -0.05 -79.20 -32.66
N ILE C 107 0.44 -79.04 -31.44
CA ILE C 107 -0.40 -78.49 -30.36
C ILE C 107 0.22 -77.26 -29.82
N VAL C 108 -0.54 -76.19 -29.76
CA VAL C 108 -0.06 -74.92 -29.20
C VAL C 108 -0.78 -74.68 -27.89
N HIS C 109 0.01 -74.68 -26.83
CA HIS C 109 -0.48 -74.54 -25.49
C HIS C 109 -0.27 -73.12 -25.13
N SER C 110 -1.35 -72.40 -24.94
CA SER C 110 -1.22 -70.98 -24.63
C SER C 110 -2.33 -70.66 -23.60
N ILE C 111 -2.11 -71.21 -22.40
CA ILE C 111 -3.12 -71.10 -21.36
C ILE C 111 -2.43 -71.07 -20.03
N ALA C 112 -2.88 -70.16 -19.17
CA ALA C 112 -2.40 -70.07 -17.80
C ALA C 112 -3.50 -69.54 -16.91
N PHE C 113 -3.36 -69.82 -15.63
CA PHE C 113 -4.28 -69.33 -14.61
C PHE C 113 -3.68 -69.58 -13.24
N ALA C 114 -3.92 -68.62 -12.33
CA ALA C 114 -3.76 -68.80 -10.88
C ALA C 114 -4.86 -67.92 -10.31
N PRO C 115 -5.31 -68.20 -9.09
CA PRO C 115 -6.37 -67.36 -8.51
C PRO C 115 -5.82 -66.01 -8.22
N ARG C 116 -6.64 -64.96 -8.40
CA ARG C 116 -6.28 -63.52 -8.21
C ARG C 116 -5.31 -63.34 -7.04
N ASP C 117 -5.65 -63.91 -5.89
CA ASP C 117 -4.88 -63.77 -4.63
C ASP C 117 -3.43 -64.32 -4.65
N GLN C 118 -3.08 -65.07 -5.69
CA GLN C 118 -1.73 -65.56 -5.79
C GLN C 118 -0.79 -64.56 -6.43
N LEU C 119 -1.32 -63.43 -6.90
CA LEU C 119 -0.69 -62.65 -7.96
C LEU C 119 -0.35 -61.23 -7.67
N GLU C 120 -0.39 -60.81 -6.43
CA GLU C 120 0.31 -59.56 -6.13
C GLU C 120 0.72 -59.51 -4.67
N GLY C 121 1.61 -58.62 -4.30
CA GLY C 121 2.06 -58.61 -2.92
C GLY C 121 3.20 -59.56 -2.73
N ASN C 122 3.54 -59.78 -1.46
CA ASN C 122 4.62 -60.61 -1.03
C ASN C 122 4.30 -62.09 -1.28
N PHE C 123 5.22 -62.76 -1.99
CA PHE C 123 5.02 -64.19 -2.35
C PHE C 123 4.57 -65.07 -1.18
N ILE C 124 5.31 -64.99 -0.07
CA ILE C 124 5.05 -65.81 1.09
C ILE C 124 3.77 -65.43 1.87
N ASP C 125 3.41 -64.14 1.95
CA ASP C 125 2.08 -63.79 2.47
C ASP C 125 0.93 -64.36 1.67
N CYS C 126 1.09 -64.41 0.35
CA CYS C 126 -0.04 -64.72 -0.58
C CYS C 126 -0.14 -66.20 -1.00
N VAL C 127 0.99 -66.92 -1.08
CA VAL C 127 0.93 -68.27 -1.59
C VAL C 127 0.06 -69.08 -0.68
N THR C 128 -0.91 -69.81 -1.27
CA THR C 128 -1.65 -70.81 -0.52
C THR C 128 -1.52 -72.21 -1.12
N ARG C 129 -1.79 -73.24 -0.32
CA ARG C 129 -1.69 -74.62 -0.78
C ARG C 129 -2.57 -74.87 -1.99
N GLU C 130 -3.80 -74.40 -1.95
CA GLU C 130 -4.74 -74.64 -3.04
C GLU C 130 -4.40 -73.81 -4.25
N GLY C 131 -3.95 -72.59 -4.02
CA GLY C 131 -3.65 -71.66 -5.10
C GLY C 131 -2.42 -72.07 -5.86
N PHE C 132 -1.48 -72.62 -5.15
CA PHE C 132 -0.28 -73.22 -5.72
C PHE C 132 -0.66 -74.39 -6.59
N SER C 133 -1.56 -75.19 -6.09
CA SER C 133 -2.03 -76.38 -6.73
C SER C 133 -2.77 -76.09 -8.01
N ILE C 134 -3.71 -75.12 -7.95
CA ILE C 134 -4.51 -74.79 -9.09
C ILE C 134 -3.62 -74.20 -10.21
N ALA C 135 -2.66 -73.32 -9.84
CA ALA C 135 -1.75 -72.68 -10.79
C ALA C 135 -0.96 -73.74 -11.55
N HIS C 136 -0.45 -74.75 -10.85
CA HIS C 136 0.35 -75.80 -11.51
C HIS C 136 -0.48 -76.73 -12.31
N ASP C 137 -1.70 -77.01 -11.86
CA ASP C 137 -2.63 -77.93 -12.55
C ASP C 137 -2.95 -77.36 -13.91
N ILE C 138 -3.34 -76.08 -13.96
CA ILE C 138 -3.78 -75.44 -15.18
C ILE C 138 -2.66 -74.93 -16.06
N SER C 139 -1.57 -74.53 -15.44
CA SER C 139 -0.56 -73.83 -16.13
C SER C 139 0.57 -74.73 -16.56
N ALA C 140 0.64 -75.93 -15.96
CA ALA C 140 1.79 -76.81 -16.19
C ALA C 140 1.39 -78.23 -16.53
N TYR C 141 0.61 -78.84 -15.63
CA TYR C 141 0.24 -80.22 -15.81
C TYR C 141 -0.48 -80.31 -17.10
N SER C 142 -1.26 -79.27 -17.45
CA SER C 142 -2.13 -79.35 -18.63
C SER C 142 -1.35 -79.55 -19.92
N PHE C 143 -0.08 -79.15 -19.91
CA PHE C 143 0.70 -79.34 -21.11
C PHE C 143 0.96 -80.84 -21.32
N ALA C 144 1.45 -81.51 -20.28
CA ALA C 144 1.69 -82.95 -20.35
C ALA C 144 0.35 -83.67 -20.62
N ALA C 145 -0.75 -83.08 -20.21
CA ALA C 145 -2.02 -83.74 -20.37
C ALA C 145 -2.39 -83.74 -21.80
N LEU C 146 -2.20 -82.59 -22.49
CA LEU C 146 -2.43 -82.51 -23.95
C LEU C 146 -1.50 -83.46 -24.66
N ALA C 147 -0.27 -83.56 -24.19
CA ALA C 147 0.72 -84.42 -24.80
C ALA C 147 0.33 -85.89 -24.76
N LYS C 148 -0.07 -86.29 -23.56
CA LYS C 148 -0.56 -87.63 -23.25
C LYS C 148 -1.67 -88.05 -24.23
N GLU C 149 -2.65 -87.17 -24.44
CA GLU C 149 -3.85 -87.55 -25.18
C GLU C 149 -3.67 -87.29 -26.68
N GLY C 150 -2.67 -86.50 -27.05
CA GLY C 150 -2.55 -86.13 -28.45
C GLY C 150 -1.48 -86.96 -29.14
N ARG C 151 -0.60 -87.53 -28.31
CA ARG C 151 0.50 -88.39 -28.69
C ARG C 151 0.17 -89.34 -29.81
N SER C 152 -0.96 -90.06 -29.75
CA SER C 152 -1.18 -91.05 -30.83
C SER C 152 -1.50 -90.44 -32.17
N MET C 153 -2.24 -89.33 -32.22
CA MET C 153 -2.49 -88.63 -33.50
C MET C 153 -1.24 -87.94 -34.12
N MET C 154 -0.17 -87.81 -33.30
CA MET C 154 1.01 -87.05 -33.66
C MET C 154 2.22 -87.90 -33.97
N LYS C 155 2.10 -89.20 -33.72
CA LYS C 155 3.19 -90.17 -34.01
C LYS C 155 3.76 -90.00 -35.42
N ASN C 156 5.10 -89.94 -35.49
CA ASN C 156 5.87 -90.05 -36.80
C ASN C 156 5.42 -89.21 -38.01
N ARG C 157 5.20 -87.93 -37.78
CA ARG C 157 4.98 -87.00 -38.86
C ARG C 157 5.71 -85.63 -38.63
N ASN C 158 6.86 -85.65 -37.94
CA ASN C 158 7.52 -84.40 -37.54
C ASN C 158 6.54 -83.44 -36.85
N ALA C 159 5.86 -83.94 -35.84
CA ALA C 159 4.91 -83.15 -35.15
C ALA C 159 5.60 -82.25 -34.08
N SER C 160 4.81 -81.34 -33.53
CA SER C 160 5.35 -80.31 -32.66
C SER C 160 4.41 -79.93 -31.56
N MET C 161 5.01 -79.56 -30.43
CA MET C 161 4.29 -78.86 -29.38
C MET C 161 5.02 -77.59 -29.01
N VAL C 162 4.26 -76.53 -28.75
CA VAL C 162 4.85 -75.28 -28.25
C VAL C 162 4.02 -74.75 -27.08
N ALA C 163 4.70 -74.47 -25.95
CA ALA C 163 4.04 -73.82 -24.85
C ALA C 163 4.49 -72.35 -24.72
N LEU C 164 3.62 -71.47 -24.21
CA LEU C 164 4.01 -70.11 -23.90
C LEU C 164 4.46 -69.97 -22.46
N THR C 165 5.61 -69.35 -22.21
CA THR C 165 6.14 -69.23 -20.88
C THR C 165 6.59 -67.79 -20.64
N TYR C 166 7.13 -67.48 -19.46
CA TYR C 166 7.54 -66.11 -19.12
C TYR C 166 8.79 -66.16 -18.22
N ILE C 167 9.60 -65.12 -18.24
CA ILE C 167 10.92 -65.18 -17.60
C ILE C 167 10.80 -65.28 -16.05
N GLY C 168 9.60 -64.98 -15.53
CA GLY C 168 9.28 -65.17 -14.12
C GLY C 168 9.56 -66.61 -13.64
N ALA C 169 9.67 -67.54 -14.60
CA ALA C 169 10.08 -68.90 -14.33
C ALA C 169 11.52 -68.97 -13.88
N GLU C 170 12.41 -68.25 -14.56
CA GLU C 170 13.83 -68.23 -14.28
C GLU C 170 14.22 -67.37 -13.10
N LYS C 171 13.59 -66.23 -12.95
CA LYS C 171 13.97 -65.18 -11.95
C LYS C 171 12.84 -64.83 -11.00
N ALA C 172 13.16 -64.37 -9.82
CA ALA C 172 12.04 -63.92 -8.97
C ALA C 172 11.69 -62.51 -9.36
N MET C 173 10.41 -62.26 -9.64
CA MET C 173 9.91 -60.95 -9.98
C MET C 173 8.80 -60.50 -9.05
N PRO C 174 8.65 -59.18 -8.89
CA PRO C 174 7.49 -58.81 -8.05
C PRO C 174 6.21 -59.26 -8.75
N SER C 175 5.17 -59.49 -7.95
CA SER C 175 3.82 -59.88 -8.42
C SER C 175 3.60 -61.28 -9.05
N TYR C 176 4.46 -61.70 -9.93
CA TYR C 176 4.22 -62.90 -10.65
C TYR C 176 4.05 -64.13 -9.72
N ASN C 177 4.87 -64.19 -8.65
CA ASN C 177 4.68 -65.10 -7.54
C ASN C 177 4.42 -66.56 -7.93
N THR C 178 3.26 -67.05 -7.50
CA THR C 178 2.83 -68.38 -7.79
C THR C 178 2.86 -68.72 -9.26
N MET C 179 2.58 -67.78 -10.18
CA MET C 179 2.67 -68.10 -11.59
C MET C 179 4.08 -68.35 -11.96
N GLY C 180 5.05 -67.71 -11.28
CA GLY C 180 6.43 -67.87 -11.67
C GLY C 180 6.80 -69.28 -11.37
N VAL C 181 6.39 -69.73 -10.21
CA VAL C 181 6.71 -71.11 -9.79
C VAL C 181 6.02 -72.11 -10.72
N ALA C 182 4.74 -71.89 -11.02
CA ALA C 182 4.07 -72.65 -12.08
C ALA C 182 4.78 -72.59 -13.47
N LYS C 183 5.34 -71.43 -13.87
CA LYS C 183 6.00 -71.39 -15.20
C LYS C 183 7.24 -72.25 -15.11
N ALA C 184 7.93 -72.23 -13.96
CA ALA C 184 9.13 -73.05 -13.80
C ALA C 184 8.85 -74.53 -14.00
N SER C 185 7.75 -74.95 -13.35
CA SER C 185 7.16 -76.25 -13.56
C SER C 185 6.80 -76.53 -15.08
N LEU C 186 6.15 -75.57 -15.75
CA LEU C 186 5.83 -75.69 -17.22
C LEU C 186 7.07 -75.91 -18.08
N GLU C 187 8.14 -75.19 -17.80
CA GLU C 187 9.37 -75.37 -18.57
C GLU C 187 10.05 -76.74 -18.34
N ALA C 188 9.93 -77.29 -17.13
CA ALA C 188 10.49 -78.61 -16.88
C ALA C 188 9.59 -79.60 -17.59
N THR C 189 8.29 -79.37 -17.54
CA THR C 189 7.38 -80.28 -18.20
C THR C 189 7.71 -80.33 -19.67
N VAL C 190 7.96 -79.17 -20.29
CA VAL C 190 8.41 -79.11 -21.65
C VAL C 190 9.66 -79.96 -21.90
N ARG C 191 10.63 -79.91 -21.01
CA ARG C 191 11.84 -80.67 -21.25
C ARG C 191 11.65 -82.18 -21.11
N TYR C 192 10.97 -82.60 -20.03
CA TYR C 192 10.60 -84.01 -19.85
C TYR C 192 9.65 -84.51 -20.93
N THR C 193 8.73 -83.65 -21.39
CA THR C 193 7.90 -84.02 -22.56
C THR C 193 8.75 -84.19 -23.82
N ALA C 194 9.81 -83.40 -23.96
CA ALA C 194 10.59 -83.45 -25.18
C ALA C 194 11.32 -84.75 -25.21
N LEU C 195 11.79 -85.17 -24.06
CA LEU C 195 12.59 -86.36 -23.97
C LEU C 195 11.65 -87.55 -24.15
N ALA C 196 10.44 -87.49 -23.62
CA ALA C 196 9.48 -88.61 -23.72
C ALA C 196 8.82 -88.73 -25.12
N LEU C 197 8.65 -87.63 -25.85
CA LEU C 197 7.97 -87.73 -27.18
C LEU C 197 8.90 -87.74 -28.38
N GLY C 198 10.19 -87.58 -28.15
CA GLY C 198 11.15 -87.44 -29.28
C GLY C 198 11.44 -88.72 -30.05
N GLU C 199 11.18 -89.86 -29.45
CA GLU C 199 11.26 -91.16 -30.14
C GLU C 199 10.13 -91.30 -31.20
N ASP C 200 9.04 -90.55 -31.07
CA ASP C 200 7.94 -90.47 -32.04
C ASP C 200 8.16 -89.32 -33.03
N GLY C 201 9.36 -88.73 -33.02
CA GLY C 201 9.68 -87.57 -33.87
C GLY C 201 8.96 -86.26 -33.51
N ILE C 202 8.38 -86.18 -32.31
CA ILE C 202 7.66 -84.99 -31.91
C ILE C 202 8.58 -84.00 -31.24
N LYS C 203 8.65 -82.76 -31.76
CA LYS C 203 9.50 -81.78 -31.08
C LYS C 203 8.68 -80.92 -30.12
N VAL C 204 9.29 -80.52 -28.99
CA VAL C 204 8.53 -79.87 -27.97
C VAL C 204 9.38 -78.76 -27.47
N ASN C 205 8.82 -77.53 -27.47
CA ASN C 205 9.53 -76.30 -27.18
C ASN C 205 8.62 -75.27 -26.57
N ALA C 206 9.24 -74.20 -26.11
CA ALA C 206 8.52 -73.11 -25.50
C ALA C 206 9.04 -71.81 -26.08
N VAL C 207 8.12 -70.84 -26.12
CA VAL C 207 8.44 -69.45 -26.38
C VAL C 207 8.20 -68.63 -25.12
N SER C 208 9.22 -67.87 -24.73
CA SER C 208 9.19 -67.12 -23.50
C SER C 208 8.96 -65.68 -23.97
N ALA C 209 7.69 -65.26 -23.97
CA ALA C 209 7.31 -63.96 -24.42
C ALA C 209 7.62 -62.87 -23.43
N GLY C 210 7.98 -61.68 -23.93
CA GLY C 210 8.03 -60.44 -23.17
C GLY C 210 6.63 -60.10 -22.86
N PRO C 211 6.40 -59.16 -21.94
CA PRO C 211 5.04 -58.83 -21.54
C PRO C 211 4.29 -58.15 -22.67
N ILE C 212 3.00 -58.47 -22.79
CA ILE C 212 2.07 -58.00 -23.85
C ILE C 212 0.71 -57.70 -23.24
N LYS C 213 0.03 -56.61 -23.60
CA LYS C 213 -1.21 -56.23 -22.91
C LYS C 213 -2.33 -57.09 -23.43
N THR C 214 -2.67 -58.12 -22.72
CA THR C 214 -3.73 -59.07 -23.08
C THR C 214 -4.78 -59.16 -21.92
N LEU C 215 -5.86 -59.93 -22.10
CA LEU C 215 -6.77 -60.12 -20.99
C LEU C 215 -6.14 -60.63 -19.67
N ALA C 216 -5.24 -61.61 -19.74
CA ALA C 216 -4.54 -62.07 -18.55
C ALA C 216 -3.75 -60.95 -17.91
N ALA C 217 -3.28 -60.01 -18.71
CA ALA C 217 -2.49 -58.92 -18.14
C ALA C 217 -3.34 -57.95 -17.36
N SER C 218 -4.62 -57.89 -17.66
CA SER C 218 -5.47 -56.86 -17.08
C SER C 218 -5.77 -57.15 -15.60
N GLY C 219 -5.35 -58.31 -15.14
CA GLY C 219 -5.41 -58.60 -13.71
C GLY C 219 -4.35 -57.81 -12.96
N ILE C 220 -3.23 -57.52 -13.62
CA ILE C 220 -2.04 -56.91 -12.93
C ILE C 220 -2.14 -55.38 -12.89
N SER C 221 -2.07 -54.79 -11.70
CA SER C 221 -2.55 -53.43 -11.61
C SER C 221 -1.60 -52.37 -12.19
N ASN C 222 -0.30 -52.64 -12.24
CA ASN C 222 0.55 -51.60 -12.79
C ASN C 222 1.21 -52.02 -14.07
N PHE C 223 0.46 -52.74 -14.89
CA PHE C 223 1.04 -53.45 -16.02
C PHE C 223 1.71 -52.52 -16.99
N LYS C 224 1.06 -51.39 -17.29
CA LYS C 224 1.65 -50.39 -18.19
C LYS C 224 3.12 -50.04 -17.84
N LYS C 225 3.41 -49.99 -16.53
CA LYS C 225 4.75 -49.73 -16.03
C LYS C 225 5.69 -50.85 -16.27
N MET C 226 5.23 -52.09 -16.10
CA MET C 226 6.08 -53.22 -16.48
C MET C 226 6.43 -53.17 -17.95
N LEU C 227 5.44 -52.91 -18.80
CA LEU C 227 5.68 -52.74 -20.20
C LEU C 227 6.71 -51.65 -20.42
N ASP C 228 6.46 -50.47 -19.87
CA ASP C 228 7.36 -49.37 -20.10
C ASP C 228 8.77 -49.66 -19.66
N TYR C 229 8.94 -50.32 -18.49
CA TYR C 229 10.25 -50.74 -18.02
C TYR C 229 10.91 -51.74 -18.97
N ASN C 230 10.17 -52.75 -19.40
CA ASN C 230 10.76 -53.64 -20.41
C ASN C 230 11.36 -52.85 -21.56
N ALA C 231 10.57 -51.92 -22.11
CA ALA C 231 10.93 -51.25 -23.34
C ALA C 231 12.19 -50.43 -23.06
N MET C 232 12.33 -49.88 -21.86
CA MET C 232 13.45 -49.03 -21.57
C MET C 232 14.74 -49.83 -21.41
N VAL C 233 14.62 -51.04 -20.92
CA VAL C 233 15.78 -51.72 -20.46
C VAL C 233 16.25 -52.73 -21.48
N SER C 234 15.34 -53.25 -22.31
CA SER C 234 15.67 -54.14 -23.43
C SER C 234 16.67 -53.54 -24.39
N PRO C 235 17.48 -54.39 -25.05
CA PRO C 235 18.38 -53.93 -26.08
C PRO C 235 17.60 -53.33 -27.23
N LEU C 236 16.51 -53.94 -27.67
CA LEU C 236 15.82 -53.37 -28.80
C LEU C 236 14.91 -52.16 -28.49
N LYS C 237 14.87 -51.71 -27.24
CA LYS C 237 14.14 -50.49 -26.90
C LYS C 237 12.72 -50.52 -27.42
N LYS C 238 11.98 -51.61 -27.21
CA LYS C 238 10.59 -51.69 -27.65
C LYS C 238 9.94 -52.87 -27.01
N ASN C 239 8.59 -52.93 -27.04
CA ASN C 239 7.81 -54.03 -26.51
C ASN C 239 7.55 -55.04 -27.61
N VAL C 240 7.60 -56.34 -27.31
CA VAL C 240 7.20 -57.28 -28.38
C VAL C 240 5.70 -57.22 -28.62
N ASP C 241 5.26 -57.68 -29.78
CA ASP C 241 3.83 -57.84 -30.06
C ASP C 241 3.45 -59.27 -30.42
N ILE C 242 2.14 -59.48 -30.59
CA ILE C 242 1.62 -60.83 -30.80
C ILE C 242 2.07 -61.46 -32.08
N MET C 243 2.46 -60.66 -33.08
CA MET C 243 2.94 -61.22 -34.33
C MET C 243 4.35 -61.72 -34.16
N GLU C 244 5.22 -61.02 -33.46
CA GLU C 244 6.55 -61.51 -33.22
C GLU C 244 6.57 -62.86 -32.52
N VAL C 245 5.67 -62.99 -31.55
CA VAL C 245 5.53 -64.20 -30.78
C VAL C 245 4.92 -65.22 -31.73
N GLY C 246 3.78 -64.89 -32.32
CA GLY C 246 3.13 -65.74 -33.34
C GLY C 246 4.02 -66.34 -34.41
N ASN C 247 4.82 -65.50 -35.04
CA ASN C 247 5.71 -65.98 -36.06
C ASN C 247 6.72 -66.94 -35.53
N THR C 248 7.21 -66.66 -34.33
CA THR C 248 8.16 -67.61 -33.75
C THR C 248 7.42 -68.96 -33.48
N VAL C 249 6.20 -68.90 -32.94
CA VAL C 249 5.52 -70.12 -32.67
C VAL C 249 5.34 -70.88 -33.98
N ALA C 250 4.86 -70.16 -34.99
CA ALA C 250 4.74 -70.71 -36.34
C ALA C 250 5.96 -71.47 -36.78
N PHE C 251 7.13 -70.80 -36.71
CA PHE C 251 8.38 -71.43 -37.10
C PHE C 251 8.69 -72.72 -36.33
N LEU C 252 8.45 -72.68 -35.02
CA LEU C 252 8.72 -73.86 -34.18
C LEU C 252 7.78 -75.07 -34.47
N CYS C 253 6.75 -74.83 -35.27
CA CYS C 253 5.92 -75.88 -35.75
C CYS C 253 6.19 -76.25 -37.22
N SER C 254 7.25 -75.69 -37.81
CA SER C 254 7.57 -76.04 -39.21
C SER C 254 8.67 -77.11 -39.38
N ASP C 255 8.84 -77.55 -40.65
CA ASP C 255 9.90 -78.52 -40.99
C ASP C 255 11.31 -77.92 -40.86
N MET C 256 11.36 -76.59 -40.81
CA MET C 256 12.62 -75.92 -40.74
C MET C 256 13.22 -76.08 -39.35
N ALA C 257 12.35 -76.31 -38.35
CA ALA C 257 12.78 -76.37 -36.94
C ALA C 257 12.96 -77.80 -36.44
N THR C 258 13.09 -78.77 -37.34
CA THR C 258 13.19 -80.14 -36.90
C THR C 258 14.43 -80.47 -36.13
N GLY C 259 15.40 -79.58 -36.06
CA GLY C 259 16.55 -79.87 -35.22
C GLY C 259 16.47 -79.27 -33.83
N ILE C 260 15.34 -78.63 -33.50
CA ILE C 260 15.14 -77.94 -32.25
C ILE C 260 14.12 -78.64 -31.31
N THR C 261 14.58 -79.08 -30.14
CA THR C 261 13.64 -79.52 -29.13
C THR C 261 14.16 -79.25 -27.75
N GLY C 262 13.24 -79.24 -26.81
CA GLY C 262 13.50 -78.94 -25.42
C GLY C 262 14.01 -77.56 -25.22
N GLU C 263 13.67 -76.66 -26.13
CA GLU C 263 14.21 -75.34 -26.09
C GLU C 263 13.21 -74.23 -25.58
N VAL C 264 13.76 -73.23 -24.90
CA VAL C 264 13.00 -72.00 -24.62
C VAL C 264 13.55 -70.86 -25.46
N VAL C 265 12.70 -70.35 -26.37
CA VAL C 265 13.09 -69.23 -27.14
C VAL C 265 12.49 -67.92 -26.62
N HIS C 266 13.37 -66.98 -26.25
CA HIS C 266 12.91 -65.72 -25.66
C HIS C 266 12.55 -64.78 -26.73
N VAL C 267 11.30 -64.34 -26.75
CA VAL C 267 10.82 -63.40 -27.76
C VAL C 267 10.41 -62.19 -26.96
N ASP C 268 11.41 -61.44 -26.51
CA ASP C 268 11.21 -60.46 -25.52
C ASP C 268 12.03 -59.19 -25.76
N ALA C 269 12.37 -58.93 -27.00
CA ALA C 269 13.15 -57.77 -27.38
C ALA C 269 14.48 -57.72 -26.61
N GLY C 270 14.96 -58.91 -26.21
CA GLY C 270 16.27 -59.08 -25.56
C GLY C 270 16.34 -58.85 -24.03
N TYR C 271 15.21 -58.52 -23.44
CA TYR C 271 15.13 -58.37 -22.02
C TYR C 271 15.96 -59.45 -21.28
N HIS C 272 15.95 -60.70 -21.75
CA HIS C 272 16.52 -61.78 -20.96
C HIS C 272 18.00 -61.72 -20.83
N CYS C 273 18.67 -61.00 -21.73
CA CYS C 273 20.14 -61.08 -21.70
C CYS C 273 20.82 -59.90 -21.03
N VAL C 274 20.06 -58.89 -20.57
CA VAL C 274 20.70 -57.73 -19.91
C VAL C 274 20.56 -57.72 -18.38
N SER C 275 21.43 -56.95 -17.75
CA SER C 275 21.29 -56.75 -16.34
C SER C 275 21.62 -55.29 -16.05
N MET C 276 20.93 -54.68 -15.10
CA MET C 276 21.20 -53.32 -14.74
C MET C 276 21.16 -52.44 -15.99
N GLY C 277 20.18 -52.68 -16.86
CA GLY C 277 19.98 -51.78 -17.98
C GLY C 277 19.29 -50.47 -17.58
N ASN C 278 18.80 -50.35 -16.35
CA ASN C 278 18.33 -49.03 -15.97
C ASN C 278 19.32 -48.21 -15.16
N VAL C 279 20.62 -48.43 -15.27
CA VAL C 279 21.52 -47.53 -14.49
C VAL C 279 22.34 -46.71 -15.47
N LEU C 280 22.30 -45.40 -15.30
CA LEU C 280 22.89 -44.50 -16.26
C LEU C 280 24.20 -43.85 -15.76
N GLY D 22 32.74 -73.30 17.22
CA GLY D 22 31.90 -73.84 16.09
C GLY D 22 31.23 -72.70 15.33
N PHE D 23 31.10 -72.77 14.00
CA PHE D 23 30.54 -71.63 13.27
C PHE D 23 29.00 -71.59 13.22
N LEU D 24 28.33 -72.55 13.86
CA LEU D 24 26.90 -72.40 14.11
C LEU D 24 26.53 -72.31 15.62
N ALA D 25 27.52 -71.99 16.47
CA ALA D 25 27.34 -71.99 17.91
C ALA D 25 26.17 -71.12 18.31
N GLY D 26 25.24 -71.68 19.08
CA GLY D 26 24.07 -70.92 19.55
C GLY D 26 22.88 -70.98 18.59
N LYS D 27 23.13 -71.19 17.32
CA LYS D 27 22.03 -71.09 16.37
C LYS D 27 21.03 -72.22 16.52
N LYS D 28 19.76 -71.87 16.46
CA LYS D 28 18.68 -72.81 16.67
C LYS D 28 18.08 -73.22 15.35
N ILE D 29 18.31 -74.46 14.94
CA ILE D 29 17.95 -74.88 13.63
C ILE D 29 17.01 -76.08 13.68
N LEU D 30 15.93 -76.03 12.90
CA LEU D 30 15.00 -77.14 12.67
C LEU D 30 15.41 -77.89 11.39
N ILE D 31 15.52 -79.22 11.48
CA ILE D 31 15.87 -80.12 10.39
C ILE D 31 14.68 -81.04 10.12
N THR D 32 14.17 -81.00 8.89
CA THR D 32 13.15 -81.92 8.45
C THR D 32 13.79 -83.09 7.68
N GLY D 33 13.03 -84.14 7.40
CA GLY D 33 13.51 -85.26 6.61
C GLY D 33 14.53 -86.28 7.12
N LEU D 34 14.91 -86.24 8.41
CA LEU D 34 15.77 -87.31 8.99
C LEU D 34 14.99 -88.65 9.14
N LEU D 35 15.47 -89.73 8.50
CA LEU D 35 14.68 -90.97 8.37
C LEU D 35 15.50 -92.22 8.63
N SER D 36 16.75 -92.22 8.17
CA SER D 36 17.66 -93.30 8.46
C SER D 36 19.01 -92.62 8.66
N ASN D 37 20.04 -93.37 9.03
CA ASN D 37 21.36 -92.80 9.15
C ASN D 37 22.07 -92.66 7.76
N LYS D 38 21.32 -93.01 6.72
CA LYS D 38 21.72 -92.77 5.33
C LYS D 38 21.19 -91.41 4.82
N SER D 39 20.12 -90.91 5.43
CA SER D 39 19.42 -89.67 5.05
C SER D 39 20.42 -88.52 4.89
N ILE D 40 20.13 -87.61 3.95
CA ILE D 40 20.99 -86.46 3.74
C ILE D 40 20.84 -85.64 5.02
N ALA D 41 19.61 -85.51 5.53
CA ALA D 41 19.35 -84.87 6.83
C ALA D 41 20.25 -85.32 7.96
N TYR D 42 20.66 -86.59 7.93
CA TYR D 42 21.56 -87.13 8.94
C TYR D 42 22.93 -86.48 8.81
N GLY D 43 23.41 -86.39 7.53
CA GLY D 43 24.70 -85.74 7.24
C GLY D 43 24.60 -84.28 7.67
N ILE D 44 23.47 -83.64 7.34
CA ILE D 44 23.28 -82.25 7.78
C ILE D 44 23.31 -82.11 9.31
N ALA D 45 22.55 -82.99 9.97
CA ALA D 45 22.53 -83.01 11.43
C ALA D 45 23.94 -83.19 12.00
N LYS D 46 24.70 -84.22 11.56
CA LYS D 46 26.10 -84.43 11.99
C LYS D 46 26.95 -83.18 11.88
N ALA D 47 26.87 -82.54 10.72
CA ALA D 47 27.66 -81.34 10.46
C ALA D 47 27.27 -80.16 11.36
N MET D 48 25.99 -79.96 11.59
CA MET D 48 25.59 -78.80 12.37
C MET D 48 25.81 -78.99 13.84
N HIS D 49 25.68 -80.23 14.30
CA HIS D 49 25.94 -80.57 15.70
C HIS D 49 27.39 -80.33 15.96
N ARG D 50 28.24 -80.85 15.08
CA ARG D 50 29.69 -80.59 15.11
C ARG D 50 29.98 -79.11 15.19
N GLU D 51 29.11 -78.27 14.65
CA GLU D 51 29.41 -76.84 14.64
C GLU D 51 28.71 -76.08 15.71
N GLY D 52 28.05 -76.80 16.62
CA GLY D 52 27.51 -76.23 17.90
C GLY D 52 26.06 -75.77 17.84
N ALA D 53 25.37 -76.05 16.74
CA ALA D 53 23.96 -75.69 16.60
C ALA D 53 23.13 -76.42 17.64
N GLU D 54 22.03 -75.82 18.06
CA GLU D 54 20.99 -76.58 18.77
C GLU D 54 20.01 -77.02 17.73
N LEU D 55 19.71 -78.30 17.71
CA LEU D 55 18.87 -78.91 16.74
C LEU D 55 17.48 -79.34 17.20
N ALA D 56 16.53 -79.30 16.29
CA ALA D 56 15.21 -79.83 16.48
C ALA D 56 14.87 -80.59 15.23
N PHE D 57 14.02 -81.59 15.32
CA PHE D 57 13.72 -82.48 14.19
C PHE D 57 12.22 -82.70 14.04
N THR D 58 11.80 -83.04 12.84
CA THR D 58 10.43 -83.41 12.61
C THR D 58 10.42 -84.83 12.03
N TYR D 59 9.24 -85.48 12.05
CA TYR D 59 9.02 -86.84 11.53
C TYR D 59 7.58 -86.99 11.06
N VAL D 60 7.35 -87.93 10.15
CA VAL D 60 5.99 -88.22 9.70
C VAL D 60 5.35 -89.31 10.56
N GLY D 61 4.08 -89.09 10.92
CA GLY D 61 3.32 -89.98 11.83
C GLY D 61 3.99 -91.25 12.32
N GLN D 62 4.04 -92.27 11.46
CA GLN D 62 4.52 -93.62 11.79
C GLN D 62 5.93 -93.74 12.38
N PHE D 63 6.84 -92.87 11.99
CA PHE D 63 8.25 -93.06 12.29
C PHE D 63 8.75 -92.42 13.61
N LYS D 64 7.82 -92.03 14.47
CA LYS D 64 8.15 -91.38 15.74
C LYS D 64 9.36 -92.01 16.46
N ASP D 65 9.29 -93.32 16.70
CA ASP D 65 10.28 -94.06 17.51
C ASP D 65 11.60 -94.19 16.80
N ARG D 66 11.53 -94.55 15.51
CA ARG D 66 12.68 -94.58 14.57
C ARG D 66 13.52 -93.30 14.72
N VAL D 67 12.83 -92.18 14.59
CA VAL D 67 13.47 -90.87 14.47
C VAL D 67 13.98 -90.40 15.79
N GLU D 68 13.19 -90.55 16.85
CA GLU D 68 13.64 -90.20 18.20
C GLU D 68 14.89 -90.89 18.60
N LYS D 69 14.99 -92.18 18.26
CA LYS D 69 16.19 -92.99 18.56
C LYS D 69 17.35 -92.40 17.80
N LEU D 70 17.13 -92.24 16.50
CA LEU D 70 18.15 -91.83 15.55
C LEU D 70 18.78 -90.51 15.89
N CYS D 71 17.99 -89.53 16.26
CA CYS D 71 18.57 -88.21 16.47
C CYS D 71 18.82 -87.84 17.89
N ALA D 72 18.55 -88.76 18.81
CA ALA D 72 18.91 -88.61 20.22
C ALA D 72 20.38 -88.20 20.34
N GLU D 73 21.27 -88.75 19.50
CA GLU D 73 22.71 -88.43 19.59
C GLU D 73 23.04 -86.97 19.35
N PHE D 74 22.10 -86.19 18.79
CA PHE D 74 22.33 -84.73 18.56
C PHE D 74 21.76 -83.84 19.66
N ASN D 75 21.30 -84.48 20.72
CA ASN D 75 20.76 -83.82 21.88
C ASN D 75 19.69 -82.81 21.44
N PRO D 76 18.63 -83.29 20.83
CA PRO D 76 17.65 -82.36 20.23
C PRO D 76 16.84 -81.58 21.30
N ALA D 77 16.58 -80.29 21.10
CA ALA D 77 15.66 -79.55 21.94
C ALA D 77 14.19 -80.00 21.72
N ALA D 78 13.88 -80.64 20.57
CA ALA D 78 12.53 -81.07 20.34
C ALA D 78 12.47 -82.02 19.18
N VAL D 79 11.50 -82.90 19.19
CA VAL D 79 11.35 -83.85 18.09
C VAL D 79 9.84 -83.95 17.91
N LEU D 80 9.32 -83.47 16.76
CA LEU D 80 7.94 -83.12 16.69
C LEU D 80 7.38 -83.64 15.40
N PRO D 81 6.07 -83.99 15.38
CA PRO D 81 5.43 -84.46 14.16
C PRO D 81 5.20 -83.35 13.15
N CYS D 82 5.41 -83.67 11.88
CA CYS D 82 5.08 -82.73 10.84
C CYS D 82 4.99 -83.42 9.52
N ASP D 83 3.75 -83.70 9.15
CA ASP D 83 3.46 -84.22 7.85
C ASP D 83 3.06 -83.02 6.96
N VAL D 84 3.96 -82.61 6.07
CA VAL D 84 3.74 -81.35 5.28
C VAL D 84 2.57 -81.42 4.30
N ILE D 85 1.89 -82.54 4.22
CA ILE D 85 0.56 -82.61 3.60
C ILE D 85 -0.47 -81.79 4.40
N SER D 86 -0.21 -81.51 5.67
CA SER D 86 -1.24 -80.89 6.52
C SER D 86 -0.93 -79.48 6.97
N ASP D 87 -1.76 -78.52 6.60
CA ASP D 87 -1.50 -77.11 7.03
C ASP D 87 -1.50 -76.95 8.53
N GLN D 88 -2.40 -77.67 9.20
CA GLN D 88 -2.54 -77.66 10.64
C GLN D 88 -1.29 -78.18 11.41
N GLU D 89 -0.76 -79.31 10.98
CA GLU D 89 0.46 -79.84 11.53
C GLU D 89 1.63 -78.93 11.36
N ILE D 90 1.70 -78.27 10.22
CA ILE D 90 2.74 -77.27 10.02
C ILE D 90 2.58 -76.16 11.01
N LYS D 91 1.36 -75.64 11.12
CA LYS D 91 1.09 -74.57 12.05
C LYS D 91 1.51 -74.94 13.50
N ASP D 92 1.12 -76.14 13.89
CA ASP D 92 1.37 -76.61 15.23
C ASP D 92 2.84 -76.89 15.48
N LEU D 93 3.56 -77.24 14.41
CA LEU D 93 4.98 -77.43 14.56
C LEU D 93 5.58 -76.15 15.14
N PHE D 94 5.13 -75.01 14.64
CA PHE D 94 5.74 -73.75 15.08
C PHE D 94 5.27 -73.24 16.39
N VAL D 95 4.01 -73.55 16.72
CA VAL D 95 3.48 -73.29 18.05
C VAL D 95 4.30 -74.04 19.11
N GLU D 96 4.51 -75.34 18.94
CA GLU D 96 5.24 -76.15 19.90
C GLU D 96 6.67 -75.78 19.98
N LEU D 97 7.29 -75.51 18.81
CA LEU D 97 8.68 -75.15 18.78
C LEU D 97 8.82 -73.81 19.50
N GLY D 98 7.82 -72.94 19.37
CA GLY D 98 7.92 -71.60 19.96
C GLY D 98 7.82 -71.68 21.47
N LYS D 99 7.35 -72.80 21.98
CA LYS D 99 7.32 -72.99 23.42
C LYS D 99 8.68 -73.35 23.96
N VAL D 100 9.54 -73.90 23.10
CA VAL D 100 10.90 -74.26 23.48
C VAL D 100 11.94 -73.18 23.18
N TRP D 101 11.86 -72.53 21.99
CA TRP D 101 12.76 -71.45 21.57
C TRP D 101 12.06 -70.11 21.38
N ASP D 102 12.81 -69.02 21.55
CA ASP D 102 12.30 -67.67 21.32
C ASP D 102 12.29 -67.34 19.86
N GLY D 103 13.42 -67.54 19.21
CA GLY D 103 13.49 -67.38 17.77
C GLY D 103 14.04 -68.64 17.13
N LEU D 104 14.05 -68.64 15.80
CA LEU D 104 14.51 -69.78 15.03
C LEU D 104 15.56 -69.22 14.09
N ASP D 105 16.74 -69.84 14.07
CA ASP D 105 17.78 -69.41 13.15
C ASP D 105 17.73 -70.00 11.75
N ALA D 106 17.33 -71.29 11.60
CA ALA D 106 17.23 -71.86 10.24
C ALA D 106 16.21 -72.93 10.12
N ILE D 107 15.67 -73.10 8.90
CA ILE D 107 14.94 -74.29 8.53
C ILE D 107 15.67 -75.06 7.43
N VAL D 108 15.85 -76.35 7.56
CA VAL D 108 16.45 -77.19 6.55
C VAL D 108 15.34 -78.05 6.04
N HIS D 109 15.01 -77.89 4.78
CA HIS D 109 14.00 -78.67 4.08
C HIS D 109 14.68 -79.76 3.34
N SER D 110 14.38 -80.99 3.70
CA SER D 110 15.02 -82.13 3.11
C SER D 110 14.00 -83.20 2.94
N ILE D 111 12.93 -82.87 2.22
CA ILE D 111 11.86 -83.81 2.01
C ILE D 111 11.40 -83.80 0.60
N ALA D 112 11.17 -84.98 0.03
CA ALA D 112 10.52 -85.09 -1.27
C ALA D 112 9.57 -86.29 -1.24
N PHE D 113 8.69 -86.40 -2.23
CA PHE D 113 7.85 -87.54 -2.42
C PHE D 113 7.10 -87.44 -3.73
N ALA D 114 6.99 -88.54 -4.46
CA ALA D 114 6.03 -88.62 -5.57
C ALA D 114 5.60 -90.05 -5.52
N PRO D 115 4.34 -90.35 -5.90
CA PRO D 115 3.92 -91.73 -5.99
C PRO D 115 4.91 -92.57 -6.82
N ARG D 116 5.10 -93.85 -6.44
CA ARG D 116 5.94 -94.83 -7.18
C ARG D 116 5.73 -94.76 -8.71
N ASP D 117 4.47 -94.70 -9.17
CA ASP D 117 4.15 -94.74 -10.62
C ASP D 117 4.64 -93.55 -11.45
N GLN D 118 5.08 -92.51 -10.77
CA GLN D 118 5.51 -91.30 -11.42
C GLN D 118 6.97 -91.38 -11.80
N LEU D 119 7.64 -92.46 -11.38
CA LEU D 119 9.08 -92.43 -11.23
C LEU D 119 9.87 -93.47 -12.01
N GLU D 120 9.28 -94.14 -12.98
CA GLU D 120 10.15 -94.80 -13.97
C GLU D 120 9.41 -94.97 -15.29
N GLY D 121 10.14 -95.34 -16.35
CA GLY D 121 9.56 -95.40 -17.69
C GLY D 121 9.40 -94.02 -18.32
N ASN D 122 8.53 -93.95 -19.30
CA ASN D 122 8.44 -92.76 -20.11
C ASN D 122 7.62 -91.68 -19.37
N PHE D 123 8.13 -90.45 -19.35
CA PHE D 123 7.46 -89.40 -18.61
C PHE D 123 6.00 -89.25 -18.93
N ILE D 124 5.71 -89.22 -20.23
CA ILE D 124 4.37 -88.93 -20.69
C ILE D 124 3.41 -90.10 -20.41
N ASP D 125 3.88 -91.35 -20.58
CA ASP D 125 3.08 -92.51 -20.22
C ASP D 125 2.64 -92.48 -18.77
N CYS D 126 3.60 -92.16 -17.91
CA CYS D 126 3.47 -92.29 -16.51
C CYS D 126 2.87 -91.08 -15.79
N VAL D 127 3.21 -89.87 -16.19
CA VAL D 127 2.65 -88.70 -15.47
C VAL D 127 1.11 -88.75 -15.33
N THR D 128 0.60 -88.48 -14.13
CA THR D 128 -0.84 -88.37 -13.98
C THR D 128 -1.22 -87.05 -13.24
N ARG D 129 -2.42 -86.53 -13.48
CA ARG D 129 -2.83 -85.29 -12.82
C ARG D 129 -2.61 -85.27 -11.30
N GLU D 130 -3.05 -86.33 -10.62
CA GLU D 130 -2.94 -86.42 -9.17
C GLU D 130 -1.52 -86.66 -8.72
N GLY D 131 -0.76 -87.44 -9.48
CA GLY D 131 0.64 -87.68 -9.11
C GLY D 131 1.52 -86.45 -9.30
N PHE D 132 1.22 -85.69 -10.33
CA PHE D 132 1.85 -84.40 -10.57
C PHE D 132 1.52 -83.52 -9.38
N SER D 133 0.25 -83.44 -9.08
CA SER D 133 -0.17 -82.64 -7.94
C SER D 133 0.52 -82.96 -6.63
N ILE D 134 0.65 -84.26 -6.34
CA ILE D 134 1.08 -84.73 -5.02
C ILE D 134 2.55 -84.42 -4.92
N ALA D 135 3.29 -84.68 -5.98
CA ALA D 135 4.74 -84.49 -5.98
C ALA D 135 5.07 -83.03 -5.69
N HIS D 136 4.38 -82.10 -6.35
CA HIS D 136 4.54 -80.64 -6.13
C HIS D 136 4.08 -80.19 -4.74
N ASP D 137 2.96 -80.74 -4.32
CA ASP D 137 2.48 -80.45 -2.94
C ASP D 137 3.55 -80.72 -1.88
N ILE D 138 4.23 -81.87 -1.98
CA ILE D 138 5.09 -82.33 -0.88
C ILE D 138 6.55 -81.91 -1.06
N SER D 139 6.90 -81.80 -2.36
CA SER D 139 8.24 -81.60 -2.75
C SER D 139 8.52 -80.14 -2.87
N ALA D 140 7.49 -79.30 -3.10
CA ALA D 140 7.73 -77.87 -3.46
C ALA D 140 6.88 -76.91 -2.59
N TYR D 141 5.58 -77.07 -2.68
CA TYR D 141 4.73 -76.22 -1.91
C TYR D 141 5.17 -76.20 -0.45
N SER D 142 5.58 -77.34 0.04
CA SER D 142 5.95 -77.48 1.42
C SER D 142 7.04 -76.55 1.87
N PHE D 143 7.84 -76.07 0.92
CA PHE D 143 8.95 -75.27 1.30
C PHE D 143 8.45 -73.89 1.71
N ALA D 144 7.61 -73.32 0.86
CA ALA D 144 6.96 -72.04 1.10
C ALA D 144 6.06 -72.19 2.34
N ALA D 145 5.56 -73.37 2.61
CA ALA D 145 4.62 -73.46 3.75
C ALA D 145 5.43 -73.42 5.04
N LEU D 146 6.59 -74.05 5.06
CA LEU D 146 7.48 -73.86 6.26
C LEU D 146 7.91 -72.40 6.40
N ALA D 147 8.04 -71.73 5.27
CA ALA D 147 8.55 -70.39 5.31
C ALA D 147 7.45 -69.57 5.92
N LYS D 148 6.23 -69.78 5.42
CA LYS D 148 5.08 -68.99 5.77
C LYS D 148 4.92 -69.02 7.28
N GLU D 149 5.04 -70.20 7.86
CA GLU D 149 4.75 -70.40 9.24
C GLU D 149 5.93 -70.15 10.17
N GLY D 150 7.15 -70.24 9.65
CA GLY D 150 8.33 -70.00 10.46
C GLY D 150 8.80 -68.58 10.46
N ARG D 151 8.31 -67.83 9.49
CA ARG D 151 8.69 -66.45 9.26
C ARG D 151 8.79 -65.62 10.51
N SER D 152 7.75 -65.58 11.33
CA SER D 152 7.81 -64.68 12.47
C SER D 152 8.83 -65.12 13.54
N MET D 153 9.16 -66.40 13.62
CA MET D 153 10.25 -66.78 14.53
C MET D 153 11.63 -66.40 14.01
N MET D 154 11.68 -66.09 12.71
CA MET D 154 12.94 -65.96 12.00
C MET D 154 13.31 -64.50 11.71
N LYS D 155 12.33 -63.60 11.78
CA LYS D 155 12.56 -62.17 11.59
C LYS D 155 13.87 -61.66 12.19
N ASN D 156 14.65 -60.95 11.41
CA ASN D 156 15.80 -60.13 11.89
C ASN D 156 16.76 -60.77 12.87
N ARG D 157 17.25 -61.93 12.52
CA ARG D 157 18.39 -62.50 13.19
C ARG D 157 19.42 -63.18 12.22
N ASN D 158 19.57 -62.66 10.98
CA ASN D 158 20.29 -63.35 9.90
C ASN D 158 19.90 -64.82 9.78
N ALA D 159 18.61 -65.10 9.68
CA ALA D 159 18.10 -66.45 9.55
C ALA D 159 18.34 -67.05 8.18
N SER D 160 18.08 -68.34 8.05
CA SER D 160 18.37 -69.08 6.85
C SER D 160 17.36 -70.16 6.57
N MET D 161 17.16 -70.47 5.32
CA MET D 161 16.45 -71.66 4.88
C MET D 161 17.32 -72.29 3.78
N VAL D 162 17.36 -73.62 3.72
CA VAL D 162 18.07 -74.33 2.69
C VAL D 162 17.19 -75.46 2.29
N ALA D 163 16.87 -75.64 0.99
CA ALA D 163 16.21 -76.82 0.46
C ALA D 163 17.15 -77.78 -0.28
N LEU D 164 16.88 -79.09 -0.33
CA LEU D 164 17.71 -80.00 -1.10
C LEU D 164 17.04 -80.22 -2.42
N THR D 165 17.82 -80.13 -3.50
CA THR D 165 17.28 -80.27 -4.81
C THR D 165 18.18 -81.19 -5.65
N TYR D 166 17.81 -81.42 -6.93
CA TYR D 166 18.56 -82.33 -7.80
C TYR D 166 18.56 -81.81 -9.23
N ILE D 167 19.62 -82.13 -9.99
CA ILE D 167 19.83 -81.56 -11.30
C ILE D 167 18.71 -81.97 -12.26
N GLY D 168 17.91 -82.97 -11.86
CA GLY D 168 16.74 -83.36 -12.67
C GLY D 168 15.73 -82.22 -12.81
N ALA D 169 15.94 -81.18 -11.99
CA ALA D 169 15.24 -79.88 -12.12
C ALA D 169 15.64 -79.12 -13.42
N GLU D 170 16.94 -79.05 -13.71
CA GLU D 170 17.49 -78.30 -14.86
C GLU D 170 17.40 -79.06 -16.20
N LYS D 171 17.65 -80.36 -16.17
CA LYS D 171 17.68 -81.23 -17.36
C LYS D 171 16.64 -82.37 -17.33
N ALA D 172 16.19 -82.82 -18.49
CA ALA D 172 15.41 -84.04 -18.53
C ALA D 172 16.35 -85.28 -18.40
N MET D 173 15.99 -86.13 -17.45
CA MET D 173 16.73 -87.32 -17.16
C MET D 173 15.78 -88.49 -17.27
N PRO D 174 16.33 -89.69 -17.52
CA PRO D 174 15.44 -90.86 -17.45
C PRO D 174 14.97 -91.09 -16.01
N SER D 175 13.76 -91.61 -15.90
CA SER D 175 13.19 -92.02 -14.61
C SER D 175 12.71 -90.90 -13.70
N TYR D 176 13.50 -89.86 -13.49
CA TYR D 176 13.20 -88.83 -12.49
C TYR D 176 11.88 -88.12 -12.74
N ASN D 177 11.52 -87.94 -14.02
CA ASN D 177 10.17 -87.59 -14.44
C ASN D 177 9.53 -86.48 -13.63
N THR D 178 8.34 -86.80 -13.11
CA THR D 178 7.59 -85.94 -12.24
C THR D 178 8.39 -85.36 -11.08
N MET D 179 9.37 -86.07 -10.55
CA MET D 179 10.15 -85.41 -9.49
C MET D 179 11.02 -84.31 -10.03
N GLY D 180 11.43 -84.41 -11.32
CA GLY D 180 12.25 -83.39 -11.86
C GLY D 180 11.40 -82.14 -11.98
N VAL D 181 10.15 -82.31 -12.39
CA VAL D 181 9.28 -81.19 -12.64
C VAL D 181 9.12 -80.53 -11.30
N ALA D 182 8.72 -81.31 -10.28
CA ALA D 182 8.63 -80.78 -8.90
C ALA D 182 9.96 -80.15 -8.41
N LYS D 183 11.11 -80.74 -8.70
CA LYS D 183 12.35 -80.03 -8.34
C LYS D 183 12.47 -78.66 -8.95
N ALA D 184 11.99 -78.51 -10.19
CA ALA D 184 12.07 -77.22 -10.85
C ALA D 184 11.12 -76.18 -10.16
N SER D 185 9.90 -76.61 -9.93
CA SER D 185 9.00 -75.88 -9.03
C SER D 185 9.64 -75.53 -7.64
N LEU D 186 10.34 -76.49 -7.03
CA LEU D 186 11.08 -76.22 -5.76
C LEU D 186 12.01 -75.11 -5.91
N GLU D 187 12.79 -75.15 -6.99
CA GLU D 187 13.90 -74.19 -7.15
C GLU D 187 13.37 -72.78 -7.33
N ALA D 188 12.21 -72.66 -7.96
CA ALA D 188 11.60 -71.39 -8.23
C ALA D 188 11.06 -70.86 -6.92
N THR D 189 10.48 -71.78 -6.14
CA THR D 189 9.86 -71.46 -4.83
C THR D 189 10.94 -70.99 -3.94
N VAL D 190 12.15 -71.59 -4.02
CA VAL D 190 13.37 -71.01 -3.34
C VAL D 190 13.70 -69.54 -3.72
N ARG D 191 13.67 -69.22 -5.02
CA ARG D 191 13.91 -67.85 -5.45
C ARG D 191 12.81 -66.88 -5.02
N TYR D 192 11.55 -67.23 -5.25
CA TYR D 192 10.50 -66.34 -4.82
C TYR D 192 10.44 -66.19 -3.31
N THR D 193 10.79 -67.26 -2.58
CA THR D 193 10.93 -67.18 -1.14
C THR D 193 12.11 -66.26 -0.75
N ALA D 194 13.17 -66.22 -1.54
CA ALA D 194 14.35 -65.45 -1.13
C ALA D 194 13.95 -64.00 -1.23
N LEU D 195 13.23 -63.71 -2.32
CA LEU D 195 12.81 -62.38 -2.63
C LEU D 195 11.81 -61.94 -1.52
N ALA D 196 10.84 -62.80 -1.22
CA ALA D 196 9.79 -62.49 -0.20
C ALA D 196 10.34 -62.37 1.25
N LEU D 197 11.35 -63.14 1.59
CA LEU D 197 11.82 -63.12 2.99
C LEU D 197 13.01 -62.22 3.29
N GLY D 198 13.72 -61.77 2.27
CA GLY D 198 14.96 -61.07 2.50
C GLY D 198 14.84 -59.71 3.19
N GLU D 199 13.72 -59.02 3.04
CA GLU D 199 13.53 -57.82 3.79
C GLU D 199 13.61 -58.09 5.32
N ASP D 200 13.36 -59.33 5.76
CA ASP D 200 13.51 -59.74 7.19
C ASP D 200 14.90 -60.26 7.50
N GLY D 201 15.83 -60.09 6.55
CA GLY D 201 17.18 -60.66 6.72
C GLY D 201 17.31 -62.19 6.63
N ILE D 202 16.28 -62.85 6.08
CA ILE D 202 16.32 -64.28 5.96
C ILE D 202 16.92 -64.72 4.64
N LYS D 203 17.97 -65.51 4.63
CA LYS D 203 18.54 -65.99 3.39
C LYS D 203 18.04 -67.39 3.02
N VAL D 204 17.78 -67.61 1.71
CA VAL D 204 17.10 -68.77 1.23
C VAL D 204 17.87 -69.34 0.04
N ASN D 205 18.36 -70.57 0.15
CA ASN D 205 19.14 -71.16 -0.86
C ASN D 205 18.84 -72.65 -0.99
N ALA D 206 19.50 -73.35 -1.89
CA ALA D 206 19.24 -74.76 -2.16
C ALA D 206 20.56 -75.45 -2.44
N VAL D 207 20.69 -76.69 -2.05
CA VAL D 207 21.94 -77.39 -2.35
C VAL D 207 21.53 -78.49 -3.27
N SER D 208 22.22 -78.55 -4.41
CA SER D 208 21.77 -79.51 -5.44
C SER D 208 22.69 -80.75 -5.34
N ALA D 209 22.20 -81.82 -4.68
CA ALA D 209 23.12 -82.95 -4.34
C ALA D 209 23.28 -83.83 -5.49
N GLY D 210 24.50 -84.31 -5.71
CA GLY D 210 24.72 -85.51 -6.56
C GLY D 210 23.98 -86.69 -5.99
N PRO D 211 23.81 -87.77 -6.78
CA PRO D 211 23.03 -88.91 -6.24
C PRO D 211 23.76 -89.62 -5.05
N ILE D 212 23.01 -90.07 -4.02
CA ILE D 212 23.54 -90.73 -2.80
C ILE D 212 22.60 -91.87 -2.46
N LYS D 213 23.14 -93.01 -2.02
CA LYS D 213 22.25 -94.19 -1.75
C LYS D 213 21.50 -94.01 -0.43
N THR D 214 20.26 -93.53 -0.52
CA THR D 214 19.47 -93.25 0.68
C THR D 214 18.15 -94.02 0.56
N LEU D 215 17.32 -94.01 1.59
CA LEU D 215 15.98 -94.64 1.46
C LEU D 215 15.15 -94.19 0.26
N ALA D 216 15.16 -92.90 -0.05
CA ALA D 216 14.43 -92.44 -1.24
C ALA D 216 15.00 -93.09 -2.51
N ALA D 217 16.31 -93.25 -2.54
CA ALA D 217 17.01 -93.89 -3.68
C ALA D 217 16.62 -95.35 -3.93
N SER D 218 16.14 -96.04 -2.92
CA SER D 218 15.86 -97.46 -3.06
C SER D 218 14.59 -97.70 -3.86
N GLY D 219 13.80 -96.66 -4.11
CA GLY D 219 12.67 -96.76 -5.04
C GLY D 219 13.15 -97.09 -6.46
N ILE D 220 14.34 -96.59 -6.81
CA ILE D 220 14.85 -96.57 -8.22
C ILE D 220 15.65 -97.83 -8.56
N SER D 221 15.21 -98.59 -9.55
CA SER D 221 15.74 -99.96 -9.69
C SER D 221 17.20 -100.09 -10.13
N ASN D 222 17.72 -99.12 -10.87
CA ASN D 222 19.10 -99.23 -11.37
C ASN D 222 20.05 -98.20 -10.77
N PHE D 223 19.77 -97.84 -9.54
CA PHE D 223 20.43 -96.72 -8.90
C PHE D 223 21.95 -96.85 -8.82
N LYS D 224 22.42 -98.05 -8.53
CA LYS D 224 23.85 -98.29 -8.44
C LYS D 224 24.55 -97.84 -9.74
N LYS D 225 23.84 -97.93 -10.87
CA LYS D 225 24.39 -97.57 -12.15
C LYS D 225 24.42 -96.08 -12.39
N MET D 226 23.39 -95.39 -11.92
CA MET D 226 23.41 -93.93 -11.93
C MET D 226 24.59 -93.46 -11.14
N LEU D 227 24.78 -94.05 -9.95
CA LEU D 227 25.93 -93.74 -9.10
C LEU D 227 27.26 -93.96 -9.79
N ASP D 228 27.39 -95.09 -10.49
CA ASP D 228 28.63 -95.41 -11.15
C ASP D 228 28.92 -94.46 -12.33
N TYR D 229 27.90 -94.18 -13.12
CA TYR D 229 27.98 -93.19 -14.15
C TYR D 229 28.43 -91.83 -13.63
N ASN D 230 27.72 -91.28 -12.65
CA ASN D 230 28.15 -90.04 -12.02
C ASN D 230 29.63 -90.06 -11.65
N ALA D 231 30.10 -91.13 -10.99
CA ALA D 231 31.48 -91.15 -10.53
C ALA D 231 32.44 -91.21 -11.71
N MET D 232 32.04 -91.91 -12.76
CA MET D 232 32.85 -91.96 -13.97
C MET D 232 32.97 -90.62 -14.72
N VAL D 233 31.83 -89.94 -14.84
CA VAL D 233 31.68 -88.78 -15.70
C VAL D 233 32.09 -87.44 -15.02
N SER D 234 31.96 -87.39 -13.69
CA SER D 234 32.34 -86.24 -12.88
C SER D 234 33.82 -85.84 -12.94
N PRO D 235 34.09 -84.54 -12.87
CA PRO D 235 35.48 -84.13 -12.86
C PRO D 235 36.23 -84.71 -11.66
N LEU D 236 35.55 -84.89 -10.53
CA LEU D 236 36.28 -85.37 -9.38
C LEU D 236 36.32 -86.90 -9.30
N LYS D 237 35.65 -87.59 -10.23
CA LYS D 237 35.76 -89.06 -10.33
C LYS D 237 35.35 -89.72 -9.00
N LYS D 238 34.26 -89.28 -8.39
CA LYS D 238 33.80 -89.91 -7.15
C LYS D 238 32.35 -89.55 -6.95
N ASN D 239 31.74 -90.23 -6.00
CA ASN D 239 30.37 -89.93 -5.59
C ASN D 239 30.42 -89.06 -4.34
N VAL D 240 29.47 -88.14 -4.23
CA VAL D 240 29.43 -87.33 -3.02
C VAL D 240 28.84 -88.13 -1.85
N ASP D 241 29.16 -87.71 -0.65
CA ASP D 241 28.51 -88.28 0.47
C ASP D 241 27.75 -87.21 1.30
N ILE D 242 26.95 -87.73 2.27
CA ILE D 242 26.12 -86.92 3.13
C ILE D 242 26.90 -85.90 3.91
N MET D 243 28.16 -86.18 4.27
CA MET D 243 28.98 -85.12 4.92
C MET D 243 29.37 -83.93 4.00
N GLU D 244 29.71 -84.21 2.76
CA GLU D 244 29.88 -83.13 1.81
C GLU D 244 28.62 -82.30 1.64
N VAL D 245 27.45 -82.94 1.57
CA VAL D 245 26.25 -82.18 1.47
C VAL D 245 25.97 -81.44 2.76
N GLY D 246 25.99 -82.14 3.85
CA GLY D 246 25.75 -81.53 5.16
C GLY D 246 26.68 -80.41 5.50
N ASN D 247 27.95 -80.53 5.11
CA ASN D 247 28.84 -79.44 5.39
C ASN D 247 28.46 -78.17 4.68
N THR D 248 27.91 -78.34 3.50
CA THR D 248 27.52 -77.19 2.70
C THR D 248 26.24 -76.59 3.24
N VAL D 249 25.25 -77.46 3.50
CA VAL D 249 24.06 -76.98 4.19
C VAL D 249 24.43 -76.24 5.45
N ALA D 250 25.34 -76.77 6.27
CA ALA D 250 25.74 -76.08 7.47
C ALA D 250 26.23 -74.71 7.16
N PHE D 251 27.18 -74.63 6.21
CA PHE D 251 27.78 -73.35 5.86
C PHE D 251 26.72 -72.36 5.44
N LEU D 252 25.77 -72.79 4.61
CA LEU D 252 24.67 -71.89 4.15
C LEU D 252 23.72 -71.43 5.25
N CYS D 253 23.93 -71.96 6.46
CA CYS D 253 23.15 -71.52 7.59
C CYS D 253 24.02 -70.68 8.47
N SER D 254 25.23 -70.33 8.02
CA SER D 254 26.09 -69.55 8.88
C SER D 254 26.15 -68.04 8.59
N ASP D 255 26.78 -67.29 9.51
CA ASP D 255 26.98 -65.83 9.33
C ASP D 255 27.98 -65.56 8.18
N MET D 256 28.72 -66.60 7.83
CA MET D 256 29.73 -66.49 6.82
C MET D 256 29.07 -66.32 5.46
N ALA D 257 27.86 -66.87 5.30
CA ALA D 257 27.17 -66.96 4.05
C ALA D 257 26.12 -65.88 3.96
N THR D 258 26.16 -64.87 4.85
CA THR D 258 25.17 -63.83 4.71
C THR D 258 25.14 -63.03 3.38
N GLY D 259 26.06 -63.24 2.44
CA GLY D 259 25.97 -62.52 1.18
C GLY D 259 25.24 -63.35 0.14
N ILE D 260 24.81 -64.54 0.50
CA ILE D 260 24.32 -65.50 -0.50
C ILE D 260 22.82 -65.75 -0.29
N THR D 261 22.03 -65.62 -1.37
CA THR D 261 20.60 -66.00 -1.30
C THR D 261 20.10 -66.25 -2.69
N GLY D 262 19.00 -66.99 -2.79
CA GLY D 262 18.39 -67.43 -4.06
C GLY D 262 19.39 -68.23 -4.88
N GLU D 263 20.39 -68.79 -4.22
CA GLU D 263 21.38 -69.55 -4.91
C GLU D 263 21.17 -71.07 -4.88
N VAL D 264 21.56 -71.77 -5.95
CA VAL D 264 21.63 -73.25 -5.96
C VAL D 264 23.09 -73.65 -5.98
N VAL D 265 23.58 -74.27 -4.91
CA VAL D 265 24.97 -74.74 -4.86
C VAL D 265 25.07 -76.22 -5.18
N HIS D 266 25.66 -76.61 -6.30
CA HIS D 266 25.75 -78.05 -6.69
C HIS D 266 26.78 -78.70 -5.91
N VAL D 267 26.40 -79.75 -5.20
CA VAL D 267 27.37 -80.52 -4.44
C VAL D 267 27.29 -81.89 -5.06
N ASP D 268 28.08 -82.09 -6.12
CA ASP D 268 27.84 -83.25 -6.96
C ASP D 268 29.13 -83.73 -7.63
N ALA D 269 30.27 -83.38 -7.03
CA ALA D 269 31.62 -83.75 -7.57
C ALA D 269 31.86 -83.17 -9.01
N GLY D 270 31.09 -82.15 -9.40
CA GLY D 270 31.30 -81.42 -10.65
C GLY D 270 30.40 -81.89 -11.80
N TYR D 271 29.56 -82.89 -11.56
CA TYR D 271 28.68 -83.41 -12.60
C TYR D 271 27.96 -82.35 -13.41
N HIS D 272 27.43 -81.31 -12.72
CA HIS D 272 26.63 -80.25 -13.40
C HIS D 272 27.36 -79.58 -14.54
N CYS D 273 28.69 -79.52 -14.50
CA CYS D 273 29.50 -78.63 -15.37
C CYS D 273 30.10 -79.35 -16.59
N VAL D 274 29.90 -80.65 -16.70
CA VAL D 274 30.47 -81.39 -17.86
C VAL D 274 29.42 -81.89 -18.82
N SER D 275 29.83 -82.09 -20.06
CA SER D 275 28.93 -82.72 -21.02
C SER D 275 29.72 -83.77 -21.77
N MET D 276 29.13 -84.94 -22.00
CA MET D 276 29.79 -85.98 -22.83
C MET D 276 31.16 -86.46 -22.26
N GLY D 277 31.20 -87.21 -21.16
CA GLY D 277 32.47 -87.70 -20.58
C GLY D 277 32.48 -89.21 -20.33
N GLY E 22 25.80 -27.58 24.68
CA GLY E 22 25.44 -26.84 23.41
C GLY E 22 25.28 -27.77 22.22
N PHE E 23 24.32 -27.52 21.31
CA PHE E 23 24.05 -28.47 20.23
C PHE E 23 25.05 -28.40 19.07
N LEU E 24 25.99 -27.48 19.13
CA LEU E 24 27.11 -27.48 18.18
C LEU E 24 28.49 -27.72 18.83
N ALA E 25 28.49 -28.24 20.05
CA ALA E 25 29.71 -28.51 20.81
C ALA E 25 30.67 -29.36 20.00
N GLY E 26 31.90 -28.86 19.87
CA GLY E 26 32.93 -29.58 19.18
C GLY E 26 33.00 -29.26 17.70
N LYS E 27 31.87 -28.92 17.09
CA LYS E 27 31.83 -28.80 15.64
C LYS E 27 32.66 -27.63 15.15
N LYS E 28 33.35 -27.82 14.04
CA LYS E 28 34.28 -26.83 13.52
C LYS E 28 33.62 -26.22 12.29
N ILE E 29 33.29 -24.93 12.39
CA ILE E 29 32.49 -24.26 11.37
C ILE E 29 33.19 -23.04 10.82
N LEU E 30 33.31 -22.97 9.50
CA LEU E 30 33.82 -21.78 8.82
C LEU E 30 32.65 -20.82 8.54
N ILE E 31 32.80 -19.54 8.87
CA ILE E 31 31.79 -18.48 8.56
C ILE E 31 32.39 -17.42 7.66
N THR E 32 31.79 -17.26 6.48
CA THR E 32 32.13 -16.20 5.54
C THR E 32 31.25 -14.95 5.74
N GLY E 33 31.67 -13.84 5.14
CA GLY E 33 30.86 -12.61 5.11
C GLY E 33 30.52 -11.84 6.40
N LEU E 34 31.28 -12.04 7.50
CA LEU E 34 31.17 -11.16 8.66
C LEU E 34 31.84 -9.82 8.28
N LEU E 35 31.11 -8.71 8.49
CA LEU E 35 31.58 -7.39 8.03
C LEU E 35 31.32 -6.24 8.98
N SER E 36 30.20 -6.30 9.70
CA SER E 36 29.91 -5.31 10.73
C SER E 36 29.16 -6.11 11.75
N ASN E 37 28.82 -5.55 12.90
CA ASN E 37 28.03 -6.28 13.88
C ASN E 37 26.55 -6.26 13.55
N LYS E 38 26.25 -5.74 12.36
CA LYS E 38 24.91 -5.79 11.78
C LYS E 38 24.76 -6.97 10.84
N SER E 39 25.87 -7.44 10.28
CA SER E 39 25.93 -8.55 9.35
C SER E 39 25.11 -9.72 9.85
N ILE E 40 24.51 -10.46 8.91
CA ILE E 40 23.77 -11.67 9.28
C ILE E 40 24.78 -12.72 9.81
N ALA E 41 25.98 -12.75 9.16
CA ALA E 41 27.13 -13.55 9.65
C ALA E 41 27.44 -13.38 11.13
N TYR E 42 27.32 -12.13 11.63
CA TYR E 42 27.49 -11.83 13.05
C TYR E 42 26.45 -12.57 13.89
N GLY E 43 25.19 -12.54 13.46
CA GLY E 43 24.13 -13.18 14.21
C GLY E 43 24.39 -14.69 14.17
N ILE E 44 24.83 -15.17 13.03
CA ILE E 44 25.10 -16.59 12.93
C ILE E 44 26.22 -16.93 13.92
N ALA E 45 27.28 -16.13 13.91
CA ALA E 45 28.42 -16.32 14.81
C ALA E 45 27.99 -16.36 16.27
N LYS E 46 27.25 -15.34 16.71
CA LYS E 46 26.76 -15.30 18.06
C LYS E 46 26.10 -16.60 18.41
N ALA E 47 25.26 -17.10 17.50
CA ALA E 47 24.38 -18.23 17.79
C ALA E 47 25.18 -19.54 17.91
N MET E 48 26.16 -19.70 17.03
CA MET E 48 27.00 -20.89 17.05
C MET E 48 28.00 -20.87 18.17
N HIS E 49 28.51 -19.69 18.52
CA HIS E 49 29.41 -19.59 19.66
C HIS E 49 28.71 -19.94 20.91
N ARG E 50 27.52 -19.39 21.11
CA ARG E 50 26.62 -19.79 22.19
C ARG E 50 26.44 -21.31 22.23
N GLU E 51 26.46 -21.96 21.07
CA GLU E 51 26.15 -23.40 21.02
C GLU E 51 27.37 -24.32 21.10
N GLY E 52 28.53 -23.71 21.28
CA GLY E 52 29.78 -24.42 21.55
C GLY E 52 30.63 -24.71 20.33
N ALA E 53 30.30 -24.12 19.19
CA ALA E 53 31.05 -24.38 18.00
C ALA E 53 32.47 -23.76 18.08
N GLU E 54 33.45 -24.33 17.42
CA GLU E 54 34.68 -23.61 17.16
C GLU E 54 34.62 -22.96 15.82
N LEU E 55 34.90 -21.66 15.81
CA LEU E 55 34.66 -20.86 14.62
C LEU E 55 35.90 -20.39 13.91
N ALA E 56 35.78 -20.17 12.61
CA ALA E 56 36.81 -19.59 11.83
C ALA E 56 36.08 -18.65 10.90
N PHE E 57 36.74 -17.60 10.42
CA PHE E 57 36.12 -16.55 9.61
C PHE E 57 36.99 -16.16 8.44
N THR E 58 36.33 -15.72 7.38
CA THR E 58 37.01 -15.09 6.24
C THR E 58 36.72 -13.56 6.13
N TYR E 59 37.56 -12.88 5.35
CA TYR E 59 37.40 -11.45 5.10
C TYR E 59 37.95 -11.14 3.71
N VAL E 60 37.48 -10.03 3.14
CA VAL E 60 37.97 -9.63 1.83
C VAL E 60 39.09 -8.61 1.99
N GLY E 61 40.17 -8.77 1.22
CA GLY E 61 41.44 -8.01 1.32
C GLY E 61 41.51 -6.88 2.35
N GLN E 62 40.87 -5.74 2.02
CA GLN E 62 40.91 -4.50 2.83
C GLN E 62 40.48 -4.59 4.29
N PHE E 63 39.52 -5.44 4.61
CA PHE E 63 38.85 -5.42 5.91
C PHE E 63 39.45 -6.30 7.01
N LYS E 64 40.68 -6.77 6.78
CA LYS E 64 41.41 -7.60 7.72
C LYS E 64 41.24 -7.14 9.19
N ASP E 65 41.61 -5.90 9.48
CA ASP E 65 41.60 -5.36 10.86
C ASP E 65 40.20 -5.24 11.43
N ARG E 66 39.29 -4.70 10.61
CA ARG E 66 37.88 -4.58 10.93
C ARG E 66 37.38 -5.94 11.47
N VAL E 67 37.63 -6.97 10.68
CA VAL E 67 37.09 -8.29 10.94
C VAL E 67 37.72 -8.96 12.15
N GLU E 68 39.05 -8.92 12.23
CA GLU E 68 39.75 -9.51 13.36
C GLU E 68 39.21 -8.98 14.68
N LYS E 69 39.02 -7.66 14.73
CA LYS E 69 38.53 -6.95 15.93
C LYS E 69 37.14 -7.44 16.28
N LEU E 70 36.32 -7.48 15.23
CA LEU E 70 34.93 -7.83 15.34
C LEU E 70 34.70 -9.23 15.86
N CYS E 71 35.43 -10.20 15.30
CA CYS E 71 35.17 -11.59 15.66
C CYS E 71 36.10 -12.16 16.72
N ALA E 72 36.95 -11.33 17.31
CA ALA E 72 37.82 -11.75 18.40
C ALA E 72 37.01 -12.33 19.55
N GLU E 73 35.83 -11.78 19.78
CA GLU E 73 34.96 -12.23 20.89
C GLU E 73 34.50 -13.69 20.77
N PHE E 74 34.64 -14.27 19.58
CA PHE E 74 34.18 -15.64 19.34
C PHE E 74 35.32 -16.67 19.46
N ASN E 75 36.49 -16.17 19.84
CA ASN E 75 37.68 -16.98 20.02
C ASN E 75 37.99 -17.83 18.79
N PRO E 76 38.17 -17.16 17.64
CA PRO E 76 38.29 -17.86 16.39
C PRO E 76 39.57 -18.67 16.26
N ALA E 77 39.45 -19.86 15.71
CA ALA E 77 40.61 -20.68 15.45
C ALA E 77 41.45 -20.16 14.31
N ALA E 78 40.89 -19.27 13.51
CA ALA E 78 41.57 -18.78 12.30
C ALA E 78 40.79 -17.64 11.74
N VAL E 79 41.48 -16.65 11.19
CA VAL E 79 40.82 -15.55 10.51
C VAL E 79 41.60 -15.30 9.24
N LEU E 80 41.03 -15.65 8.09
CA LEU E 80 41.80 -15.84 6.87
C LEU E 80 41.24 -15.06 5.66
N PRO E 81 42.12 -14.66 4.74
CA PRO E 81 41.64 -13.91 3.56
C PRO E 81 40.95 -14.81 2.57
N CYS E 82 39.78 -14.39 2.10
CA CYS E 82 39.11 -15.10 1.04
C CYS E 82 38.16 -14.20 0.26
N ASP E 83 38.66 -13.77 -0.89
CA ASP E 83 37.89 -13.10 -1.90
C ASP E 83 37.43 -14.14 -2.93
N VAL E 84 36.12 -14.43 -2.95
CA VAL E 84 35.61 -15.52 -3.76
C VAL E 84 35.67 -15.26 -5.24
N ILE E 85 36.20 -14.11 -5.63
CA ILE E 85 36.47 -13.86 -7.02
C ILE E 85 37.64 -14.74 -7.48
N SER E 86 38.45 -15.20 -6.53
CA SER E 86 39.73 -15.87 -6.85
C SER E 86 39.76 -17.35 -6.49
N ASP E 87 39.94 -18.18 -7.51
CA ASP E 87 40.01 -19.64 -7.25
C ASP E 87 41.18 -20.00 -6.34
N GLN E 88 42.29 -19.30 -6.55
CA GLN E 88 43.50 -19.51 -5.76
C GLN E 88 43.27 -19.24 -4.27
N GLU E 89 42.63 -18.12 -3.95
CA GLU E 89 42.41 -17.79 -2.58
C GLU E 89 41.55 -18.81 -1.91
N ILE E 90 40.63 -19.41 -2.69
CA ILE E 90 39.64 -20.35 -2.16
C ILE E 90 40.36 -21.65 -1.83
N LYS E 91 41.24 -22.00 -2.75
CA LYS E 91 42.07 -23.15 -2.55
C LYS E 91 42.94 -22.97 -1.27
N ASP E 92 43.52 -21.78 -1.11
CA ASP E 92 44.47 -21.51 -0.01
C ASP E 92 43.77 -21.40 1.33
N LEU E 93 42.49 -21.11 1.28
CA LEU E 93 41.74 -20.97 2.51
C LEU E 93 41.62 -22.35 3.10
N PHE E 94 41.47 -23.36 2.24
CA PHE E 94 41.34 -24.70 2.79
C PHE E 94 42.63 -25.38 3.17
N VAL E 95 43.70 -25.07 2.43
CA VAL E 95 45.05 -25.44 2.82
C VAL E 95 45.36 -24.91 4.23
N GLU E 96 45.14 -23.61 4.47
CA GLU E 96 45.49 -22.99 5.74
C GLU E 96 44.62 -23.48 6.86
N LEU E 97 43.34 -23.60 6.57
CA LEU E 97 42.40 -24.12 7.55
C LEU E 97 42.71 -25.59 7.90
N GLY E 98 43.11 -26.38 6.90
CA GLY E 98 43.58 -27.75 7.13
C GLY E 98 44.81 -27.89 8.05
N LYS E 99 45.66 -26.87 8.14
CA LYS E 99 46.75 -26.84 9.10
C LYS E 99 46.26 -26.70 10.54
N VAL E 100 45.11 -26.06 10.73
CA VAL E 100 44.58 -25.85 12.07
C VAL E 100 43.63 -26.98 12.49
N TRP E 101 42.86 -27.49 11.51
CA TRP E 101 41.78 -28.48 11.79
C TRP E 101 41.94 -29.73 10.97
N ASP E 102 41.49 -30.85 11.52
CA ASP E 102 41.55 -32.13 10.79
C ASP E 102 40.42 -32.29 9.79
N GLY E 103 39.20 -32.19 10.28
CA GLY E 103 38.05 -32.08 9.42
C GLY E 103 37.37 -30.73 9.59
N LEU E 104 36.40 -30.44 8.72
CA LEU E 104 35.55 -29.27 8.79
C LEU E 104 34.11 -29.77 8.94
N ASP E 105 33.36 -29.19 9.86
CA ASP E 105 31.96 -29.60 10.04
C ASP E 105 30.89 -28.84 9.20
N ALA E 106 31.12 -27.56 8.93
CA ALA E 106 30.16 -26.76 8.22
C ALA E 106 30.80 -25.56 7.56
N ILE E 107 30.26 -25.18 6.40
CA ILE E 107 30.55 -23.90 5.77
C ILE E 107 29.27 -23.09 5.77
N VAL E 108 29.33 -21.86 6.29
CA VAL E 108 28.28 -20.87 6.18
C VAL E 108 28.63 -19.83 5.09
N HIS E 109 27.87 -19.83 4.00
CA HIS E 109 28.00 -18.89 2.89
C HIS E 109 27.02 -17.78 3.13
N SER E 110 27.54 -16.56 3.23
CA SER E 110 26.74 -15.40 3.59
C SER E 110 27.44 -14.25 2.92
N ILE E 111 27.55 -14.35 1.62
CA ILE E 111 28.14 -13.31 0.81
C ILE E 111 27.30 -13.15 -0.46
N ALA E 112 27.16 -11.90 -0.88
CA ALA E 112 26.53 -11.53 -2.14
C ALA E 112 27.20 -10.24 -2.64
N PHE E 113 27.10 -9.99 -3.93
CA PHE E 113 27.45 -8.71 -4.48
C PHE E 113 26.91 -8.59 -5.91
N ALA E 114 26.43 -7.40 -6.26
CA ALA E 114 26.27 -7.01 -7.67
C ALA E 114 26.70 -5.55 -7.75
N PRO E 115 27.26 -5.13 -8.91
CA PRO E 115 27.56 -3.69 -9.05
C PRO E 115 26.35 -2.80 -8.73
N ARG E 116 26.60 -1.59 -8.21
CA ARG E 116 25.55 -0.63 -7.80
C ARG E 116 24.44 -0.48 -8.87
N ASP E 117 24.87 -0.32 -10.13
CA ASP E 117 23.98 -0.06 -11.28
C ASP E 117 22.95 -1.18 -11.60
N GLN E 118 23.16 -2.37 -11.02
CA GLN E 118 22.31 -3.52 -11.26
C GLN E 118 21.12 -3.53 -10.33
N LEU E 119 21.09 -2.55 -9.42
CA LEU E 119 20.25 -2.69 -8.24
C LEU E 119 19.15 -1.65 -7.96
N GLU E 120 18.82 -0.83 -8.94
CA GLU E 120 17.58 -0.06 -8.80
C GLU E 120 17.05 0.36 -10.17
N GLY E 121 15.80 0.81 -10.19
CA GLY E 121 15.15 1.13 -11.46
C GLY E 121 14.67 -0.13 -12.19
N ASN E 122 14.44 0.04 -13.48
CA ASN E 122 13.88 -1.00 -14.31
C ASN E 122 14.89 -2.10 -14.65
N PHE E 123 14.53 -3.34 -14.34
CA PHE E 123 15.42 -4.48 -14.58
C PHE E 123 16.07 -4.43 -15.94
N ILE E 124 15.28 -4.25 -16.99
CA ILE E 124 15.82 -4.38 -18.37
C ILE E 124 16.71 -3.19 -18.76
N ASP E 125 16.37 -2.01 -18.25
CA ASP E 125 17.22 -0.82 -18.49
C ASP E 125 18.60 -1.04 -17.89
N CYS E 126 18.60 -1.53 -16.66
CA CYS E 126 19.80 -1.62 -15.82
C CYS E 126 20.70 -2.83 -16.05
N VAL E 127 20.11 -4.01 -16.23
CA VAL E 127 20.90 -5.24 -16.44
C VAL E 127 21.98 -5.06 -17.52
N THR E 128 23.20 -5.47 -17.20
CA THR E 128 24.26 -5.53 -18.24
C THR E 128 24.94 -6.90 -18.27
N ARG E 129 25.56 -7.22 -19.38
CA ARG E 129 26.25 -8.51 -19.50
C ARG E 129 27.26 -8.76 -18.36
N GLU E 130 28.14 -7.80 -18.13
CA GLU E 130 29.17 -7.94 -17.11
C GLU E 130 28.61 -7.90 -15.69
N GLY E 131 27.57 -7.10 -15.46
CA GLY E 131 26.99 -6.99 -14.12
C GLY E 131 26.17 -8.21 -13.73
N PHE E 132 25.57 -8.84 -14.75
CA PHE E 132 24.88 -10.12 -14.64
C PHE E 132 25.93 -11.17 -14.26
N SER E 133 27.02 -11.20 -15.02
CA SER E 133 28.15 -12.11 -14.78
C SER E 133 28.79 -12.04 -13.39
N ILE E 134 29.09 -10.82 -12.94
CA ILE E 134 29.70 -10.59 -11.65
C ILE E 134 28.76 -11.03 -10.54
N ALA E 135 27.50 -10.62 -10.60
CA ALA E 135 26.55 -10.96 -9.54
C ALA E 135 26.46 -12.48 -9.36
N HIS E 136 26.44 -13.22 -10.47
CA HIS E 136 26.36 -14.69 -10.45
C HIS E 136 27.65 -15.31 -9.96
N ASP E 137 28.77 -14.85 -10.52
CA ASP E 137 30.10 -15.25 -10.06
C ASP E 137 30.28 -15.25 -8.53
N ILE E 138 29.84 -14.17 -7.85
CA ILE E 138 30.15 -13.92 -6.45
C ILE E 138 29.01 -14.39 -5.57
N SER E 139 27.79 -14.29 -6.07
CA SER E 139 26.61 -14.60 -5.26
C SER E 139 26.17 -16.04 -5.34
N ALA E 140 26.57 -16.72 -6.42
CA ALA E 140 26.11 -18.08 -6.67
C ALA E 140 27.25 -19.08 -6.91
N TYR E 141 28.15 -18.76 -7.83
CA TYR E 141 29.18 -19.74 -8.17
C TYR E 141 30.06 -20.02 -6.98
N SER E 142 30.26 -18.97 -6.20
CA SER E 142 31.09 -19.04 -5.04
C SER E 142 30.64 -20.13 -4.08
N PHE E 143 29.33 -20.42 -4.06
CA PHE E 143 28.85 -21.41 -3.13
C PHE E 143 29.37 -22.80 -3.51
N ALA E 144 29.29 -23.11 -4.80
CA ALA E 144 29.81 -24.34 -5.34
C ALA E 144 31.31 -24.36 -5.24
N ALA E 145 31.94 -23.21 -5.34
CA ALA E 145 33.39 -23.18 -5.28
C ALA E 145 33.88 -23.56 -3.87
N LEU E 146 33.23 -23.02 -2.85
CA LEU E 146 33.50 -23.41 -1.47
C LEU E 146 33.28 -24.89 -1.23
N ALA E 147 32.25 -25.45 -1.88
CA ALA E 147 31.91 -26.86 -1.74
C ALA E 147 33.02 -27.70 -2.38
N LYS E 148 33.47 -27.24 -3.53
CA LYS E 148 34.37 -27.97 -4.36
C LYS E 148 35.65 -28.16 -3.56
N GLU E 149 36.10 -27.09 -2.90
CA GLU E 149 37.38 -27.08 -2.18
C GLU E 149 37.29 -27.54 -0.73
N GLY E 150 36.13 -27.49 -0.12
CA GLY E 150 35.96 -27.89 1.28
C GLY E 150 35.56 -29.35 1.40
N ARG E 151 35.19 -29.91 0.26
CA ARG E 151 34.63 -31.27 0.16
C ARG E 151 35.44 -32.30 0.93
N SER E 152 36.73 -32.33 0.68
CA SER E 152 37.50 -33.37 1.30
C SER E 152 37.66 -33.17 2.84
N MET E 153 37.62 -31.95 3.35
CA MET E 153 37.67 -31.79 4.80
C MET E 153 36.32 -32.15 5.46
N MET E 154 35.29 -32.29 4.62
CA MET E 154 33.91 -32.45 5.06
C MET E 154 33.35 -33.87 4.96
N LYS E 155 33.99 -34.71 4.15
CA LYS E 155 33.63 -36.15 4.05
C LYS E 155 33.25 -36.84 5.38
N ASN E 156 32.09 -37.48 5.39
CA ASN E 156 31.69 -38.48 6.38
C ASN E 156 31.78 -38.09 7.82
N ARG E 157 31.26 -36.92 8.16
CA ARG E 157 31.13 -36.52 9.55
C ARG E 157 29.83 -35.77 9.80
N ASN E 158 28.78 -36.04 9.00
CA ASN E 158 27.53 -35.26 9.08
C ASN E 158 27.78 -33.78 8.95
N ALA E 159 28.51 -33.39 7.94
CA ALA E 159 28.83 -32.03 7.71
C ALA E 159 27.61 -31.27 7.11
N SER E 160 27.79 -29.93 7.03
CA SER E 160 26.74 -29.03 6.60
C SER E 160 27.24 -27.87 5.75
N MET E 161 26.41 -27.45 4.82
CA MET E 161 26.55 -26.16 4.20
C MET E 161 25.21 -25.43 4.35
N VAL E 162 25.27 -24.11 4.51
CA VAL E 162 24.12 -23.22 4.54
C VAL E 162 24.45 -21.97 3.76
N ALA E 163 23.64 -21.64 2.75
CA ALA E 163 23.74 -20.36 2.04
C ALA E 163 22.61 -19.44 2.49
N LEU E 164 22.85 -18.13 2.42
CA LEU E 164 21.79 -17.13 2.72
C LEU E 164 21.18 -16.65 1.44
N THR E 165 19.86 -16.63 1.38
CA THR E 165 19.14 -16.23 0.17
C THR E 165 17.96 -15.31 0.51
N TYR E 166 17.33 -14.79 -0.54
CA TYR E 166 16.22 -13.86 -0.38
C TYR E 166 15.10 -14.20 -1.37
N ILE E 167 13.84 -14.00 -0.96
CA ILE E 167 12.66 -14.29 -1.75
C ILE E 167 12.64 -13.66 -3.16
N GLY E 168 13.53 -12.72 -3.43
CA GLY E 168 13.63 -12.12 -4.74
C GLY E 168 14.07 -13.14 -5.77
N ALA E 169 14.51 -14.28 -5.27
CA ALA E 169 14.85 -15.43 -6.11
C ALA E 169 13.56 -16.04 -6.70
N GLU E 170 12.54 -16.20 -5.86
CA GLU E 170 11.27 -16.77 -6.27
C GLU E 170 10.35 -15.82 -7.07
N LYS E 171 10.32 -14.54 -6.67
CA LYS E 171 9.39 -13.55 -7.23
C LYS E 171 10.16 -12.38 -7.84
N ALA E 172 9.59 -11.71 -8.84
CA ALA E 172 10.13 -10.43 -9.30
C ALA E 172 9.71 -9.31 -8.32
N MET E 173 10.71 -8.58 -7.84
CA MET E 173 10.50 -7.50 -6.89
C MET E 173 11.08 -6.25 -7.49
N PRO E 174 10.60 -5.08 -7.03
CA PRO E 174 11.26 -3.87 -7.54
C PRO E 174 12.69 -3.76 -6.98
N SER E 175 13.62 -3.20 -7.76
CA SER E 175 15.00 -2.94 -7.30
C SER E 175 15.96 -4.15 -7.27
N TYR E 176 15.55 -5.26 -6.66
CA TYR E 176 16.44 -6.41 -6.46
C TYR E 176 17.11 -6.89 -7.74
N ASN E 177 16.36 -6.83 -8.84
CA ASN E 177 16.87 -7.02 -10.19
C ASN E 177 17.84 -8.16 -10.36
N THR E 178 19.02 -7.84 -10.87
CA THR E 178 20.06 -8.79 -11.08
C THR E 178 20.38 -9.63 -9.83
N MET E 179 20.17 -9.12 -8.63
CA MET E 179 20.42 -9.95 -7.47
C MET E 179 19.37 -11.03 -7.33
N GLY E 180 18.17 -10.74 -7.81
CA GLY E 180 17.08 -11.72 -7.76
C GLY E 180 17.41 -12.91 -8.64
N VAL E 181 17.91 -12.62 -9.83
CA VAL E 181 18.35 -13.62 -10.79
C VAL E 181 19.50 -14.46 -10.22
N ALA E 182 20.50 -13.77 -9.67
CA ALA E 182 21.60 -14.45 -9.00
C ALA E 182 21.13 -15.28 -7.80
N LYS E 183 20.23 -14.76 -7.00
CA LYS E 183 19.73 -15.57 -5.91
C LYS E 183 19.04 -16.85 -6.38
N ALA E 184 18.39 -16.79 -7.55
CA ALA E 184 17.73 -17.97 -8.13
C ALA E 184 18.77 -19.02 -8.50
N SER E 185 19.85 -18.53 -9.11
CA SER E 185 21.04 -19.31 -9.43
C SER E 185 21.62 -19.96 -8.16
N LEU E 186 21.73 -19.16 -7.10
CA LEU E 186 22.25 -19.64 -5.82
C LEU E 186 21.41 -20.81 -5.32
N GLU E 187 20.09 -20.65 -5.31
CA GLU E 187 19.17 -21.70 -4.83
C GLU E 187 19.24 -23.04 -5.63
N ALA E 188 19.50 -22.92 -6.94
CA ALA E 188 19.66 -24.08 -7.80
C ALA E 188 20.99 -24.70 -7.49
N THR E 189 22.02 -23.88 -7.41
CA THR E 189 23.33 -24.35 -6.90
C THR E 189 23.23 -25.08 -5.53
N VAL E 190 22.55 -24.53 -4.57
CA VAL E 190 22.27 -25.30 -3.33
C VAL E 190 21.67 -26.69 -3.57
N ARG E 191 20.74 -26.83 -4.53
CA ARG E 191 20.07 -28.13 -4.73
C ARG E 191 21.02 -29.14 -5.40
N TYR E 192 21.67 -28.71 -6.47
CA TYR E 192 22.65 -29.54 -7.16
C TYR E 192 23.90 -29.82 -6.30
N THR E 193 24.24 -28.87 -5.44
CA THR E 193 25.23 -29.17 -4.45
C THR E 193 24.74 -30.25 -3.49
N ALA E 194 23.47 -30.19 -3.08
CA ALA E 194 22.98 -31.19 -2.11
C ALA E 194 23.02 -32.58 -2.73
N LEU E 195 22.68 -32.63 -4.01
CA LEU E 195 22.59 -33.91 -4.67
C LEU E 195 24.01 -34.41 -4.83
N ALA E 196 24.94 -33.53 -5.24
CA ALA E 196 26.34 -33.93 -5.42
C ALA E 196 27.08 -34.34 -4.11
N LEU E 197 26.80 -33.67 -3.00
CA LEU E 197 27.58 -33.92 -1.79
C LEU E 197 26.95 -34.88 -0.79
N GLY E 198 25.73 -35.31 -1.02
CA GLY E 198 25.04 -36.11 -0.02
C GLY E 198 25.52 -37.55 0.15
N GLU E 199 26.17 -38.07 -0.87
CA GLU E 199 26.79 -39.38 -0.77
C GLU E 199 27.93 -39.31 0.28
N ASP E 200 28.49 -38.12 0.52
CA ASP E 200 29.52 -37.89 1.57
C ASP E 200 28.90 -37.51 2.91
N GLY E 201 27.59 -37.69 3.07
CA GLY E 201 26.92 -37.32 4.33
C GLY E 201 26.80 -35.80 4.53
N ILE E 202 27.00 -34.98 3.50
CA ILE E 202 27.04 -33.53 3.71
C ILE E 202 25.67 -32.95 3.39
N LYS E 203 25.08 -32.25 4.34
CA LYS E 203 23.79 -31.63 4.07
C LYS E 203 23.92 -30.20 3.58
N VAL E 204 23.08 -29.81 2.61
CA VAL E 204 23.19 -28.50 2.02
C VAL E 204 21.81 -27.85 1.98
N ASN E 205 21.72 -26.64 2.52
CA ASN E 205 20.44 -25.96 2.66
C ASN E 205 20.64 -24.47 2.56
N ALA E 206 19.53 -23.73 2.51
CA ALA E 206 19.55 -22.27 2.47
C ALA E 206 18.49 -21.66 3.34
N VAL E 207 18.85 -20.53 3.91
CA VAL E 207 17.91 -19.80 4.77
C VAL E 207 17.55 -18.56 4.01
N SER E 208 16.28 -18.39 3.79
CA SER E 208 15.77 -17.26 3.02
C SER E 208 15.37 -16.17 4.01
N ALA E 209 16.20 -15.18 4.18
CA ALA E 209 15.96 -14.23 5.26
C ALA E 209 14.98 -13.15 4.80
N GLY E 210 14.08 -12.72 5.69
CA GLY E 210 13.39 -11.42 5.54
C GLY E 210 14.42 -10.28 5.46
N PRO E 211 14.01 -9.08 5.02
CA PRO E 211 15.00 -7.98 4.94
C PRO E 211 15.41 -7.51 6.33
N ILE E 212 16.69 -7.14 6.48
CA ILE E 212 17.33 -6.71 7.75
C ILE E 212 18.31 -5.58 7.43
N LYS E 213 18.32 -4.53 8.25
CA LYS E 213 19.18 -3.36 7.95
C LYS E 213 20.68 -3.67 8.22
N THR E 214 21.42 -3.97 7.15
CA THR E 214 22.83 -4.35 7.25
C THR E 214 23.59 -3.50 6.28
N LEU E 215 24.90 -3.70 6.17
CA LEU E 215 25.71 -2.91 5.25
C LEU E 215 25.32 -3.08 3.79
N ALA E 216 24.94 -4.30 3.40
CA ALA E 216 24.49 -4.54 2.04
C ALA E 216 23.19 -3.76 1.78
N ALA E 217 22.35 -3.68 2.83
CA ALA E 217 21.09 -2.96 2.77
C ALA E 217 21.19 -1.45 2.57
N SER E 218 22.31 -0.86 2.97
CA SER E 218 22.49 0.58 2.86
C SER E 218 22.75 1.05 1.43
N GLY E 219 22.92 0.12 0.49
CA GLY E 219 22.95 0.50 -0.94
C GLY E 219 21.57 0.92 -1.48
N ILE E 220 20.51 0.37 -0.89
CA ILE E 220 19.11 0.49 -1.36
C ILE E 220 18.41 1.71 -0.74
N SER E 221 18.00 2.65 -1.59
CA SER E 221 17.65 3.98 -1.08
C SER E 221 16.36 4.07 -0.25
N ASN E 222 15.41 3.15 -0.44
CA ASN E 222 14.17 3.22 0.33
C ASN E 222 13.95 2.07 1.30
N PHE E 223 15.06 1.55 1.78
CA PHE E 223 15.06 0.30 2.51
C PHE E 223 14.13 0.32 3.71
N LYS E 224 14.07 1.46 4.39
CA LYS E 224 13.29 1.55 5.62
C LYS E 224 11.82 1.21 5.35
N LYS E 225 11.41 1.52 4.12
CA LYS E 225 10.04 1.30 3.72
C LYS E 225 9.77 -0.17 3.41
N MET E 226 10.72 -0.81 2.72
CA MET E 226 10.66 -2.25 2.50
C MET E 226 10.52 -2.92 3.83
N LEU E 227 11.32 -2.51 4.80
CA LEU E 227 11.22 -3.06 6.14
C LEU E 227 9.84 -2.87 6.70
N ASP E 228 9.29 -1.67 6.51
CA ASP E 228 8.02 -1.32 7.12
C ASP E 228 6.89 -2.14 6.48
N TYR E 229 6.96 -2.26 5.17
CA TYR E 229 6.00 -3.05 4.44
C TYR E 229 5.99 -4.49 4.90
N ASN E 230 7.19 -5.06 5.02
CA ASN E 230 7.31 -6.43 5.49
C ASN E 230 6.66 -6.57 6.82
N ALA E 231 6.92 -5.65 7.72
CA ALA E 231 6.39 -5.80 9.08
C ALA E 231 4.86 -5.70 9.12
N MET E 232 4.33 -4.89 8.22
CA MET E 232 2.90 -4.70 8.13
C MET E 232 2.20 -5.92 7.55
N VAL E 233 2.77 -6.43 6.46
CA VAL E 233 2.16 -7.46 5.65
C VAL E 233 2.32 -8.88 6.18
N SER E 234 3.45 -9.14 6.86
CA SER E 234 3.75 -10.43 7.49
C SER E 234 2.73 -10.86 8.51
N PRO E 235 2.50 -12.19 8.62
CA PRO E 235 1.60 -12.71 9.64
C PRO E 235 2.04 -12.35 11.04
N LEU E 236 3.34 -12.30 11.27
CA LEU E 236 3.82 -12.05 12.64
C LEU E 236 3.97 -10.54 12.96
N LYS E 237 3.72 -9.70 11.98
CA LYS E 237 3.65 -8.26 12.23
C LYS E 237 4.95 -7.77 12.85
N LYS E 238 6.09 -8.16 12.29
CA LYS E 238 7.38 -7.71 12.79
C LYS E 238 8.46 -7.97 11.73
N ASN E 239 9.63 -7.37 11.91
CA ASN E 239 10.77 -7.66 11.09
C ASN E 239 11.61 -8.72 11.78
N VAL E 240 12.29 -9.56 10.99
CA VAL E 240 13.20 -10.54 11.60
C VAL E 240 14.53 -9.89 11.99
N ASP E 241 15.21 -10.46 12.97
CA ASP E 241 16.54 -9.98 13.30
C ASP E 241 17.60 -11.05 13.05
N ILE E 242 18.88 -10.64 13.13
CA ILE E 242 20.02 -11.53 12.92
C ILE E 242 20.10 -12.73 13.84
N MET E 243 19.57 -12.62 15.06
CA MET E 243 19.44 -13.80 15.94
C MET E 243 18.42 -14.88 15.49
N GLU E 244 17.30 -14.46 14.91
CA GLU E 244 16.36 -15.43 14.40
C GLU E 244 16.96 -16.18 13.21
N VAL E 245 17.59 -15.44 12.30
CA VAL E 245 18.33 -16.04 11.20
C VAL E 245 19.49 -16.93 11.69
N GLY E 246 20.41 -16.35 12.45
CA GLY E 246 21.52 -17.05 13.05
C GLY E 246 21.16 -18.33 13.74
N ASN E 247 20.18 -18.31 14.64
CA ASN E 247 19.71 -19.54 15.30
C ASN E 247 19.27 -20.61 14.31
N THR E 248 18.60 -20.19 13.25
CA THR E 248 18.16 -21.11 12.23
C THR E 248 19.36 -21.73 11.52
N VAL E 249 20.32 -20.87 11.11
CA VAL E 249 21.53 -21.35 10.48
C VAL E 249 22.23 -22.34 11.40
N ALA E 250 22.38 -21.98 12.67
CA ALA E 250 22.98 -22.88 13.66
C ALA E 250 22.29 -24.24 13.63
N PHE E 251 20.96 -24.24 13.66
CA PHE E 251 20.23 -25.49 13.70
C PHE E 251 20.51 -26.36 12.50
N LEU E 252 20.48 -25.74 11.35
CA LEU E 252 20.75 -26.46 10.14
C LEU E 252 22.18 -26.99 10.05
N CYS E 253 23.05 -26.62 10.96
CA CYS E 253 24.39 -27.17 11.05
C CYS E 253 24.49 -28.16 12.19
N SER E 254 23.37 -28.58 12.77
CA SER E 254 23.47 -29.52 13.86
C SER E 254 23.13 -30.95 13.48
N ASP E 255 23.35 -31.87 14.43
CA ASP E 255 22.97 -33.28 14.26
C ASP E 255 21.46 -33.49 14.31
N MET E 256 20.74 -32.48 14.76
CA MET E 256 19.27 -32.59 14.83
C MET E 256 18.67 -32.47 13.42
N ALA E 257 19.39 -31.79 12.52
CA ALA E 257 18.87 -31.48 11.23
C ALA E 257 19.30 -32.46 10.14
N THR E 258 19.81 -33.64 10.53
CA THR E 258 20.43 -34.54 9.54
C THR E 258 19.44 -35.13 8.54
N GLY E 259 18.16 -34.88 8.71
CA GLY E 259 17.18 -35.32 7.75
C GLY E 259 16.82 -34.23 6.75
N ILE E 260 17.52 -33.11 6.74
CA ILE E 260 17.12 -31.96 5.93
C ILE E 260 18.21 -31.62 4.95
N THR E 261 17.91 -31.60 3.65
CA THR E 261 18.89 -31.15 2.67
C THR E 261 18.15 -30.66 1.44
N GLY E 262 18.82 -29.86 0.64
CA GLY E 262 18.23 -29.23 -0.53
C GLY E 262 17.08 -28.33 -0.19
N GLU E 263 17.00 -27.93 1.06
CA GLU E 263 15.88 -27.15 1.51
C GLU E 263 16.14 -25.63 1.59
N VAL E 264 15.10 -24.83 1.29
CA VAL E 264 15.03 -23.38 1.64
C VAL E 264 14.12 -23.19 2.87
N VAL E 265 14.70 -22.70 3.97
CA VAL E 265 13.90 -22.30 5.11
C VAL E 265 13.72 -20.78 5.11
N HIS E 266 12.47 -20.32 5.03
CA HIS E 266 12.17 -18.88 5.10
C HIS E 266 12.18 -18.42 6.53
N VAL E 267 13.08 -17.49 6.82
CA VAL E 267 13.09 -16.87 8.15
C VAL E 267 12.74 -15.39 7.95
N ASP E 268 11.43 -15.10 7.97
CA ASP E 268 10.92 -13.86 7.37
C ASP E 268 9.62 -13.41 7.95
N ALA E 269 9.34 -13.91 9.15
CA ALA E 269 8.13 -13.57 9.89
C ALA E 269 6.86 -13.99 9.13
N GLY E 270 7.03 -14.86 8.13
CA GLY E 270 5.91 -15.43 7.41
C GLY E 270 5.57 -14.73 6.11
N TYR E 271 6.36 -13.73 5.76
CA TYR E 271 6.17 -12.96 4.53
C TYR E 271 5.87 -13.88 3.33
N HIS E 272 6.61 -14.98 3.20
CA HIS E 272 6.58 -15.80 1.99
C HIS E 272 5.24 -16.43 1.74
N CYS E 273 4.42 -16.55 2.75
CA CYS E 273 3.21 -17.33 2.63
C CYS E 273 1.91 -16.53 2.44
N VAL E 274 2.01 -15.21 2.30
CA VAL E 274 0.82 -14.36 2.16
C VAL E 274 0.77 -13.65 0.84
N SER E 275 -0.41 -13.25 0.45
CA SER E 275 -0.49 -12.42 -0.72
C SER E 275 -1.53 -11.35 -0.44
N MET E 276 -1.29 -10.13 -0.90
CA MET E 276 -2.29 -9.05 -0.70
C MET E 276 -2.68 -8.90 0.81
N GLY E 277 -1.74 -8.45 1.64
CA GLY E 277 -1.91 -8.46 3.09
C GLY E 277 -2.94 -7.53 3.70
N ASN E 278 -3.54 -6.68 2.86
CA ASN E 278 -4.83 -5.98 3.15
C ASN E 278 -4.86 -4.47 2.94
N VAL E 279 -3.71 -3.79 3.10
CA VAL E 279 -3.51 -2.43 2.51
C VAL E 279 -2.51 -2.51 1.33
N GLY F 22 -5.91 -17.39 -39.14
CA GLY F 22 -4.86 -17.93 -38.22
C GLY F 22 -4.71 -17.01 -37.01
N PHE F 23 -4.45 -17.54 -35.81
CA PHE F 23 -4.43 -16.71 -34.61
C PHE F 23 -3.14 -15.90 -34.41
N LEU F 24 -2.21 -15.99 -35.35
CA LEU F 24 -1.04 -15.11 -35.35
C LEU F 24 -0.92 -14.33 -36.65
N ALA F 25 -2.06 -14.14 -37.32
CA ALA F 25 -2.08 -13.49 -38.66
C ALA F 25 -1.54 -12.07 -38.54
N GLY F 26 -0.58 -11.76 -39.41
CA GLY F 26 0.03 -10.43 -39.40
C GLY F 26 1.19 -10.20 -38.43
N LYS F 27 1.21 -10.96 -37.33
CA LYS F 27 2.19 -10.75 -36.29
C LYS F 27 3.60 -11.03 -36.79
N LYS F 28 4.53 -10.14 -36.42
CA LYS F 28 5.94 -10.26 -36.85
C LYS F 28 6.78 -10.83 -35.70
N ILE F 29 7.35 -12.01 -35.92
CA ILE F 29 7.95 -12.76 -34.83
C ILE F 29 9.31 -13.22 -35.23
N LEU F 30 10.26 -12.94 -34.32
CA LEU F 30 11.64 -13.38 -34.46
C LEU F 30 11.86 -14.70 -33.71
N ILE F 31 12.38 -15.70 -34.44
CA ILE F 31 12.77 -17.02 -33.89
C ILE F 31 14.28 -17.29 -33.87
N THR F 32 14.81 -17.50 -32.66
CA THR F 32 16.23 -17.85 -32.50
C THR F 32 16.36 -19.36 -32.36
N GLY F 33 17.55 -19.88 -32.58
CA GLY F 33 17.82 -21.27 -32.25
C GLY F 33 17.35 -22.36 -33.18
N LEU F 34 16.98 -22.00 -34.42
CA LEU F 34 16.67 -23.02 -35.42
C LEU F 34 17.96 -23.60 -35.95
N LEU F 35 18.11 -24.93 -35.85
CA LEU F 35 19.38 -25.54 -36.22
C LEU F 35 19.29 -26.79 -37.06
N SER F 36 18.29 -27.62 -36.79
CA SER F 36 17.97 -28.79 -37.61
C SER F 36 16.46 -28.90 -37.62
N ASN F 37 15.91 -29.83 -38.41
CA ASN F 37 14.45 -30.03 -38.39
C ASN F 37 13.94 -30.79 -37.16
N LYS F 38 14.87 -31.13 -36.24
CA LYS F 38 14.51 -31.69 -34.92
C LYS F 38 14.42 -30.58 -33.89
N SER F 39 14.92 -29.39 -34.21
CA SER F 39 15.01 -28.29 -33.24
C SER F 39 13.66 -27.96 -32.68
N ILE F 40 13.59 -27.56 -31.41
CA ILE F 40 12.30 -27.14 -30.87
C ILE F 40 11.83 -25.91 -31.67
N ALA F 41 12.80 -25.06 -32.06
CA ALA F 41 12.53 -23.84 -32.86
C ALA F 41 11.81 -24.18 -34.15
N TYR F 42 12.14 -25.33 -34.73
CA TYR F 42 11.52 -25.78 -35.97
C TYR F 42 10.02 -26.05 -35.75
N GLY F 43 9.69 -26.69 -34.62
CA GLY F 43 8.33 -26.98 -34.27
C GLY F 43 7.64 -25.66 -34.02
N ILE F 44 8.31 -24.74 -33.37
CA ILE F 44 7.73 -23.44 -33.09
C ILE F 44 7.47 -22.72 -34.40
N ALA F 45 8.43 -22.80 -35.32
CA ALA F 45 8.31 -22.21 -36.64
C ALA F 45 7.09 -22.78 -37.37
N LYS F 46 7.03 -24.10 -37.54
CA LYS F 46 5.88 -24.79 -38.14
C LYS F 46 4.54 -24.29 -37.57
N ALA F 47 4.43 -24.21 -36.25
CA ALA F 47 3.17 -23.84 -35.65
C ALA F 47 2.77 -22.38 -35.95
N MET F 48 3.75 -21.48 -35.97
CA MET F 48 3.48 -20.05 -36.17
C MET F 48 3.24 -19.75 -37.62
N HIS F 49 3.91 -20.47 -38.52
CA HIS F 49 3.67 -20.29 -39.97
C HIS F 49 2.25 -20.69 -40.32
N ARG F 50 1.89 -21.92 -39.96
CA ARG F 50 0.51 -22.39 -39.94
C ARG F 50 -0.49 -21.38 -39.36
N GLU F 51 -0.10 -20.55 -38.40
CA GLU F 51 -1.08 -19.61 -37.84
C GLU F 51 -0.98 -18.21 -38.39
N GLY F 52 -0.16 -18.06 -39.44
CA GLY F 52 -0.10 -16.87 -40.29
C GLY F 52 0.87 -15.80 -39.88
N ALA F 53 1.81 -16.15 -39.01
CA ALA F 53 2.82 -15.20 -38.58
C ALA F 53 3.83 -14.97 -39.69
N GLU F 54 4.41 -13.77 -39.70
CA GLU F 54 5.58 -13.51 -40.53
C GLU F 54 6.83 -13.73 -39.68
N LEU F 55 7.76 -14.48 -40.24
CA LEU F 55 8.84 -15.04 -39.47
C LEU F 55 10.19 -14.51 -39.88
N ALA F 56 11.02 -14.24 -38.88
CA ALA F 56 12.45 -14.01 -39.11
C ALA F 56 13.29 -14.91 -38.20
N PHE F 57 14.46 -15.27 -38.68
CA PHE F 57 15.32 -16.26 -38.01
C PHE F 57 16.76 -15.74 -37.80
N THR F 58 17.35 -16.18 -36.68
CA THR F 58 18.79 -16.01 -36.45
C THR F 58 19.57 -17.33 -36.51
N TYR F 59 20.86 -17.20 -36.81
CA TYR F 59 21.82 -18.32 -36.86
C TYR F 59 23.18 -17.90 -36.29
N VAL F 60 23.99 -18.88 -35.91
CA VAL F 60 25.31 -18.60 -35.36
C VAL F 60 26.32 -18.76 -36.48
N GLY F 61 27.22 -17.78 -36.60
CA GLY F 61 28.20 -17.73 -37.67
C GLY F 61 28.24 -18.83 -38.72
N GLN F 62 28.79 -19.99 -38.35
CA GLN F 62 29.06 -21.13 -39.29
C GLN F 62 27.84 -21.68 -40.06
N PHE F 63 26.68 -21.66 -39.42
CA PHE F 63 25.52 -22.38 -39.91
C PHE F 63 24.62 -21.60 -40.89
N LYS F 64 25.10 -20.48 -41.40
CA LYS F 64 24.34 -19.65 -42.33
C LYS F 64 23.57 -20.48 -43.37
N ASP F 65 24.27 -21.32 -44.13
CA ASP F 65 23.68 -22.07 -45.25
C ASP F 65 22.71 -23.11 -44.79
N ARG F 66 23.10 -23.86 -43.76
CA ARG F 66 22.23 -24.85 -43.10
C ARG F 66 20.88 -24.21 -42.82
N VAL F 67 20.90 -23.08 -42.12
CA VAL F 67 19.69 -22.40 -41.61
C VAL F 67 18.81 -21.76 -42.69
N GLU F 68 19.44 -21.10 -43.66
CA GLU F 68 18.72 -20.52 -44.78
C GLU F 68 17.93 -21.56 -45.55
N LYS F 69 18.56 -22.69 -45.84
CA LYS F 69 17.91 -23.83 -46.50
C LYS F 69 16.72 -24.29 -45.67
N LEU F 70 16.97 -24.50 -44.38
CA LEU F 70 16.03 -25.13 -43.49
C LEU F 70 14.77 -24.31 -43.34
N CYS F 71 14.93 -23.01 -43.15
CA CYS F 71 13.77 -22.17 -42.87
C CYS F 71 13.21 -21.45 -44.13
N ALA F 72 13.75 -21.74 -45.30
CA ALA F 72 13.19 -21.21 -46.53
C ALA F 72 11.70 -21.50 -46.61
N GLU F 73 11.31 -22.72 -46.25
CA GLU F 73 9.91 -23.15 -46.30
C GLU F 73 8.93 -22.28 -45.50
N PHE F 74 9.42 -21.46 -44.59
CA PHE F 74 8.55 -20.53 -43.84
C PHE F 74 8.45 -19.11 -44.40
N ASN F 75 9.07 -18.92 -45.56
CA ASN F 75 9.07 -17.66 -46.28
C ASN F 75 9.47 -16.54 -45.37
N PRO F 76 10.71 -16.60 -44.89
CA PRO F 76 11.15 -15.69 -43.83
C PRO F 76 11.37 -14.27 -44.36
N ALA F 77 10.97 -13.26 -43.57
CA ALA F 77 11.27 -11.86 -43.89
C ALA F 77 12.78 -11.50 -43.82
N ALA F 78 13.54 -12.30 -43.08
CA ALA F 78 14.97 -12.04 -42.84
C ALA F 78 15.60 -13.24 -42.15
N VAL F 79 16.82 -13.54 -42.56
CA VAL F 79 17.63 -14.58 -41.94
C VAL F 79 19.00 -13.94 -41.59
N LEU F 80 19.20 -13.69 -40.30
CA LEU F 80 20.27 -12.81 -39.84
C LEU F 80 21.23 -13.45 -38.82
N PRO F 81 22.53 -13.08 -38.87
CA PRO F 81 23.49 -13.60 -37.88
C PRO F 81 23.25 -13.04 -36.47
N CYS F 82 23.23 -13.92 -35.48
CA CYS F 82 23.20 -13.47 -34.10
C CYS F 82 23.75 -14.50 -33.14
N ASP F 83 25.02 -14.33 -32.82
CA ASP F 83 25.68 -15.06 -31.77
C ASP F 83 25.51 -14.27 -30.48
N VAL F 84 24.71 -14.77 -29.56
CA VAL F 84 24.39 -14.02 -28.33
C VAL F 84 25.55 -13.82 -27.34
N ILE F 85 26.73 -14.32 -27.69
CA ILE F 85 27.91 -13.98 -26.92
C ILE F 85 28.25 -12.49 -27.11
N SER F 86 27.86 -11.91 -28.26
CA SER F 86 28.29 -10.57 -28.69
C SER F 86 27.18 -9.50 -28.57
N ASP F 87 27.39 -8.51 -27.70
CA ASP F 87 26.45 -7.38 -27.57
C ASP F 87 26.25 -6.63 -28.89
N GLN F 88 27.31 -6.54 -29.69
CA GLN F 88 27.27 -5.87 -30.99
C GLN F 88 26.30 -6.56 -31.97
N GLU F 89 26.53 -7.85 -32.21
CA GLU F 89 25.65 -8.64 -33.07
C GLU F 89 24.20 -8.55 -32.66
N ILE F 90 23.93 -8.49 -31.35
CA ILE F 90 22.56 -8.39 -30.86
C ILE F 90 21.99 -7.03 -31.24
N LYS F 91 22.81 -6.01 -31.09
CA LYS F 91 22.40 -4.66 -31.43
C LYS F 91 22.13 -4.56 -32.92
N ASP F 92 22.96 -5.22 -33.72
CA ASP F 92 22.85 -5.16 -35.19
C ASP F 92 21.70 -6.00 -35.73
N LEU F 93 21.29 -6.99 -34.94
CA LEU F 93 20.15 -7.80 -35.31
C LEU F 93 18.93 -6.92 -35.33
N PHE F 94 18.79 -6.03 -34.35
CA PHE F 94 17.61 -5.17 -34.32
C PHE F 94 17.61 -3.97 -35.24
N VAL F 95 18.81 -3.50 -35.59
CA VAL F 95 18.99 -2.49 -36.61
C VAL F 95 18.57 -3.04 -37.97
N GLU F 96 19.10 -4.20 -38.36
CA GLU F 96 18.76 -4.81 -39.65
C GLU F 96 17.30 -5.23 -39.76
N LEU F 97 16.77 -5.77 -38.66
CA LEU F 97 15.40 -6.20 -38.61
C LEU F 97 14.52 -4.98 -38.73
N GLY F 98 14.90 -3.89 -38.07
CA GLY F 98 14.19 -2.60 -38.13
C GLY F 98 14.08 -2.01 -39.53
N LYS F 99 15.00 -2.39 -40.41
CA LYS F 99 14.93 -2.02 -41.82
C LYS F 99 13.84 -2.78 -42.60
N VAL F 100 13.49 -3.97 -42.12
CA VAL F 100 12.50 -4.78 -42.79
C VAL F 100 11.10 -4.59 -42.17
N TRP F 101 11.03 -4.37 -40.85
CA TRP F 101 9.74 -4.29 -40.13
C TRP F 101 9.64 -3.04 -39.33
N ASP F 102 8.42 -2.55 -39.13
CA ASP F 102 8.25 -1.34 -38.34
C ASP F 102 8.25 -1.62 -36.86
N GLY F 103 7.40 -2.56 -36.46
CA GLY F 103 7.39 -3.09 -35.11
C GLY F 103 7.73 -4.57 -35.09
N LEU F 104 7.88 -5.12 -33.89
CA LEU F 104 8.16 -6.54 -33.70
C LEU F 104 7.10 -7.02 -32.74
N ASP F 105 6.48 -8.15 -33.05
CA ASP F 105 5.43 -8.68 -32.16
C ASP F 105 5.88 -9.66 -31.06
N ALA F 106 6.94 -10.42 -31.35
CA ALA F 106 7.39 -11.42 -30.43
C ALA F 106 8.83 -11.83 -30.66
N ILE F 107 9.48 -12.12 -29.54
CA ILE F 107 10.79 -12.80 -29.62
C ILE F 107 10.69 -14.20 -29.05
N VAL F 108 11.19 -15.17 -29.82
CA VAL F 108 11.28 -16.52 -29.33
C VAL F 108 12.74 -16.91 -29.04
N HIS F 109 13.01 -17.09 -27.74
CA HIS F 109 14.36 -17.48 -27.23
C HIS F 109 14.40 -18.97 -27.05
N SER F 110 15.19 -19.61 -27.89
CA SER F 110 15.27 -21.06 -27.86
C SER F 110 16.74 -21.39 -28.10
N ILE F 111 17.58 -20.93 -27.17
CA ILE F 111 19.00 -21.20 -27.26
C ILE F 111 19.51 -21.50 -25.86
N ALA F 112 20.46 -22.43 -25.81
CA ALA F 112 21.16 -22.77 -24.59
C ALA F 112 22.52 -23.30 -24.98
N PHE F 113 23.47 -23.22 -24.05
CA PHE F 113 24.78 -23.83 -24.19
C PHE F 113 25.46 -23.86 -22.83
N ALA F 114 26.21 -24.94 -22.59
CA ALA F 114 27.25 -25.04 -21.57
C ALA F 114 28.37 -25.88 -22.19
N PRO F 115 29.65 -25.64 -21.79
CA PRO F 115 30.70 -26.51 -22.31
C PRO F 115 30.43 -28.00 -21.92
N ARG F 116 30.81 -28.92 -22.83
CA ARG F 116 30.67 -30.39 -22.65
C ARG F 116 30.94 -30.83 -21.19
N ASP F 117 32.06 -30.36 -20.62
CA ASP F 117 32.51 -30.81 -19.29
C ASP F 117 31.56 -30.46 -18.13
N GLN F 118 30.58 -29.61 -18.40
CA GLN F 118 29.68 -29.13 -17.37
C GLN F 118 28.51 -30.06 -17.21
N LEU F 119 28.45 -31.08 -18.05
CA LEU F 119 27.18 -31.74 -18.33
C LEU F 119 27.07 -33.25 -18.13
N GLU F 120 28.02 -33.86 -17.44
CA GLU F 120 27.73 -35.21 -16.92
C GLU F 120 28.62 -35.49 -15.71
N GLY F 121 28.32 -36.53 -14.97
CA GLY F 121 29.07 -36.75 -13.73
C GLY F 121 28.57 -35.88 -12.58
N ASN F 122 29.35 -35.85 -11.54
CA ASN F 122 28.98 -35.17 -10.30
C ASN F 122 29.11 -33.64 -10.44
N PHE F 123 28.05 -32.94 -10.07
CA PHE F 123 27.98 -31.52 -10.21
C PHE F 123 29.23 -30.82 -9.68
N ILE F 124 29.52 -31.11 -8.41
CA ILE F 124 30.64 -30.42 -7.78
C ILE F 124 31.98 -30.75 -8.44
N ASP F 125 32.20 -32.00 -8.87
CA ASP F 125 33.46 -32.35 -9.53
C ASP F 125 33.64 -31.60 -10.80
N CYS F 126 32.54 -31.37 -11.50
CA CYS F 126 32.55 -30.88 -12.88
C CYS F 126 32.40 -29.37 -13.01
N VAL F 127 31.59 -28.77 -12.14
CA VAL F 127 31.38 -27.35 -12.23
C VAL F 127 32.72 -26.53 -12.19
N THR F 128 32.91 -25.64 -13.16
CA THR F 128 34.06 -24.74 -13.12
C THR F 128 33.60 -23.28 -13.16
N ARG F 129 34.48 -22.36 -12.78
CA ARG F 129 34.12 -20.94 -12.78
C ARG F 129 33.78 -20.45 -14.20
N GLU F 130 34.57 -20.83 -15.19
CA GLU F 130 34.33 -20.32 -16.51
C GLU F 130 33.12 -21.01 -17.17
N GLY F 131 32.97 -22.30 -16.93
CA GLY F 131 31.85 -23.06 -17.46
C GLY F 131 30.51 -22.59 -16.89
N PHE F 132 30.51 -22.20 -15.62
CA PHE F 132 29.32 -21.70 -14.97
C PHE F 132 28.98 -20.38 -15.60
N SER F 133 30.03 -19.58 -15.83
CA SER F 133 29.88 -18.27 -16.44
C SER F 133 29.32 -18.35 -17.86
N ILE F 134 29.91 -19.16 -18.71
CA ILE F 134 29.49 -19.26 -20.10
C ILE F 134 28.03 -19.75 -20.20
N ALA F 135 27.71 -20.82 -19.49
CA ALA F 135 26.34 -21.33 -19.44
C ALA F 135 25.32 -20.24 -19.11
N HIS F 136 25.56 -19.45 -18.05
CA HIS F 136 24.66 -18.32 -17.69
C HIS F 136 24.63 -17.20 -18.74
N ASP F 137 25.81 -16.87 -19.27
CA ASP F 137 25.93 -15.86 -20.30
C ASP F 137 24.98 -16.19 -21.45
N ILE F 138 25.11 -17.40 -22.00
CA ILE F 138 24.44 -17.78 -23.23
C ILE F 138 23.02 -18.29 -23.03
N SER F 139 22.75 -18.87 -21.87
CA SER F 139 21.49 -19.54 -21.62
C SER F 139 20.50 -18.67 -20.88
N ALA F 140 21.00 -17.67 -20.21
CA ALA F 140 20.14 -16.83 -19.37
C ALA F 140 20.30 -15.33 -19.68
N TYR F 141 21.54 -14.84 -19.67
CA TYR F 141 21.73 -13.42 -19.86
C TYR F 141 21.20 -13.03 -21.26
N SER F 142 21.42 -13.91 -22.21
CA SER F 142 21.03 -13.64 -23.56
C SER F 142 19.53 -13.32 -23.71
N PHE F 143 18.69 -13.78 -22.79
CA PHE F 143 17.28 -13.48 -22.87
C PHE F 143 17.02 -12.02 -22.60
N ALA F 144 17.53 -11.53 -21.46
CA ALA F 144 17.47 -10.11 -21.10
C ALA F 144 18.13 -9.23 -22.19
N ALA F 145 19.13 -9.74 -22.89
CA ALA F 145 19.84 -8.95 -23.86
C ALA F 145 19.00 -8.75 -25.10
N LEU F 146 18.29 -9.79 -25.51
CA LEU F 146 17.28 -9.67 -26.56
C LEU F 146 16.14 -8.74 -26.13
N ALA F 147 15.76 -8.79 -24.86
CA ALA F 147 14.70 -7.94 -24.37
C ALA F 147 15.14 -6.47 -24.44
N LYS F 148 16.38 -6.22 -24.00
CA LYS F 148 16.99 -4.90 -23.93
C LYS F 148 16.99 -4.25 -25.31
N GLU F 149 17.41 -5.01 -26.30
CA GLU F 149 17.58 -4.46 -27.65
C GLU F 149 16.33 -4.53 -28.51
N GLY F 150 15.36 -5.34 -28.11
CA GLY F 150 14.18 -5.49 -28.92
C GLY F 150 13.09 -4.58 -28.41
N ARG F 151 13.26 -4.14 -27.17
CA ARG F 151 12.27 -3.37 -26.42
C ARG F 151 11.57 -2.26 -27.19
N SER F 152 12.35 -1.42 -27.85
CA SER F 152 11.71 -0.31 -28.55
C SER F 152 10.86 -0.77 -29.76
N MET F 153 11.30 -1.78 -30.53
CA MET F 153 10.46 -2.29 -31.61
C MET F 153 9.17 -2.96 -31.12
N MET F 154 9.05 -3.21 -29.81
CA MET F 154 7.98 -4.04 -29.23
C MET F 154 6.99 -3.26 -28.40
N LYS F 155 7.34 -2.00 -28.08
CA LYS F 155 6.47 -1.11 -27.32
C LYS F 155 5.01 -1.14 -27.79
N ASN F 156 4.09 -1.28 -26.84
CA ASN F 156 2.63 -1.05 -27.05
C ASN F 156 1.98 -1.63 -28.30
N ARG F 157 2.15 -2.94 -28.51
CA ARG F 157 1.41 -3.67 -29.52
C ARG F 157 1.08 -5.10 -29.06
N ASN F 158 0.76 -5.27 -27.78
CA ASN F 158 0.62 -6.61 -27.15
C ASN F 158 1.70 -7.59 -27.59
N ALA F 159 2.94 -7.20 -27.40
CA ALA F 159 4.02 -8.03 -27.84
C ALA F 159 4.27 -9.14 -26.80
N SER F 160 5.16 -10.05 -27.20
CA SER F 160 5.46 -11.25 -26.43
C SER F 160 6.92 -11.66 -26.45
N MET F 161 7.35 -12.22 -25.32
CA MET F 161 8.59 -13.00 -25.28
C MET F 161 8.33 -14.40 -24.72
N VAL F 162 9.00 -15.38 -25.32
CA VAL F 162 8.96 -16.75 -24.83
C VAL F 162 10.36 -17.36 -24.80
N ALA F 163 10.68 -17.91 -23.63
CA ALA F 163 11.95 -18.65 -23.49
C ALA F 163 11.63 -20.13 -23.27
N LEU F 164 12.53 -20.97 -23.80
CA LEU F 164 12.46 -22.42 -23.52
C LEU F 164 13.25 -22.81 -22.30
N THR F 165 12.60 -23.48 -21.37
CA THR F 165 13.31 -23.92 -20.16
C THR F 165 13.14 -25.45 -19.94
N TYR F 166 13.72 -25.95 -18.84
CA TYR F 166 13.65 -27.40 -18.49
C TYR F 166 13.52 -27.57 -16.99
N ILE F 167 12.87 -28.64 -16.55
CA ILE F 167 12.52 -28.80 -15.12
C ILE F 167 13.77 -28.96 -14.20
N GLY F 168 14.94 -29.09 -14.84
CA GLY F 168 16.23 -29.14 -14.15
C GLY F 168 16.52 -27.84 -13.44
N ALA F 169 15.82 -26.79 -13.84
CA ALA F 169 15.84 -25.52 -13.16
C ALA F 169 15.24 -25.67 -11.76
N GLU F 170 14.16 -26.45 -11.62
CA GLU F 170 13.42 -26.56 -10.36
C GLU F 170 13.95 -27.63 -9.40
N LYS F 171 14.50 -28.71 -9.97
CA LYS F 171 14.96 -29.88 -9.22
C LYS F 171 16.38 -30.25 -9.57
N ALA F 172 17.08 -30.89 -8.66
CA ALA F 172 18.42 -31.39 -9.01
C ALA F 172 18.28 -32.73 -9.69
N MET F 173 18.87 -32.80 -10.88
CA MET F 173 18.82 -33.99 -11.72
C MET F 173 20.21 -34.46 -12.06
N PRO F 174 20.37 -35.77 -12.28
CA PRO F 174 21.71 -36.19 -12.73
C PRO F 174 22.01 -35.57 -14.07
N SER F 175 23.28 -35.30 -14.30
CA SER F 175 23.83 -34.81 -15.59
C SER F 175 23.59 -33.35 -15.96
N TYR F 176 22.36 -32.89 -15.85
CA TYR F 176 22.04 -31.54 -16.28
C TYR F 176 22.94 -30.47 -15.64
N ASN F 177 23.14 -30.55 -14.32
CA ASN F 177 24.26 -29.84 -13.65
C ASN F 177 24.18 -28.33 -13.88
N THR F 178 25.24 -27.81 -14.53
CA THR F 178 25.41 -26.40 -14.71
C THR F 178 24.30 -25.84 -15.57
N MET F 179 23.77 -26.63 -16.50
CA MET F 179 22.57 -26.18 -17.22
C MET F 179 21.35 -26.00 -16.34
N GLY F 180 21.22 -26.79 -15.29
CA GLY F 180 20.06 -26.70 -14.40
C GLY F 180 20.11 -25.37 -13.72
N VAL F 181 21.33 -24.98 -13.30
CA VAL F 181 21.53 -23.73 -12.54
C VAL F 181 21.27 -22.59 -13.51
N ALA F 182 21.84 -22.68 -14.71
CA ALA F 182 21.59 -21.66 -15.69
C ALA F 182 20.07 -21.54 -16.05
N LYS F 183 19.39 -22.68 -16.23
CA LYS F 183 17.92 -22.62 -16.40
C LYS F 183 17.22 -21.94 -15.27
N ALA F 184 17.68 -22.15 -14.03
CA ALA F 184 17.09 -21.40 -12.90
C ALA F 184 17.21 -19.89 -13.06
N SER F 185 18.40 -19.47 -13.45
CA SER F 185 18.73 -18.10 -13.78
C SER F 185 17.80 -17.61 -14.90
N LEU F 186 17.69 -18.38 -15.99
CA LEU F 186 16.76 -18.04 -17.10
C LEU F 186 15.34 -17.75 -16.64
N GLU F 187 14.83 -18.59 -15.76
CA GLU F 187 13.47 -18.43 -15.28
C GLU F 187 13.29 -17.18 -14.46
N ALA F 188 14.34 -16.79 -13.75
CA ALA F 188 14.23 -15.63 -12.88
C ALA F 188 14.33 -14.45 -13.80
N THR F 189 15.21 -14.50 -14.78
CA THR F 189 15.32 -13.46 -15.78
C THR F 189 13.95 -13.26 -16.47
N VAL F 190 13.28 -14.34 -16.87
CA VAL F 190 11.93 -14.24 -17.41
C VAL F 190 10.98 -13.45 -16.47
N ARG F 191 10.98 -13.75 -15.17
CA ARG F 191 10.11 -13.02 -14.25
C ARG F 191 10.45 -11.52 -14.10
N TYR F 192 11.73 -11.21 -14.00
CA TYR F 192 12.16 -9.83 -13.85
C TYR F 192 11.99 -9.10 -15.14
N THR F 193 12.16 -9.81 -16.25
CA THR F 193 11.89 -9.20 -17.57
C THR F 193 10.39 -8.91 -17.68
N ALA F 194 9.56 -9.75 -17.07
CA ALA F 194 8.14 -9.60 -17.24
C ALA F 194 7.71 -8.36 -16.53
N LEU F 195 8.18 -8.21 -15.29
CA LEU F 195 7.95 -7.05 -14.46
C LEU F 195 8.49 -5.79 -15.11
N ALA F 196 9.69 -5.85 -15.69
CA ALA F 196 10.29 -4.70 -16.37
C ALA F 196 9.63 -4.26 -17.68
N LEU F 197 9.13 -5.22 -18.46
CA LEU F 197 8.54 -4.90 -19.78
C LEU F 197 7.00 -4.80 -19.82
N GLY F 198 6.32 -5.16 -18.75
CA GLY F 198 4.87 -5.12 -18.72
C GLY F 198 4.18 -3.76 -18.86
N GLU F 199 4.85 -2.69 -18.45
CA GLU F 199 4.34 -1.34 -18.63
C GLU F 199 4.27 -0.98 -20.13
N ASP F 200 5.05 -1.65 -20.97
CA ASP F 200 4.98 -1.47 -22.43
C ASP F 200 4.02 -2.45 -23.09
N GLY F 201 3.18 -3.11 -22.27
CA GLY F 201 2.29 -4.20 -22.73
C GLY F 201 2.95 -5.47 -23.28
N ILE F 202 4.21 -5.71 -22.92
CA ILE F 202 4.92 -6.89 -23.41
C ILE F 202 4.75 -8.03 -22.41
N LYS F 203 4.26 -9.15 -22.91
CA LYS F 203 4.17 -10.33 -22.05
C LYS F 203 5.38 -11.24 -22.22
N VAL F 204 5.83 -11.79 -21.08
CA VAL F 204 7.07 -12.56 -21.03
C VAL F 204 6.86 -13.85 -20.27
N ASN F 205 7.08 -14.94 -20.99
CA ASN F 205 6.81 -16.28 -20.46
C ASN F 205 7.84 -17.34 -20.82
N ALA F 206 7.77 -18.46 -20.11
CA ALA F 206 8.56 -19.64 -20.50
C ALA F 206 7.73 -20.91 -20.68
N VAL F 207 8.12 -21.70 -21.66
CA VAL F 207 7.60 -23.05 -21.79
C VAL F 207 8.69 -24.00 -21.36
N SER F 208 8.36 -24.81 -20.37
CA SER F 208 9.24 -25.83 -19.81
C SER F 208 9.00 -27.17 -20.52
N ALA F 209 9.74 -27.48 -21.56
CA ALA F 209 9.55 -28.67 -22.37
C ALA F 209 10.05 -29.94 -21.69
N GLY F 210 9.31 -31.03 -21.82
CA GLY F 210 9.85 -32.36 -21.50
C GLY F 210 10.99 -32.65 -22.48
N PRO F 211 11.78 -33.71 -22.18
CA PRO F 211 12.95 -33.99 -23.03
C PRO F 211 12.51 -34.44 -24.42
N ILE F 212 13.27 -34.02 -25.45
CA ILE F 212 13.03 -34.29 -26.87
C ILE F 212 14.40 -34.52 -27.52
N LYS F 213 14.50 -35.50 -28.42
CA LYS F 213 15.74 -35.85 -29.07
C LYS F 213 16.06 -34.81 -30.12
N THR F 214 16.87 -33.84 -29.76
CA THR F 214 17.31 -32.77 -30.68
C THR F 214 18.83 -32.75 -30.73
N LEU F 215 19.43 -31.83 -31.47
CA LEU F 215 20.87 -31.80 -31.54
C LEU F 215 21.54 -31.56 -30.15
N ALA F 216 20.94 -30.71 -29.32
CA ALA F 216 21.47 -30.44 -28.00
C ALA F 216 21.43 -31.72 -27.17
N ALA F 217 20.43 -32.55 -27.42
CA ALA F 217 20.26 -33.77 -26.70
C ALA F 217 21.31 -34.83 -27.04
N SER F 218 21.96 -34.71 -28.20
CA SER F 218 22.96 -35.71 -28.61
C SER F 218 24.30 -35.62 -27.84
N GLY F 219 24.50 -34.57 -27.08
CA GLY F 219 25.63 -34.51 -26.14
C GLY F 219 25.51 -35.47 -24.95
N ILE F 220 24.28 -35.78 -24.53
CA ILE F 220 23.97 -36.58 -23.33
C ILE F 220 23.95 -38.08 -23.64
N SER F 221 24.80 -38.86 -22.99
CA SER F 221 25.08 -40.20 -23.50
C SER F 221 23.97 -41.23 -23.36
N ASN F 222 23.11 -41.09 -22.33
CA ASN F 222 22.04 -42.07 -22.13
C ASN F 222 20.63 -41.54 -22.42
N PHE F 223 20.54 -40.66 -23.41
CA PHE F 223 19.37 -39.80 -23.56
C PHE F 223 18.07 -40.57 -23.83
N LYS F 224 18.20 -41.68 -24.58
CA LYS F 224 17.06 -42.56 -24.86
C LYS F 224 16.39 -43.08 -23.58
N LYS F 225 17.20 -43.31 -22.54
CA LYS F 225 16.71 -43.75 -21.26
C LYS F 225 16.00 -42.68 -20.47
N MET F 226 16.50 -41.45 -20.56
CA MET F 226 15.79 -40.33 -19.93
C MET F 226 14.42 -40.26 -20.56
N LEU F 227 14.40 -40.31 -21.91
CA LEU F 227 13.15 -40.32 -22.68
C LEU F 227 12.19 -41.41 -22.21
N ASP F 228 12.64 -42.66 -22.19
CA ASP F 228 11.83 -43.81 -21.78
C ASP F 228 11.33 -43.69 -20.37
N TYR F 229 12.19 -43.25 -19.47
CA TYR F 229 11.77 -42.97 -18.09
C TYR F 229 10.67 -41.91 -18.01
N ASN F 230 10.84 -40.82 -18.77
CA ASN F 230 9.82 -39.79 -18.78
C ASN F 230 8.48 -40.38 -19.24
N ALA F 231 8.49 -41.17 -20.32
CA ALA F 231 7.26 -41.67 -20.88
C ALA F 231 6.63 -42.61 -19.86
N MET F 232 7.45 -43.38 -19.14
CA MET F 232 6.90 -44.32 -18.21
C MET F 232 6.25 -43.65 -17.01
N VAL F 233 6.88 -42.59 -16.55
CA VAL F 233 6.49 -42.01 -15.29
C VAL F 233 5.41 -40.94 -15.42
N SER F 234 5.45 -40.16 -16.51
CA SER F 234 4.39 -39.19 -16.90
C SER F 234 2.98 -39.72 -16.87
N PRO F 235 2.01 -38.86 -16.43
CA PRO F 235 0.59 -39.22 -16.42
C PRO F 235 0.10 -39.55 -17.80
N LEU F 236 0.66 -38.92 -18.85
CA LEU F 236 0.17 -39.19 -20.20
C LEU F 236 0.90 -40.34 -20.91
N LYS F 237 1.82 -40.98 -20.23
CA LYS F 237 2.49 -42.18 -20.77
C LYS F 237 3.03 -41.90 -22.17
N LYS F 238 3.68 -40.76 -22.37
CA LYS F 238 4.26 -40.53 -23.72
C LYS F 238 5.32 -39.46 -23.60
N ASN F 239 6.05 -39.28 -24.67
CA ASN F 239 7.01 -38.21 -24.74
C ASN F 239 6.34 -37.07 -25.47
N VAL F 240 6.60 -35.82 -25.10
CA VAL F 240 6.17 -34.70 -25.94
C VAL F 240 6.96 -34.57 -27.24
N ASP F 241 6.36 -33.92 -28.24
CA ASP F 241 7.09 -33.61 -29.48
C ASP F 241 7.15 -32.11 -29.75
N ILE F 242 7.94 -31.74 -30.76
CA ILE F 242 8.14 -30.33 -31.13
C ILE F 242 6.87 -29.56 -31.46
N MET F 243 5.85 -30.25 -31.99
CA MET F 243 4.60 -29.61 -32.29
C MET F 243 3.84 -29.24 -31.03
N GLU F 244 3.84 -30.13 -30.04
CA GLU F 244 3.16 -29.80 -28.81
C GLU F 244 3.77 -28.57 -28.14
N VAL F 245 5.09 -28.47 -28.23
CA VAL F 245 5.81 -27.38 -27.67
C VAL F 245 5.52 -26.17 -28.54
N GLY F 246 5.86 -26.27 -29.83
CA GLY F 246 5.61 -25.22 -30.80
C GLY F 246 4.25 -24.58 -30.68
N ASN F 247 3.19 -25.41 -30.68
CA ASN F 247 1.83 -24.92 -30.52
C ASN F 247 1.67 -24.09 -29.30
N THR F 248 2.24 -24.51 -28.17
CA THR F 248 2.16 -23.73 -26.94
C THR F 248 2.91 -22.38 -27.02
N VAL F 249 4.09 -22.39 -27.67
CA VAL F 249 4.81 -21.17 -27.85
C VAL F 249 3.95 -20.23 -28.72
N ALA F 250 3.45 -20.75 -29.84
CA ALA F 250 2.54 -20.01 -30.68
C ALA F 250 1.41 -19.35 -29.87
N PHE F 251 0.68 -20.13 -29.08
CA PHE F 251 -0.35 -19.56 -28.26
C PHE F 251 0.11 -18.44 -27.38
N LEU F 252 1.26 -18.64 -26.74
CA LEU F 252 1.75 -17.63 -25.79
C LEU F 252 2.22 -16.36 -26.47
N CYS F 253 2.34 -16.39 -27.80
CA CYS F 253 2.52 -15.17 -28.60
C CYS F 253 1.25 -14.60 -29.22
N SER F 254 0.07 -15.05 -28.78
CA SER F 254 -1.17 -14.58 -29.39
C SER F 254 -1.96 -13.62 -28.49
N ASP F 255 -2.96 -12.95 -29.09
CA ASP F 255 -3.83 -12.02 -28.35
C ASP F 255 -4.71 -12.73 -27.34
N MET F 256 -4.77 -14.06 -27.48
CA MET F 256 -5.61 -14.88 -26.58
C MET F 256 -4.91 -15.04 -25.25
N ALA F 257 -3.58 -14.89 -25.24
CA ALA F 257 -2.84 -15.12 -24.03
C ALA F 257 -2.53 -13.82 -23.25
N THR F 258 -3.24 -12.74 -23.55
CA THR F 258 -2.80 -11.45 -23.05
C THR F 258 -2.98 -11.30 -21.57
N GLY F 259 -3.59 -12.27 -20.91
CA GLY F 259 -3.64 -12.23 -19.45
C GLY F 259 -2.52 -13.02 -18.77
N ILE F 260 -1.57 -13.51 -19.56
CA ILE F 260 -0.52 -14.38 -19.03
C ILE F 260 0.89 -13.77 -19.13
N THR F 261 1.54 -13.60 -17.99
CA THR F 261 2.94 -13.16 -17.98
C THR F 261 3.68 -13.64 -16.70
N GLY F 262 4.99 -13.77 -16.85
CA GLY F 262 5.82 -14.31 -15.80
C GLY F 262 5.55 -15.77 -15.50
N GLU F 263 5.10 -16.49 -16.51
CA GLU F 263 4.60 -17.80 -16.23
C GLU F 263 5.52 -18.81 -16.91
N VAL F 264 5.63 -19.96 -16.27
CA VAL F 264 6.27 -21.16 -16.84
C VAL F 264 5.17 -22.19 -17.12
N VAL F 265 5.03 -22.50 -18.39
CA VAL F 265 4.08 -23.53 -18.80
C VAL F 265 4.81 -24.85 -19.09
N HIS F 266 4.58 -25.86 -18.25
CA HIS F 266 5.16 -27.19 -18.50
C HIS F 266 4.51 -27.90 -19.65
N VAL F 267 5.29 -28.14 -20.70
CA VAL F 267 4.83 -28.97 -21.79
C VAL F 267 5.64 -30.26 -21.80
N ASP F 268 5.22 -31.20 -20.96
CA ASP F 268 6.05 -32.35 -20.59
C ASP F 268 5.26 -33.63 -20.26
N ALA F 269 4.06 -33.75 -20.84
CA ALA F 269 3.17 -34.90 -20.62
C ALA F 269 2.89 -35.13 -19.13
N GLY F 270 3.02 -34.07 -18.34
CA GLY F 270 2.61 -34.08 -16.95
C GLY F 270 3.68 -34.53 -15.97
N TYR F 271 4.88 -34.74 -16.47
CA TYR F 271 6.02 -35.14 -15.64
C TYR F 271 6.16 -34.31 -14.38
N HIS F 272 6.06 -32.99 -14.51
CA HIS F 272 6.28 -32.06 -13.41
C HIS F 272 5.43 -32.32 -12.23
N CYS F 273 4.30 -32.98 -12.36
CA CYS F 273 3.37 -33.00 -11.24
C CYS F 273 3.34 -34.33 -10.47
N VAL F 274 4.12 -35.30 -10.93
CA VAL F 274 4.12 -36.62 -10.22
C VAL F 274 5.39 -36.84 -9.42
N SER F 275 5.26 -37.63 -8.39
CA SER F 275 6.40 -38.07 -7.68
C SER F 275 6.28 -39.56 -7.47
N MET F 276 7.42 -40.26 -7.61
CA MET F 276 7.46 -41.68 -7.31
C MET F 276 6.49 -42.35 -8.26
N GLY F 277 6.54 -41.87 -9.49
CA GLY F 277 5.79 -42.49 -10.54
C GLY F 277 6.32 -43.89 -10.87
N ASN F 278 7.45 -44.30 -10.29
CA ASN F 278 8.06 -45.57 -10.71
C ASN F 278 7.87 -46.74 -9.76
N VAL F 279 7.22 -46.58 -8.63
CA VAL F 279 7.10 -47.69 -7.66
C VAL F 279 5.72 -48.41 -7.82
N LEU F 280 5.74 -49.66 -8.35
CA LEU F 280 4.59 -50.60 -8.42
C LEU F 280 3.73 -50.55 -7.15
N GLY G 22 -11.77 -23.50 -36.97
CA GLY G 22 -11.67 -23.26 -35.51
C GLY G 22 -10.89 -24.40 -34.84
N PHE G 23 -10.12 -24.11 -33.77
CA PHE G 23 -9.27 -25.15 -33.16
C PHE G 23 -10.02 -26.06 -32.18
N LEU G 24 -11.32 -25.87 -32.02
CA LEU G 24 -12.12 -26.83 -31.27
C LEU G 24 -13.24 -27.42 -32.12
N ALA G 25 -13.08 -27.33 -33.45
CA ALA G 25 -14.09 -27.80 -34.40
C ALA G 25 -14.44 -29.26 -34.14
N GLY G 26 -15.72 -29.53 -33.94
CA GLY G 26 -16.20 -30.91 -33.69
C GLY G 26 -16.19 -31.34 -32.24
N LYS G 27 -15.32 -30.76 -31.43
CA LYS G 27 -15.18 -31.26 -30.08
C LYS G 27 -16.43 -31.03 -29.28
N LYS G 28 -16.79 -31.99 -28.43
CA LYS G 28 -18.03 -31.93 -27.67
C LYS G 28 -17.69 -31.63 -26.21
N ILE G 29 -18.06 -30.44 -25.74
CA ILE G 29 -17.57 -29.97 -24.44
C ILE G 29 -18.69 -29.58 -23.50
N LEU G 30 -18.67 -30.14 -22.30
CA LEU G 30 -19.65 -29.82 -21.30
C LEU G 30 -19.11 -28.66 -20.44
N ILE G 31 -19.93 -27.61 -20.23
CA ILE G 31 -19.58 -26.44 -19.40
C ILE G 31 -20.51 -26.31 -18.19
N THR G 32 -19.93 -26.38 -17.00
CA THR G 32 -20.67 -26.14 -15.78
C THR G 32 -20.53 -24.68 -15.31
N GLY G 33 -21.33 -24.29 -14.34
CA GLY G 33 -21.19 -22.97 -13.73
C GLY G 33 -21.54 -21.71 -14.49
N LEU G 34 -22.19 -21.80 -15.67
CA LEU G 34 -22.72 -20.60 -16.34
C LEU G 34 -23.95 -20.07 -15.57
N LEU G 35 -23.89 -18.77 -15.17
CA LEU G 35 -24.92 -18.21 -14.27
C LEU G 35 -25.40 -16.81 -14.60
N SER G 36 -24.50 -15.97 -15.09
CA SER G 36 -24.84 -14.65 -15.62
C SER G 36 -23.93 -14.43 -16.80
N ASN G 37 -24.10 -13.35 -17.55
CA ASN G 37 -23.16 -13.09 -18.64
C ASN G 37 -21.84 -12.48 -18.14
N LYS G 38 -21.71 -12.45 -16.81
CA LYS G 38 -20.47 -12.05 -16.13
C LYS G 38 -19.64 -13.26 -15.74
N SER G 39 -20.31 -14.40 -15.57
CA SER G 39 -19.67 -15.66 -15.22
C SER G 39 -18.46 -15.94 -16.06
N ILE G 40 -17.45 -16.55 -15.45
CA ILE G 40 -16.24 -16.92 -16.19
C ILE G 40 -16.63 -17.97 -17.27
N ALA G 41 -17.55 -18.87 -16.88
CA ALA G 41 -18.17 -19.87 -17.76
C ALA G 41 -18.72 -19.25 -19.05
N TYR G 42 -19.29 -18.06 -18.92
CA TYR G 42 -19.78 -17.34 -20.10
C TYR G 42 -18.66 -17.06 -21.07
N GLY G 43 -17.54 -16.53 -20.58
CA GLY G 43 -16.38 -16.19 -21.44
C GLY G 43 -15.80 -17.48 -21.99
N ILE G 44 -15.70 -18.51 -21.15
CA ILE G 44 -15.31 -19.82 -21.68
C ILE G 44 -16.22 -20.27 -22.85
N ALA G 45 -17.55 -20.17 -22.64
CA ALA G 45 -18.53 -20.52 -23.66
C ALA G 45 -18.31 -19.69 -24.94
N LYS G 46 -18.22 -18.37 -24.79
CA LYS G 46 -17.94 -17.51 -25.96
C LYS G 46 -16.75 -17.99 -26.73
N ALA G 47 -15.68 -18.30 -26.02
CA ALA G 47 -14.40 -18.63 -26.69
C ALA G 47 -14.46 -19.96 -27.43
N MET G 48 -15.15 -20.92 -26.82
CA MET G 48 -15.27 -22.23 -27.43
C MET G 48 -16.24 -22.27 -28.61
N HIS G 49 -17.33 -21.49 -28.50
CA HIS G 49 -18.29 -21.41 -29.58
C HIS G 49 -17.61 -20.81 -30.77
N ARG G 50 -16.87 -19.72 -30.55
CA ARG G 50 -16.05 -19.10 -31.60
C ARG G 50 -15.12 -20.11 -32.27
N GLU G 51 -14.67 -21.09 -31.50
CA GLU G 51 -13.69 -22.03 -32.03
C GLU G 51 -14.26 -23.32 -32.62
N GLY G 52 -15.59 -23.41 -32.65
CA GLY G 52 -16.28 -24.48 -33.37
C GLY G 52 -16.73 -25.63 -32.50
N ALA G 53 -16.62 -25.48 -31.18
CA ALA G 53 -17.03 -26.54 -30.26
C ALA G 53 -18.54 -26.73 -30.26
N GLU G 54 -19.01 -27.96 -30.01
CA GLU G 54 -20.39 -28.17 -29.64
C GLU G 54 -20.48 -28.19 -28.16
N LEU G 55 -21.37 -27.37 -27.62
CA LEU G 55 -21.46 -27.13 -26.18
C LEU G 55 -22.69 -27.72 -25.52
N ALA G 56 -22.53 -28.11 -24.27
CA ALA G 56 -23.64 -28.47 -23.45
C ALA G 56 -23.43 -27.76 -22.13
N PHE G 57 -24.51 -27.53 -21.36
CA PHE G 57 -24.44 -26.72 -20.10
C PHE G 57 -25.21 -27.32 -18.97
N THR G 58 -24.76 -27.07 -17.75
CA THR G 58 -25.48 -27.50 -16.56
C THR G 58 -25.94 -26.28 -15.77
N TYR G 59 -26.89 -26.52 -14.88
CA TYR G 59 -27.47 -25.47 -14.03
C TYR G 59 -27.92 -26.09 -12.69
N VAL G 60 -28.07 -25.23 -11.68
CA VAL G 60 -28.52 -25.68 -10.39
C VAL G 60 -30.02 -25.42 -10.25
N GLY G 61 -30.76 -26.41 -9.75
CA GLY G 61 -32.23 -26.43 -9.70
C GLY G 61 -33.00 -25.19 -10.17
N GLN G 62 -32.99 -24.17 -9.31
CA GLN G 62 -33.74 -22.91 -9.52
C GLN G 62 -33.51 -22.18 -10.86
N PHE G 63 -32.28 -22.20 -11.35
CA PHE G 63 -31.90 -21.27 -12.40
C PHE G 63 -32.14 -21.78 -13.81
N LYS G 64 -32.95 -22.82 -13.95
CA LYS G 64 -33.21 -23.44 -15.26
C LYS G 64 -33.49 -22.43 -16.40
N ASP G 65 -34.46 -21.54 -16.17
CA ASP G 65 -34.87 -20.56 -17.18
C ASP G 65 -33.80 -19.54 -17.50
N ARG G 66 -33.20 -18.99 -16.44
CA ARG G 66 -32.08 -18.03 -16.50
C ARG G 66 -31.04 -18.57 -17.52
N VAL G 67 -30.64 -19.81 -17.27
CA VAL G 67 -29.49 -20.42 -17.95
C VAL G 67 -29.84 -20.76 -19.39
N GLU G 68 -31.01 -21.34 -19.60
CA GLU G 68 -31.45 -21.69 -20.94
C GLU G 68 -31.45 -20.48 -21.84
N LYS G 69 -31.96 -19.36 -21.30
CA LYS G 69 -32.03 -18.10 -22.03
C LYS G 69 -30.62 -17.69 -22.37
N LEU G 70 -29.79 -17.71 -21.34
CA LEU G 70 -28.45 -17.18 -21.41
C LEU G 70 -27.57 -17.85 -22.42
N CYS G 71 -27.63 -19.19 -22.44
CA CYS G 71 -26.73 -19.96 -23.32
C CYS G 71 -27.34 -20.42 -24.63
N ALA G 72 -28.61 -20.04 -24.87
CA ALA G 72 -29.27 -20.27 -26.15
C ALA G 72 -28.42 -19.81 -27.33
N GLU G 73 -27.76 -18.68 -27.18
CA GLU G 73 -26.89 -18.13 -28.25
C GLU G 73 -25.74 -19.05 -28.66
N PHE G 74 -25.41 -20.03 -27.82
CA PHE G 74 -24.33 -20.97 -28.14
C PHE G 74 -24.78 -22.26 -28.87
N ASN G 75 -26.07 -22.36 -29.12
CA ASN G 75 -26.67 -23.48 -29.79
C ASN G 75 -26.37 -24.78 -29.07
N PRO G 76 -26.75 -24.86 -27.80
CA PRO G 76 -26.36 -25.98 -26.97
C PRO G 76 -27.02 -27.27 -27.40
N ALA G 77 -26.27 -28.36 -27.33
CA ALA G 77 -26.82 -29.68 -27.60
C ALA G 77 -27.67 -30.18 -26.44
N ALA G 78 -27.47 -29.60 -25.28
CA ALA G 78 -28.20 -30.00 -24.07
C ALA G 78 -28.01 -28.99 -22.95
N VAL G 79 -29.06 -28.82 -22.14
CA VAL G 79 -29.01 -27.93 -21.00
C VAL G 79 -29.68 -28.69 -19.88
N LEU G 80 -28.91 -29.11 -18.89
CA LEU G 80 -29.30 -30.18 -17.98
C LEU G 80 -29.03 -29.84 -16.49
N PRO G 81 -29.87 -30.34 -15.57
CA PRO G 81 -29.69 -30.05 -14.14
C PRO G 81 -28.52 -30.81 -13.57
N CYS G 82 -27.66 -30.10 -12.85
CA CYS G 82 -26.61 -30.77 -12.11
C CYS G 82 -26.15 -29.97 -10.91
N ASP G 83 -26.66 -30.37 -9.76
CA ASP G 83 -26.23 -29.85 -8.47
C ASP G 83 -25.19 -30.81 -7.91
N VAL G 84 -23.93 -30.38 -7.92
CA VAL G 84 -22.83 -31.30 -7.58
C VAL G 84 -22.86 -31.77 -6.12
N ILE G 85 -23.89 -31.40 -5.37
CA ILE G 85 -24.05 -31.91 -4.03
C ILE G 85 -24.54 -33.34 -4.13
N SER G 86 -25.15 -33.65 -5.26
CA SER G 86 -25.85 -34.94 -5.42
C SER G 86 -25.13 -35.94 -6.34
N ASP G 87 -24.77 -37.11 -5.81
CA ASP G 87 -24.14 -38.15 -6.64
C ASP G 87 -25.05 -38.62 -7.76
N GLN G 88 -26.34 -38.67 -7.46
CA GLN G 88 -27.35 -39.13 -8.41
C GLN G 88 -27.45 -38.21 -9.62
N GLU G 89 -27.53 -36.91 -9.35
CA GLU G 89 -27.65 -35.93 -10.42
C GLU G 89 -26.42 -35.93 -11.28
N ILE G 90 -25.29 -36.26 -10.70
CA ILE G 90 -24.05 -36.23 -11.49
C ILE G 90 -24.04 -37.44 -12.41
N LYS G 91 -24.55 -38.55 -11.87
CA LYS G 91 -24.68 -39.79 -12.62
C LYS G 91 -25.67 -39.62 -13.80
N ASP G 92 -26.78 -38.94 -13.53
CA ASP G 92 -27.84 -38.73 -14.54
C ASP G 92 -27.41 -37.73 -15.57
N LEU G 93 -26.44 -36.90 -15.21
CA LEU G 93 -25.96 -35.91 -16.14
C LEU G 93 -25.27 -36.61 -17.29
N PHE G 94 -24.52 -37.66 -16.96
CA PHE G 94 -23.82 -38.38 -17.99
C PHE G 94 -24.67 -39.39 -18.78
N VAL G 95 -25.67 -40.00 -18.12
CA VAL G 95 -26.68 -40.80 -18.80
C VAL G 95 -27.40 -39.97 -19.86
N GLU G 96 -27.85 -38.76 -19.53
CA GLU G 96 -28.66 -37.94 -20.45
C GLU G 96 -27.84 -37.43 -21.57
N LEU G 97 -26.65 -36.97 -21.22
CA LEU G 97 -25.68 -36.44 -22.15
C LEU G 97 -25.27 -37.51 -23.13
N GLY G 98 -25.15 -38.75 -22.65
CA GLY G 98 -24.78 -39.91 -23.49
C GLY G 98 -25.86 -40.30 -24.48
N LYS G 99 -27.08 -39.82 -24.26
CA LYS G 99 -28.17 -40.02 -25.21
C LYS G 99 -28.00 -39.09 -26.40
N VAL G 100 -27.40 -37.93 -26.18
CA VAL G 100 -27.19 -36.95 -27.23
C VAL G 100 -25.84 -37.10 -27.96
N TRP G 101 -24.79 -37.52 -27.24
CA TRP G 101 -23.40 -37.60 -27.77
C TRP G 101 -22.80 -38.96 -27.59
N ASP G 102 -21.91 -39.36 -28.50
CA ASP G 102 -21.28 -40.68 -28.35
C ASP G 102 -20.09 -40.63 -27.41
N GLY G 103 -19.20 -39.69 -27.64
CA GLY G 103 -18.14 -39.41 -26.69
C GLY G 103 -18.27 -38.00 -26.14
N LEU G 104 -17.49 -37.72 -25.10
CA LEU G 104 -17.31 -36.40 -24.57
C LEU G 104 -15.85 -35.99 -24.78
N ASP G 105 -15.61 -34.81 -25.32
CA ASP G 105 -14.26 -34.30 -25.43
C ASP G 105 -13.67 -33.52 -24.19
N ALA G 106 -14.51 -32.82 -23.43
CA ALA G 106 -13.98 -32.05 -22.32
C ALA G 106 -15.06 -31.74 -21.29
N ILE G 107 -14.63 -31.71 -20.03
CA ILE G 107 -15.42 -31.11 -18.99
C ILE G 107 -14.76 -29.83 -18.48
N VAL G 108 -15.52 -28.73 -18.40
CA VAL G 108 -15.07 -27.47 -17.80
C VAL G 108 -15.75 -27.28 -16.47
N HIS G 109 -14.99 -27.41 -15.39
CA HIS G 109 -15.45 -27.23 -14.02
C HIS G 109 -15.23 -25.78 -13.69
N SER G 110 -16.31 -25.09 -13.36
CA SER G 110 -16.23 -23.67 -13.06
C SER G 110 -17.28 -23.39 -12.02
N ILE G 111 -17.19 -24.13 -10.92
CA ILE G 111 -18.10 -23.95 -9.83
C ILE G 111 -17.35 -23.92 -8.49
N ALA G 112 -17.87 -23.13 -7.57
CA ALA G 112 -17.31 -23.03 -6.24
C ALA G 112 -18.43 -22.60 -5.31
N PHE G 113 -18.31 -22.91 -4.04
CA PHE G 113 -19.22 -22.38 -3.05
C PHE G 113 -18.65 -22.65 -1.67
N ALA G 114 -18.82 -21.67 -0.77
CA ALA G 114 -18.70 -21.89 0.68
C ALA G 114 -19.77 -21.01 1.31
N PRO G 115 -20.34 -21.45 2.45
CA PRO G 115 -21.30 -20.57 3.14
C PRO G 115 -20.75 -19.15 3.37
N ARG G 116 -21.62 -18.13 3.31
CA ARG G 116 -21.27 -16.70 3.53
C ARG G 116 -20.30 -16.52 4.71
N ASP G 117 -20.60 -17.17 5.85
CA ASP G 117 -19.83 -17.00 7.10
C ASP G 117 -18.36 -17.46 7.04
N GLN G 118 -18.01 -18.19 6.00
CA GLN G 118 -16.66 -18.71 5.86
C GLN G 118 -15.76 -17.73 5.16
N LEU G 119 -16.30 -16.58 4.77
CA LEU G 119 -15.65 -15.79 3.76
C LEU G 119 -15.26 -14.33 4.06
N GLU G 120 -15.29 -13.94 5.33
CA GLU G 120 -14.64 -12.69 5.68
C GLU G 120 -14.26 -12.67 7.17
N GLY G 121 -13.38 -11.74 7.53
CA GLY G 121 -12.85 -11.70 8.88
C GLY G 121 -11.75 -12.73 9.08
N ASN G 122 -11.51 -13.06 10.33
CA ASN G 122 -10.36 -13.87 10.71
C ASN G 122 -10.62 -15.35 10.41
N PHE G 123 -9.67 -15.98 9.71
CA PHE G 123 -9.85 -17.37 9.31
C PHE G 123 -10.27 -18.26 10.44
N ILE G 124 -9.60 -18.15 11.57
CA ILE G 124 -9.83 -19.10 12.70
C ILE G 124 -11.13 -18.84 13.45
N ASP G 125 -11.51 -17.56 13.56
CA ASP G 125 -12.80 -17.18 14.14
C ASP G 125 -13.97 -17.75 13.36
N CYS G 126 -13.86 -17.62 12.04
CA CYS G 126 -14.94 -17.94 11.11
C CYS G 126 -15.05 -19.40 10.64
N VAL G 127 -13.92 -20.07 10.38
CA VAL G 127 -13.95 -21.49 9.97
C VAL G 127 -14.82 -22.34 10.90
N THR G 128 -15.71 -23.15 10.32
CA THR G 128 -16.48 -24.16 11.08
C THR G 128 -16.33 -25.57 10.47
N ARG G 129 -16.57 -26.60 11.25
CA ARG G 129 -16.51 -27.93 10.70
C ARG G 129 -17.39 -28.13 9.44
N GLU G 130 -18.65 -27.69 9.51
CA GLU G 130 -19.57 -27.94 8.42
C GLU G 130 -19.28 -27.06 7.21
N GLY G 131 -18.86 -25.84 7.49
CA GLY G 131 -18.55 -24.88 6.42
C GLY G 131 -17.30 -25.26 5.66
N PHE G 132 -16.37 -25.86 6.37
CA PHE G 132 -15.14 -26.42 5.81
C PHE G 132 -15.54 -27.57 4.89
N SER G 133 -16.39 -28.46 5.41
CA SER G 133 -16.90 -29.62 4.70
C SER G 133 -17.62 -29.30 3.41
N ILE G 134 -18.55 -28.35 3.50
CA ILE G 134 -19.36 -27.93 2.36
C ILE G 134 -18.50 -27.32 1.26
N ALA G 135 -17.60 -26.41 1.64
CA ALA G 135 -16.74 -25.74 0.66
C ALA G 135 -15.96 -26.77 -0.14
N HIS G 136 -15.42 -27.77 0.55
CA HIS G 136 -14.61 -28.83 -0.05
C HIS G 136 -15.42 -29.75 -0.91
N ASP G 137 -16.57 -30.17 -0.38
CA ASP G 137 -17.53 -30.98 -1.11
C ASP G 137 -17.88 -30.43 -2.52
N ILE G 138 -18.14 -29.13 -2.61
CA ILE G 138 -18.68 -28.51 -3.81
C ILE G 138 -17.55 -27.91 -4.65
N SER G 139 -16.50 -27.41 -4.01
CA SER G 139 -15.47 -26.68 -4.76
C SER G 139 -14.33 -27.56 -5.21
N ALA G 140 -14.19 -28.74 -4.57
CA ALA G 140 -13.08 -29.65 -4.86
C ALA G 140 -13.52 -31.10 -5.17
N TYR G 141 -14.24 -31.75 -4.24
CA TYR G 141 -14.60 -33.12 -4.49
C TYR G 141 -15.36 -33.23 -5.83
N SER G 142 -16.17 -32.21 -6.12
CA SER G 142 -17.05 -32.22 -7.26
C SER G 142 -16.27 -32.39 -8.57
N PHE G 143 -14.99 -31.98 -8.59
CA PHE G 143 -14.19 -32.08 -9.79
C PHE G 143 -13.92 -33.58 -10.08
N ALA G 144 -13.51 -34.30 -9.02
CA ALA G 144 -13.26 -35.71 -9.09
C ALA G 144 -14.56 -36.46 -9.41
N ALA G 145 -15.68 -35.93 -8.97
CA ALA G 145 -16.94 -36.65 -9.19
C ALA G 145 -17.36 -36.55 -10.67
N LEU G 146 -17.20 -35.37 -11.25
CA LEU G 146 -17.36 -35.23 -12.69
C LEU G 146 -16.42 -36.15 -13.46
N ALA G 147 -15.18 -36.28 -13.00
CA ALA G 147 -14.21 -37.09 -13.69
C ALA G 147 -14.59 -38.58 -13.56
N LYS G 148 -15.09 -38.95 -12.40
CA LYS G 148 -15.49 -40.34 -12.08
C LYS G 148 -16.64 -40.83 -13.00
N GLU G 149 -17.61 -39.95 -13.20
CA GLU G 149 -18.76 -40.29 -14.01
C GLU G 149 -18.59 -40.01 -15.50
N GLY G 150 -17.64 -39.14 -15.85
CA GLY G 150 -17.49 -38.76 -17.25
C GLY G 150 -16.36 -39.50 -17.94
N ARG G 151 -15.62 -40.24 -17.15
CA ARG G 151 -14.47 -40.97 -17.59
C ARG G 151 -14.76 -41.85 -18.81
N SER G 152 -15.82 -42.65 -18.75
CA SER G 152 -16.03 -43.58 -19.79
C SER G 152 -16.43 -42.89 -21.14
N MET G 153 -17.13 -41.75 -21.10
CA MET G 153 -17.39 -41.00 -22.34
C MET G 153 -16.16 -40.34 -22.97
N MET G 154 -15.11 -40.28 -22.16
CA MET G 154 -13.91 -39.47 -22.47
C MET G 154 -12.68 -40.29 -22.88
N LYS G 155 -12.71 -41.59 -22.58
CA LYS G 155 -11.66 -42.54 -22.95
C LYS G 155 -11.17 -42.28 -24.37
N ASN G 156 -9.84 -42.24 -24.52
CA ASN G 156 -9.13 -42.37 -25.81
C ASN G 156 -9.60 -41.55 -26.96
N ARG G 157 -9.73 -40.24 -26.73
CA ARG G 157 -9.98 -39.28 -27.81
C ARG G 157 -9.32 -37.95 -27.49
N ASN G 158 -8.13 -37.97 -26.86
CA ASN G 158 -7.44 -36.75 -26.40
C ASN G 158 -8.38 -35.81 -25.67
N ALA G 159 -9.13 -36.35 -24.71
CA ALA G 159 -10.01 -35.57 -23.94
C ALA G 159 -9.31 -34.61 -22.94
N SER G 160 -10.10 -33.72 -22.34
CA SER G 160 -9.57 -32.69 -21.43
C SER G 160 -10.52 -32.44 -20.27
N MET G 161 -9.95 -32.08 -19.14
CA MET G 161 -10.66 -31.42 -18.10
C MET G 161 -9.90 -30.12 -17.76
N VAL G 162 -10.66 -29.10 -17.30
CA VAL G 162 -10.11 -27.84 -16.84
C VAL G 162 -10.94 -27.36 -15.68
N ALA G 163 -10.29 -27.10 -14.56
CA ALA G 163 -10.94 -26.51 -13.42
C ALA G 163 -10.49 -25.04 -13.29
N LEU G 164 -11.38 -24.21 -12.71
CA LEU G 164 -11.06 -22.79 -12.35
C LEU G 164 -10.59 -22.65 -10.90
N THR G 165 -9.43 -22.02 -10.73
CA THR G 165 -8.83 -21.89 -9.39
C THR G 165 -8.35 -20.45 -9.10
N TYR G 166 -8.02 -20.18 -7.84
CA TYR G 166 -7.55 -18.86 -7.44
C TYR G 166 -6.28 -18.93 -6.59
N ILE G 167 -5.39 -17.96 -6.76
CA ILE G 167 -4.09 -17.89 -6.02
C ILE G 167 -4.20 -18.04 -4.48
N GLY G 168 -5.39 -17.86 -3.92
CA GLY G 168 -5.60 -18.06 -2.49
C GLY G 168 -5.41 -19.51 -2.07
N ALA G 169 -5.26 -20.38 -3.07
CA ALA G 169 -4.90 -21.79 -2.83
C ALA G 169 -3.43 -21.87 -2.40
N GLU G 170 -2.55 -21.20 -3.14
CA GLU G 170 -1.12 -21.09 -2.85
C GLU G 170 -0.73 -20.26 -1.62
N LYS G 171 -1.38 -19.11 -1.39
CA LYS G 171 -1.03 -18.12 -0.37
C LYS G 171 -2.20 -17.89 0.60
N ALA G 172 -1.91 -17.50 1.84
CA ALA G 172 -2.97 -16.96 2.69
C ALA G 172 -3.28 -15.50 2.33
N MET G 173 -4.57 -15.26 2.10
CA MET G 173 -5.05 -13.95 1.73
C MET G 173 -6.10 -13.53 2.75
N PRO G 174 -6.32 -12.22 2.90
CA PRO G 174 -7.46 -11.85 3.76
C PRO G 174 -8.78 -12.22 3.07
N SER G 175 -9.78 -12.60 3.87
CA SER G 175 -11.16 -12.91 3.43
C SER G 175 -11.40 -14.28 2.79
N TYR G 176 -10.55 -14.68 1.84
CA TYR G 176 -10.75 -15.92 1.07
C TYR G 176 -10.90 -17.16 1.93
N ASN G 177 -10.15 -17.22 3.02
CA ASN G 177 -10.35 -18.20 4.11
C ASN G 177 -10.59 -19.64 3.66
N THR G 178 -11.70 -20.19 4.09
CA THR G 178 -12.07 -21.54 3.75
C THR G 178 -12.09 -21.80 2.22
N MET G 179 -12.30 -20.77 1.41
CA MET G 179 -12.24 -21.02 0.00
C MET G 179 -10.82 -21.22 -0.46
N GLY G 180 -9.87 -20.59 0.21
CA GLY G 180 -8.47 -20.80 -0.13
C GLY G 180 -8.07 -22.25 0.15
N VAL G 181 -8.54 -22.77 1.27
CA VAL G 181 -8.24 -24.13 1.67
C VAL G 181 -8.88 -25.09 0.65
N ALA G 182 -10.15 -24.87 0.35
CA ALA G 182 -10.81 -25.66 -0.63
C ALA G 182 -10.12 -25.57 -1.97
N LYS G 183 -9.68 -24.38 -2.37
CA LYS G 183 -9.00 -24.29 -3.66
C LYS G 183 -7.69 -25.08 -3.68
N ALA G 184 -7.01 -25.18 -2.53
CA ALA G 184 -5.80 -25.95 -2.45
C ALA G 184 -6.11 -27.42 -2.69
N SER G 185 -7.22 -27.87 -2.08
CA SER G 185 -7.78 -29.19 -2.26
C SER G 185 -8.13 -29.44 -3.73
N LEU G 186 -8.78 -28.47 -4.37
CA LEU G 186 -9.12 -28.58 -5.77
C LEU G 186 -7.86 -28.89 -6.61
N GLU G 187 -6.81 -28.08 -6.42
CA GLU G 187 -5.57 -28.17 -7.20
C GLU G 187 -4.86 -29.54 -7.04
N ALA G 188 -4.94 -30.10 -5.83
CA ALA G 188 -4.40 -31.41 -5.57
C ALA G 188 -5.27 -32.42 -6.28
N THR G 189 -6.59 -32.21 -6.24
CA THR G 189 -7.53 -33.06 -6.95
C THR G 189 -7.24 -33.01 -8.43
N VAL G 190 -7.01 -31.84 -8.97
CA VAL G 190 -6.56 -31.77 -10.37
C VAL G 190 -5.31 -32.60 -10.69
N ARG G 191 -4.30 -32.58 -9.82
CA ARG G 191 -3.09 -33.34 -10.05
C ARG G 191 -3.30 -34.88 -9.93
N TYR G 192 -3.97 -35.33 -8.87
CA TYR G 192 -4.30 -36.75 -8.73
C TYR G 192 -5.28 -37.26 -9.83
N THR G 193 -6.10 -36.33 -10.32
CA THR G 193 -6.98 -36.66 -11.42
C THR G 193 -6.14 -36.83 -12.67
N ALA G 194 -5.10 -36.00 -12.82
CA ALA G 194 -4.36 -36.04 -14.07
C ALA G 194 -3.64 -37.35 -14.16
N LEU G 195 -3.18 -37.82 -13.00
CA LEU G 195 -2.33 -38.96 -12.92
C LEU G 195 -3.29 -40.13 -13.15
N ALA G 196 -4.47 -40.10 -12.50
CA ALA G 196 -5.46 -41.16 -12.63
C ALA G 196 -6.03 -41.35 -14.03
N LEU G 197 -6.21 -40.27 -14.78
CA LEU G 197 -6.91 -40.34 -16.08
C LEU G 197 -6.00 -40.28 -17.31
N GLY G 198 -4.69 -40.06 -17.08
CA GLY G 198 -3.72 -39.91 -18.16
C GLY G 198 -3.54 -41.13 -19.02
N GLU G 199 -3.70 -42.31 -18.43
CA GLU G 199 -3.64 -43.59 -19.18
C GLU G 199 -4.75 -43.66 -20.26
N ASP G 200 -5.86 -42.93 -20.08
CA ASP G 200 -6.98 -42.89 -21.04
C ASP G 200 -6.81 -41.71 -22.00
N GLY G 201 -5.60 -41.16 -22.12
CA GLY G 201 -5.39 -39.97 -22.94
C GLY G 201 -6.09 -38.66 -22.44
N ILE G 202 -6.65 -38.62 -21.22
CA ILE G 202 -7.34 -37.42 -20.75
C ILE G 202 -6.42 -36.47 -20.04
N LYS G 203 -6.36 -35.24 -20.53
CA LYS G 203 -5.49 -34.22 -19.88
C LYS G 203 -6.27 -33.39 -18.88
N VAL G 204 -5.65 -33.09 -17.75
CA VAL G 204 -6.35 -32.45 -16.63
C VAL G 204 -5.55 -31.28 -16.11
N ASN G 205 -6.15 -30.08 -16.18
CA ASN G 205 -5.46 -28.82 -15.88
C ASN G 205 -6.34 -27.80 -15.15
N ALA G 206 -5.71 -26.73 -14.68
CA ALA G 206 -6.44 -25.69 -13.97
C ALA G 206 -5.97 -24.34 -14.46
N VAL G 207 -6.94 -23.44 -14.59
CA VAL G 207 -6.64 -22.06 -14.86
C VAL G 207 -6.87 -21.25 -13.59
N SER G 208 -5.84 -20.49 -13.23
CA SER G 208 -5.86 -19.71 -12.00
C SER G 208 -6.14 -18.30 -12.41
N ALA G 209 -7.38 -17.88 -12.25
CA ALA G 209 -7.77 -16.56 -12.79
C ALA G 209 -7.46 -15.51 -11.78
N GLY G 210 -7.05 -14.35 -12.29
CA GLY G 210 -7.04 -13.11 -11.47
C GLY G 210 -8.48 -12.76 -11.11
N PRO G 211 -8.68 -11.89 -10.10
CA PRO G 211 -10.06 -11.56 -9.70
C PRO G 211 -10.82 -10.81 -10.82
N ILE G 212 -12.12 -11.12 -10.94
CA ILE G 212 -13.03 -10.60 -11.98
C ILE G 212 -14.38 -10.39 -11.34
N LYS G 213 -15.02 -9.24 -11.61
CA LYS G 213 -16.31 -8.93 -10.97
C LYS G 213 -17.45 -9.82 -11.52
N THR G 214 -17.82 -10.85 -10.76
CA THR G 214 -18.84 -11.83 -11.19
C THR G 214 -19.83 -11.99 -10.06
N LEU G 215 -20.85 -12.83 -10.25
CA LEU G 215 -21.82 -13.00 -9.17
C LEU G 215 -21.21 -13.54 -7.87
N ALA G 216 -20.24 -14.45 -7.98
CA ALA G 216 -19.60 -14.97 -6.77
C ALA G 216 -18.86 -13.83 -6.04
N ALA G 217 -18.31 -12.90 -6.83
CA ALA G 217 -17.56 -11.75 -6.32
C ALA G 217 -18.40 -10.76 -5.53
N SER G 218 -19.69 -10.70 -5.80
CA SER G 218 -20.57 -9.76 -5.11
C SER G 218 -20.85 -10.15 -3.64
N GLY G 219 -20.40 -11.32 -3.21
CA GLY G 219 -20.44 -11.68 -1.79
C GLY G 219 -19.40 -10.90 -0.99
N ILE G 220 -18.30 -10.53 -1.63
CA ILE G 220 -17.12 -9.91 -0.97
C ILE G 220 -17.20 -8.37 -0.94
N SER G 221 -17.23 -7.82 0.27
CA SER G 221 -17.66 -6.43 0.42
C SER G 221 -16.73 -5.37 -0.15
N ASN G 222 -15.42 -5.66 -0.23
CA ASN G 222 -14.48 -4.64 -0.73
C ASN G 222 -13.83 -4.99 -2.05
N PHE G 223 -14.57 -5.74 -2.84
CA PHE G 223 -14.01 -6.38 -4.01
C PHE G 223 -13.37 -5.40 -4.98
N LYS G 224 -13.99 -4.23 -5.11
CA LYS G 224 -13.50 -3.25 -6.07
C LYS G 224 -12.03 -2.88 -5.78
N LYS G 225 -11.68 -2.97 -4.51
CA LYS G 225 -10.36 -2.59 -4.07
C LYS G 225 -9.34 -3.68 -4.34
N MET G 226 -9.75 -4.94 -4.12
CA MET G 226 -8.95 -6.09 -4.54
C MET G 226 -8.67 -5.94 -6.01
N LEU G 227 -9.69 -5.65 -6.80
CA LEU G 227 -9.48 -5.43 -8.25
C LEU G 227 -8.43 -4.35 -8.50
N ASP G 228 -8.58 -3.24 -7.79
CA ASP G 228 -7.72 -2.09 -7.98
C ASP G 228 -6.27 -2.40 -7.57
N TYR G 229 -6.13 -3.07 -6.44
CA TYR G 229 -4.83 -3.53 -6.01
C TYR G 229 -4.15 -4.43 -7.05
N ASN G 230 -4.87 -5.44 -7.53
CA ASN G 230 -4.33 -6.33 -8.55
C ASN G 230 -3.82 -5.52 -9.71
N ALA G 231 -4.62 -4.56 -10.19
CA ALA G 231 -4.27 -3.82 -11.41
C ALA G 231 -3.02 -2.98 -11.22
N MET G 232 -2.86 -2.48 -10.01
CA MET G 232 -1.73 -1.65 -9.66
C MET G 232 -0.46 -2.48 -9.53
N VAL G 233 -0.60 -3.59 -8.82
CA VAL G 233 0.53 -4.41 -8.49
C VAL G 233 1.04 -5.34 -9.60
N SER G 234 0.13 -5.84 -10.44
CA SER G 234 0.47 -6.69 -11.60
C SER G 234 1.44 -6.07 -12.58
N PRO G 235 2.31 -6.89 -13.19
CA PRO G 235 3.23 -6.38 -14.20
C PRO G 235 2.51 -5.78 -15.41
N LEU G 236 1.32 -6.28 -15.74
CA LEU G 236 0.61 -5.77 -16.91
C LEU G 236 -0.33 -4.58 -16.62
N LYS G 237 -0.45 -4.24 -15.34
CA LYS G 237 -1.11 -3.00 -14.95
C LYS G 237 -2.52 -3.02 -15.48
N LYS G 238 -3.23 -4.13 -15.30
CA LYS G 238 -4.63 -4.23 -15.70
C LYS G 238 -5.29 -5.38 -14.99
N ASN G 239 -6.61 -5.46 -15.05
CA ASN G 239 -7.33 -6.61 -14.56
C ASN G 239 -7.58 -7.54 -15.72
N VAL G 240 -7.70 -8.83 -15.45
CA VAL G 240 -8.02 -9.77 -16.53
C VAL G 240 -9.54 -9.77 -16.76
N ASP G 241 -9.97 -10.11 -17.98
CA ASP G 241 -11.40 -10.32 -18.25
C ASP G 241 -11.74 -11.77 -18.63
N ILE G 242 -13.04 -12.05 -18.69
CA ILE G 242 -13.51 -13.40 -19.00
C ILE G 242 -13.03 -13.94 -20.34
N MET G 243 -12.75 -13.07 -21.30
CA MET G 243 -12.24 -13.57 -22.57
C MET G 243 -10.82 -14.08 -22.48
N GLU G 244 -9.98 -13.41 -21.70
CA GLU G 244 -8.61 -13.89 -21.47
C GLU G 244 -8.59 -15.24 -20.76
N VAL G 245 -9.45 -15.40 -19.77
CA VAL G 245 -9.64 -16.69 -19.12
C VAL G 245 -10.21 -17.74 -20.11
N GLY G 246 -11.39 -17.43 -20.66
CA GLY G 246 -12.03 -18.30 -21.63
C GLY G 246 -11.14 -18.78 -22.74
N ASN G 247 -10.43 -17.86 -23.40
CA ASN G 247 -9.48 -18.29 -24.43
C ASN G 247 -8.44 -19.28 -23.91
N THR G 248 -8.00 -19.09 -22.68
CA THR G 248 -7.05 -20.00 -22.08
C THR G 248 -7.69 -21.38 -21.88
N VAL G 249 -8.86 -21.41 -21.24
CA VAL G 249 -9.54 -22.65 -21.07
C VAL G 249 -9.73 -23.32 -22.42
N ALA G 250 -10.12 -22.56 -23.45
CA ALA G 250 -10.31 -23.13 -24.78
C ALA G 250 -9.09 -23.83 -25.26
N PHE G 251 -7.96 -23.12 -25.19
CA PHE G 251 -6.70 -23.70 -25.61
C PHE G 251 -6.38 -25.02 -24.92
N LEU G 252 -6.60 -25.06 -23.61
CA LEU G 252 -6.34 -26.23 -22.84
C LEU G 252 -7.31 -27.38 -23.14
N CYS G 253 -8.31 -27.12 -23.97
CA CYS G 253 -9.15 -28.22 -24.40
C CYS G 253 -8.84 -28.57 -25.85
N SER G 254 -7.77 -28.06 -26.38
CA SER G 254 -7.46 -28.36 -27.77
C SER G 254 -6.35 -29.42 -27.95
N ASP G 255 -6.21 -29.86 -29.21
CA ASP G 255 -5.19 -30.81 -29.62
C ASP G 255 -3.84 -30.14 -29.60
N MET G 256 -3.82 -28.82 -29.42
CA MET G 256 -2.55 -28.07 -29.35
C MET G 256 -1.92 -28.21 -27.99
N ALA G 257 -2.77 -28.47 -26.99
CA ALA G 257 -2.30 -28.60 -25.63
C ALA G 257 -2.10 -30.05 -25.16
N THR G 258 -1.92 -31.02 -26.07
CA THR G 258 -1.88 -32.42 -25.62
C THR G 258 -0.63 -32.79 -24.79
N GLY G 259 0.38 -31.91 -24.77
CA GLY G 259 1.54 -32.11 -23.94
C GLY G 259 1.37 -31.59 -22.52
N ILE G 260 0.20 -31.01 -22.20
CA ILE G 260 0.08 -30.34 -20.92
C ILE G 260 -0.91 -31.03 -20.02
N THR G 261 -0.49 -31.44 -18.83
CA THR G 261 -1.40 -32.01 -17.85
C THR G 261 -0.87 -31.77 -16.43
N GLY G 262 -1.77 -31.81 -15.46
CA GLY G 262 -1.39 -31.54 -14.08
C GLY G 262 -0.94 -30.08 -13.83
N GLU G 263 -1.28 -29.19 -14.78
CA GLU G 263 -0.75 -27.86 -14.74
C GLU G 263 -1.75 -26.82 -14.28
N VAL G 264 -1.23 -25.79 -13.61
CA VAL G 264 -1.98 -24.58 -13.19
C VAL G 264 -1.46 -23.45 -14.06
N VAL G 265 -2.33 -22.89 -14.89
CA VAL G 265 -1.93 -21.74 -15.71
C VAL G 265 -2.55 -20.46 -15.12
N HIS G 266 -1.70 -19.53 -14.65
CA HIS G 266 -2.21 -18.28 -14.04
C HIS G 266 -2.60 -17.37 -15.14
N VAL G 267 -3.84 -16.93 -15.09
CA VAL G 267 -4.31 -15.93 -16.05
C VAL G 267 -4.71 -14.73 -15.19
N ASP G 268 -3.71 -13.89 -14.92
CA ASP G 268 -3.86 -12.98 -13.79
C ASP G 268 -3.05 -11.70 -13.99
N ALA G 269 -2.72 -11.44 -15.25
CA ALA G 269 -1.95 -10.28 -15.64
C ALA G 269 -0.58 -10.26 -14.97
N GLY G 270 -0.16 -11.42 -14.47
CA GLY G 270 1.17 -11.58 -13.88
C GLY G 270 1.24 -11.41 -12.38
N TYR G 271 0.10 -11.21 -11.74
CA TYR G 271 0.05 -11.09 -10.29
C TYR G 271 0.89 -12.12 -9.55
N HIS G 272 0.80 -13.39 -9.94
CA HIS G 272 1.39 -14.51 -9.18
C HIS G 272 2.89 -14.36 -9.08
N CYS G 273 3.57 -13.68 -10.01
CA CYS G 273 5.03 -13.65 -10.08
C CYS G 273 5.74 -12.49 -9.42
N VAL G 274 5.00 -11.58 -8.78
CA VAL G 274 5.62 -10.41 -8.13
C VAL G 274 5.47 -10.42 -6.62
N SER G 275 6.34 -9.67 -5.97
CA SER G 275 6.15 -9.47 -4.58
C SER G 275 6.47 -8.02 -4.26
N MET G 276 5.67 -7.39 -3.39
CA MET G 276 5.93 -6.03 -2.93
C MET G 276 5.98 -4.99 -4.06
N GLY G 277 4.81 -4.46 -4.41
CA GLY G 277 4.68 -3.59 -5.59
C GLY G 277 5.16 -2.16 -5.48
N ASN G 278 4.90 -1.50 -4.35
CA ASN G 278 5.40 -0.11 -4.17
C ASN G 278 6.55 0.08 -3.17
N GLY H 22 17.93 -27.05 28.51
CA GLY H 22 17.18 -27.53 27.30
C GLY H 22 16.49 -26.36 26.60
N PHE H 23 16.38 -26.39 25.26
CA PHE H 23 15.78 -25.25 24.54
C PHE H 23 14.26 -25.19 24.54
N LEU H 24 13.61 -26.14 25.21
CA LEU H 24 12.16 -26.07 25.47
C LEU H 24 11.81 -26.06 26.96
N ALA H 25 12.79 -25.70 27.78
CA ALA H 25 12.61 -25.73 29.25
C ALA H 25 11.41 -24.89 29.65
N GLY H 26 10.52 -25.48 30.46
CA GLY H 26 9.37 -24.76 30.96
C GLY H 26 8.17 -24.77 30.03
N LYS H 27 8.40 -24.84 28.72
CA LYS H 27 7.32 -24.73 27.76
C LYS H 27 6.33 -25.85 27.90
N LYS H 28 5.05 -25.49 27.80
CA LYS H 28 3.93 -26.44 28.00
C LYS H 28 3.34 -26.81 26.64
N ILE H 29 3.52 -28.06 26.26
CA ILE H 29 3.22 -28.50 24.90
C ILE H 29 2.29 -29.70 24.89
N LEU H 30 1.23 -29.58 24.08
CA LEU H 30 0.29 -30.65 23.82
C LEU H 30 0.68 -31.43 22.57
N ILE H 31 0.76 -32.77 22.73
CA ILE H 31 1.05 -33.71 21.65
C ILE H 31 -0.13 -34.64 21.33
N THR H 32 -0.62 -34.52 20.10
CA THR H 32 -1.65 -35.43 19.59
C THR H 32 -1.02 -36.62 18.82
N GLY H 33 -1.72 -37.72 18.74
CA GLY H 33 -1.34 -38.76 17.79
C GLY H 33 -0.26 -39.73 18.22
N LEU H 34 -0.02 -39.83 19.52
CA LEU H 34 0.91 -40.84 20.00
C LEU H 34 0.13 -42.12 20.11
N LEU H 35 0.62 -43.16 19.43
CA LEU H 35 -0.11 -44.44 19.34
C LEU H 35 0.71 -45.70 19.62
N SER H 36 1.96 -45.74 19.11
CA SER H 36 2.91 -46.83 19.38
C SER H 36 4.25 -46.18 19.53
N ASN H 37 5.27 -46.95 19.88
CA ASN H 37 6.60 -46.37 19.99
C ASN H 37 7.28 -46.18 18.62
N LYS H 38 6.52 -46.49 17.56
CA LYS H 38 6.91 -46.18 16.18
C LYS H 38 6.37 -44.84 15.72
N SER H 39 5.38 -44.29 16.44
CA SER H 39 4.65 -43.07 16.02
C SER H 39 5.59 -41.94 15.86
N ILE H 40 5.39 -41.11 14.86
CA ILE H 40 6.20 -39.91 14.73
C ILE H 40 6.06 -39.06 16.03
N ALA H 41 4.85 -39.07 16.60
CA ALA H 41 4.56 -38.36 17.84
C ALA H 41 5.47 -38.84 18.98
N TYR H 42 5.82 -40.13 18.97
CA TYR H 42 6.74 -40.65 19.96
C TYR H 42 8.14 -40.02 19.87
N GLY H 43 8.62 -39.84 18.63
CA GLY H 43 9.89 -39.23 18.35
C GLY H 43 9.84 -37.78 18.74
N ILE H 44 8.71 -37.12 18.45
CA ILE H 44 8.51 -35.76 18.85
C ILE H 44 8.55 -35.70 20.38
N ALA H 45 7.94 -36.68 21.05
CA ALA H 45 7.84 -36.64 22.50
C ALA H 45 9.25 -36.75 23.04
N LYS H 46 9.97 -37.81 22.65
CA LYS H 46 11.36 -38.00 23.05
C LYS H 46 12.17 -36.71 22.92
N ALA H 47 12.04 -36.02 21.79
CA ALA H 47 12.88 -34.83 21.56
C ALA H 47 12.52 -33.66 22.51
N MET H 48 11.23 -33.51 22.78
CA MET H 48 10.82 -32.39 23.59
C MET H 48 11.05 -32.67 25.08
N HIS H 49 10.92 -33.91 25.49
CA HIS H 49 11.22 -34.28 26.87
C HIS H 49 12.70 -34.04 27.16
N ARG H 50 13.56 -34.60 26.32
CA ARG H 50 14.98 -34.25 26.30
C ARG H 50 15.25 -32.75 26.37
N GLU H 51 14.41 -31.91 25.78
CA GLU H 51 14.71 -30.47 25.79
C GLU H 51 13.99 -29.67 26.89
N GLY H 52 13.42 -30.40 27.85
CA GLY H 52 12.83 -29.87 29.08
C GLY H 52 11.38 -29.40 29.04
N ALA H 53 10.64 -29.79 28.00
CA ALA H 53 9.25 -29.40 27.86
C ALA H 53 8.40 -30.19 28.84
N GLU H 54 7.32 -29.56 29.31
CA GLU H 54 6.25 -30.30 30.01
C GLU H 54 5.22 -30.74 28.99
N LEU H 55 4.87 -32.00 29.05
CA LEU H 55 4.12 -32.58 27.96
C LEU H 55 2.76 -33.05 28.40
N ALA H 56 1.79 -32.86 27.51
CA ALA H 56 0.45 -33.46 27.65
C ALA H 56 0.10 -34.21 26.39
N PHE H 57 -0.66 -35.27 26.52
CA PHE H 57 -1.00 -36.12 25.38
C PHE H 57 -2.50 -36.35 25.23
N THR H 58 -2.92 -36.55 23.97
CA THR H 58 -4.26 -37.02 23.63
C THR H 58 -4.30 -38.44 23.02
N TYR H 59 -5.46 -39.08 23.19
CA TYR H 59 -5.73 -40.43 22.65
C TYR H 59 -7.18 -40.55 22.15
N VAL H 60 -7.41 -41.51 21.25
CA VAL H 60 -8.75 -41.75 20.74
C VAL H 60 -9.37 -42.86 21.55
N GLY H 61 -10.61 -42.62 22.01
CA GLY H 61 -11.37 -43.54 22.85
C GLY H 61 -10.73 -44.85 23.32
N GLN H 62 -10.70 -45.84 22.44
CA GLN H 62 -10.24 -47.22 22.77
C GLN H 62 -8.85 -47.35 23.39
N PHE H 63 -7.93 -46.49 22.98
CA PHE H 63 -6.51 -46.68 23.24
C PHE H 63 -6.00 -46.07 24.55
N LYS H 64 -6.92 -45.73 25.45
CA LYS H 64 -6.57 -45.08 26.71
C LYS H 64 -5.39 -45.74 27.40
N ASP H 65 -5.49 -47.05 27.65
CA ASP H 65 -4.46 -47.78 28.41
C ASP H 65 -3.14 -47.89 27.68
N ARG H 66 -3.22 -48.22 26.39
CA ARG H 66 -2.09 -48.25 25.48
C ARG H 66 -1.27 -46.95 25.65
N VAL H 67 -1.96 -45.81 25.54
CA VAL H 67 -1.31 -44.51 25.46
C VAL H 67 -0.75 -44.03 26.80
N GLU H 68 -1.49 -44.27 27.88
CA GLU H 68 -1.02 -43.93 29.22
C GLU H 68 0.27 -44.66 29.56
N LYS H 69 0.31 -45.97 29.30
CA LYS H 69 1.52 -46.78 29.49
C LYS H 69 2.69 -46.18 28.69
N LEU H 70 2.45 -45.96 27.40
CA LEU H 70 3.44 -45.55 26.46
C LEU H 70 4.07 -44.24 26.85
N CYS H 71 3.25 -43.26 27.21
CA CYS H 71 3.79 -41.93 27.44
C CYS H 71 4.05 -41.61 28.94
N ALA H 72 3.88 -42.59 29.81
CA ALA H 72 4.26 -42.45 31.21
C ALA H 72 5.72 -41.99 31.33
N GLU H 73 6.62 -42.59 30.57
CA GLU H 73 8.04 -42.22 30.58
C GLU H 73 8.34 -40.73 30.32
N PHE H 74 7.35 -39.97 29.83
CA PHE H 74 7.54 -38.53 29.62
C PHE H 74 6.98 -37.63 30.72
N ASN H 75 6.54 -38.30 31.80
CA ASN H 75 6.02 -37.64 32.99
C ASN H 75 4.99 -36.59 32.58
N PRO H 76 3.91 -37.05 31.95
CA PRO H 76 2.93 -36.14 31.34
C PRO H 76 2.08 -35.38 32.37
N ALA H 77 1.85 -34.08 32.13
CA ALA H 77 0.95 -33.30 32.97
C ALA H 77 -0.55 -33.73 32.90
N ALA H 78 -0.90 -34.43 31.81
CA ALA H 78 -2.27 -34.85 31.53
C ALA H 78 -2.30 -35.76 30.33
N VAL H 79 -3.17 -36.77 30.42
CA VAL H 79 -3.42 -37.69 29.31
C VAL H 79 -4.94 -37.79 29.09
N LEU H 80 -5.40 -37.16 28.01
CA LEU H 80 -6.80 -36.80 27.87
C LEU H 80 -7.39 -37.29 26.54
N PRO H 81 -8.69 -37.70 26.56
CA PRO H 81 -9.37 -38.18 25.35
C PRO H 81 -9.62 -37.05 24.36
N CYS H 82 -9.34 -37.31 23.09
CA CYS H 82 -9.67 -36.34 22.08
C CYS H 82 -9.75 -36.97 20.72
N ASP H 83 -10.99 -37.29 20.34
CA ASP H 83 -11.32 -37.72 18.99
C ASP H 83 -11.71 -36.47 18.18
N VAL H 84 -10.84 -36.05 17.25
CA VAL H 84 -11.06 -34.81 16.49
C VAL H 84 -12.26 -34.86 15.54
N ILE H 85 -12.99 -35.98 15.53
CA ILE H 85 -14.28 -36.02 14.85
C ILE H 85 -15.29 -35.16 15.60
N SER H 86 -15.09 -35.01 16.91
CA SER H 86 -16.07 -34.37 17.79
C SER H 86 -15.70 -32.97 18.27
N ASP H 87 -16.48 -31.95 17.87
CA ASP H 87 -16.25 -30.57 18.34
C ASP H 87 -16.29 -30.43 19.85
N GLN H 88 -17.15 -31.24 20.49
CA GLN H 88 -17.29 -31.26 21.94
C GLN H 88 -16.01 -31.73 22.68
N GLU H 89 -15.50 -32.91 22.29
CA GLU H 89 -14.27 -33.44 22.87
C GLU H 89 -13.11 -32.48 22.73
N ILE H 90 -13.03 -31.76 21.61
CA ILE H 90 -11.97 -30.79 21.37
C ILE H 90 -12.11 -29.64 22.35
N LYS H 91 -13.35 -29.18 22.54
CA LYS H 91 -13.65 -28.11 23.47
C LYS H 91 -13.25 -28.51 24.88
N ASP H 92 -13.58 -29.75 25.24
CA ASP H 92 -13.34 -30.28 26.59
C ASP H 92 -11.89 -30.59 26.84
N LEU H 93 -11.16 -30.79 25.75
CA LEU H 93 -9.74 -31.00 25.87
C LEU H 93 -9.12 -29.74 26.43
N PHE H 94 -9.56 -28.58 25.94
CA PHE H 94 -8.96 -27.33 26.41
C PHE H 94 -9.44 -26.82 27.76
N VAL H 95 -10.67 -27.19 28.12
CA VAL H 95 -11.21 -26.97 29.46
C VAL H 95 -10.41 -27.76 30.54
N GLU H 96 -10.24 -29.07 30.32
CA GLU H 96 -9.46 -29.92 31.23
C GLU H 96 -7.98 -29.57 31.34
N LEU H 97 -7.39 -29.27 30.19
CA LEU H 97 -6.01 -28.84 30.12
C LEU H 97 -5.86 -27.52 30.86
N GLY H 98 -6.80 -26.60 30.65
CA GLY H 98 -6.82 -25.32 31.34
C GLY H 98 -6.89 -25.42 32.86
N LYS H 99 -7.38 -26.54 33.37
CA LYS H 99 -7.35 -26.82 34.81
C LYS H 99 -5.96 -27.14 35.33
N VAL H 100 -5.12 -27.71 34.46
CA VAL H 100 -3.76 -28.10 34.82
C VAL H 100 -2.73 -26.99 34.53
N TRP H 101 -2.92 -26.24 33.44
CA TRP H 101 -1.97 -25.21 33.00
C TRP H 101 -2.60 -23.88 32.83
N ASP H 102 -1.83 -22.82 32.98
CA ASP H 102 -2.36 -21.48 32.81
C ASP H 102 -2.37 -21.06 31.37
N GLY H 103 -1.23 -21.24 30.73
CA GLY H 103 -1.11 -21.05 29.30
C GLY H 103 -0.66 -22.34 28.62
N LEU H 104 -0.66 -22.29 27.30
CA LEU H 104 -0.22 -23.41 26.47
C LEU H 104 0.83 -22.84 25.54
N ASP H 105 1.94 -23.54 25.40
CA ASP H 105 3.00 -23.05 24.53
C ASP H 105 2.97 -23.59 23.08
N ALA H 106 2.56 -24.84 22.92
CA ALA H 106 2.51 -25.42 21.59
C ALA H 106 1.51 -26.52 21.45
N ILE H 107 0.97 -26.63 20.24
CA ILE H 107 0.18 -27.80 19.87
C ILE H 107 0.89 -28.52 18.75
N VAL H 108 1.06 -29.82 18.93
CA VAL H 108 1.59 -30.69 17.91
C VAL H 108 0.52 -31.59 17.33
N HIS H 109 0.17 -31.28 16.08
CA HIS H 109 -0.82 -32.05 15.30
C HIS H 109 -0.09 -33.13 14.54
N SER H 110 -0.42 -34.37 14.85
CA SER H 110 0.23 -35.48 14.20
C SER H 110 -0.84 -36.56 14.07
N ILE H 111 -1.86 -36.23 13.31
CA ILE H 111 -2.98 -37.16 13.13
C ILE H 111 -3.49 -37.08 11.69
N ALA H 112 -3.85 -38.25 11.18
CA ALA H 112 -4.39 -38.40 9.85
C ALA H 112 -5.27 -39.62 9.81
N PHE H 113 -6.21 -39.61 8.87
CA PHE H 113 -7.01 -40.78 8.60
C PHE H 113 -7.77 -40.57 7.29
N ALA H 114 -7.92 -41.67 6.54
CA ALA H 114 -8.83 -41.79 5.44
C ALA H 114 -9.25 -43.26 5.49
N PRO H 115 -10.50 -43.58 5.07
CA PRO H 115 -10.91 -44.98 5.02
C PRO H 115 -9.96 -45.80 4.15
N ARG H 116 -9.82 -47.09 4.46
CA ARG H 116 -8.93 -48.03 3.75
C ARG H 116 -9.07 -47.89 2.25
N ASP H 117 -10.32 -47.91 1.75
CA ASP H 117 -10.68 -47.86 0.31
C ASP H 117 -10.16 -46.61 -0.45
N GLN H 118 -9.72 -45.60 0.26
CA GLN H 118 -9.31 -44.37 -0.40
C GLN H 118 -7.85 -44.38 -0.76
N LEU H 119 -7.18 -45.48 -0.44
CA LEU H 119 -5.74 -45.44 -0.31
C LEU H 119 -4.91 -46.40 -1.16
N GLU H 120 -5.51 -47.08 -2.12
CA GLU H 120 -4.67 -47.76 -3.11
C GLU H 120 -5.44 -47.91 -4.43
N GLY H 121 -4.73 -48.27 -5.48
CA GLY H 121 -5.35 -48.29 -6.80
C GLY H 121 -5.50 -46.89 -7.41
N ASN H 122 -6.36 -46.79 -8.42
CA ASN H 122 -6.54 -45.59 -9.20
C ASN H 122 -7.34 -44.52 -8.45
N PHE H 123 -6.80 -43.30 -8.43
CA PHE H 123 -7.43 -42.26 -7.64
C PHE H 123 -8.94 -42.13 -7.91
N ILE H 124 -9.27 -42.06 -9.19
CA ILE H 124 -10.63 -41.76 -9.65
C ILE H 124 -11.58 -42.92 -9.44
N ASP H 125 -11.12 -44.17 -9.63
CA ASP H 125 -11.93 -45.34 -9.26
C ASP H 125 -12.24 -45.35 -7.79
N CYS H 126 -11.27 -45.05 -6.95
CA CYS H 126 -11.42 -45.24 -5.49
C CYS H 126 -12.01 -44.05 -4.70
N VAL H 127 -11.73 -42.82 -5.14
CA VAL H 127 -12.27 -41.64 -4.44
C VAL H 127 -13.79 -41.72 -4.28
N THR H 128 -14.30 -41.57 -3.05
CA THR H 128 -15.75 -41.41 -2.84
C THR H 128 -16.08 -40.09 -2.13
N ARG H 129 -17.31 -39.57 -2.27
CA ARG H 129 -17.69 -38.32 -1.60
C ARG H 129 -17.48 -38.37 -0.08
N GLU H 130 -17.83 -39.47 0.56
CA GLU H 130 -17.76 -39.55 2.01
C GLU H 130 -16.34 -39.77 2.45
N GLY H 131 -15.60 -40.55 1.67
CA GLY H 131 -14.22 -40.84 1.98
C GLY H 131 -13.36 -39.60 1.82
N PHE H 132 -13.65 -38.78 0.82
CA PHE H 132 -12.99 -37.51 0.61
C PHE H 132 -13.28 -36.58 1.78
N SER H 133 -14.54 -36.56 2.19
CA SER H 133 -15.02 -35.78 3.33
C SER H 133 -14.35 -36.18 4.65
N ILE H 134 -14.33 -37.47 4.96
CA ILE H 134 -13.80 -37.93 6.23
C ILE H 134 -12.30 -37.61 6.31
N ALA H 135 -11.58 -37.91 5.23
CA ALA H 135 -10.14 -37.62 5.16
C ALA H 135 -9.87 -36.15 5.48
N HIS H 136 -10.61 -35.24 4.86
CA HIS H 136 -10.40 -33.81 5.09
C HIS H 136 -10.79 -33.36 6.47
N ASP H 137 -11.91 -33.86 6.95
CA ASP H 137 -12.37 -33.62 8.31
C ASP H 137 -11.28 -33.91 9.35
N ILE H 138 -10.68 -35.10 9.27
CA ILE H 138 -9.77 -35.61 10.31
C ILE H 138 -8.30 -35.19 10.11
N SER H 139 -7.93 -35.00 8.84
CA SER H 139 -6.55 -34.79 8.48
C SER H 139 -6.24 -33.34 8.33
N ALA H 140 -7.26 -32.52 8.08
CA ALA H 140 -7.05 -31.12 7.79
C ALA H 140 -7.88 -30.18 8.66
N TYR H 141 -9.20 -30.40 8.71
CA TYR H 141 -10.04 -29.48 9.46
C TYR H 141 -9.60 -29.52 10.95
N SER H 142 -9.26 -30.70 11.42
CA SER H 142 -8.93 -30.86 12.82
C SER H 142 -7.80 -29.94 13.27
N PHE H 143 -6.93 -29.53 12.35
CA PHE H 143 -5.85 -28.63 12.72
C PHE H 143 -6.42 -27.29 13.11
N ALA H 144 -7.26 -26.72 12.25
CA ALA H 144 -7.87 -25.43 12.50
C ALA H 144 -8.77 -25.54 13.73
N ALA H 145 -9.27 -26.73 14.05
CA ALA H 145 -10.18 -26.90 15.16
C ALA H 145 -9.43 -26.82 16.45
N LEU H 146 -8.29 -27.48 16.49
CA LEU H 146 -7.37 -27.32 17.61
C LEU H 146 -6.92 -25.86 17.78
N ALA H 147 -6.67 -25.18 16.67
CA ALA H 147 -6.22 -23.79 16.74
C ALA H 147 -7.33 -22.92 17.34
N LYS H 148 -8.57 -23.21 16.94
CA LYS H 148 -9.74 -22.43 17.28
C LYS H 148 -9.91 -22.51 18.78
N GLU H 149 -9.79 -23.70 19.34
CA GLU H 149 -10.06 -23.92 20.75
C GLU H 149 -8.87 -23.66 21.66
N GLY H 150 -7.66 -23.67 21.11
CA GLY H 150 -6.48 -23.56 21.93
C GLY H 150 -6.01 -22.13 21.93
N ARG H 151 -6.53 -21.37 20.97
CA ARG H 151 -6.15 -19.98 20.75
C ARG H 151 -6.02 -19.12 22.01
N SER H 152 -7.02 -19.17 22.89
CA SER H 152 -6.96 -18.29 24.03
C SER H 152 -5.88 -18.73 25.04
N MET H 153 -5.66 -20.04 25.22
CA MET H 153 -4.55 -20.48 26.06
C MET H 153 -3.15 -20.10 25.55
N MET H 154 -3.06 -19.68 24.28
CA MET H 154 -1.79 -19.54 23.55
C MET H 154 -1.41 -18.11 23.24
N LYS H 155 -2.38 -17.21 23.42
CA LYS H 155 -2.20 -15.77 23.27
C LYS H 155 -0.87 -15.27 23.88
N ASN H 156 -0.11 -14.51 23.06
CA ASN H 156 1.06 -13.70 23.48
C ASN H 156 2.07 -14.33 24.42
N ARG H 157 2.61 -15.46 24.01
CA ARG H 157 3.71 -16.09 24.73
C ARG H 157 4.63 -16.79 23.75
N ASN H 158 4.79 -16.22 22.55
CA ASN H 158 5.52 -16.89 21.44
C ASN H 158 5.12 -18.38 21.30
N ALA H 159 3.83 -18.61 21.16
CA ALA H 159 3.37 -19.96 21.07
C ALA H 159 3.59 -20.49 19.65
N SER H 160 3.31 -21.79 19.51
CA SER H 160 3.58 -22.53 18.27
C SER H 160 2.57 -23.63 17.99
N MET H 161 2.34 -23.81 16.68
CA MET H 161 1.67 -25.00 16.21
C MET H 161 2.52 -25.69 15.10
N VAL H 162 2.58 -27.01 15.16
CA VAL H 162 3.22 -27.75 14.09
C VAL H 162 2.33 -28.92 13.67
N ALA H 163 2.07 -28.97 12.37
CA ALA H 163 1.37 -30.11 11.75
C ALA H 163 2.37 -31.04 11.01
N LEU H 164 2.12 -32.36 11.06
CA LEU H 164 2.81 -33.32 10.15
C LEU H 164 2.18 -33.52 8.79
N THR H 165 3.00 -33.35 7.74
CA THR H 165 2.49 -33.44 6.34
C THR H 165 3.35 -34.38 5.48
N TYR H 166 2.93 -34.62 4.23
CA TYR H 166 3.66 -35.51 3.34
C TYR H 166 3.67 -34.95 1.96
N ILE H 167 4.79 -35.15 1.26
CA ILE H 167 4.98 -34.55 -0.08
C ILE H 167 3.84 -34.93 -1.08
N GLY H 168 3.00 -35.89 -0.71
CA GLY H 168 1.85 -36.27 -1.56
C GLY H 168 0.90 -35.10 -1.70
N ALA H 169 1.05 -34.11 -0.81
CA ALA H 169 0.33 -32.85 -0.91
C ALA H 169 0.71 -32.06 -2.16
N GLU H 170 1.99 -32.05 -2.49
CA GLU H 170 2.49 -31.26 -3.59
C GLU H 170 2.41 -31.95 -4.93
N LYS H 171 2.58 -33.27 -4.95
CA LYS H 171 2.70 -34.07 -6.20
C LYS H 171 1.69 -35.19 -6.18
N ALA H 172 1.27 -35.61 -7.36
CA ALA H 172 0.49 -36.86 -7.46
C ALA H 172 1.43 -38.07 -7.32
N MET H 173 1.06 -38.96 -6.42
CA MET H 173 1.81 -40.17 -6.19
C MET H 173 0.90 -41.38 -6.32
N PRO H 174 1.43 -42.54 -6.66
CA PRO H 174 0.53 -43.71 -6.59
C PRO H 174 0.07 -44.01 -5.15
N SER H 175 -1.11 -44.61 -5.00
CA SER H 175 -1.69 -44.99 -3.69
C SER H 175 -2.16 -43.88 -2.72
N TYR H 176 -1.37 -42.84 -2.53
CA TYR H 176 -1.67 -41.83 -1.49
C TYR H 176 -3.06 -41.19 -1.66
N ASN H 177 -3.41 -40.84 -2.90
CA ASN H 177 -4.76 -40.57 -3.36
C ASN H 177 -5.42 -39.51 -2.55
N THR H 178 -6.50 -39.91 -1.89
CA THR H 178 -7.30 -39.02 -1.10
C THR H 178 -6.51 -38.37 0.05
N MET H 179 -5.56 -39.11 0.61
CA MET H 179 -4.69 -38.50 1.66
C MET H 179 -3.82 -37.42 1.08
N GLY H 180 -3.44 -37.56 -0.18
CA GLY H 180 -2.64 -36.53 -0.83
C GLY H 180 -3.44 -35.24 -0.85
N VAL H 181 -4.72 -35.35 -1.26
CA VAL H 181 -5.61 -34.20 -1.42
C VAL H 181 -5.86 -33.57 -0.06
N ALA H 182 -6.15 -34.41 0.94
CA ALA H 182 -6.30 -33.94 2.28
C ALA H 182 -4.99 -33.26 2.77
N LYS H 183 -3.84 -33.86 2.50
CA LYS H 183 -2.59 -33.17 2.93
C LYS H 183 -2.43 -31.80 2.33
N ALA H 184 -2.84 -31.61 1.07
CA ALA H 184 -2.83 -30.30 0.44
C ALA H 184 -3.68 -29.27 1.19
N SER H 185 -4.85 -29.74 1.62
CA SER H 185 -5.80 -29.00 2.41
C SER H 185 -5.16 -28.66 3.73
N LEU H 186 -4.52 -29.65 4.35
CA LEU H 186 -3.81 -29.40 5.63
C LEU H 186 -2.77 -28.28 5.53
N GLU H 187 -2.00 -28.27 4.46
CA GLU H 187 -0.96 -27.26 4.24
C GLU H 187 -1.53 -25.88 3.99
N ALA H 188 -2.71 -25.82 3.39
CA ALA H 188 -3.34 -24.54 3.16
C ALA H 188 -3.88 -24.10 4.49
N THR H 189 -4.46 -25.02 5.26
CA THR H 189 -4.94 -24.67 6.56
C THR H 189 -3.81 -24.13 7.43
N VAL H 190 -2.66 -24.78 7.41
CA VAL H 190 -1.53 -24.25 8.11
C VAL H 190 -1.24 -22.79 7.73
N ARG H 191 -1.16 -22.48 6.45
CA ARG H 191 -0.91 -21.10 6.04
C ARG H 191 -1.99 -20.08 6.50
N TYR H 192 -3.27 -20.46 6.40
CA TYR H 192 -4.32 -19.52 6.74
C TYR H 192 -4.34 -19.41 8.23
N THR H 193 -3.94 -20.48 8.91
CA THR H 193 -3.93 -20.47 10.36
C THR H 193 -2.79 -19.59 10.82
N ALA H 194 -1.71 -19.54 10.03
CA ALA H 194 -0.55 -18.72 10.41
C ALA H 194 -0.87 -17.25 10.32
N LEU H 195 -1.59 -16.90 9.25
CA LEU H 195 -2.04 -15.55 9.03
C LEU H 195 -3.05 -15.15 10.08
N ALA H 196 -3.93 -16.07 10.49
CA ALA H 196 -4.96 -15.75 11.43
C ALA H 196 -4.46 -15.62 12.86
N LEU H 197 -3.50 -16.46 13.24
CA LEU H 197 -2.99 -16.48 14.62
C LEU H 197 -1.70 -15.65 14.91
N GLY H 198 -1.05 -15.13 13.87
CA GLY H 198 0.18 -14.39 14.04
C GLY H 198 0.10 -13.08 14.79
N GLU H 199 -1.06 -12.43 14.77
CA GLU H 199 -1.30 -11.24 15.58
C GLU H 199 -1.22 -11.53 17.11
N ASP H 200 -1.44 -12.79 17.51
CA ASP H 200 -1.30 -13.24 18.90
C ASP H 200 0.11 -13.78 19.20
N GLY H 201 1.04 -13.52 18.28
CA GLY H 201 2.39 -14.08 18.33
C GLY H 201 2.55 -15.61 18.18
N ILE H 202 1.52 -16.29 17.65
CA ILE H 202 1.56 -17.74 17.49
C ILE H 202 2.15 -18.08 16.12
N LYS H 203 3.16 -18.94 16.14
CA LYS H 203 3.75 -19.36 14.88
C LYS H 203 3.22 -20.74 14.47
N VAL H 204 2.98 -20.87 13.18
CA VAL H 204 2.29 -22.06 12.67
C VAL H 204 3.01 -22.64 11.45
N ASN H 205 3.44 -23.89 11.60
CA ASN H 205 4.31 -24.52 10.59
C ASN H 205 4.03 -25.97 10.39
N ALA H 206 4.56 -26.52 9.31
CA ALA H 206 4.41 -27.98 9.07
C ALA H 206 5.74 -28.61 8.79
N VAL H 207 5.86 -29.84 9.26
CA VAL H 207 7.00 -30.65 8.86
C VAL H 207 6.53 -31.71 7.86
N SER H 208 7.17 -31.72 6.70
CA SER H 208 6.90 -32.71 5.71
C SER H 208 7.87 -33.90 5.88
N ALA H 209 7.44 -34.95 6.55
CA ALA H 209 8.31 -36.10 6.79
C ALA H 209 8.41 -37.01 5.58
N GLY H 210 9.62 -37.51 5.32
CA GLY H 210 9.79 -38.65 4.40
C GLY H 210 9.05 -39.84 5.01
N PRO H 211 8.88 -40.93 4.24
CA PRO H 211 8.13 -42.11 4.74
C PRO H 211 8.87 -42.87 5.85
N ILE H 212 8.15 -43.37 6.86
CA ILE H 212 8.70 -43.99 8.06
C ILE H 212 7.76 -45.11 8.48
N LYS H 213 8.28 -46.28 8.80
CA LYS H 213 7.42 -47.43 9.04
C LYS H 213 6.68 -47.35 10.37
N THR H 214 5.48 -46.78 10.35
CA THR H 214 4.64 -46.57 11.55
C THR H 214 3.32 -47.35 11.42
N LEU H 215 2.47 -47.31 12.44
CA LEU H 215 1.17 -47.98 12.33
C LEU H 215 0.32 -47.54 11.12
N ALA H 216 0.36 -46.24 10.78
CA ALA H 216 -0.40 -45.74 9.63
C ALA H 216 0.13 -46.35 8.34
N ALA H 217 1.45 -46.53 8.31
CA ALA H 217 2.17 -47.12 7.17
C ALA H 217 1.84 -48.58 6.89
N SER H 218 1.31 -49.29 7.88
CA SER H 218 1.01 -50.71 7.74
C SER H 218 -0.28 -50.95 6.97
N GLY H 219 -1.01 -49.89 6.69
CA GLY H 219 -2.14 -49.97 5.77
C GLY H 219 -1.68 -50.23 4.33
N ILE H 220 -0.53 -49.67 3.95
CA ILE H 220 -0.03 -49.66 2.56
C ILE H 220 0.76 -50.93 2.22
N SER H 221 0.34 -51.67 1.21
CA SER H 221 0.89 -53.04 1.05
C SER H 221 2.35 -53.16 0.55
N ASN H 222 2.82 -52.17 -0.20
CA ASN H 222 4.20 -52.19 -0.70
C ASN H 222 5.14 -51.15 -0.11
N PHE H 223 4.94 -50.88 1.18
CA PHE H 223 5.56 -49.75 1.85
C PHE H 223 7.08 -49.89 1.89
N LYS H 224 7.55 -51.12 2.10
CA LYS H 224 8.97 -51.37 2.22
C LYS H 224 9.69 -50.85 0.96
N LYS H 225 8.98 -50.90 -0.15
CA LYS H 225 9.53 -50.51 -1.42
C LYS H 225 9.54 -49.01 -1.61
N MET H 226 8.52 -48.33 -1.10
CA MET H 226 8.54 -46.88 -1.10
C MET H 226 9.70 -46.42 -0.22
N LEU H 227 9.87 -47.06 0.93
CA LEU H 227 11.06 -46.78 1.73
C LEU H 227 12.36 -46.99 0.91
N ASP H 228 12.46 -48.11 0.23
CA ASP H 228 13.68 -48.45 -0.45
C ASP H 228 13.95 -47.49 -1.56
N TYR H 229 12.89 -47.08 -2.22
CA TYR H 229 13.01 -46.11 -3.27
C TYR H 229 13.55 -44.78 -2.76
N ASN H 230 12.96 -44.33 -1.64
CA ASN H 230 13.35 -43.08 -1.03
C ASN H 230 14.85 -43.07 -0.72
N ALA H 231 15.30 -44.15 -0.12
CA ALA H 231 16.68 -44.26 0.32
C ALA H 231 17.59 -44.25 -0.89
N MET H 232 17.15 -44.85 -1.97
CA MET H 232 17.97 -44.89 -3.14
C MET H 232 18.06 -43.54 -3.85
N VAL H 233 16.94 -42.85 -3.91
CA VAL H 233 16.79 -41.65 -4.75
C VAL H 233 17.19 -40.34 -4.03
N SER H 234 16.97 -40.30 -2.72
CA SER H 234 17.43 -39.19 -1.89
C SER H 234 18.92 -38.84 -2.01
N PRO H 235 19.23 -37.53 -1.94
CA PRO H 235 20.62 -37.13 -1.95
C PRO H 235 21.38 -37.69 -0.72
N LEU H 236 20.72 -37.84 0.44
CA LEU H 236 21.40 -38.46 1.59
C LEU H 236 21.40 -39.98 1.64
N LYS H 237 20.82 -40.64 0.66
CA LYS H 237 20.95 -42.09 0.56
C LYS H 237 20.53 -42.76 1.86
N LYS H 238 19.47 -42.30 2.50
CA LYS H 238 18.95 -43.01 3.67
C LYS H 238 17.48 -42.70 3.86
N ASN H 239 16.83 -43.43 4.76
CA ASN H 239 15.49 -43.07 5.24
C ASN H 239 15.57 -42.25 6.50
N VAL H 240 14.63 -41.31 6.67
CA VAL H 240 14.61 -40.51 7.89
C VAL H 240 14.04 -41.34 9.03
N ASP H 241 14.32 -40.97 10.27
CA ASP H 241 13.67 -41.60 11.41
C ASP H 241 12.90 -40.59 12.27
N ILE H 242 12.19 -41.13 13.25
CA ILE H 242 11.35 -40.31 14.12
C ILE H 242 12.13 -39.23 14.92
N MET H 243 13.38 -39.50 15.26
CA MET H 243 14.21 -38.53 15.93
C MET H 243 14.54 -37.35 15.06
N GLU H 244 14.88 -37.60 13.80
CA GLU H 244 15.10 -36.48 12.89
C GLU H 244 13.84 -35.61 12.73
N VAL H 245 12.69 -36.24 12.67
CA VAL H 245 11.46 -35.52 12.57
C VAL H 245 11.20 -34.78 13.89
N GLY H 246 11.19 -35.54 15.00
CA GLY H 246 10.96 -35.00 16.32
C GLY H 246 11.81 -33.80 16.68
N ASN H 247 13.13 -33.91 16.44
CA ASN H 247 14.01 -32.79 16.66
C ASN H 247 13.59 -31.60 15.86
N THR H 248 13.16 -31.82 14.62
CA THR H 248 12.69 -30.67 13.84
C THR H 248 11.40 -30.03 14.37
N VAL H 249 10.47 -30.86 14.82
CA VAL H 249 9.27 -30.36 15.41
C VAL H 249 9.64 -29.61 16.72
N ALA H 250 10.45 -30.24 17.57
CA ALA H 250 10.95 -29.56 18.75
C ALA H 250 11.51 -28.17 18.47
N PHE H 251 12.37 -28.07 17.47
CA PHE H 251 12.94 -26.77 17.14
C PHE H 251 11.88 -25.77 16.75
N LEU H 252 10.87 -26.24 16.00
CA LEU H 252 9.85 -25.34 15.48
C LEU H 252 8.90 -24.90 16.57
N CYS H 253 8.94 -25.57 17.72
CA CYS H 253 8.31 -25.04 18.94
C CYS H 253 9.22 -24.22 19.89
N SER H 254 10.38 -23.78 19.44
CA SER H 254 11.30 -23.05 20.35
C SER H 254 11.43 -21.55 20.04
N ASP H 255 12.05 -20.81 20.97
CA ASP H 255 12.23 -19.35 20.84
C ASP H 255 13.22 -19.04 19.74
N MET H 256 13.92 -20.07 19.26
CA MET H 256 14.93 -19.89 18.24
C MET H 256 14.25 -19.77 16.87
N ALA H 257 13.03 -20.31 16.79
CA ALA H 257 12.32 -20.36 15.52
C ALA H 257 11.28 -19.25 15.37
N THR H 258 11.36 -18.22 16.21
CA THR H 258 10.33 -17.20 16.22
C THR H 258 10.27 -16.37 14.98
N GLY H 259 11.23 -16.49 14.07
CA GLY H 259 11.12 -15.83 12.75
C GLY H 259 10.45 -16.67 11.66
N ILE H 260 9.98 -17.87 12.02
CA ILE H 260 9.46 -18.84 11.04
C ILE H 260 7.97 -19.12 11.24
N THR H 261 7.19 -18.82 10.19
CA THR H 261 5.75 -19.16 10.20
C THR H 261 5.22 -19.43 8.78
N GLY H 262 4.21 -20.27 8.73
CA GLY H 262 3.59 -20.63 7.47
C GLY H 262 4.55 -21.39 6.59
N GLU H 263 5.44 -22.14 7.24
CA GLU H 263 6.48 -22.81 6.53
C GLU H 263 6.33 -24.31 6.58
N VAL H 264 6.73 -24.93 5.49
CA VAL H 264 6.81 -26.39 5.40
C VAL H 264 8.28 -26.75 5.41
N VAL H 265 8.69 -27.50 6.40
CA VAL H 265 10.07 -27.94 6.41
C VAL H 265 10.15 -29.43 6.02
N HIS H 266 10.78 -29.75 4.90
CA HIS H 266 10.91 -31.17 4.50
C HIS H 266 11.97 -31.87 5.29
N VAL H 267 11.55 -32.87 6.03
CA VAL H 267 12.48 -33.73 6.72
C VAL H 267 12.41 -35.13 6.06
N ASP H 268 13.16 -35.31 4.99
CA ASP H 268 12.94 -36.40 4.07
C ASP H 268 14.24 -36.79 3.33
N ALA H 269 15.38 -36.54 3.98
CA ALA H 269 16.70 -36.89 3.44
C ALA H 269 16.99 -36.27 2.07
N GLY H 270 16.22 -35.24 1.74
CA GLY H 270 16.41 -34.47 0.50
C GLY H 270 15.59 -34.93 -0.70
N TYR H 271 14.69 -35.87 -0.46
CA TYR H 271 13.76 -36.37 -1.50
C TYR H 271 13.08 -35.27 -2.28
N HIS H 272 12.51 -34.27 -1.61
CA HIS H 272 11.76 -33.22 -2.29
C HIS H 272 12.53 -32.49 -3.35
N CYS H 273 13.87 -32.44 -3.28
CA CYS H 273 14.59 -31.52 -4.22
C CYS H 273 15.18 -32.18 -5.50
N VAL H 274 15.03 -33.50 -5.65
CA VAL H 274 15.59 -34.20 -6.80
C VAL H 274 14.51 -34.66 -7.77
N SER H 275 14.89 -34.83 -9.04
CA SER H 275 13.99 -35.48 -9.93
C SER H 275 14.77 -36.52 -10.74
N MET H 276 14.18 -37.69 -10.98
CA MET H 276 14.79 -38.72 -11.86
C MET H 276 16.13 -39.23 -11.34
N GLY H 277 16.12 -40.38 -10.69
CA GLY H 277 17.43 -40.87 -10.19
C GLY H 277 18.60 -40.86 -11.18
N ASN H 278 19.77 -41.31 -10.74
CA ASN H 278 20.75 -41.76 -11.73
C ASN H 278 20.66 -43.28 -11.94
N VAL H 279 19.86 -43.96 -11.12
CA VAL H 279 19.44 -45.30 -11.48
C VAL H 279 18.24 -45.11 -12.43
N LEU H 280 16.98 -45.09 -11.96
CA LEU H 280 15.85 -44.84 -12.91
C LEU H 280 15.33 -46.13 -13.56
N GLY I 22 11.71 19.94 36.70
CA GLY I 22 11.39 20.70 35.40
C GLY I 22 11.24 19.81 34.18
N PHE I 23 10.24 20.03 33.29
CA PHE I 23 9.98 19.08 32.18
C PHE I 23 10.99 19.16 31.00
N LEU I 24 12.00 20.03 31.08
CA LEU I 24 13.05 20.01 30.11
C LEU I 24 14.41 19.78 30.79
N ALA I 25 14.38 19.22 32.01
CA ALA I 25 15.63 19.06 32.80
C ALA I 25 16.67 18.31 32.01
N GLY I 26 17.85 18.87 31.91
CA GLY I 26 18.90 18.18 31.19
C GLY I 26 18.96 18.43 29.67
N LYS I 27 17.82 18.70 29.05
CA LYS I 27 17.76 18.92 27.64
C LYS I 27 18.65 20.10 27.16
N LYS I 28 19.37 19.86 26.05
CA LYS I 28 20.28 20.88 25.47
C LYS I 28 19.64 21.57 24.26
N ILE I 29 19.24 22.83 24.44
CA ILE I 29 18.42 23.49 23.44
C ILE I 29 19.06 24.77 22.84
N LEU I 30 19.09 24.84 21.51
CA LEU I 30 19.62 26.05 20.84
C LEU I 30 18.48 26.99 20.50
N ILE I 31 18.65 28.23 20.92
CA ILE I 31 17.64 29.29 20.66
C ILE I 31 18.17 30.34 19.72
N THR I 32 17.48 30.47 18.57
CA THR I 32 17.81 31.57 17.69
C THR I 32 16.90 32.81 17.92
N GLY I 33 17.23 33.94 17.33
CA GLY I 33 16.39 35.09 17.32
C GLY I 33 16.15 35.91 18.55
N LEU I 34 16.93 35.70 19.63
CA LEU I 34 16.83 36.58 20.80
C LEU I 34 17.47 37.96 20.52
N LEU I 35 16.67 39.00 20.62
CA LEU I 35 17.19 40.31 20.20
C LEU I 35 16.99 41.42 21.22
N SER I 36 15.85 41.41 21.90
CA SER I 36 15.56 42.35 23.00
C SER I 36 14.78 41.52 24.01
N ASN I 37 14.44 42.12 25.15
CA ASN I 37 13.65 41.39 26.12
C ASN I 37 12.16 41.38 25.76
N LYS I 38 11.82 41.94 24.60
CA LYS I 38 10.49 41.80 24.04
C LYS I 38 10.40 40.66 23.08
N SER I 39 11.53 40.13 22.63
CA SER I 39 11.56 39.11 21.59
C SER I 39 10.76 37.91 21.99
N ILE I 40 10.21 37.20 21.04
CA ILE I 40 9.49 35.99 21.36
C ILE I 40 10.49 34.99 21.94
N ALA I 41 11.68 34.94 21.37
CA ALA I 41 12.81 34.14 21.84
C ALA I 41 13.11 34.37 23.31
N TYR I 42 12.93 35.59 23.76
CA TYR I 42 13.15 35.88 25.19
C TYR I 42 12.20 35.10 26.08
N GLY I 43 10.92 35.07 25.68
CA GLY I 43 9.84 34.37 26.40
C GLY I 43 10.14 32.90 26.31
N ILE I 44 10.50 32.41 25.13
CA ILE I 44 10.81 30.99 25.00
C ILE I 44 11.98 30.65 25.95
N ALA I 45 12.98 31.54 26.06
CA ALA I 45 14.16 31.30 26.88
C ALA I 45 13.77 31.23 28.32
N LYS I 46 13.11 32.27 28.82
CA LYS I 46 12.50 32.29 30.17
C LYS I 46 11.79 30.97 30.48
N ALA I 47 10.95 30.51 29.58
CA ALA I 47 10.13 29.29 29.86
C ALA I 47 11.04 28.05 30.01
N MET I 48 12.04 27.94 29.16
CA MET I 48 12.86 26.75 29.09
C MET I 48 13.91 26.78 30.18
N HIS I 49 14.35 27.96 30.58
CA HIS I 49 15.24 28.00 31.72
C HIS I 49 14.49 27.58 33.01
N ARG I 50 13.36 28.20 33.29
CA ARG I 50 12.40 27.73 34.32
C ARG I 50 12.17 26.21 34.29
N GLU I 51 12.15 25.57 33.13
CA GLU I 51 11.96 24.11 33.07
C GLU I 51 13.25 23.28 33.04
N GLY I 52 14.37 23.93 33.34
CA GLY I 52 15.63 23.26 33.57
C GLY I 52 16.43 22.92 32.33
N ALA I 53 16.10 23.52 31.19
CA ALA I 53 16.91 23.33 30.00
C ALA I 53 18.37 23.95 30.08
N GLU I 54 19.30 23.33 29.38
CA GLU I 54 20.55 24.03 29.14
C GLU I 54 20.47 24.78 27.77
N LEU I 55 20.78 26.08 27.81
CA LEU I 55 20.48 26.92 26.68
C LEU I 55 21.74 27.43 25.96
N ALA I 56 21.61 27.52 24.64
CA ALA I 56 22.59 28.26 23.84
C ALA I 56 21.87 29.22 22.88
N PHE I 57 22.57 30.31 22.59
CA PHE I 57 21.99 31.36 21.78
C PHE I 57 22.81 31.76 20.57
N THR I 58 22.13 32.14 19.49
CA THR I 58 22.83 32.75 18.40
C THR I 58 22.49 34.24 18.29
N TYR I 59 23.36 35.01 17.62
CA TYR I 59 23.15 36.43 17.31
C TYR I 59 23.62 36.79 15.89
N VAL I 60 23.14 37.93 15.36
CA VAL I 60 23.65 38.38 14.08
C VAL I 60 24.71 39.42 14.25
N GLY I 61 25.82 39.24 13.53
CA GLY I 61 27.08 40.01 13.63
C GLY I 61 27.17 41.14 14.64
N GLN I 62 26.50 42.26 14.34
CA GLN I 62 26.56 43.50 15.13
C GLN I 62 26.15 43.36 16.61
N PHE I 63 25.14 42.53 16.89
CA PHE I 63 24.48 42.51 18.19
C PHE I 63 25.13 41.59 19.25
N LYS I 64 26.36 41.17 19.04
CA LYS I 64 27.07 40.34 19.98
C LYS I 64 26.91 40.76 21.44
N ASP I 65 27.28 42.00 21.77
CA ASP I 65 27.23 42.51 23.17
C ASP I 65 25.82 42.62 23.71
N ARG I 66 24.91 43.23 22.93
CA ARG I 66 23.47 43.28 23.22
C ARG I 66 23.01 41.90 23.77
N VAL I 67 23.22 40.85 22.98
CA VAL I 67 22.65 39.53 23.22
C VAL I 67 23.32 38.83 24.39
N GLU I 68 24.65 38.91 24.51
CA GLU I 68 25.38 38.33 25.65
C GLU I 68 24.90 38.89 26.99
N LYS I 69 24.68 40.19 27.07
CA LYS I 69 24.15 40.86 28.25
C LYS I 69 22.74 40.33 28.51
N LEU I 70 21.96 40.27 27.44
CA LEU I 70 20.56 39.93 27.56
C LEU I 70 20.33 38.48 28.06
N CYS I 71 21.06 37.52 27.51
CA CYS I 71 20.76 36.16 27.85
C CYS I 71 21.70 35.60 28.93
N ALA I 72 22.53 36.46 29.53
CA ALA I 72 23.45 36.06 30.64
C ALA I 72 22.69 35.42 31.79
N GLU I 73 21.54 36.01 32.12
CA GLU I 73 20.62 35.49 33.14
C GLU I 73 20.13 34.03 32.89
N PHE I 74 20.33 33.48 31.69
CA PHE I 74 19.97 32.08 31.44
C PHE I 74 21.17 31.13 31.51
N ASN I 75 22.29 31.66 31.93
CA ASN I 75 23.48 30.85 32.12
C ASN I 75 23.81 29.98 30.91
N PRO I 76 24.04 30.64 29.77
CA PRO I 76 24.15 29.94 28.50
C PRO I 76 25.45 29.17 28.37
N ALA I 77 25.34 27.96 27.83
CA ALA I 77 26.49 27.14 27.60
C ALA I 77 27.30 27.76 26.44
N ALA I 78 26.63 28.50 25.54
CA ALA I 78 27.29 29.20 24.44
C ALA I 78 26.47 30.34 23.88
N VAL I 79 27.18 31.39 23.47
CA VAL I 79 26.59 32.47 22.74
C VAL I 79 27.34 32.71 21.41
N LEU I 80 26.76 32.31 20.28
CA LEU I 80 27.53 32.12 19.07
C LEU I 80 27.01 32.97 17.88
N PRO I 81 27.90 33.46 16.97
CA PRO I 81 27.38 34.16 15.71
C PRO I 81 26.71 33.23 14.73
N CYS I 82 25.56 33.62 14.20
CA CYS I 82 24.95 32.85 13.15
C CYS I 82 23.98 33.70 12.40
N ASP I 83 24.44 34.16 11.24
CA ASP I 83 23.65 34.90 10.28
C ASP I 83 23.20 33.90 9.24
N VAL I 84 21.92 33.59 9.21
CA VAL I 84 21.45 32.48 8.39
C VAL I 84 21.51 32.73 6.85
N ILE I 85 21.99 33.91 6.47
CA ILE I 85 22.33 34.16 5.09
C ILE I 85 23.50 33.26 4.66
N SER I 86 24.33 32.80 5.60
CA SER I 86 25.59 32.16 5.30
C SER I 86 25.57 30.69 5.69
N ASP I 87 25.68 29.80 4.71
CA ASP I 87 25.87 28.37 4.96
C ASP I 87 27.06 28.06 5.81
N GLN I 88 28.13 28.86 5.69
CA GLN I 88 29.38 28.58 6.40
C GLN I 88 29.17 28.81 7.89
N GLU I 89 28.66 30.00 8.27
CA GLU I 89 28.31 30.31 9.65
C GLU I 89 27.34 29.28 10.25
N ILE I 90 26.38 28.80 9.48
CA ILE I 90 25.50 27.79 10.03
C ILE I 90 26.28 26.52 10.36
N LYS I 91 27.20 26.13 9.45
CA LYS I 91 28.01 24.95 9.62
C LYS I 91 28.83 25.08 10.90
N ASP I 92 29.38 26.28 11.10
CA ASP I 92 30.37 26.55 12.13
C ASP I 92 29.62 26.63 13.46
N LEU I 93 28.32 26.89 13.36
CA LEU I 93 27.58 27.01 14.59
C LEU I 93 27.52 25.64 15.22
N PHE I 94 27.31 24.62 14.42
CA PHE I 94 27.25 23.27 14.95
C PHE I 94 28.59 22.65 15.30
N VAL I 95 29.66 23.07 14.62
CA VAL I 95 30.98 22.63 14.95
C VAL I 95 31.31 23.15 16.37
N GLU I 96 31.06 24.43 16.64
CA GLU I 96 31.40 25.05 17.92
C GLU I 96 30.55 24.49 19.04
N LEU I 97 29.30 24.26 18.71
CA LEU I 97 28.33 23.82 19.68
C LEU I 97 28.63 22.39 20.03
N GLY I 98 29.05 21.60 19.04
CA GLY I 98 29.50 20.23 19.26
C GLY I 98 30.76 20.12 20.11
N LYS I 99 31.50 21.21 20.29
CA LYS I 99 32.68 21.21 21.19
C LYS I 99 32.23 21.29 22.63
N VAL I 100 31.05 21.87 22.84
CA VAL I 100 30.49 22.09 24.18
C VAL I 100 29.53 20.95 24.59
N TRP I 101 28.73 20.45 23.66
CA TRP I 101 27.74 19.42 23.94
C TRP I 101 27.94 18.17 23.11
N ASP I 102 27.50 17.03 23.61
CA ASP I 102 27.61 15.81 22.84
C ASP I 102 26.49 15.65 21.86
N GLY I 103 25.29 15.89 22.32
CA GLY I 103 24.13 15.89 21.45
C GLY I 103 23.36 17.19 21.60
N LEU I 104 22.34 17.34 20.78
CA LEU I 104 21.52 18.50 20.82
C LEU I 104 20.10 18.00 20.96
N ASP I 105 19.35 18.63 21.85
CA ASP I 105 17.94 18.23 22.00
C ASP I 105 16.91 18.98 21.18
N ALA I 106 17.15 20.27 20.98
CA ALA I 106 16.18 21.04 20.25
C ALA I 106 16.79 22.23 19.53
N ILE I 107 16.11 22.60 18.45
CA ILE I 107 16.45 23.89 17.81
C ILE I 107 15.22 24.73 17.75
N VAL I 108 15.29 25.94 18.24
CA VAL I 108 14.18 26.91 18.16
C VAL I 108 14.51 27.97 17.16
N HIS I 109 13.68 28.01 16.12
CA HIS I 109 13.87 28.88 15.02
C HIS I 109 12.91 30.00 15.24
N SER I 110 13.43 31.18 15.47
CA SER I 110 12.58 32.32 15.72
C SER I 110 13.23 33.55 15.02
N ILE I 111 13.23 33.47 13.69
CA ILE I 111 13.89 34.50 12.93
C ILE I 111 13.14 34.74 11.65
N ALA I 112 13.03 36.00 11.25
CA ALA I 112 12.39 36.37 10.00
C ALA I 112 12.92 37.68 9.55
N PHE I 113 12.80 37.93 8.24
CA PHE I 113 13.17 39.16 7.67
C PHE I 113 12.63 39.22 6.27
N ALA I 114 12.27 40.45 5.84
CA ALA I 114 12.02 40.81 4.45
C ALA I 114 12.40 42.28 4.40
N PRO I 115 12.81 42.78 3.26
CA PRO I 115 13.20 44.18 3.17
C PRO I 115 12.02 45.04 3.40
N ARG I 116 12.21 46.21 4.06
CA ARG I 116 11.15 47.18 4.42
C ARG I 116 10.09 47.28 3.32
N ASP I 117 10.54 47.49 2.08
CA ASP I 117 9.64 47.74 0.92
C ASP I 117 8.70 46.57 0.54
N GLN I 118 8.88 45.42 1.15
CA GLN I 118 8.02 44.29 0.87
C GLN I 118 6.77 44.30 1.71
N LEU I 119 6.72 45.22 2.69
CA LEU I 119 5.88 45.04 3.89
C LEU I 119 4.83 46.07 4.16
N GLU I 120 4.49 46.90 3.21
CA GLU I 120 3.23 47.61 3.37
C GLU I 120 2.69 48.03 2.03
N GLY I 121 1.43 48.39 1.95
CA GLY I 121 0.89 48.75 0.64
C GLY I 121 0.45 47.52 -0.11
N ASN I 122 0.14 47.71 -1.38
CA ASN I 122 -0.47 46.69 -2.21
C ASN I 122 0.58 45.61 -2.53
N PHE I 123 0.23 44.35 -2.25
CA PHE I 123 1.17 43.24 -2.51
C PHE I 123 1.86 43.26 -3.89
N ILE I 124 1.05 43.40 -4.93
CA ILE I 124 1.55 43.35 -6.28
C ILE I 124 2.39 44.60 -6.66
N ASP I 125 2.04 45.79 -6.20
CA ASP I 125 2.92 46.97 -6.34
C ASP I 125 4.28 46.84 -5.69
N CYS I 126 4.32 46.20 -4.54
CA CYS I 126 5.53 46.14 -3.70
C CYS I 126 6.42 44.89 -3.88
N VAL I 127 5.83 43.73 -4.18
CA VAL I 127 6.64 42.55 -4.31
C VAL I 127 7.71 42.76 -5.38
N THR I 128 8.96 42.44 -5.04
CA THR I 128 10.01 42.40 -6.06
C THR I 128 10.67 41.02 -6.09
N ARG I 129 11.28 40.67 -7.22
CA ARG I 129 12.01 39.41 -7.33
C ARG I 129 13.05 39.23 -6.21
N GLU I 130 13.80 40.27 -5.88
CA GLU I 130 14.90 40.07 -4.92
C GLU I 130 14.37 40.04 -3.51
N GLY I 131 13.34 40.85 -3.27
CA GLY I 131 12.71 40.93 -1.95
C GLY I 131 11.97 39.64 -1.60
N PHE I 132 11.32 39.07 -2.58
CA PHE I 132 10.72 37.75 -2.45
C PHE I 132 11.76 36.71 -2.14
N SER I 133 12.85 36.74 -2.85
CA SER I 133 13.96 35.85 -2.64
C SER I 133 14.61 35.94 -1.24
N ILE I 134 14.83 37.18 -0.77
CA ILE I 134 15.49 37.37 0.48
C ILE I 134 14.59 36.91 1.65
N ALA I 135 13.28 37.24 1.55
CA ALA I 135 12.29 36.86 2.57
C ALA I 135 12.27 35.34 2.71
N HIS I 136 12.26 34.61 1.59
CA HIS I 136 12.19 33.14 1.67
C HIS I 136 13.48 32.52 2.12
N ASP I 137 14.59 33.12 1.73
CA ASP I 137 15.94 32.66 2.12
C ASP I 137 16.09 32.71 3.62
N ILE I 138 15.75 33.85 4.23
CA ILE I 138 15.96 34.06 5.64
C ILE I 138 14.84 33.49 6.52
N SER I 139 13.64 33.47 5.98
CA SER I 139 12.49 33.22 6.76
C SER I 139 12.06 31.79 6.70
N ALA I 140 12.53 31.07 5.70
CA ALA I 140 12.03 29.75 5.41
C ALA I 140 13.15 28.73 5.18
N TYR I 141 14.04 29.06 4.23
CA TYR I 141 15.07 28.11 3.82
C TYR I 141 15.90 27.88 5.06
N SER I 142 16.05 28.92 5.89
CA SER I 142 17.00 28.85 7.03
C SER I 142 16.59 27.78 8.01
N PHE I 143 15.30 27.43 8.00
CA PHE I 143 14.84 26.39 8.93
C PHE I 143 15.41 25.05 8.49
N ALA I 144 15.25 24.72 7.22
CA ALA I 144 15.79 23.48 6.67
C ALA I 144 17.33 23.49 6.75
N ALA I 145 17.92 24.68 6.76
CA ALA I 145 19.36 24.77 6.79
C ALA I 145 19.83 24.43 8.17
N LEU I 146 19.08 24.87 9.20
CA LEU I 146 19.44 24.50 10.58
C LEU I 146 19.26 23.01 10.75
N ALA I 147 18.24 22.46 10.13
CA ALA I 147 17.93 21.06 10.27
C ALA I 147 19.02 20.18 9.65
N LYS I 148 19.38 20.57 8.43
CA LYS I 148 20.43 19.94 7.64
C LYS I 148 21.76 19.81 8.47
N GLU I 149 22.16 20.88 9.12
CA GLU I 149 23.43 20.89 9.85
C GLU I 149 23.31 20.39 11.33
N GLY I 150 22.09 20.40 11.86
CA GLY I 150 21.92 20.03 13.26
C GLY I 150 21.56 18.56 13.42
N ARG I 151 21.03 18.01 12.33
CA ARG I 151 20.60 16.62 12.18
C ARG I 151 21.49 15.61 12.89
N SER I 152 22.80 15.69 12.72
CA SER I 152 23.61 14.63 13.25
C SER I 152 23.75 14.72 14.78
N MET I 153 23.79 15.92 15.35
CA MET I 153 23.78 16.07 16.81
C MET I 153 22.46 15.68 17.50
N MET I 154 21.40 15.52 16.68
CA MET I 154 20.03 15.37 17.18
C MET I 154 19.47 13.98 16.97
N LYS I 155 20.24 13.15 16.27
CA LYS I 155 19.85 11.76 16.00
C LYS I 155 19.45 11.03 17.27
N ASN I 156 18.30 10.33 17.22
CA ASN I 156 17.88 9.33 18.26
C ASN I 156 17.96 9.70 19.74
N ARG I 157 17.46 10.88 20.09
CA ARG I 157 17.28 11.26 21.46
C ARG I 157 15.93 12.01 21.70
N ASN I 158 14.87 11.67 20.95
CA ASN I 158 13.62 12.43 21.00
C ASN I 158 13.86 13.93 20.89
N ALA I 159 14.64 14.34 19.90
CA ALA I 159 14.92 15.72 19.65
C ALA I 159 13.73 16.43 18.97
N SER I 160 13.86 17.77 18.92
CA SER I 160 12.76 18.63 18.45
C SER I 160 13.23 19.84 17.73
N MET I 161 12.40 20.25 16.78
CA MET I 161 12.53 21.57 16.21
C MET I 161 11.22 22.30 16.30
N VAL I 162 11.30 23.59 16.62
CA VAL I 162 10.10 24.45 16.57
C VAL I 162 10.38 25.75 15.80
N ALA I 163 9.52 26.06 14.81
CA ALA I 163 9.59 27.35 14.16
C ALA I 163 8.45 28.27 14.59
N LEU I 164 8.67 29.60 14.58
CA LEU I 164 7.62 30.57 14.79
C LEU I 164 7.01 31.01 13.48
N THR I 165 5.69 30.99 13.37
CA THR I 165 4.99 31.35 12.15
C THR I 165 3.81 32.30 12.48
N TYR I 166 3.05 32.73 11.49
CA TYR I 166 1.99 33.69 11.70
C TYR I 166 0.86 33.35 10.72
N ILE I 167 -0.34 33.72 11.08
CA ILE I 167 -1.53 33.27 10.30
C ILE I 167 -1.55 33.89 8.87
N GLY I 168 -0.71 34.92 8.68
CA GLY I 168 -0.49 35.53 7.35
C GLY I 168 -0.07 34.51 6.29
N ALA I 169 0.39 33.35 6.73
CA ALA I 169 0.73 32.24 5.87
C ALA I 169 -0.48 31.63 5.27
N GLU I 170 -1.57 31.47 6.05
CA GLU I 170 -2.81 30.82 5.63
C GLU I 170 -3.72 31.75 4.91
N LYS I 171 -3.78 33.01 5.34
CA LYS I 171 -4.79 33.98 4.78
C LYS I 171 -4.11 35.20 4.17
N ALA I 172 -4.78 35.87 3.25
CA ALA I 172 -4.19 37.15 2.78
C ALA I 172 -4.59 38.24 3.75
N MET I 173 -3.57 38.96 4.24
CA MET I 173 -3.74 40.06 5.19
C MET I 173 -3.15 41.36 4.66
N PRO I 174 -3.67 42.49 5.09
CA PRO I 174 -3.01 43.69 4.57
C PRO I 174 -1.62 43.75 5.19
N SER I 175 -0.70 44.44 4.48
CA SER I 175 0.69 44.66 4.91
C SER I 175 1.66 43.47 4.95
N TYR I 176 1.26 42.37 5.54
CA TYR I 176 2.19 41.30 5.70
C TYR I 176 2.83 40.83 4.36
N ASN I 177 2.05 40.77 3.28
CA ASN I 177 2.54 40.63 1.91
C ASN I 177 3.58 39.49 1.69
N THR I 178 4.77 39.89 1.25
CA THR I 178 5.84 38.97 1.02
C THR I 178 6.14 38.13 2.20
N MET I 179 5.95 38.62 3.45
CA MET I 179 6.25 37.76 4.61
C MET I 179 5.22 36.69 4.68
N GLY I 180 4.01 36.95 4.19
CA GLY I 180 2.97 35.95 4.33
C GLY I 180 3.34 34.81 3.42
N VAL I 181 3.85 35.16 2.26
CA VAL I 181 4.18 34.12 1.27
C VAL I 181 5.37 33.32 1.83
N ALA I 182 6.36 34.01 2.38
CA ALA I 182 7.48 33.34 3.01
C ALA I 182 7.03 32.48 4.25
N LYS I 183 6.02 32.94 5.01
CA LYS I 183 5.58 32.11 6.17
C LYS I 183 4.97 30.85 5.63
N ALA I 184 4.26 30.95 4.48
CA ALA I 184 3.65 29.78 3.85
C ALA I 184 4.67 28.73 3.47
N SER I 185 5.75 29.24 2.88
CA SER I 185 6.93 28.46 2.60
C SER I 185 7.55 27.83 3.89
N LEU I 186 7.69 28.63 4.96
CA LEU I 186 8.18 28.11 6.27
C LEU I 186 7.34 26.96 6.76
N GLU I 187 6.02 27.09 6.67
CA GLU I 187 5.16 26.01 7.20
C GLU I 187 5.27 24.71 6.41
N ALA I 188 5.50 24.81 5.10
CA ALA I 188 5.68 23.63 4.27
C ALA I 188 7.04 23.06 4.59
N THR I 189 8.02 23.91 4.81
CA THR I 189 9.33 23.41 5.13
C THR I 189 9.28 22.63 6.41
N VAL I 190 8.56 23.17 7.41
CA VAL I 190 8.33 22.43 8.63
C VAL I 190 7.73 21.03 8.37
N ARG I 191 6.73 20.93 7.47
CA ARG I 191 6.10 19.62 7.24
C ARG I 191 7.00 18.66 6.48
N TYR I 192 7.70 19.15 5.46
CA TYR I 192 8.69 18.31 4.75
C TYR I 192 9.86 17.95 5.63
N THR I 193 10.28 18.88 6.52
CA THR I 193 11.34 18.57 7.51
C THR I 193 10.86 17.51 8.47
N ALA I 194 9.55 17.53 8.79
CA ALA I 194 9.03 16.59 9.80
C ALA I 194 9.11 15.21 9.24
N LEU I 195 8.73 15.08 7.98
CA LEU I 195 8.72 13.81 7.30
C LEU I 195 10.15 13.36 7.07
N ALA I 196 11.09 14.25 6.81
CA ALA I 196 12.49 13.82 6.56
C ALA I 196 13.25 13.47 7.85
N LEU I 197 12.95 14.13 8.95
CA LEU I 197 13.75 13.88 10.18
C LEU I 197 13.12 12.91 11.16
N GLY I 198 11.90 12.44 10.87
CA GLY I 198 11.14 11.61 11.85
C GLY I 198 11.64 10.19 12.03
N GLU I 199 12.34 9.66 11.04
CA GLU I 199 13.04 8.37 11.12
C GLU I 199 14.19 8.45 12.17
N ASP I 200 14.71 9.66 12.47
CA ASP I 200 15.73 9.87 13.51
C ASP I 200 15.06 10.21 14.84
N GLY I 201 13.73 10.07 14.93
CA GLY I 201 12.99 10.43 16.15
C GLY I 201 12.88 11.94 16.44
N ILE I 202 13.15 12.77 15.44
CA ILE I 202 13.14 14.22 15.66
C ILE I 202 11.77 14.74 15.35
N LYS I 203 11.13 15.44 16.31
CA LYS I 203 9.83 16.01 15.98
C LYS I 203 9.97 17.49 15.54
N VAL I 204 9.13 17.92 14.60
CA VAL I 204 9.29 19.21 14.03
C VAL I 204 7.94 19.86 13.92
N ASN I 205 7.79 21.07 14.50
CA ASN I 205 6.51 21.74 14.61
C ASN I 205 6.66 23.23 14.58
N ALA I 206 5.53 23.90 14.50
CA ALA I 206 5.53 25.34 14.49
C ALA I 206 4.50 25.83 15.48
N VAL I 207 4.79 27.02 16.03
CA VAL I 207 3.83 27.79 16.78
C VAL I 207 3.46 29.06 15.98
N SER I 208 2.18 29.28 15.84
CA SER I 208 1.69 30.38 15.03
C SER I 208 1.22 31.40 16.08
N ALA I 209 2.05 32.38 16.36
CA ALA I 209 1.72 33.34 17.40
C ALA I 209 0.82 34.40 16.90
N GLY I 210 -0.09 34.90 17.76
CA GLY I 210 -0.84 36.12 17.57
C GLY I 210 0.12 37.24 17.56
N PRO I 211 -0.28 38.41 17.10
CA PRO I 211 0.66 39.54 17.05
C PRO I 211 1.08 40.00 18.45
N ILE I 212 2.35 40.40 18.58
CA ILE I 212 3.01 40.79 19.86
C ILE I 212 3.95 41.94 19.59
N LYS I 213 4.00 42.97 20.43
CA LYS I 213 4.78 44.17 20.12
C LYS I 213 6.28 43.88 20.38
N THR I 214 7.01 43.51 19.36
CA THR I 214 8.42 43.18 19.46
C THR I 214 9.20 44.11 18.50
N LEU I 215 10.55 44.02 18.46
CA LEU I 215 11.29 44.81 17.49
C LEU I 215 10.84 44.64 16.01
N ALA I 216 10.57 43.41 15.57
CA ALA I 216 10.08 43.19 14.22
C ALA I 216 8.78 43.91 14.01
N ALA I 217 7.98 44.01 15.04
CA ALA I 217 6.70 44.69 14.87
C ALA I 217 6.83 46.19 14.66
N SER I 218 7.91 46.79 15.13
CA SER I 218 8.05 48.24 15.08
C SER I 218 8.26 48.76 13.66
N GLY I 219 8.47 47.87 12.72
CA GLY I 219 8.50 48.27 11.29
C GLY I 219 7.10 48.61 10.82
N ILE I 220 6.08 47.99 11.38
CA ILE I 220 4.69 48.10 10.85
C ILE I 220 3.95 49.31 11.44
N SER I 221 3.43 50.18 10.59
CA SER I 221 3.14 51.50 11.11
C SER I 221 1.89 51.59 11.97
N ASN I 222 0.92 50.72 11.74
CA ASN I 222 -0.29 50.83 12.57
C ASN I 222 -0.48 49.66 13.48
N PHE I 223 0.62 49.19 14.06
CA PHE I 223 0.62 47.90 14.72
C PHE I 223 -0.33 47.86 15.89
N LYS I 224 -0.34 48.91 16.70
CA LYS I 224 -1.22 48.99 17.86
C LYS I 224 -2.67 48.63 17.51
N LYS I 225 -3.09 49.01 16.31
CA LYS I 225 -4.41 48.76 15.80
C LYS I 225 -4.63 47.33 15.45
N MET I 226 -3.62 46.70 14.84
CA MET I 226 -3.71 45.25 14.62
C MET I 226 -3.86 44.54 15.95
N LEU I 227 -3.05 44.90 16.94
CA LEU I 227 -3.17 44.35 18.23
C LEU I 227 -4.59 44.54 18.73
N ASP I 228 -5.06 45.78 18.73
CA ASP I 228 -6.35 46.06 19.30
C ASP I 228 -7.46 45.29 18.63
N TYR I 229 -7.42 45.18 17.29
CA TYR I 229 -8.37 44.38 16.52
C TYR I 229 -8.28 42.89 16.88
N ASN I 230 -7.07 42.33 16.99
CA ASN I 230 -6.99 40.95 17.50
C ASN I 230 -7.76 40.80 18.80
N ALA I 231 -7.47 41.67 19.76
CA ALA I 231 -8.01 41.48 21.08
C ALA I 231 -9.53 41.56 20.99
N MET I 232 -10.07 42.43 20.15
CA MET I 232 -11.49 42.60 20.10
C MET I 232 -12.21 41.40 19.48
N VAL I 233 -11.57 40.77 18.52
CA VAL I 233 -12.22 39.80 17.70
C VAL I 233 -11.98 38.40 18.19
N SER I 234 -10.87 38.18 18.87
CA SER I 234 -10.56 36.88 19.49
C SER I 234 -11.62 36.39 20.48
N PRO I 235 -11.75 35.05 20.63
CA PRO I 235 -12.62 34.50 21.60
C PRO I 235 -12.13 34.90 22.97
N LEU I 236 -10.85 34.82 23.26
CA LEU I 236 -10.43 35.19 24.60
C LEU I 236 -10.29 36.71 24.89
N LYS I 237 -10.59 37.59 23.92
CA LYS I 237 -10.69 39.03 24.19
C LYS I 237 -9.44 39.55 24.86
N LYS I 238 -8.26 39.17 24.35
CA LYS I 238 -6.99 39.63 24.89
C LYS I 238 -5.90 39.34 23.87
N ASN I 239 -4.74 39.98 24.03
CA ASN I 239 -3.56 39.76 23.20
C ASN I 239 -2.69 38.67 23.84
N VAL I 240 -2.08 37.77 23.06
CA VAL I 240 -1.15 36.82 23.70
C VAL I 240 0.09 37.54 24.14
N ASP I 241 0.85 36.96 25.05
CA ASP I 241 2.19 37.47 25.38
C ASP I 241 3.29 36.43 25.14
N ILE I 242 4.53 36.88 25.33
CA ILE I 242 5.70 36.03 25.05
C ILE I 242 5.79 34.81 25.95
N MET I 243 5.22 34.85 27.16
CA MET I 243 5.20 33.67 27.99
C MET I 243 4.26 32.63 27.43
N GLU I 244 3.06 33.00 27.04
CA GLU I 244 2.15 32.04 26.43
C GLU I 244 2.74 31.28 25.24
N VAL I 245 3.45 32.03 24.40
CA VAL I 245 4.10 31.46 23.25
C VAL I 245 5.24 30.61 23.77
N GLY I 246 6.12 31.22 24.57
CA GLY I 246 7.26 30.51 25.21
C GLY I 246 6.93 29.17 25.84
N ASN I 247 5.87 29.16 26.62
CA ASN I 247 5.46 27.93 27.29
C ASN I 247 5.04 26.88 26.33
N THR I 248 4.33 27.32 25.29
CA THR I 248 3.99 26.37 24.21
C THR I 248 5.27 25.85 23.47
N VAL I 249 6.23 26.74 23.23
CA VAL I 249 7.40 26.28 22.55
C VAL I 249 8.10 25.27 23.46
N ALA I 250 8.22 25.63 24.75
CA ALA I 250 8.78 24.72 25.74
C ALA I 250 8.19 23.35 25.69
N PHE I 251 6.84 23.30 25.74
CA PHE I 251 6.16 22.01 25.73
C PHE I 251 6.49 21.21 24.47
N LEU I 252 6.50 21.90 23.33
CA LEU I 252 6.78 21.18 22.05
C LEU I 252 8.23 20.64 21.93
N CYS I 253 9.08 21.04 22.88
CA CYS I 253 10.38 20.47 23.01
C CYS I 253 10.50 19.42 24.14
N SER I 254 9.40 19.08 24.79
CA SER I 254 9.47 18.09 25.88
C SER I 254 9.09 16.67 25.47
N ASP I 255 9.31 15.73 26.43
CA ASP I 255 8.98 14.30 26.21
C ASP I 255 7.47 14.06 26.15
N MET I 256 6.73 15.04 26.64
CA MET I 256 5.31 14.93 26.74
C MET I 256 4.72 15.10 25.36
N ALA I 257 5.46 15.80 24.49
CA ALA I 257 4.95 16.05 23.13
C ALA I 257 5.43 15.05 22.07
N THR I 258 5.90 13.87 22.50
CA THR I 258 6.51 12.98 21.50
C THR I 258 5.55 12.39 20.53
N GLY I 259 4.25 12.59 20.70
CA GLY I 259 3.33 12.16 19.66
C GLY I 259 2.95 13.21 18.61
N ILE I 260 3.50 14.42 18.75
CA ILE I 260 3.17 15.55 17.89
C ILE I 260 4.29 15.92 16.89
N THR I 261 4.00 15.83 15.58
CA THR I 261 4.94 16.40 14.60
C THR I 261 4.18 16.90 13.39
N GLY I 262 4.88 17.76 12.66
CA GLY I 262 4.35 18.47 11.49
C GLY I 262 3.14 19.30 11.84
N GLU I 263 3.04 19.69 13.11
CA GLU I 263 1.90 20.44 13.51
C GLU I 263 2.13 21.99 13.60
N VAL I 264 1.09 22.76 13.29
CA VAL I 264 1.06 24.22 13.61
C VAL I 264 0.11 24.47 14.76
N VAL I 265 0.66 24.92 15.91
CA VAL I 265 -0.16 25.24 17.04
C VAL I 265 -0.38 26.73 17.17
N HIS I 266 -1.65 27.15 17.12
CA HIS I 266 -1.97 28.57 17.13
C HIS I 266 -2.01 29.03 18.52
N VAL I 267 -1.16 29.99 18.85
CA VAL I 267 -1.13 30.57 20.18
C VAL I 267 -1.49 32.03 19.96
N ASP I 268 -2.79 32.25 19.74
CA ASP I 268 -3.26 33.52 19.27
C ASP I 268 -4.59 33.93 19.92
N ALA I 269 -4.83 33.48 21.14
CA ALA I 269 -6.04 33.80 21.83
C ALA I 269 -7.31 33.44 21.01
N GLY I 270 -7.20 32.41 20.16
CA GLY I 270 -8.34 31.93 19.36
C GLY I 270 -8.63 32.65 18.04
N TYR I 271 -7.88 33.70 17.74
CA TYR I 271 -8.08 34.45 16.52
C TYR I 271 -8.32 33.53 15.32
N HIS I 272 -7.62 32.38 15.22
CA HIS I 272 -7.63 31.60 13.98
C HIS I 272 -8.93 30.96 13.72
N CYS I 273 -9.77 30.83 14.74
CA CYS I 273 -10.95 30.00 14.54
C CYS I 273 -12.24 30.78 14.35
N VAL I 274 -12.18 32.13 14.37
CA VAL I 274 -13.38 32.94 14.16
C VAL I 274 -13.42 33.67 12.83
N SER I 275 -14.62 34.09 12.45
CA SER I 275 -14.78 34.84 11.26
C SER I 275 -15.84 35.88 11.56
N MET I 276 -15.66 37.09 11.08
CA MET I 276 -16.67 38.10 11.26
C MET I 276 -16.99 38.30 12.74
N GLY I 277 -15.95 38.25 13.58
CA GLY I 277 -16.15 38.57 14.99
C GLY I 277 -16.36 40.08 15.27
N ASN I 278 -16.32 40.90 14.24
CA ASN I 278 -16.47 42.35 14.45
C ASN I 278 -17.81 42.90 14.04
N VAL I 279 -18.74 42.06 13.58
CA VAL I 279 -20.07 42.64 13.32
C VAL I 279 -21.00 42.30 14.46
N LEU I 280 -21.77 43.30 14.80
CA LEU I 280 -22.36 43.46 16.10
C LEU I 280 -23.81 42.96 16.09
N GLY J 22 -20.01 29.90 -27.20
CA GLY J 22 -18.88 29.46 -26.27
C GLY J 22 -18.79 30.38 -25.04
N PHE J 23 -18.53 29.84 -23.85
CA PHE J 23 -18.53 30.71 -22.67
C PHE J 23 -17.24 31.53 -22.46
N LEU J 24 -16.26 31.40 -23.34
CA LEU J 24 -15.12 32.35 -23.34
C LEU J 24 -15.05 33.22 -24.63
N ALA J 25 -16.16 33.32 -25.36
CA ALA J 25 -16.18 33.98 -26.64
C ALA J 25 -15.65 35.40 -26.53
N GLY J 26 -14.68 35.75 -27.37
CA GLY J 26 -14.10 37.10 -27.40
C GLY J 26 -12.98 37.31 -26.37
N LYS J 27 -12.94 36.51 -25.31
CA LYS J 27 -11.95 36.76 -24.27
C LYS J 27 -10.51 36.52 -24.76
N LYS J 28 -9.60 37.41 -24.39
CA LYS J 28 -8.25 37.33 -24.85
C LYS J 28 -7.39 36.77 -23.73
N ILE J 29 -6.92 35.54 -23.92
CA ILE J 29 -6.21 34.87 -22.85
C ILE J 29 -4.80 34.49 -23.26
N LEU J 30 -3.81 34.77 -22.39
CA LEU J 30 -2.43 34.33 -22.50
C LEU J 30 -2.25 33.04 -21.72
N ILE J 31 -1.63 32.03 -22.35
CA ILE J 31 -1.33 30.73 -21.76
C ILE J 31 0.17 30.51 -21.74
N THR J 32 0.74 30.28 -20.58
CA THR J 32 2.14 29.96 -20.45
C THR J 32 2.30 28.43 -20.28
N GLY J 33 3.52 27.92 -20.39
CA GLY J 33 3.78 26.51 -20.16
C GLY J 33 3.38 25.40 -21.15
N LEU J 34 2.87 25.75 -22.35
CA LEU J 34 2.63 24.75 -23.39
C LEU J 34 3.96 24.22 -23.97
N LEU J 35 4.19 22.89 -23.87
CA LEU J 35 5.50 22.32 -24.14
C LEU J 35 5.43 21.05 -24.98
N SER J 36 4.46 20.21 -24.70
CA SER J 36 4.17 19.03 -25.52
C SER J 36 2.65 18.93 -25.59
N ASN J 37 2.12 17.95 -26.31
CA ASN J 37 0.67 17.75 -26.38
C ASN J 37 0.16 16.95 -25.16
N LYS J 38 1.10 16.67 -24.27
CA LYS J 38 0.81 16.10 -22.95
C LYS J 38 0.63 17.21 -21.87
N SER J 39 1.30 18.34 -22.04
CA SER J 39 1.24 19.50 -21.16
C SER J 39 -0.22 19.78 -20.68
N ILE J 40 -0.34 20.23 -19.44
CA ILE J 40 -1.64 20.59 -18.90
C ILE J 40 -2.07 21.80 -19.73
N ALA J 41 -1.14 22.72 -19.99
CA ALA J 41 -1.41 23.88 -20.87
C ALA J 41 -2.07 23.55 -22.17
N TYR J 42 -1.76 22.37 -22.72
CA TYR J 42 -2.38 21.91 -23.96
C TYR J 42 -3.85 21.64 -23.73
N GLY J 43 -4.17 20.95 -22.60
CA GLY J 43 -5.55 20.66 -22.26
C GLY J 43 -6.27 21.98 -22.04
N ILE J 44 -5.59 22.91 -21.37
CA ILE J 44 -6.21 24.22 -21.13
C ILE J 44 -6.46 24.94 -22.43
N ALA J 45 -5.44 24.96 -23.31
CA ALA J 45 -5.61 25.52 -24.66
C ALA J 45 -6.80 24.86 -25.41
N LYS J 46 -6.82 23.52 -25.53
CA LYS J 46 -7.97 22.82 -26.18
C LYS J 46 -9.31 23.29 -25.67
N ALA J 47 -9.43 23.37 -24.34
CA ALA J 47 -10.72 23.73 -23.72
C ALA J 47 -11.10 25.18 -24.00
N MET J 48 -10.15 26.11 -23.96
CA MET J 48 -10.52 27.48 -24.15
C MET J 48 -10.79 27.81 -25.59
N HIS J 49 -10.09 27.12 -26.50
CA HIS J 49 -10.30 27.30 -27.96
C HIS J 49 -11.68 26.83 -28.30
N ARG J 50 -12.01 25.64 -27.84
CA ARG J 50 -13.39 25.12 -27.90
C ARG J 50 -14.40 26.11 -27.36
N GLU J 51 -14.04 26.96 -26.42
CA GLU J 51 -15.02 27.90 -25.88
C GLU J 51 -14.97 29.29 -26.49
N GLY J 52 -14.13 29.46 -27.51
CA GLY J 52 -14.12 30.66 -28.38
C GLY J 52 -13.14 31.74 -27.96
N ALA J 53 -12.26 31.44 -26.98
CA ALA J 53 -11.26 32.39 -26.54
C ALA J 53 -10.29 32.68 -27.69
N GLU J 54 -9.73 33.88 -27.73
CA GLU J 54 -8.53 34.11 -28.56
C GLU J 54 -7.35 33.87 -27.65
N LEU J 55 -6.39 33.09 -28.13
CA LEU J 55 -5.26 32.62 -27.38
C LEU J 55 -3.92 33.19 -27.82
N ALA J 56 -3.02 33.37 -26.86
CA ALA J 56 -1.64 33.74 -27.09
C ALA J 56 -0.84 32.81 -26.26
N PHE J 57 0.39 32.51 -26.63
CA PHE J 57 1.23 31.55 -25.90
C PHE J 57 2.61 32.09 -25.68
N THR J 58 3.28 31.56 -24.66
CA THR J 58 4.67 31.87 -24.45
C THR J 58 5.51 30.58 -24.47
N TYR J 59 6.84 30.72 -24.64
CA TYR J 59 7.81 29.60 -24.71
C TYR J 59 9.17 30.04 -24.15
N VAL J 60 9.95 29.07 -23.70
CA VAL J 60 11.29 29.38 -23.24
C VAL J 60 12.30 29.24 -24.38
N GLY J 61 13.20 30.22 -24.48
CA GLY J 61 14.23 30.30 -25.55
C GLY J 61 14.28 29.21 -26.60
N GLN J 62 14.84 28.06 -26.22
CA GLN J 62 15.08 26.91 -27.13
C GLN J 62 13.88 26.33 -27.90
N PHE J 63 12.71 26.35 -27.28
CA PHE J 63 11.57 25.60 -27.80
C PHE J 63 10.68 26.36 -28.79
N LYS J 64 11.17 27.49 -29.31
CA LYS J 64 10.41 28.31 -30.22
C LYS J 64 9.61 27.50 -31.28
N ASP J 65 10.33 26.64 -32.00
CA ASP J 65 9.78 25.89 -33.15
C ASP J 65 8.79 24.86 -32.69
N ARG J 66 9.21 24.07 -31.69
CA ARG J 66 8.33 23.10 -31.00
C ARG J 66 6.93 23.72 -30.72
N VAL J 67 6.95 24.85 -30.06
CA VAL J 67 5.74 25.44 -29.52
C VAL J 67 4.88 26.10 -30.58
N GLU J 68 5.53 26.83 -31.49
CA GLU J 68 4.82 27.38 -32.65
C GLU J 68 4.05 26.36 -33.44
N LYS J 69 4.68 25.22 -33.71
CA LYS J 69 4.04 24.09 -34.42
C LYS J 69 2.84 23.63 -33.61
N LEU J 70 3.11 23.38 -32.33
CA LEU J 70 2.16 22.77 -31.42
C LEU J 70 0.90 23.56 -31.29
N CYS J 71 1.03 24.86 -31.12
CA CYS J 71 -0.14 25.67 -30.87
C CYS J 71 -0.73 26.37 -32.05
N ALA J 72 -0.12 26.19 -33.21
CA ALA J 72 -0.73 26.65 -34.47
C ALA J 72 -2.21 26.29 -34.59
N GLU J 73 -2.59 25.08 -34.15
CA GLU J 73 -3.96 24.61 -34.26
C GLU J 73 -4.95 25.45 -33.48
N PHE J 74 -4.48 26.30 -32.59
CA PHE J 74 -5.39 27.18 -31.82
C PHE J 74 -5.49 28.60 -32.39
N ASN J 75 -4.88 28.78 -33.55
CA ASN J 75 -4.92 30.02 -34.28
C ASN J 75 -4.50 31.17 -33.35
N PRO J 76 -3.27 31.11 -32.87
CA PRO J 76 -2.84 32.05 -31.82
C PRO J 76 -2.70 33.49 -32.35
N ALA J 77 -3.04 34.50 -31.56
CA ALA J 77 -2.80 35.88 -31.95
C ALA J 77 -1.30 36.22 -31.76
N ALA J 78 -0.56 35.37 -31.05
CA ALA J 78 0.81 35.69 -30.79
C ALA J 78 1.48 34.56 -30.10
N VAL J 79 2.78 34.42 -30.29
CA VAL J 79 3.52 33.31 -29.69
C VAL J 79 4.86 33.93 -29.40
N LEU J 80 5.18 34.13 -28.12
CA LEU J 80 6.19 35.06 -27.76
C LEU J 80 7.09 34.47 -26.72
N PRO J 81 8.37 34.88 -26.68
CA PRO J 81 9.32 34.33 -25.72
C PRO J 81 9.09 34.88 -24.35
N CYS J 82 9.22 34.03 -23.35
CA CYS J 82 9.15 34.49 -22.00
C CYS J 82 9.70 33.47 -21.06
N ASP J 83 10.92 33.73 -20.68
CA ASP J 83 11.60 32.99 -19.65
C ASP J 83 11.42 33.74 -18.31
N VAL J 84 10.58 33.22 -17.43
CA VAL J 84 10.20 33.99 -16.22
C VAL J 84 11.36 34.15 -15.22
N ILE J 85 12.52 33.61 -15.52
CA ILE J 85 13.74 33.98 -14.81
C ILE J 85 14.11 35.48 -15.08
N SER J 86 13.55 36.10 -16.13
CA SER J 86 14.02 37.41 -16.55
C SER J 86 12.98 38.50 -16.46
N ASP J 87 13.25 39.50 -15.63
CA ASP J 87 12.26 40.59 -15.47
C ASP J 87 12.00 41.33 -16.78
N GLN J 88 13.05 41.48 -17.57
CA GLN J 88 12.97 42.15 -18.84
C GLN J 88 12.09 41.43 -19.92
N GLU J 89 12.30 40.13 -20.05
CA GLU J 89 11.46 39.33 -20.90
C GLU J 89 10.02 39.36 -20.49
N ILE J 90 9.77 39.41 -19.19
CA ILE J 90 8.38 39.51 -18.72
C ILE J 90 7.83 40.83 -19.17
N LYS J 91 8.58 41.90 -18.94
CA LYS J 91 8.13 43.21 -19.33
C LYS J 91 7.80 43.32 -20.83
N ASP J 92 8.69 42.74 -21.62
CA ASP J 92 8.57 42.81 -23.06
C ASP J 92 7.46 41.91 -23.58
N LEU J 93 7.14 40.85 -22.83
CA LEU J 93 6.00 40.06 -23.20
C LEU J 93 4.77 40.97 -23.24
N PHE J 94 4.67 41.87 -22.28
CA PHE J 94 3.43 42.67 -22.24
C PHE J 94 3.41 43.81 -23.19
N VAL J 95 4.59 44.37 -23.47
CA VAL J 95 4.75 45.38 -24.52
C VAL J 95 4.33 44.81 -25.89
N GLU J 96 4.80 43.61 -26.23
CA GLU J 96 4.50 43.01 -27.52
C GLU J 96 3.09 42.59 -27.60
N LEU J 97 2.56 42.01 -26.51
CA LEU J 97 1.20 41.56 -26.52
C LEU J 97 0.33 42.78 -26.67
N GLY J 98 0.72 43.89 -26.04
CA GLY J 98 -0.12 45.11 -26.06
C GLY J 98 -0.19 45.71 -27.44
N LYS J 99 0.73 45.31 -28.32
CA LYS J 99 0.67 45.74 -29.71
C LYS J 99 -0.36 44.97 -30.50
N VAL J 100 -0.74 43.80 -30.01
CA VAL J 100 -1.70 42.97 -30.70
C VAL J 100 -3.11 43.14 -30.11
N TRP J 101 -3.22 43.22 -28.77
CA TRP J 101 -4.51 43.38 -28.08
C TRP J 101 -4.59 44.67 -27.29
N ASP J 102 -5.82 45.20 -27.11
CA ASP J 102 -6.06 46.37 -26.25
C ASP J 102 -6.07 46.04 -24.78
N GLY J 103 -6.81 45.03 -24.42
CA GLY J 103 -6.78 44.53 -23.05
C GLY J 103 -6.51 43.03 -23.03
N LEU J 104 -6.36 42.50 -21.82
CA LEU J 104 -6.06 41.10 -21.65
C LEU J 104 -7.12 40.61 -20.70
N ASP J 105 -7.80 39.53 -21.04
CA ASP J 105 -8.80 38.95 -20.16
C ASP J 105 -8.29 37.97 -19.11
N ALA J 106 -7.28 37.14 -19.44
CA ALA J 106 -6.74 36.22 -18.44
C ALA J 106 -5.28 35.84 -18.65
N ILE J 107 -4.63 35.44 -17.56
CA ILE J 107 -3.33 34.83 -17.63
C ILE J 107 -3.41 33.45 -17.00
N VAL J 108 -2.98 32.42 -17.71
CA VAL J 108 -2.89 31.06 -17.19
C VAL J 108 -1.42 30.76 -16.94
N HIS J 109 -1.09 30.55 -15.67
CA HIS J 109 0.24 30.22 -15.22
C HIS J 109 0.32 28.74 -15.04
N SER J 110 1.13 28.11 -15.87
CA SER J 110 1.27 26.68 -15.84
C SER J 110 2.70 26.33 -15.99
N ILE J 111 3.52 26.80 -15.06
CA ILE J 111 4.93 26.58 -15.15
C ILE J 111 5.51 26.31 -13.81
N ALA J 112 6.40 25.31 -13.74
CA ALA J 112 7.15 25.01 -12.54
C ALA J 112 8.59 24.63 -12.93
N PHE J 113 9.49 24.59 -11.97
CA PHE J 113 10.81 24.07 -12.15
C PHE J 113 11.53 24.02 -10.83
N ALA J 114 12.31 22.96 -10.62
CA ALA J 114 13.29 22.92 -9.52
C ALA J 114 14.39 22.08 -10.08
N PRO J 115 15.65 22.34 -9.70
CA PRO J 115 16.72 21.47 -10.15
C PRO J 115 16.41 20.01 -9.84
N ARG J 116 16.81 19.08 -10.75
CA ARG J 116 16.73 17.60 -10.55
C ARG J 116 17.05 17.16 -9.09
N ASP J 117 18.17 17.66 -8.54
CA ASP J 117 18.64 17.23 -7.22
C ASP J 117 17.73 17.55 -6.03
N GLN J 118 16.74 18.41 -6.25
CA GLN J 118 15.83 18.82 -5.22
C GLN J 118 14.67 17.85 -5.10
N LEU J 119 14.60 16.86 -6.00
CA LEU J 119 13.33 16.20 -6.28
C LEU J 119 13.27 14.69 -6.10
N GLU J 120 14.24 14.08 -5.43
CA GLU J 120 13.97 12.74 -4.91
C GLU J 120 14.84 12.44 -3.69
N GLY J 121 14.51 11.37 -2.97
CA GLY J 121 15.19 11.09 -1.71
C GLY J 121 14.73 11.99 -0.58
N ASN J 122 15.55 12.06 0.46
CA ASN J 122 15.14 12.67 1.70
C ASN J 122 15.16 14.22 1.57
N PHE J 123 14.10 14.88 2.05
CA PHE J 123 13.99 16.32 1.85
C PHE J 123 15.20 17.06 2.38
N ILE J 124 15.58 16.75 3.62
CA ILE J 124 16.67 17.44 4.29
C ILE J 124 18.08 17.20 3.67
N ASP J 125 18.34 15.94 3.25
CA ASP J 125 19.58 15.61 2.54
C ASP J 125 19.76 16.44 1.28
N CYS J 126 18.68 16.52 0.51
CA CYS J 126 18.69 17.05 -0.81
C CYS J 126 18.51 18.57 -0.88
N VAL J 127 17.66 19.16 -0.04
CA VAL J 127 17.41 20.61 -0.20
C VAL J 127 18.70 21.40 -0.19
N THR J 128 18.84 22.35 -1.11
CA THR J 128 19.98 23.27 -1.03
C THR J 128 19.52 24.75 -1.09
N ARG J 129 20.29 25.69 -0.54
CA ARG J 129 19.89 27.10 -0.60
C ARG J 129 19.54 27.59 -2.03
N GLU J 130 20.39 27.29 -3.01
CA GLU J 130 20.17 27.77 -4.35
C GLU J 130 19.03 27.01 -5.02
N GLY J 131 18.90 25.73 -4.71
CA GLY J 131 17.80 24.95 -5.28
C GLY J 131 16.43 25.37 -4.75
N PHE J 132 16.43 25.76 -3.48
CA PHE J 132 15.25 26.28 -2.83
C PHE J 132 14.94 27.59 -3.53
N SER J 133 15.93 28.44 -3.60
CA SER J 133 15.74 29.72 -4.24
C SER J 133 15.18 29.63 -5.65
N ILE J 134 15.72 28.71 -6.46
CA ILE J 134 15.40 28.65 -7.88
C ILE J 134 13.98 28.17 -8.03
N ALA J 135 13.63 27.12 -7.29
CA ALA J 135 12.28 26.55 -7.34
C ALA J 135 11.22 27.62 -7.03
N HIS J 136 11.43 28.45 -6.03
CA HIS J 136 10.49 29.54 -5.64
C HIS J 136 10.50 30.69 -6.68
N ASP J 137 11.66 31.03 -7.15
CA ASP J 137 11.75 32.02 -8.22
C ASP J 137 10.88 31.68 -9.43
N ILE J 138 10.92 30.43 -9.89
CA ILE J 138 10.28 30.08 -11.16
C ILE J 138 8.86 29.55 -10.99
N SER J 139 8.66 28.89 -9.82
CA SER J 139 7.43 28.24 -9.54
C SER J 139 6.47 29.17 -8.85
N ALA J 140 6.97 30.24 -8.20
CA ALA J 140 6.03 31.05 -7.32
C ALA J 140 6.15 32.56 -7.64
N TYR J 141 7.36 33.09 -7.46
CA TYR J 141 7.54 34.47 -7.71
C TYR J 141 6.99 34.83 -9.09
N SER J 142 7.16 33.92 -10.02
CA SER J 142 6.79 34.18 -11.36
C SER J 142 5.34 34.49 -11.53
N PHE J 143 4.53 34.06 -10.58
CA PHE J 143 3.10 34.27 -10.71
C PHE J 143 2.77 35.76 -10.49
N ALA J 144 3.28 36.29 -9.39
CA ALA J 144 3.14 37.67 -9.03
C ALA J 144 3.83 38.54 -10.11
N ALA J 145 4.86 38.04 -10.76
CA ALA J 145 5.56 38.89 -11.74
C ALA J 145 4.71 39.02 -13.00
N LEU J 146 4.04 37.95 -13.42
CA LEU J 146 3.03 38.10 -14.51
C LEU J 146 1.89 39.00 -14.09
N ALA J 147 1.56 38.99 -12.82
CA ALA J 147 0.47 39.80 -12.36
C ALA J 147 0.92 41.25 -12.44
N LYS J 148 2.09 41.51 -11.90
CA LYS J 148 2.64 42.83 -11.79
C LYS J 148 2.59 43.49 -13.16
N GLU J 149 3.03 42.78 -14.16
CA GLU J 149 3.21 43.36 -15.47
C GLU J 149 1.97 43.30 -16.36
N GLY J 150 1.05 42.38 -16.08
CA GLY J 150 -0.16 42.26 -16.85
C GLY J 150 -1.30 43.09 -16.31
N ARG J 151 -1.15 43.55 -15.09
CA ARG J 151 -2.15 44.29 -14.36
C ARG J 151 -2.81 45.37 -15.18
N SER J 152 -2.06 46.30 -15.73
CA SER J 152 -2.70 47.39 -16.46
C SER J 152 -3.49 46.95 -17.73
N MET J 153 -3.08 45.87 -18.39
CA MET J 153 -3.91 45.36 -19.49
C MET J 153 -5.20 44.71 -19.02
N MET J 154 -5.24 44.37 -17.71
CA MET J 154 -6.32 43.55 -17.15
C MET J 154 -7.35 44.34 -16.34
N LYS J 155 -7.01 45.57 -15.92
CA LYS J 155 -7.94 46.46 -15.22
C LYS J 155 -9.40 46.38 -15.72
N ASN J 156 -10.35 46.21 -14.81
CA ASN J 156 -11.78 46.46 -15.08
C ASN J 156 -12.42 45.88 -16.32
N ARG J 157 -12.19 44.59 -16.51
CA ARG J 157 -12.91 43.85 -17.49
C ARG J 157 -13.28 42.42 -17.02
N ASN J 158 -13.53 42.22 -15.71
CA ASN J 158 -13.66 40.89 -15.11
C ASN J 158 -12.55 39.94 -15.55
N ALA J 159 -11.31 40.37 -15.34
CA ALA J 159 -10.17 39.56 -15.73
C ALA J 159 -9.94 38.41 -14.78
N SER J 160 -9.00 37.53 -15.14
CA SER J 160 -8.74 36.34 -14.36
C SER J 160 -7.31 35.93 -14.42
N MET J 161 -6.82 35.29 -13.37
CA MET J 161 -5.55 34.58 -13.42
C MET J 161 -5.84 33.22 -12.78
N VAL J 162 -5.23 32.14 -13.29
CA VAL J 162 -5.29 30.82 -12.70
C VAL J 162 -3.88 30.28 -12.69
N ALA J 163 -3.39 29.77 -11.54
CA ALA J 163 -2.14 29.03 -11.46
C ALA J 163 -2.40 27.53 -11.29
N LEU J 164 -1.47 26.68 -11.72
CA LEU J 164 -1.62 25.26 -11.48
C LEU J 164 -0.77 24.91 -10.30
N THR J 165 -1.37 24.15 -9.36
CA THR J 165 -0.67 23.78 -8.17
C THR J 165 -0.84 22.27 -7.90
N TYR J 166 -0.30 21.76 -6.78
CA TYR J 166 -0.34 20.31 -6.48
C TYR J 166 -0.42 20.14 -4.96
N ILE J 167 -0.99 19.03 -4.50
CA ILE J 167 -1.38 18.85 -3.12
C ILE J 167 -0.10 18.71 -2.27
N GLY J 168 1.03 18.53 -2.92
CA GLY J 168 2.32 18.52 -2.21
C GLY J 168 2.62 19.85 -1.52
N ALA J 169 1.80 20.86 -1.88
CA ALA J 169 1.76 22.16 -1.15
C ALA J 169 1.16 22.01 0.29
N GLU J 170 0.07 21.25 0.42
CA GLU J 170 -0.65 21.06 1.69
C GLU J 170 -0.01 20.01 2.59
N LYS J 171 0.41 18.89 2.01
CA LYS J 171 0.98 17.73 2.76
C LYS J 171 2.44 17.42 2.42
N ALA J 172 3.19 16.88 3.34
CA ALA J 172 4.48 16.33 3.00
C ALA J 172 4.30 14.98 2.24
N MET J 173 4.93 14.89 1.08
CA MET J 173 4.91 13.72 0.26
C MET J 173 6.33 13.27 0.01
N PRO J 174 6.53 11.98 -0.30
CA PRO J 174 7.86 11.59 -0.73
C PRO J 174 8.20 12.23 -2.11
N SER J 175 9.50 12.52 -2.28
CA SER J 175 10.05 13.01 -3.56
C SER J 175 9.76 14.47 -3.91
N TYR J 176 8.51 14.92 -3.76
CA TYR J 176 8.13 16.26 -4.20
C TYR J 176 8.95 17.36 -3.53
N ASN J 177 9.30 17.18 -2.25
CA ASN J 177 10.29 17.99 -1.57
C ASN J 177 10.15 19.50 -1.83
N THR J 178 11.24 20.07 -2.37
CA THR J 178 11.38 21.47 -2.61
C THR J 178 10.26 21.98 -3.51
N MET J 179 9.74 21.16 -4.41
CA MET J 179 8.61 21.65 -5.19
C MET J 179 7.39 21.82 -4.33
N GLY J 180 7.26 20.99 -3.26
CA GLY J 180 6.09 21.10 -2.43
C GLY J 180 6.16 22.44 -1.71
N VAL J 181 7.35 22.78 -1.23
CA VAL J 181 7.53 24.03 -0.50
C VAL J 181 7.19 25.16 -1.43
N ALA J 182 7.83 25.19 -2.61
CA ALA J 182 7.47 26.17 -3.67
C ALA J 182 5.97 26.17 -4.02
N LYS J 183 5.30 25.02 -4.10
CA LYS J 183 3.84 25.06 -4.32
C LYS J 183 3.09 25.78 -3.24
N ALA J 184 3.54 25.61 -2.01
CA ALA J 184 2.90 26.29 -0.88
C ALA J 184 3.07 27.85 -1.01
N SER J 185 4.28 28.26 -1.34
CA SER J 185 4.58 29.64 -1.65
C SER J 185 3.69 30.13 -2.82
N LEU J 186 3.57 29.31 -3.87
CA LEU J 186 2.64 29.61 -4.96
C LEU J 186 1.30 29.93 -4.48
N GLU J 187 0.76 29.06 -3.62
CA GLU J 187 -0.66 29.16 -3.25
C GLU J 187 -0.90 30.42 -2.45
N ALA J 188 0.08 30.79 -1.63
CA ALA J 188 -0.01 31.99 -0.82
C ALA J 188 0.04 33.18 -1.75
N THR J 189 0.97 33.13 -2.71
CA THR J 189 1.10 34.17 -3.75
C THR J 189 -0.19 34.34 -4.49
N VAL J 190 -0.88 33.25 -4.78
CA VAL J 190 -2.28 33.34 -5.32
C VAL J 190 -3.27 34.12 -4.42
N ARG J 191 -3.25 33.89 -3.10
CA ARG J 191 -4.13 34.63 -2.23
C ARG J 191 -3.77 36.09 -2.12
N TYR J 192 -2.51 36.41 -1.85
CA TYR J 192 -2.12 37.80 -1.77
C TYR J 192 -2.31 38.53 -3.08
N THR J 193 -2.16 37.81 -4.20
CA THR J 193 -2.48 38.37 -5.46
C THR J 193 -3.96 38.62 -5.59
N ALA J 194 -4.80 37.77 -4.99
CA ALA J 194 -6.25 37.93 -5.19
C ALA J 194 -6.70 39.17 -4.43
N LEU J 195 -6.10 39.34 -3.24
CA LEU J 195 -6.36 40.47 -2.39
C LEU J 195 -5.87 41.75 -3.15
N ALA J 196 -4.61 41.71 -3.63
CA ALA J 196 -4.02 42.89 -4.34
C ALA J 196 -4.73 43.28 -5.67
N LEU J 197 -5.20 42.32 -6.41
CA LEU J 197 -5.76 42.68 -7.72
C LEU J 197 -7.27 42.87 -7.77
N GLY J 198 -7.97 42.43 -6.73
CA GLY J 198 -9.42 42.40 -6.80
C GLY J 198 -10.11 43.75 -6.88
N GLU J 199 -9.53 44.81 -6.34
CA GLU J 199 -10.10 46.12 -6.53
C GLU J 199 -10.22 46.47 -8.05
N ASP J 200 -9.46 45.79 -8.91
CA ASP J 200 -9.46 46.02 -10.34
C ASP J 200 -10.41 45.08 -11.03
N GLY J 201 -11.19 44.34 -10.25
CA GLY J 201 -12.06 43.31 -10.85
C GLY J 201 -11.36 42.04 -11.31
N ILE J 202 -10.09 41.85 -10.95
CA ILE J 202 -9.37 40.67 -11.40
C ILE J 202 -9.48 39.49 -10.44
N LYS J 203 -9.93 38.31 -10.88
CA LYS J 203 -10.04 37.16 -10.02
C LYS J 203 -8.87 36.19 -10.21
N VAL J 204 -8.37 35.63 -9.10
CA VAL J 204 -7.14 34.93 -9.06
C VAL J 204 -7.38 33.66 -8.25
N ASN J 205 -7.12 32.51 -8.85
CA ASN J 205 -7.41 31.25 -8.26
C ASN J 205 -6.38 30.24 -8.73
N ALA J 206 -6.46 29.01 -8.25
CA ALA J 206 -5.51 27.97 -8.57
C ALA J 206 -6.24 26.68 -8.79
N VAL J 207 -5.71 25.84 -9.65
CA VAL J 207 -6.33 24.52 -9.84
C VAL J 207 -5.29 23.52 -9.40
N SER J 208 -5.69 22.67 -8.46
CA SER J 208 -4.76 21.73 -7.84
C SER J 208 -4.95 20.36 -8.55
N ALA J 209 -4.04 20.03 -9.47
CA ALA J 209 -4.26 18.90 -10.35
C ALA J 209 -3.81 17.65 -9.72
N GLY J 210 -4.59 16.60 -9.89
CA GLY J 210 -4.08 15.23 -9.64
C GLY J 210 -2.87 14.96 -10.51
N PRO J 211 -2.07 13.90 -10.19
CA PRO J 211 -0.88 13.66 -11.05
C PRO J 211 -1.30 13.21 -12.48
N ILE J 212 -0.56 13.69 -13.51
CA ILE J 212 -0.83 13.41 -14.96
C ILE J 212 0.51 13.16 -15.62
N LYS J 213 0.59 12.17 -16.51
CA LYS J 213 1.93 11.88 -17.13
C LYS J 213 2.31 12.94 -18.19
N THR J 214 3.15 13.88 -17.79
CA THR J 214 3.54 15.00 -18.66
C THR J 214 5.06 15.02 -18.72
N LEU J 215 5.63 15.93 -19.51
CA LEU J 215 7.11 16.08 -19.52
C LEU J 215 7.74 16.36 -18.16
N ALA J 216 7.11 17.21 -17.36
CA ALA J 216 7.61 17.47 -16.00
C ALA J 216 7.61 16.17 -15.18
N ALA J 217 6.59 15.35 -15.39
CA ALA J 217 6.47 14.04 -14.71
C ALA J 217 7.61 13.05 -15.01
N SER J 218 8.25 13.20 -16.16
CA SER J 218 9.21 12.20 -16.57
C SER J 218 10.52 12.33 -15.80
N GLY J 219 10.67 13.42 -15.03
CA GLY J 219 11.79 13.54 -14.10
C GLY J 219 11.73 12.51 -12.98
N ILE J 220 10.51 12.10 -12.61
CA ILE J 220 10.24 11.30 -11.38
C ILE J 220 10.24 9.79 -11.67
N SER J 221 11.15 9.05 -11.03
CA SER J 221 11.41 7.68 -11.51
C SER J 221 10.28 6.65 -11.35
N ASN J 222 9.42 6.83 -10.34
CA ASN J 222 8.37 5.85 -10.09
C ASN J 222 6.96 6.35 -10.35
N PHE J 223 6.85 7.27 -11.30
CA PHE J 223 5.64 8.03 -11.50
C PHE J 223 4.40 7.18 -11.79
N LYS J 224 4.59 6.13 -12.57
CA LYS J 224 3.49 5.24 -12.93
C LYS J 224 2.80 4.70 -11.67
N LYS J 225 3.56 4.55 -10.59
CA LYS J 225 3.07 4.01 -9.35
C LYS J 225 2.31 5.05 -8.55
N MET J 226 2.77 6.29 -8.59
CA MET J 226 2.03 7.38 -7.98
C MET J 226 0.69 7.46 -8.64
N LEU J 227 0.69 7.34 -9.97
CA LEU J 227 -0.52 7.38 -10.75
C LEU J 227 -1.47 6.24 -10.38
N ASP J 228 -0.92 5.05 -10.22
CA ASP J 228 -1.72 3.90 -9.88
C ASP J 228 -2.31 4.00 -8.47
N TYR J 229 -1.49 4.45 -7.52
CA TYR J 229 -1.95 4.70 -6.19
C TYR J 229 -3.10 5.69 -6.16
N ASN J 230 -2.90 6.87 -6.75
CA ASN J 230 -3.99 7.83 -6.87
C ASN J 230 -5.26 7.18 -7.38
N ALA J 231 -5.19 6.40 -8.46
CA ALA J 231 -6.42 5.87 -9.06
C ALA J 231 -7.06 4.87 -8.14
N MET J 232 -6.25 4.12 -7.41
CA MET J 232 -6.77 3.18 -6.43
C MET J 232 -7.45 3.85 -5.23
N VAL J 233 -6.82 4.89 -4.70
CA VAL J 233 -7.20 5.50 -3.44
C VAL J 233 -8.30 6.58 -3.57
N SER J 234 -8.37 7.21 -4.73
CA SER J 234 -9.38 8.20 -5.05
C SER J 234 -10.85 7.71 -5.00
N PRO J 235 -11.76 8.60 -4.59
CA PRO J 235 -13.14 8.17 -4.58
C PRO J 235 -13.62 7.81 -5.99
N LEU J 236 -13.09 8.47 -7.02
CA LEU J 236 -13.59 8.20 -8.36
C LEU J 236 -12.81 7.08 -9.07
N LYS J 237 -11.75 6.56 -8.43
CA LYS J 237 -11.09 5.33 -8.91
C LYS J 237 -10.58 5.56 -10.34
N LYS J 238 -9.95 6.69 -10.60
CA LYS J 238 -9.42 6.96 -11.93
C LYS J 238 -8.42 8.06 -11.79
N ASN J 239 -7.61 8.25 -12.83
CA ASN J 239 -6.68 9.36 -12.90
C ASN J 239 -7.30 10.50 -13.67
N VAL J 240 -6.99 11.72 -13.29
CA VAL J 240 -7.51 12.86 -14.09
C VAL J 240 -6.73 13.05 -15.41
N ASP J 241 -7.37 13.63 -16.39
CA ASP J 241 -6.68 14.02 -17.57
C ASP J 241 -6.67 15.54 -17.82
N ILE J 242 -5.83 15.95 -18.78
CA ILE J 242 -5.65 17.34 -19.15
C ILE J 242 -6.95 18.03 -19.51
N MET J 243 -7.91 17.35 -20.15
CA MET J 243 -9.25 17.96 -20.37
C MET J 243 -10.12 18.27 -19.09
N GLU J 244 -10.10 17.41 -18.10
CA GLU J 244 -10.71 17.75 -16.86
C GLU J 244 -10.06 18.96 -16.22
N VAL J 245 -8.73 19.07 -16.28
CA VAL J 245 -8.07 20.21 -15.71
C VAL J 245 -8.36 21.43 -16.56
N GLY J 246 -8.11 21.31 -17.84
CA GLY J 246 -8.37 22.41 -18.75
C GLY J 246 -9.78 22.93 -18.71
N ASN J 247 -10.75 22.04 -18.64
CA ASN J 247 -12.12 22.51 -18.52
C ASN J 247 -12.35 23.35 -17.30
N THR J 248 -11.66 23.02 -16.22
CA THR J 248 -11.81 23.78 -14.99
C THR J 248 -11.12 25.12 -15.05
N VAL J 249 -9.85 25.11 -15.50
CA VAL J 249 -9.16 26.37 -15.81
C VAL J 249 -10.00 27.26 -16.69
N ALA J 250 -10.59 26.71 -17.76
CA ALA J 250 -11.44 27.49 -18.63
C ALA J 250 -12.53 28.15 -17.85
N PHE J 251 -13.29 27.34 -17.09
CA PHE J 251 -14.39 27.86 -16.31
C PHE J 251 -13.98 29.01 -15.39
N LEU J 252 -12.87 28.84 -14.68
CA LEU J 252 -12.32 29.92 -13.80
C LEU J 252 -11.89 31.19 -14.50
N CYS J 253 -11.93 31.16 -15.85
CA CYS J 253 -11.62 32.34 -16.61
C CYS J 253 -12.89 32.90 -17.16
N SER J 254 -14.04 32.34 -16.80
CA SER J 254 -15.30 32.83 -17.35
C SER J 254 -16.12 33.78 -16.47
N ASP J 255 -17.14 34.40 -17.07
CA ASP J 255 -18.02 35.35 -16.35
C ASP J 255 -18.91 34.59 -15.38
N MET J 256 -18.95 33.27 -15.56
CA MET J 256 -19.69 32.42 -14.68
C MET J 256 -19.03 32.31 -13.28
N ALA J 257 -17.72 32.53 -13.21
CA ALA J 257 -16.94 32.29 -12.03
C ALA J 257 -16.58 33.60 -11.40
N THR J 258 -17.23 34.69 -11.80
CA THR J 258 -16.94 35.97 -11.13
C THR J 258 -17.15 36.03 -9.59
N GLY J 259 -17.79 35.05 -8.95
CA GLY J 259 -17.87 35.09 -7.50
C GLY J 259 -16.72 34.40 -6.83
N ILE J 260 -15.77 33.87 -7.58
CA ILE J 260 -14.75 33.01 -6.99
C ILE J 260 -13.37 33.67 -7.06
N THR J 261 -12.64 33.71 -5.95
CA THR J 261 -11.25 34.20 -6.02
C THR J 261 -10.53 33.72 -4.80
N GLY J 262 -9.22 33.73 -4.83
CA GLY J 262 -8.36 33.17 -3.79
C GLY J 262 -8.67 31.70 -3.54
N GLU J 263 -9.30 31.05 -4.49
CA GLU J 263 -9.64 29.70 -4.26
C GLU J 263 -8.70 28.67 -4.87
N VAL J 264 -8.52 27.52 -4.23
CA VAL J 264 -7.84 26.35 -4.85
C VAL J 264 -8.88 25.30 -5.13
N VAL J 265 -9.13 25.03 -6.41
CA VAL J 265 -10.05 23.93 -6.79
C VAL J 265 -9.28 22.63 -7.10
N HIS J 266 -9.52 21.55 -6.37
CA HIS J 266 -8.81 20.26 -6.59
C HIS J 266 -9.42 19.55 -7.69
N VAL J 267 -8.62 19.24 -8.68
CA VAL J 267 -9.12 18.47 -9.82
C VAL J 267 -8.26 17.22 -9.78
N ASP J 268 -8.74 16.22 -9.04
CA ASP J 268 -7.83 15.17 -8.68
C ASP J 268 -8.58 13.88 -8.45
N ALA J 269 -9.78 13.78 -9.01
CA ALA J 269 -10.66 12.62 -8.79
C ALA J 269 -11.00 12.35 -7.26
N GLY J 270 -10.88 13.39 -6.43
CA GLY J 270 -11.28 13.32 -4.99
C GLY J 270 -10.13 12.96 -4.03
N TYR J 271 -8.93 12.76 -4.56
CA TYR J 271 -7.80 12.36 -3.72
C TYR J 271 -7.61 13.22 -2.49
N HIS J 272 -7.73 14.55 -2.63
CA HIS J 272 -7.59 15.48 -1.49
C HIS J 272 -8.42 15.14 -0.27
N CYS J 273 -9.60 14.54 -0.44
CA CYS J 273 -10.63 14.42 0.64
C CYS J 273 -10.63 13.08 1.39
N VAL J 274 -9.75 12.16 1.02
CA VAL J 274 -9.69 10.85 1.68
C VAL J 274 -8.45 10.62 2.51
N SER J 275 -8.58 9.74 3.48
CA SER J 275 -7.38 9.32 4.16
C SER J 275 -7.41 7.83 4.31
N MET J 276 -6.25 7.16 4.18
CA MET J 276 -6.17 5.72 4.39
C MET J 276 -7.21 4.95 3.54
N GLY J 277 -7.21 5.18 2.22
CA GLY J 277 -8.08 4.44 1.27
C GLY J 277 -7.56 3.00 1.14
N ASN J 278 -8.32 2.09 1.76
CA ASN J 278 -7.95 0.65 1.97
C ASN J 278 -9.07 -0.10 2.72
N GLY K 22 -25.94 23.85 -25.03
CA GLY K 22 -25.70 24.03 -23.56
C GLY K 22 -24.89 22.90 -22.93
N PHE K 23 -24.12 23.17 -21.86
CA PHE K 23 -23.25 22.11 -21.23
C PHE K 23 -23.97 21.21 -20.21
N LEU K 24 -25.27 21.42 -20.05
CA LEU K 24 -26.11 20.39 -19.33
C LEU K 24 -27.19 19.72 -20.19
N ALA K 25 -27.06 19.83 -21.52
CA ALA K 25 -28.13 19.41 -22.45
C ALA K 25 -28.41 17.95 -22.23
N GLY K 26 -29.67 17.62 -22.14
CA GLY K 26 -30.09 16.26 -21.88
C GLY K 26 -30.10 15.81 -20.42
N LYS K 27 -29.19 16.37 -19.62
CA LYS K 27 -29.05 15.92 -18.24
C LYS K 27 -30.34 16.09 -17.41
N LYS K 28 -30.67 15.06 -16.62
CA LYS K 28 -31.92 15.08 -15.79
C LYS K 28 -31.57 15.36 -14.34
N ILE K 29 -31.96 16.53 -13.88
CA ILE K 29 -31.45 17.01 -12.60
C ILE K 29 -32.61 17.35 -11.69
N LEU K 30 -32.51 16.88 -10.45
CA LEU K 30 -33.48 17.20 -9.38
C LEU K 30 -32.96 18.41 -8.59
N ILE K 31 -33.79 19.43 -8.43
CA ILE K 31 -33.46 20.55 -7.55
C ILE K 31 -34.42 20.65 -6.34
N THR K 32 -33.81 20.57 -5.16
CA THR K 32 -34.57 20.78 -3.89
C THR K 32 -34.45 22.25 -3.39
N GLY K 33 -35.38 22.70 -2.56
CA GLY K 33 -35.21 23.99 -1.89
C GLY K 33 -35.58 25.24 -2.67
N LEU K 34 -36.35 25.09 -3.75
CA LEU K 34 -36.89 26.27 -4.42
C LEU K 34 -38.03 26.81 -3.62
N LEU K 35 -37.96 28.08 -3.20
CA LEU K 35 -38.98 28.59 -2.32
C LEU K 35 -39.47 29.96 -2.70
N SER K 36 -38.56 30.89 -3.03
CA SER K 36 -38.98 32.17 -3.64
C SER K 36 -38.08 32.44 -4.86
N ASN K 37 -38.31 33.53 -5.58
CA ASN K 37 -37.35 33.88 -6.63
C ASN K 37 -36.04 34.47 -6.13
N LYS K 38 -35.83 34.49 -4.83
CA LYS K 38 -34.61 34.90 -4.21
C LYS K 38 -33.79 33.71 -3.81
N SER K 39 -34.40 32.54 -3.71
CA SER K 39 -33.74 31.33 -3.28
C SER K 39 -32.49 31.04 -4.12
N ILE K 40 -31.48 30.46 -3.50
CA ILE K 40 -30.30 30.09 -4.26
C ILE K 40 -30.75 29.02 -5.29
N ALA K 41 -31.67 28.13 -4.91
CA ALA K 41 -32.19 27.16 -5.85
C ALA K 41 -32.78 27.78 -7.17
N TYR K 42 -33.32 28.99 -7.08
CA TYR K 42 -33.87 29.66 -8.25
C TYR K 42 -32.76 30.07 -9.24
N GLY K 43 -31.65 30.55 -8.64
CA GLY K 43 -30.46 30.84 -9.35
C GLY K 43 -29.91 29.59 -9.98
N ILE K 44 -29.87 28.50 -9.25
CA ILE K 44 -29.41 27.23 -9.78
C ILE K 44 -30.34 26.82 -10.93
N ALA K 45 -31.62 27.04 -10.79
CA ALA K 45 -32.54 26.55 -11.77
C ALA K 45 -32.31 27.36 -13.05
N LYS K 46 -32.22 28.69 -12.89
CA LYS K 46 -32.02 29.59 -14.02
C LYS K 46 -30.81 29.17 -14.84
N ALA K 47 -29.71 28.90 -14.16
CA ALA K 47 -28.47 28.51 -14.77
C ALA K 47 -28.54 27.15 -15.49
N MET K 48 -29.15 26.15 -14.86
CA MET K 48 -29.29 24.86 -15.50
C MET K 48 -30.31 24.84 -16.64
N HIS K 49 -31.41 25.56 -16.50
CA HIS K 49 -32.36 25.63 -17.61
C HIS K 49 -31.67 26.25 -18.80
N ARG K 50 -31.08 27.44 -18.61
CA ARG K 50 -30.21 28.05 -19.63
C ARG K 50 -29.27 27.05 -20.29
N GLU K 51 -28.73 26.09 -19.55
CA GLU K 51 -27.74 25.17 -20.12
C GLU K 51 -28.30 23.89 -20.68
N GLY K 52 -29.63 23.80 -20.73
CA GLY K 52 -30.36 22.71 -21.41
C GLY K 52 -30.62 21.48 -20.57
N ALA K 53 -30.49 21.62 -19.26
CA ALA K 53 -30.91 20.58 -18.31
C ALA K 53 -32.45 20.35 -18.34
N GLU K 54 -32.90 19.10 -18.17
CA GLU K 54 -34.33 18.80 -17.76
C GLU K 54 -34.46 18.76 -16.26
N LEU K 55 -35.36 19.59 -15.77
CA LEU K 55 -35.45 19.85 -14.32
C LEU K 55 -36.65 19.23 -13.66
N ALA K 56 -36.40 18.79 -12.42
CA ALA K 56 -37.45 18.42 -11.48
C ALA K 56 -37.23 19.13 -10.16
N PHE K 57 -38.31 19.50 -9.50
CA PHE K 57 -38.27 20.21 -8.22
C PHE K 57 -39.05 19.51 -7.12
N THR K 58 -38.59 19.71 -5.88
CA THR K 58 -39.37 19.33 -4.69
C THR K 58 -39.88 20.54 -3.87
N TYR K 59 -40.90 20.30 -3.06
CA TYR K 59 -41.43 21.30 -2.13
C TYR K 59 -41.87 20.67 -0.79
N VAL K 60 -41.94 21.48 0.27
CA VAL K 60 -42.43 21.00 1.54
C VAL K 60 -43.93 21.28 1.65
N GLY K 61 -44.67 20.30 2.18
CA GLY K 61 -46.14 20.27 2.16
C GLY K 61 -46.92 21.51 1.74
N GLN K 62 -46.95 22.52 2.59
CA GLN K 62 -47.78 23.74 2.41
C GLN K 62 -47.56 24.47 1.08
N PHE K 63 -46.32 24.48 0.59
CA PHE K 63 -45.88 25.38 -0.48
C PHE K 63 -46.09 24.84 -1.92
N LYS K 64 -46.78 23.73 -2.08
CA LYS K 64 -47.14 23.21 -3.41
C LYS K 64 -47.48 24.27 -4.47
N ASP K 65 -48.47 25.12 -4.23
CA ASP K 65 -48.88 26.13 -5.23
C ASP K 65 -47.84 27.18 -5.51
N ARG K 66 -47.21 27.70 -4.44
CA ARG K 66 -46.12 28.66 -4.54
C ARG K 66 -45.10 28.11 -5.56
N VAL K 67 -44.64 26.90 -5.31
CA VAL K 67 -43.51 26.35 -6.02
C VAL K 67 -43.82 25.97 -7.45
N GLU K 68 -45.01 25.47 -7.71
CA GLU K 68 -45.44 25.10 -9.05
C GLU K 68 -45.49 26.35 -9.91
N LYS K 69 -46.03 27.43 -9.36
CA LYS K 69 -46.12 28.71 -10.07
C LYS K 69 -44.70 29.20 -10.41
N LEU K 70 -43.86 29.14 -9.39
CA LEU K 70 -42.52 29.63 -9.47
C LEU K 70 -41.66 28.93 -10.44
N CYS K 71 -41.72 27.61 -10.51
CA CYS K 71 -40.82 26.92 -11.39
C CYS K 71 -41.43 26.48 -12.75
N ALA K 72 -42.61 27.00 -13.07
CA ALA K 72 -43.31 26.66 -14.29
C ALA K 72 -42.47 27.08 -15.48
N GLU K 73 -41.78 28.20 -15.31
CA GLU K 73 -40.97 28.79 -16.37
C GLU K 73 -39.80 27.89 -16.75
N PHE K 74 -39.47 26.89 -15.94
CA PHE K 74 -38.39 25.96 -16.26
C PHE K 74 -38.86 24.68 -16.91
N ASN K 75 -40.15 24.66 -17.25
CA ASN K 75 -40.78 23.50 -17.89
C ASN K 75 -40.40 22.17 -17.20
N PRO K 76 -40.79 22.05 -15.92
CA PRO K 76 -40.31 20.95 -15.11
C PRO K 76 -40.94 19.63 -15.52
N ALA K 77 -40.16 18.54 -15.47
CA ALA K 77 -40.67 17.21 -15.74
C ALA K 77 -41.53 16.67 -14.56
N ALA K 78 -41.45 17.31 -13.41
CA ALA K 78 -42.10 16.81 -12.19
C ALA K 78 -41.86 17.79 -11.06
N VAL K 79 -42.92 18.03 -10.30
CA VAL K 79 -42.87 18.88 -9.12
C VAL K 79 -43.52 18.09 -7.98
N LEU K 80 -42.69 17.60 -7.06
CA LEU K 80 -43.09 16.54 -6.15
C LEU K 80 -42.83 16.91 -4.67
N PRO K 81 -43.65 16.36 -3.73
CA PRO K 81 -43.48 16.70 -2.30
C PRO K 81 -42.29 15.98 -1.73
N CYS K 82 -41.45 16.70 -1.04
CA CYS K 82 -40.44 16.02 -0.28
C CYS K 82 -39.97 16.78 0.94
N ASP K 83 -40.54 16.43 2.08
CA ASP K 83 -40.10 16.92 3.38
C ASP K 83 -39.00 16.00 3.95
N VAL K 84 -37.75 16.46 3.93
CA VAL K 84 -36.67 15.54 4.26
C VAL K 84 -36.68 15.08 5.71
N ILE K 85 -37.68 15.48 6.48
CA ILE K 85 -37.87 14.90 7.84
C ILE K 85 -38.32 13.42 7.71
N SER K 86 -38.94 13.09 6.58
CA SER K 86 -39.59 11.83 6.41
C SER K 86 -38.83 10.87 5.49
N ASP K 87 -38.36 9.75 6.00
CA ASP K 87 -37.78 8.71 5.16
C ASP K 87 -38.70 8.22 4.10
N GLN K 88 -39.99 8.13 4.40
CA GLN K 88 -40.93 7.66 3.44
C GLN K 88 -41.01 8.62 2.23
N GLU K 89 -41.20 9.90 2.51
CA GLU K 89 -41.39 10.86 1.46
C GLU K 89 -40.14 10.85 0.52
N ILE K 90 -38.97 10.62 1.08
CA ILE K 90 -37.77 10.63 0.29
C ILE K 90 -37.84 9.42 -0.59
N LYS K 91 -38.27 8.31 -0.03
CA LYS K 91 -38.31 7.08 -0.80
C LYS K 91 -39.30 7.22 -1.97
N ASP K 92 -40.45 7.82 -1.69
CA ASP K 92 -41.49 7.99 -2.69
C ASP K 92 -41.12 9.00 -3.77
N LEU K 93 -40.21 9.91 -3.39
CA LEU K 93 -39.76 10.93 -4.31
C LEU K 93 -39.10 10.16 -5.46
N PHE K 94 -38.25 9.23 -5.12
CA PHE K 94 -37.53 8.51 -6.18
C PHE K 94 -38.35 7.50 -6.97
N VAL K 95 -39.31 6.86 -6.31
CA VAL K 95 -40.34 6.08 -6.98
C VAL K 95 -41.05 6.90 -8.06
N GLU K 96 -41.60 8.04 -7.68
CA GLU K 96 -42.35 8.89 -8.60
C GLU K 96 -41.47 9.42 -9.73
N LEU K 97 -40.27 9.80 -9.38
CA LEU K 97 -39.35 10.36 -10.33
C LEU K 97 -38.93 9.28 -11.32
N GLY K 98 -38.70 8.09 -10.82
CA GLY K 98 -38.41 6.94 -11.69
C GLY K 98 -39.52 6.56 -12.67
N LYS K 99 -40.75 7.03 -12.45
CA LYS K 99 -41.81 6.78 -13.41
C LYS K 99 -41.65 7.72 -14.60
N VAL K 100 -41.03 8.88 -14.35
CA VAL K 100 -40.88 9.91 -15.39
C VAL K 100 -39.52 9.76 -16.13
N TRP K 101 -38.48 9.35 -15.38
CA TRP K 101 -37.11 9.30 -15.90
C TRP K 101 -36.47 7.94 -15.72
N ASP K 102 -35.60 7.55 -16.65
CA ASP K 102 -34.94 6.27 -16.51
C ASP K 102 -33.75 6.34 -15.58
N GLY K 103 -32.90 7.33 -15.79
CA GLY K 103 -31.84 7.62 -14.87
C GLY K 103 -31.98 9.04 -14.32
N LEU K 104 -31.11 9.36 -13.36
CA LEU K 104 -31.06 10.67 -12.79
C LEU K 104 -29.59 11.11 -12.94
N ASP K 105 -29.37 12.35 -13.35
CA ASP K 105 -27.98 12.83 -13.54
C ASP K 105 -27.42 13.62 -12.38
N ALA K 106 -28.29 14.38 -11.73
CA ALA K 106 -27.81 15.11 -10.55
C ALA K 106 -28.89 15.39 -9.53
N ILE K 107 -28.42 15.50 -8.28
CA ILE K 107 -29.24 16.01 -7.16
C ILE K 107 -28.61 17.27 -6.60
N VAL K 108 -29.38 18.34 -6.60
CA VAL K 108 -28.95 19.58 -5.98
C VAL K 108 -29.66 19.74 -4.65
N HIS K 109 -28.84 19.65 -3.57
CA HIS K 109 -29.34 19.78 -2.17
C HIS K 109 -29.17 21.23 -1.75
N SER K 110 -30.26 21.90 -1.43
CA SER K 110 -30.19 23.33 -1.19
C SER K 110 -31.23 23.61 -0.12
N ILE K 111 -31.11 22.82 0.97
CA ILE K 111 -32.03 22.94 2.06
C ILE K 111 -31.26 23.04 3.36
N ALA K 112 -31.73 23.91 4.23
CA ALA K 112 -31.26 23.96 5.61
C ALA K 112 -32.44 24.32 6.54
N PHE K 113 -32.31 24.04 7.83
CA PHE K 113 -33.27 24.52 8.83
C PHE K 113 -32.72 24.23 10.22
N ALA K 114 -32.94 25.14 11.14
CA ALA K 114 -32.70 24.94 12.56
C ALA K 114 -33.83 25.80 13.17
N PRO K 115 -34.31 25.43 14.38
CA PRO K 115 -35.29 26.26 15.05
C PRO K 115 -34.79 27.68 15.27
N ARG K 116 -35.68 28.68 15.12
CA ARG K 116 -35.37 30.12 15.39
C ARG K 116 -34.42 30.29 16.58
N ASP K 117 -34.74 29.68 17.74
CA ASP K 117 -33.95 29.83 19.02
C ASP K 117 -32.45 29.41 18.90
N GLN K 118 -32.10 28.72 17.83
CA GLN K 118 -30.76 28.17 17.68
C GLN K 118 -29.85 29.15 17.02
N LEU K 119 -30.40 30.31 16.71
CA LEU K 119 -29.76 31.15 15.73
C LEU K 119 -29.40 32.58 16.13
N GLU K 120 -29.44 32.94 17.36
CA GLU K 120 -28.79 34.22 17.66
C GLU K 120 -28.39 34.25 19.09
N GLY K 121 -27.64 35.24 19.49
CA GLY K 121 -27.09 35.20 20.83
C GLY K 121 -25.95 34.20 20.95
N ASN K 122 -25.61 33.92 22.21
CA ASN K 122 -24.47 33.14 22.58
C ASN K 122 -24.72 31.66 22.28
N PHE K 123 -23.79 31.01 21.63
CA PHE K 123 -23.95 29.58 21.24
C PHE K 123 -24.34 28.66 22.38
N ILE K 124 -23.56 28.72 23.47
CA ILE K 124 -23.80 27.88 24.61
C ILE K 124 -25.10 28.20 25.33
N ASP K 125 -25.48 29.47 25.54
CA ASP K 125 -26.81 29.74 26.09
C ASP K 125 -27.97 29.19 25.28
N CYS K 126 -27.84 29.24 23.96
CA CYS K 126 -28.96 28.94 23.09
C CYS K 126 -29.06 27.50 22.63
N VAL K 127 -27.91 26.84 22.48
CA VAL K 127 -27.92 25.45 22.00
C VAL K 127 -28.81 24.51 22.87
N THR K 128 -29.75 23.77 22.24
CA THR K 128 -30.49 22.72 22.96
C THR K 128 -30.34 21.33 22.31
N ARG K 129 -30.50 20.27 23.09
CA ARG K 129 -30.37 18.94 22.52
C ARG K 129 -31.27 18.77 21.26
N GLU K 130 -32.51 19.23 21.34
CA GLU K 130 -33.44 18.94 20.29
C GLU K 130 -33.16 19.79 19.04
N GLY K 131 -32.75 21.02 19.29
CA GLY K 131 -32.50 21.92 18.25
C GLY K 131 -31.24 21.52 17.51
N PHE K 132 -30.24 21.06 18.25
CA PHE K 132 -29.04 20.50 17.65
C PHE K 132 -29.42 19.34 16.76
N SER K 133 -30.38 18.56 17.24
CA SER K 133 -30.80 17.36 16.53
C SER K 133 -31.52 17.68 15.19
N ILE K 134 -32.43 18.65 15.28
CA ILE K 134 -33.23 18.96 14.17
C ILE K 134 -32.34 19.59 13.11
N ALA K 135 -31.56 20.57 13.51
CA ALA K 135 -30.60 21.18 12.58
C ALA K 135 -29.82 20.14 11.82
N HIS K 136 -29.16 19.20 12.49
CA HIS K 136 -28.42 18.12 11.79
C HIS K 136 -29.32 17.23 10.96
N ASP K 137 -30.47 16.88 11.51
CA ASP K 137 -31.27 15.96 10.79
C ASP K 137 -31.58 16.54 9.33
N ILE K 138 -32.01 17.81 9.26
CA ILE K 138 -32.56 18.42 8.11
C ILE K 138 -31.53 19.02 7.19
N SER K 139 -30.42 19.49 7.81
CA SER K 139 -29.34 20.23 7.17
C SER K 139 -28.26 19.35 6.73
N ALA K 140 -28.10 18.21 7.34
CA ALA K 140 -26.94 17.36 7.10
C ALA K 140 -27.33 15.90 6.75
N TYR K 141 -28.09 15.27 7.63
CA TYR K 141 -28.44 13.89 7.34
C TYR K 141 -29.18 13.78 5.98
N SER K 142 -30.10 14.70 5.75
CA SER K 142 -30.91 14.66 4.55
C SER K 142 -30.14 14.54 3.24
N PHE K 143 -28.86 15.01 3.22
CA PHE K 143 -28.01 14.89 2.08
C PHE K 143 -27.69 13.39 1.84
N ALA K 144 -27.30 12.67 2.92
CA ALA K 144 -26.94 11.27 2.80
C ALA K 144 -28.18 10.50 2.51
N ALA K 145 -29.35 11.02 2.94
CA ALA K 145 -30.59 10.31 2.71
C ALA K 145 -30.99 10.44 1.18
N LEU K 146 -30.91 11.64 0.64
CA LEU K 146 -31.10 11.77 -0.83
C LEU K 146 -30.15 10.86 -1.61
N ALA K 147 -28.93 10.75 -1.12
CA ALA K 147 -27.93 9.95 -1.79
C ALA K 147 -28.32 8.48 -1.77
N LYS K 148 -28.80 8.04 -0.61
CA LYS K 148 -29.07 6.65 -0.33
C LYS K 148 -30.18 6.22 -1.24
N GLU K 149 -31.22 7.06 -1.39
CA GLU K 149 -32.36 6.68 -2.19
C GLU K 149 -32.24 6.94 -3.67
N GLY K 150 -31.31 7.82 -4.08
CA GLY K 150 -31.23 8.23 -5.48
C GLY K 150 -30.18 7.41 -6.14
N ARG K 151 -29.41 6.74 -5.30
CA ARG K 151 -28.21 6.06 -5.71
C ARG K 151 -28.41 5.18 -6.91
N SER K 152 -29.45 4.38 -6.90
CA SER K 152 -29.63 3.46 -8.01
C SER K 152 -29.99 4.20 -9.34
N MET K 153 -30.74 5.30 -9.29
CA MET K 153 -31.07 5.98 -10.53
C MET K 153 -29.84 6.70 -11.15
N MET K 154 -28.74 6.78 -10.38
CA MET K 154 -27.60 7.62 -10.68
C MET K 154 -26.37 6.83 -11.06
N LYS K 155 -26.37 5.53 -10.79
CA LYS K 155 -25.32 4.60 -11.22
C LYS K 155 -24.78 4.86 -12.65
N ASN K 156 -23.45 4.98 -12.73
CA ASN K 156 -22.69 4.86 -14.01
C ASN K 156 -23.18 5.71 -15.20
N ARG K 157 -23.35 7.01 -14.97
CA ARG K 157 -23.69 7.98 -15.98
C ARG K 157 -23.03 9.35 -15.68
N ASN K 158 -21.84 9.32 -15.08
CA ASN K 158 -21.19 10.53 -14.59
C ASN K 158 -22.18 11.43 -13.89
N ALA K 159 -22.82 10.90 -12.85
CA ALA K 159 -23.84 11.64 -12.14
C ALA K 159 -23.16 12.55 -11.11
N SER K 160 -23.95 13.43 -10.48
CA SER K 160 -23.45 14.46 -9.61
C SER K 160 -24.37 14.74 -8.45
N MET K 161 -23.74 15.13 -7.33
CA MET K 161 -24.45 15.74 -6.24
C MET K 161 -23.81 17.05 -5.86
N VAL K 162 -24.61 18.03 -5.45
CA VAL K 162 -24.08 19.29 -4.96
C VAL K 162 -24.87 19.75 -3.79
N ALA K 163 -24.18 20.02 -2.68
CA ALA K 163 -24.85 20.62 -1.52
C ALA K 163 -24.44 22.11 -1.33
N LEU K 164 -25.36 22.95 -0.86
CA LEU K 164 -25.03 24.32 -0.46
C LEU K 164 -24.58 24.40 1.00
N THR K 165 -23.48 25.10 1.22
CA THR K 165 -22.89 25.22 2.54
C THR K 165 -22.46 26.66 2.81
N TYR K 166 -21.89 26.91 3.98
CA TYR K 166 -21.56 28.28 4.40
C TYR K 166 -20.32 28.19 5.27
N ILE K 167 -19.50 29.27 5.25
CA ILE K 167 -18.19 29.26 5.86
C ILE K 167 -18.28 29.12 7.36
N GLY K 168 -19.49 29.25 7.95
CA GLY K 168 -19.72 29.05 9.41
C GLY K 168 -19.39 27.63 9.75
N ALA K 169 -19.33 26.75 8.75
CA ALA K 169 -18.85 25.37 8.99
C ALA K 169 -17.44 25.29 9.45
N GLU K 170 -16.59 26.13 8.84
CA GLU K 170 -15.11 26.15 9.11
C GLU K 170 -14.67 27.07 10.27
N LYS K 171 -15.39 28.16 10.55
CA LYS K 171 -15.00 29.13 11.58
C LYS K 171 -16.17 29.36 12.50
N ALA K 172 -15.91 29.73 13.75
CA ALA K 172 -17.01 30.22 14.58
C ALA K 172 -17.42 31.67 14.20
N MET K 173 -18.70 31.85 13.97
CA MET K 173 -19.25 33.14 13.63
C MET K 173 -20.26 33.54 14.67
N PRO K 174 -20.50 34.84 14.92
CA PRO K 174 -21.63 35.18 15.80
C PRO K 174 -22.99 34.76 15.14
N SER K 175 -23.99 34.44 15.95
CA SER K 175 -25.33 34.07 15.45
C SER K 175 -25.47 32.74 14.78
N TYR K 176 -24.62 32.41 13.81
CA TYR K 176 -24.80 31.20 13.00
C TYR K 176 -24.98 29.98 13.85
N ASN K 177 -24.17 29.85 14.90
CA ASN K 177 -24.34 28.89 15.99
C ASN K 177 -24.53 27.45 15.56
N THR K 178 -25.69 26.90 15.93
CA THR K 178 -26.02 25.51 15.65
C THR K 178 -25.96 25.24 14.14
N MET K 179 -26.36 26.22 13.31
CA MET K 179 -26.28 25.98 11.82
C MET K 179 -24.84 25.79 11.37
N GLY K 180 -23.92 26.44 12.08
CA GLY K 180 -22.51 26.33 11.80
C GLY K 180 -22.10 24.89 12.00
N VAL K 181 -22.51 24.34 13.18
CA VAL K 181 -22.21 22.97 13.57
C VAL K 181 -22.83 22.03 12.53
N ALA K 182 -24.10 22.26 12.24
CA ALA K 182 -24.72 21.46 11.19
C ALA K 182 -24.00 21.51 9.86
N LYS K 183 -23.72 22.73 9.40
CA LYS K 183 -22.93 22.82 8.14
C LYS K 183 -21.61 22.00 8.20
N ALA K 184 -21.02 21.87 9.40
CA ALA K 184 -19.78 21.13 9.49
C ALA K 184 -20.00 19.67 9.27
N SER K 185 -21.11 19.22 9.80
CA SER K 185 -21.66 17.89 9.54
C SER K 185 -22.05 17.66 8.06
N LEU K 186 -22.77 18.63 7.48
CA LEU K 186 -23.04 18.59 6.03
C LEU K 186 -21.75 18.36 5.18
N GLU K 187 -20.68 19.04 5.53
CA GLU K 187 -19.42 18.96 4.76
C GLU K 187 -18.72 17.63 4.90
N ALA K 188 -18.82 17.06 6.09
CA ALA K 188 -18.28 15.73 6.33
C ALA K 188 -19.10 14.76 5.55
N THR K 189 -20.42 14.93 5.62
CA THR K 189 -21.30 14.04 4.89
C THR K 189 -20.98 14.09 3.38
N VAL K 190 -20.88 15.28 2.83
CA VAL K 190 -20.40 15.40 1.45
C VAL K 190 -19.12 14.59 1.17
N ARG K 191 -18.11 14.63 2.03
CA ARG K 191 -16.91 13.84 1.76
C ARG K 191 -17.12 12.30 1.87
N TYR K 192 -17.74 11.85 2.95
CA TYR K 192 -18.06 10.43 3.08
C TYR K 192 -18.99 9.95 1.95
N THR K 193 -19.92 10.80 1.54
CA THR K 193 -20.76 10.42 0.42
C THR K 193 -19.90 10.37 -0.88
N ALA K 194 -18.88 11.24 -0.98
CA ALA K 194 -18.09 11.24 -2.19
C ALA K 194 -17.34 9.91 -2.27
N LEU K 195 -16.88 9.44 -1.11
CA LEU K 195 -16.07 8.24 -1.05
C LEU K 195 -16.98 7.01 -1.26
N ALA K 196 -18.17 7.06 -0.72
CA ALA K 196 -19.10 5.95 -0.86
C ALA K 196 -19.72 5.87 -2.26
N LEU K 197 -19.96 6.99 -2.93
CA LEU K 197 -20.60 6.90 -4.27
C LEU K 197 -19.67 6.93 -5.51
N GLY K 198 -18.38 7.14 -5.30
CA GLY K 198 -17.45 7.33 -6.40
C GLY K 198 -17.21 6.11 -7.26
N GLU K 199 -17.30 4.92 -6.66
CA GLU K 199 -17.24 3.67 -7.43
C GLU K 199 -18.39 3.56 -8.49
N ASP K 200 -19.48 4.32 -8.30
CA ASP K 200 -20.59 4.34 -9.25
C ASP K 200 -20.48 5.50 -10.18
N GLY K 201 -19.30 6.14 -10.16
CA GLY K 201 -19.04 7.31 -11.02
C GLY K 201 -19.73 8.62 -10.62
N ILE K 202 -20.25 8.67 -9.38
CA ILE K 202 -21.04 9.82 -8.92
C ILE K 202 -20.16 10.79 -8.21
N LYS K 203 -20.21 12.05 -8.61
CA LYS K 203 -19.27 13.06 -8.01
C LYS K 203 -20.10 13.88 -7.08
N VAL K 204 -19.49 14.19 -5.92
CA VAL K 204 -20.18 14.84 -4.81
C VAL K 204 -19.38 16.03 -4.28
N ASN K 205 -19.99 17.20 -4.36
CA ASN K 205 -19.30 18.38 -3.96
C ASN K 205 -20.26 19.35 -3.23
N ALA K 206 -19.67 20.41 -2.64
CA ALA K 206 -20.45 21.54 -2.09
C ALA K 206 -19.91 22.88 -2.68
N VAL K 207 -20.84 23.83 -2.85
CA VAL K 207 -20.55 25.19 -3.03
C VAL K 207 -20.81 25.97 -1.70
N SER K 208 -19.82 26.73 -1.30
CA SER K 208 -19.95 27.50 -0.08
C SER K 208 -20.28 28.93 -0.47
N ALA K 209 -21.55 29.28 -0.42
CA ALA K 209 -21.94 30.61 -0.86
C ALA K 209 -21.65 31.69 0.16
N GLY K 210 -21.21 32.87 -0.29
CA GLY K 210 -21.20 34.12 0.53
C GLY K 210 -22.66 34.45 0.81
N PRO K 211 -22.91 35.40 1.73
CA PRO K 211 -24.29 35.54 2.27
C PRO K 211 -25.05 36.25 1.25
N ILE K 212 -26.33 35.94 1.08
CA ILE K 212 -27.24 36.46 0.04
C ILE K 212 -28.64 36.61 0.67
N LYS K 213 -29.36 37.70 0.39
CA LYS K 213 -30.58 38.02 1.10
C LYS K 213 -31.70 37.15 0.54
N THR K 214 -31.93 36.01 1.21
CA THR K 214 -32.96 35.03 0.80
C THR K 214 -33.98 34.89 1.92
N LEU K 215 -35.02 34.07 1.77
CA LEU K 215 -35.99 33.91 2.84
C LEU K 215 -35.34 33.37 4.07
N ALA K 216 -34.36 32.48 3.93
CA ALA K 216 -33.69 31.96 5.15
C ALA K 216 -32.97 33.09 5.90
N ALA K 217 -32.44 34.02 5.14
CA ALA K 217 -31.74 35.17 5.71
C ALA K 217 -32.62 36.16 6.44
N SER K 218 -33.92 36.15 6.18
CA SER K 218 -34.83 37.06 6.89
C SER K 218 -35.08 36.71 8.36
N GLY K 219 -34.63 35.54 8.80
CA GLY K 219 -34.66 35.21 10.20
C GLY K 219 -33.63 36.02 10.99
N ILE K 220 -32.51 36.38 10.33
CA ILE K 220 -31.34 37.00 11.02
C ILE K 220 -31.48 38.52 11.09
N SER K 221 -31.45 39.09 12.29
CA SER K 221 -31.95 40.47 12.39
C SER K 221 -31.00 41.55 11.87
N ASN K 222 -29.69 41.26 11.85
CA ASN K 222 -28.75 42.26 11.31
C ASN K 222 -28.09 41.88 9.99
N PHE K 223 -28.85 41.22 9.12
CA PHE K 223 -28.29 40.58 7.95
C PHE K 223 -27.67 41.59 7.03
N LYS K 224 -28.34 42.74 6.83
CA LYS K 224 -27.83 43.77 5.91
C LYS K 224 -26.37 44.12 6.26
N LYS K 225 -26.03 44.06 7.53
CA LYS K 225 -24.71 44.42 7.97
C LYS K 225 -23.65 43.35 7.73
N MET K 226 -24.05 42.09 7.93
CA MET K 226 -23.24 40.99 7.45
C MET K 226 -22.92 41.11 5.94
N LEU K 227 -23.94 41.44 5.13
CA LEU K 227 -23.74 41.65 3.69
C LEU K 227 -22.78 42.78 3.45
N ASP K 228 -22.91 43.85 4.22
CA ASP K 228 -22.06 45.04 4.02
C ASP K 228 -20.65 44.73 4.48
N TYR K 229 -20.52 44.00 5.54
CA TYR K 229 -19.21 43.62 5.91
C TYR K 229 -18.53 42.73 4.85
N ASN K 230 -19.21 41.68 4.45
CA ASN K 230 -18.63 40.88 3.40
C ASN K 230 -18.15 41.75 2.22
N ALA K 231 -19.02 42.63 1.74
CA ALA K 231 -18.64 43.42 0.59
C ALA K 231 -17.44 44.33 0.84
N MET K 232 -17.25 44.77 2.06
CA MET K 232 -16.13 45.61 2.35
C MET K 232 -14.84 44.83 2.45
N VAL K 233 -14.91 43.65 3.05
CA VAL K 233 -13.76 42.87 3.39
C VAL K 233 -13.26 41.95 2.26
N SER K 234 -14.19 41.49 1.44
CA SER K 234 -13.82 40.63 0.35
C SER K 234 -12.90 41.27 -0.67
N PRO K 235 -11.97 40.48 -1.22
CA PRO K 235 -11.10 41.02 -2.25
C PRO K 235 -11.89 41.57 -3.47
N LEU K 236 -13.07 41.03 -3.77
CA LEU K 236 -13.77 41.55 -4.94
C LEU K 236 -14.72 42.71 -4.58
N LYS K 237 -14.73 43.13 -3.33
CA LYS K 237 -15.48 44.34 -3.00
C LYS K 237 -16.92 44.24 -3.52
N LYS K 238 -17.57 43.08 -3.30
CA LYS K 238 -18.95 42.97 -3.72
C LYS K 238 -19.60 41.77 -3.04
N ASN K 239 -20.90 41.62 -3.25
CA ASN K 239 -21.67 40.51 -2.65
C ASN K 239 -22.00 39.64 -3.82
N VAL K 240 -22.00 38.32 -3.60
CA VAL K 240 -22.30 37.41 -4.68
C VAL K 240 -23.80 37.38 -4.86
N ASP K 241 -24.26 36.89 -6.01
CA ASP K 241 -25.66 36.74 -6.22
C ASP K 241 -25.92 35.33 -6.67
N ILE K 242 -27.20 35.01 -6.79
CA ILE K 242 -27.67 33.65 -7.03
C ILE K 242 -27.25 33.09 -8.35
N MET K 243 -27.00 33.95 -9.32
CA MET K 243 -26.41 33.51 -10.64
C MET K 243 -24.95 33.08 -10.54
N GLU K 244 -24.18 33.80 -9.76
CA GLU K 244 -22.83 33.32 -9.48
C GLU K 244 -22.83 31.94 -8.83
N VAL K 245 -23.74 31.73 -7.91
CA VAL K 245 -23.76 30.48 -7.23
C VAL K 245 -24.33 29.46 -8.20
N GLY K 246 -25.50 29.80 -8.78
CA GLY K 246 -26.17 28.95 -9.76
C GLY K 246 -25.24 28.44 -10.82
N ASN K 247 -24.46 29.35 -11.41
CA ASN K 247 -23.56 28.95 -12.46
C ASN K 247 -22.55 27.97 -11.96
N THR K 248 -22.07 28.15 -10.73
CA THR K 248 -21.10 27.22 -10.18
C THR K 248 -21.67 25.85 -9.95
N VAL K 249 -22.88 25.81 -9.42
CA VAL K 249 -23.59 24.55 -9.18
C VAL K 249 -23.78 23.83 -10.54
N ALA K 250 -24.34 24.54 -11.52
CA ALA K 250 -24.45 24.00 -12.87
C ALA K 250 -23.09 23.38 -13.38
N PHE K 251 -21.98 24.10 -13.23
CA PHE K 251 -20.72 23.57 -13.62
C PHE K 251 -20.43 22.25 -12.95
N LEU K 252 -20.70 22.23 -11.65
CA LEU K 252 -20.33 21.05 -10.89
C LEU K 252 -21.23 19.87 -11.25
N CYS K 253 -22.30 20.12 -11.98
CA CYS K 253 -23.10 19.03 -12.47
C CYS K 253 -22.81 18.67 -13.92
N SER K 254 -21.70 19.16 -14.51
CA SER K 254 -21.39 18.91 -15.93
C SER K 254 -20.28 17.91 -16.14
N ASP K 255 -20.18 17.43 -17.36
CA ASP K 255 -19.07 16.54 -17.78
C ASP K 255 -17.69 17.20 -17.68
N MET K 256 -17.68 18.53 -17.66
CA MET K 256 -16.44 19.29 -17.52
C MET K 256 -15.89 19.17 -16.12
N ALA K 257 -16.71 18.89 -15.11
CA ALA K 257 -16.18 18.79 -13.76
C ALA K 257 -15.93 17.37 -13.32
N THR K 258 -15.81 16.40 -14.23
CA THR K 258 -15.68 15.01 -13.82
C THR K 258 -14.45 14.62 -13.07
N GLY K 259 -13.55 15.55 -12.82
CA GLY K 259 -12.38 15.22 -12.06
C GLY K 259 -12.43 15.82 -10.71
N ILE K 260 -13.58 16.41 -10.40
CA ILE K 260 -13.76 17.09 -9.10
C ILE K 260 -14.74 16.36 -8.22
N THR K 261 -14.32 15.98 -7.01
CA THR K 261 -15.21 15.37 -6.02
C THR K 261 -14.71 15.54 -4.59
N GLY K 262 -15.63 15.48 -3.63
CA GLY K 262 -15.36 15.80 -2.27
C GLY K 262 -14.93 17.25 -2.05
N GLU K 263 -15.32 18.11 -2.96
CA GLU K 263 -14.72 19.42 -2.88
C GLU K 263 -15.70 20.51 -2.35
N VAL K 264 -15.18 21.55 -1.73
CA VAL K 264 -16.01 22.72 -1.30
C VAL K 264 -15.54 23.87 -2.14
N VAL K 265 -16.40 24.47 -2.93
CA VAL K 265 -16.03 25.58 -3.76
C VAL K 265 -16.63 26.85 -3.22
N HIS K 266 -15.78 27.71 -2.70
CA HIS K 266 -16.23 28.98 -2.16
C HIS K 266 -16.69 29.94 -3.18
N VAL K 267 -17.95 30.30 -3.14
CA VAL K 267 -18.46 31.27 -4.07
C VAL K 267 -18.87 32.47 -3.24
N ASP K 268 -17.87 33.26 -2.84
CA ASP K 268 -18.12 34.27 -1.86
C ASP K 268 -17.35 35.58 -2.11
N ALA K 269 -17.08 35.92 -3.35
CA ALA K 269 -16.23 37.10 -3.71
C ALA K 269 -14.83 37.15 -3.04
N GLY K 270 -14.36 35.97 -2.60
CA GLY K 270 -12.98 35.80 -2.02
C GLY K 270 -12.91 35.94 -0.49
N TYR K 271 -14.08 36.14 0.14
CA TYR K 271 -14.14 36.25 1.59
C TYR K 271 -13.29 35.20 2.26
N HIS K 272 -13.40 33.95 1.82
CA HIS K 272 -12.73 32.89 2.63
C HIS K 272 -11.26 33.03 2.74
N CYS K 273 -10.63 33.80 1.88
CA CYS K 273 -9.15 33.77 1.83
C CYS K 273 -8.44 34.96 2.46
N VAL K 274 -9.21 35.93 2.94
CA VAL K 274 -8.67 37.03 3.74
C VAL K 274 -8.81 36.94 5.24
N SER K 275 -8.04 37.73 5.94
CA SER K 275 -8.21 37.90 7.35
C SER K 275 -7.83 39.37 7.71
N MET K 276 -8.65 39.98 8.55
CA MET K 276 -8.42 41.32 9.06
C MET K 276 -8.36 42.30 7.95
N GLY K 277 -9.41 42.84 7.42
CA GLY K 277 -9.10 43.80 6.32
C GLY K 277 -8.11 44.95 6.70
N ASN K 278 -8.05 45.95 5.85
CA ASN K 278 -7.46 47.23 6.20
C ASN K 278 -8.40 48.20 6.96
N VAL K 279 -9.62 47.71 7.19
CA VAL K 279 -10.65 48.46 7.77
C VAL K 279 -11.10 47.55 8.96
N LEU K 280 -10.49 47.85 10.12
CA LEU K 280 -10.67 47.15 11.42
C LEU K 280 -11.92 47.60 12.09
N GLY L 22 3.86 20.48 40.47
CA GLY L 22 3.21 19.92 39.22
C GLY L 22 2.50 21.09 38.51
N PHE L 23 2.41 21.08 37.16
CA PHE L 23 1.78 22.22 36.46
C PHE L 23 0.23 22.23 36.49
N LEU L 24 -0.39 21.20 37.06
CA LEU L 24 -1.82 21.29 37.37
C LEU L 24 -2.14 21.34 38.85
N ALA L 25 -1.16 21.73 39.70
CA ALA L 25 -1.34 21.72 41.15
C ALA L 25 -2.58 22.46 41.54
N GLY L 26 -3.47 21.86 42.32
CA GLY L 26 -4.62 22.60 42.84
C GLY L 26 -5.79 22.67 41.88
N LYS L 27 -5.54 22.44 40.60
CA LYS L 27 -6.62 22.51 39.63
C LYS L 27 -7.64 21.41 39.80
N LYS L 28 -8.92 21.72 39.70
CA LYS L 28 -9.97 20.73 39.90
C LYS L 28 -10.58 20.38 38.55
N ILE L 29 -10.39 19.12 38.16
CA ILE L 29 -10.70 18.66 36.84
C ILE L 29 -11.57 17.47 36.80
N LEU L 30 -12.67 17.51 36.03
CA LEU L 30 -13.59 16.44 35.78
C LEU L 30 -13.20 15.70 34.49
N ILE L 31 -13.04 14.36 34.59
CA ILE L 31 -12.72 13.47 33.47
C ILE L 31 -13.84 12.54 33.18
N THR L 32 -14.34 12.60 31.93
CA THR L 32 -15.39 11.69 31.54
C THR L 32 -14.74 10.53 30.75
N GLY L 33 -15.51 9.47 30.50
CA GLY L 33 -15.08 8.40 29.65
C GLY L 33 -13.99 7.41 30.11
N LEU L 34 -13.69 7.33 31.42
CA LEU L 34 -12.74 6.31 31.93
C LEU L 34 -13.44 4.98 31.98
N LEU L 35 -12.91 3.98 31.31
CA LEU L 35 -13.66 2.73 31.18
C LEU L 35 -12.82 1.49 31.42
N SER L 36 -11.58 1.50 30.94
CA SER L 36 -10.64 0.41 31.24
C SER L 36 -9.31 1.07 31.51
N ASN L 37 -8.26 0.32 31.76
CA ASN L 37 -6.97 0.96 31.89
C ASN L 37 -6.29 1.14 30.50
N LYS L 38 -7.05 0.83 29.44
CA LYS L 38 -6.65 1.10 28.07
C LYS L 38 -7.21 2.44 27.59
N SER L 39 -8.24 2.97 28.31
CA SER L 39 -8.92 4.22 27.95
C SER L 39 -8.00 5.40 27.77
N ILE L 40 -8.25 6.23 26.78
CA ILE L 40 -7.47 7.46 26.63
C ILE L 40 -7.66 8.27 27.93
N ALA L 41 -8.91 8.27 28.45
CA ALA L 41 -9.20 8.90 29.75
C ALA L 41 -8.23 8.46 30.89
N TYR L 42 -7.84 7.18 30.88
CA TYR L 42 -6.91 6.67 31.87
C TYR L 42 -5.55 7.35 31.75
N GLY L 43 -5.02 7.42 30.52
CA GLY L 43 -3.77 8.12 30.26
C GLY L 43 -3.89 9.58 30.65
N ILE L 44 -5.01 10.21 30.28
CA ILE L 44 -5.26 11.59 30.72
C ILE L 44 -5.20 11.66 32.24
N ALA L 45 -5.87 10.70 32.91
CA ALA L 45 -5.94 10.70 34.35
C ALA L 45 -4.54 10.56 34.97
N LYS L 46 -3.78 9.56 34.52
CA LYS L 46 -2.38 9.39 34.97
C LYS L 46 -1.57 10.69 34.91
N ALA L 47 -1.57 11.28 33.71
CA ALA L 47 -0.84 12.55 33.44
C ALA L 47 -1.27 13.74 34.37
N MET L 48 -2.58 13.89 34.60
CA MET L 48 -3.04 14.97 35.49
C MET L 48 -2.79 14.69 36.95
N HIS L 49 -2.91 13.43 37.34
CA HIS L 49 -2.58 13.09 38.72
C HIS L 49 -1.09 13.35 39.02
N ARG L 50 -0.24 12.84 38.14
CA ARG L 50 1.17 13.18 38.15
C ARG L 50 1.43 14.64 38.23
N GLU L 51 0.58 15.49 37.62
CA GLU L 51 0.83 16.94 37.65
C GLU L 51 0.17 17.72 38.76
N GLY L 52 -0.53 17.01 39.66
CA GLY L 52 -1.01 17.61 40.89
C GLY L 52 -2.44 18.04 40.86
N ALA L 53 -3.19 17.60 39.85
CA ALA L 53 -4.61 17.93 39.76
C ALA L 53 -5.43 17.14 40.80
N GLU L 54 -6.55 17.72 41.23
CA GLU L 54 -7.61 16.97 41.91
C GLU L 54 -8.63 16.53 40.91
N LEU L 55 -8.86 15.22 40.83
CA LEU L 55 -9.69 14.65 39.80
C LEU L 55 -11.10 14.20 40.18
N ALA L 56 -12.06 14.28 39.28
CA ALA L 56 -13.35 13.66 39.53
C ALA L 56 -13.69 12.89 38.31
N PHE L 57 -14.51 11.84 38.42
CA PHE L 57 -14.76 11.05 37.25
C PHE L 57 -16.24 10.75 37.09
N THR L 58 -16.68 10.55 35.86
CA THR L 58 -18.02 10.06 35.59
C THR L 58 -18.00 8.64 35.02
N TYR L 59 -19.17 7.99 35.07
CA TYR L 59 -19.41 6.63 34.51
C TYR L 59 -20.86 6.46 34.03
N VAL L 60 -21.07 5.57 33.04
CA VAL L 60 -22.41 5.28 32.57
C VAL L 60 -23.03 4.18 33.43
N GLY L 61 -24.27 4.37 33.90
CA GLY L 61 -25.03 3.40 34.75
C GLY L 61 -24.35 2.08 35.19
N GLN L 62 -24.32 1.10 34.28
CA GLN L 62 -23.80 -0.26 34.60
C GLN L 62 -22.40 -0.36 35.21
N PHE L 63 -21.51 0.54 34.81
CA PHE L 63 -20.08 0.37 35.10
C PHE L 63 -19.61 1.02 36.39
N LYS L 64 -20.54 1.34 37.28
CA LYS L 64 -20.18 1.97 38.55
C LYS L 64 -18.98 1.33 39.26
N ASP L 65 -18.99 0.00 39.40
CA ASP L 65 -17.97 -0.70 40.22
C ASP L 65 -16.67 -0.76 39.52
N ARG L 66 -16.74 -1.12 38.23
CA ARG L 66 -15.59 -1.13 37.32
C ARG L 66 -14.80 0.17 37.53
N VAL L 67 -15.50 1.29 37.35
CA VAL L 67 -14.92 2.62 37.34
C VAL L 67 -14.38 3.10 38.68
N GLU L 68 -15.10 2.81 39.77
CA GLU L 68 -14.63 3.18 41.09
C GLU L 68 -13.35 2.52 41.45
N LYS L 69 -13.23 1.24 41.11
CA LYS L 69 -12.02 0.46 41.36
C LYS L 69 -10.88 1.10 40.52
N LEU L 70 -11.15 1.28 39.23
CA LEU L 70 -10.14 1.69 38.31
C LEU L 70 -9.51 3.01 38.70
N CYS L 71 -10.34 3.98 39.09
CA CYS L 71 -9.86 5.31 39.37
C CYS L 71 -9.60 5.64 40.80
N ALA L 72 -9.65 4.64 41.68
CA ALA L 72 -9.37 4.84 43.06
C ALA L 72 -7.90 5.28 43.19
N GLU L 73 -7.03 4.71 42.41
CA GLU L 73 -5.61 5.10 42.48
C GLU L 73 -5.34 6.61 42.27
N PHE L 74 -6.33 7.36 41.77
CA PHE L 74 -6.15 8.79 41.53
C PHE L 74 -6.73 9.67 42.63
N ASN L 75 -7.24 9.01 43.66
CA ASN L 75 -7.75 9.65 44.84
C ASN L 75 -8.80 10.68 44.47
N PRO L 76 -9.86 10.19 43.83
CA PRO L 76 -10.86 11.07 43.28
C PRO L 76 -11.71 11.79 44.30
N ALA L 77 -11.91 13.09 44.13
CA ALA L 77 -12.84 13.84 44.93
C ALA L 77 -14.31 13.42 44.73
N ALA L 78 -14.66 12.80 43.59
CA ALA L 78 -16.05 12.34 43.41
C ALA L 78 -16.04 11.39 42.29
N VAL L 79 -16.93 10.40 42.30
CA VAL L 79 -17.13 9.51 41.19
C VAL L 79 -18.64 9.44 40.98
N LEU L 80 -19.13 9.98 39.86
CA LEU L 80 -20.56 10.23 39.74
C LEU L 80 -21.12 9.76 38.45
N PRO L 81 -22.41 9.44 38.41
CA PRO L 81 -22.99 8.85 37.18
C PRO L 81 -23.28 9.93 36.20
N CYS L 82 -22.99 9.70 34.94
CA CYS L 82 -23.44 10.61 33.93
C CYS L 82 -23.53 9.99 32.57
N ASP L 83 -24.76 9.71 32.17
CA ASP L 83 -25.04 9.23 30.83
C ASP L 83 -25.49 10.43 30.00
N VAL L 84 -24.63 10.83 29.04
CA VAL L 84 -24.85 12.08 28.33
C VAL L 84 -26.05 12.04 27.39
N ILE L 85 -26.74 10.92 27.32
CA ILE L 85 -28.02 10.91 26.67
C ILE L 85 -29.04 11.73 27.47
N SER L 86 -28.81 11.91 28.76
CA SER L 86 -29.81 12.52 29.65
C SER L 86 -29.46 13.95 30.09
N ASP L 87 -30.30 14.91 29.72
CA ASP L 87 -30.10 16.27 30.23
C ASP L 87 -30.12 16.34 31.74
N GLN L 88 -31.00 15.53 32.36
CA GLN L 88 -31.14 15.49 33.80
C GLN L 88 -29.86 15.07 34.53
N GLU L 89 -29.32 13.96 34.10
CA GLU L 89 -28.12 13.47 34.69
C GLU L 89 -26.98 14.43 34.59
N ILE L 90 -26.88 15.11 33.44
CA ILE L 90 -25.83 16.12 33.22
C ILE L 90 -26.01 17.27 34.20
N LYS L 91 -27.24 17.74 34.29
CA LYS L 91 -27.61 18.76 35.28
C LYS L 91 -27.21 18.34 36.71
N ASP L 92 -27.52 17.10 37.06
CA ASP L 92 -27.22 16.62 38.41
C ASP L 92 -25.75 16.43 38.64
N LEU L 93 -25.03 16.18 37.55
CA LEU L 93 -23.63 15.92 37.71
C LEU L 93 -23.03 17.15 38.29
N PHE L 94 -23.55 18.32 37.91
CA PHE L 94 -22.95 19.59 38.32
C PHE L 94 -23.43 20.10 39.65
N VAL L 95 -24.66 19.70 40.00
CA VAL L 95 -25.20 19.92 41.34
C VAL L 95 -24.36 19.19 42.42
N GLU L 96 -24.12 17.89 42.21
CA GLU L 96 -23.32 17.08 43.11
C GLU L 96 -21.88 17.55 43.20
N LEU L 97 -21.28 17.76 42.04
CA LEU L 97 -19.91 18.16 41.97
C LEU L 97 -19.76 19.49 42.69
N GLY L 98 -20.77 20.37 42.53
CA GLY L 98 -20.85 21.68 43.20
C GLY L 98 -20.91 21.59 44.71
N LYS L 99 -21.39 20.45 45.24
CA LYS L 99 -21.31 20.21 46.68
C LYS L 99 -19.89 19.93 47.15
N VAL L 100 -19.07 19.34 46.29
CA VAL L 100 -17.71 18.97 46.69
C VAL L 100 -16.69 20.09 46.44
N TRP L 101 -16.82 20.79 45.32
CA TRP L 101 -15.91 21.87 44.88
C TRP L 101 -16.59 23.22 44.74
N ASP L 102 -15.85 24.30 44.97
CA ASP L 102 -16.42 25.62 44.72
C ASP L 102 -16.46 26.05 43.24
N GLY L 103 -15.33 25.88 42.55
CA GLY L 103 -15.32 26.01 41.11
C GLY L 103 -14.77 24.77 40.43
N LEU L 104 -14.81 24.78 39.12
CA LEU L 104 -14.29 23.71 38.33
C LEU L 104 -13.23 24.31 37.44
N ASP L 105 -12.06 23.68 37.35
CA ASP L 105 -11.07 24.18 36.44
C ASP L 105 -11.10 23.61 35.04
N ALA L 106 -11.42 22.35 34.88
CA ALA L 106 -11.45 21.80 33.52
C ALA L 106 -12.47 20.66 33.39
N ILE L 107 -12.97 20.49 32.17
CA ILE L 107 -13.73 19.33 31.82
C ILE L 107 -13.02 18.65 30.66
N VAL L 108 -12.70 17.37 30.85
CA VAL L 108 -12.26 16.50 29.81
C VAL L 108 -13.38 15.64 29.20
N HIS L 109 -13.73 15.90 27.94
CA HIS L 109 -14.75 15.13 27.25
C HIS L 109 -14.04 14.06 26.48
N SER L 110 -14.31 12.81 26.82
CA SER L 110 -13.62 11.75 26.12
C SER L 110 -14.55 10.61 25.94
N ILE L 111 -15.60 10.87 25.19
CA ILE L 111 -16.63 9.93 25.04
C ILE L 111 -17.10 10.00 23.63
N ALA L 112 -17.36 8.82 23.07
CA ALA L 112 -17.94 8.71 21.75
C ALA L 112 -18.86 7.48 21.65
N PHE L 113 -19.78 7.46 20.71
CA PHE L 113 -20.57 6.28 20.44
C PHE L 113 -21.35 6.42 19.12
N ALA L 114 -21.47 5.32 18.39
CA ALA L 114 -22.46 5.22 17.33
C ALA L 114 -22.89 3.76 17.34
N PRO L 115 -24.11 3.43 16.94
CA PRO L 115 -24.50 2.03 16.87
C PRO L 115 -23.56 1.24 16.00
N ARG L 116 -23.31 -0.04 16.31
CA ARG L 116 -22.44 -0.97 15.52
C ARG L 116 -22.63 -0.86 13.97
N ASP L 117 -23.87 -0.81 13.53
CA ASP L 117 -24.18 -0.87 12.13
C ASP L 117 -23.72 0.40 11.36
N GLN L 118 -23.33 1.43 12.10
CA GLN L 118 -22.90 2.69 11.48
C GLN L 118 -21.44 2.66 11.09
N LEU L 119 -20.74 1.58 11.44
CA LEU L 119 -19.31 1.65 11.55
C LEU L 119 -18.52 0.65 10.75
N GLU L 120 -19.11 0.02 9.76
CA GLU L 120 -18.26 -0.63 8.75
C GLU L 120 -19.00 -0.76 7.40
N GLY L 121 -18.28 -1.10 6.35
CA GLY L 121 -18.89 -1.18 5.04
C GLY L 121 -19.08 0.21 4.47
N ASN L 122 -19.99 0.31 3.51
CA ASN L 122 -20.09 1.48 2.71
C ASN L 122 -20.93 2.53 3.45
N PHE L 123 -20.40 3.77 3.53
CA PHE L 123 -21.05 4.85 4.25
C PHE L 123 -22.53 5.03 3.98
N ILE L 124 -22.88 5.07 2.70
CA ILE L 124 -24.23 5.28 2.23
C ILE L 124 -25.14 4.09 2.38
N ASP L 125 -24.63 2.86 2.23
CA ASP L 125 -25.42 1.66 2.57
C ASP L 125 -25.80 1.58 4.04
N CYS L 126 -24.83 1.91 4.89
CA CYS L 126 -24.95 1.78 6.31
C CYS L 126 -25.60 2.95 7.06
N VAL L 127 -25.43 4.19 6.61
CA VAL L 127 -25.92 5.35 7.39
C VAL L 127 -27.42 5.26 7.57
N THR L 128 -27.91 5.52 8.78
CA THR L 128 -29.36 5.61 8.93
C THR L 128 -29.73 6.91 9.63
N ARG L 129 -30.96 7.35 9.48
CA ARG L 129 -31.42 8.55 10.18
C ARG L 129 -31.09 8.47 11.71
N GLU L 130 -31.52 7.37 12.39
CA GLU L 130 -31.42 7.29 13.84
C GLU L 130 -29.99 7.15 14.27
N GLY L 131 -29.21 6.43 13.48
CA GLY L 131 -27.84 6.12 13.85
C GLY L 131 -26.97 7.34 13.72
N PHE L 132 -27.31 8.15 12.74
CA PHE L 132 -26.68 9.45 12.53
C PHE L 132 -27.06 10.33 13.70
N SER L 133 -28.33 10.37 14.02
CA SER L 133 -28.82 11.11 15.20
C SER L 133 -28.17 10.78 16.55
N ILE L 134 -27.94 9.50 16.80
CA ILE L 134 -27.45 9.06 18.11
C ILE L 134 -25.96 9.40 18.16
N ALA L 135 -25.24 9.07 17.08
CA ALA L 135 -23.81 9.36 17.06
C ALA L 135 -23.53 10.87 17.35
N HIS L 136 -24.35 11.76 16.80
CA HIS L 136 -24.18 13.21 16.99
C HIS L 136 -24.58 13.61 18.34
N ASP L 137 -25.71 13.06 18.81
CA ASP L 137 -26.19 13.30 20.16
C ASP L 137 -25.10 13.06 21.18
N ILE L 138 -24.48 11.88 21.15
CA ILE L 138 -23.55 11.43 22.17
C ILE L 138 -22.11 11.87 21.99
N SER L 139 -21.73 11.98 20.73
CA SER L 139 -20.38 12.26 20.40
C SER L 139 -20.09 13.73 20.24
N ALA L 140 -21.12 14.54 19.96
CA ALA L 140 -20.97 15.97 19.69
C ALA L 140 -21.79 16.91 20.53
N TYR L 141 -23.10 16.74 20.51
CA TYR L 141 -23.94 17.57 21.34
C TYR L 141 -23.50 17.50 22.79
N SER L 142 -23.13 16.32 23.25
CA SER L 142 -22.79 16.17 24.68
C SER L 142 -21.72 17.12 25.15
N PHE L 143 -20.77 17.44 24.27
CA PHE L 143 -19.72 18.41 24.62
C PHE L 143 -20.34 19.76 24.93
N ALA L 144 -21.23 20.26 24.11
CA ALA L 144 -21.82 21.55 24.43
C ALA L 144 -22.70 21.45 25.67
N ALA L 145 -23.15 20.23 26.03
CA ALA L 145 -24.15 20.16 27.05
C ALA L 145 -23.31 20.23 28.32
N LEU L 146 -22.18 19.57 28.35
CA LEU L 146 -21.29 19.76 29.49
C LEU L 146 -20.90 21.22 29.72
N ALA L 147 -20.76 21.93 28.65
CA ALA L 147 -20.27 23.29 28.68
C ALA L 147 -21.35 24.14 29.25
N LYS L 148 -22.58 23.79 28.86
CA LYS L 148 -23.77 24.55 29.15
C LYS L 148 -23.94 24.45 30.64
N GLU L 149 -23.71 23.26 31.18
CA GLU L 149 -24.03 23.06 32.59
C GLU L 149 -22.88 23.32 33.48
N GLY L 150 -21.67 23.32 32.92
CA GLY L 150 -20.49 23.44 33.80
C GLY L 150 -20.06 24.86 33.80
N ARG L 151 -20.75 25.64 33.00
CA ARG L 151 -20.32 27.02 32.71
C ARG L 151 -20.12 27.85 33.98
N SER L 152 -21.15 27.86 34.81
CA SER L 152 -21.09 28.77 35.95
C SER L 152 -20.02 28.36 36.96
N MET L 153 -19.72 27.06 37.06
CA MET L 153 -18.62 26.63 37.92
C MET L 153 -17.23 27.05 37.41
N MET L 154 -17.16 27.35 36.12
CA MET L 154 -15.90 27.55 35.44
C MET L 154 -15.55 29.01 35.18
N LYS L 155 -16.53 29.90 35.34
CA LYS L 155 -16.33 31.36 35.16
C LYS L 155 -15.06 31.85 35.79
N ASN L 156 -14.30 32.61 35.02
CA ASN L 156 -13.20 33.47 35.47
C ASN L 156 -12.18 32.87 36.35
N ARG L 157 -11.63 31.75 35.91
CA ARG L 157 -10.48 31.17 36.64
C ARG L 157 -9.56 30.47 35.66
N ASN L 158 -9.43 31.01 34.45
CA ASN L 158 -8.65 30.33 33.41
C ASN L 158 -9.05 28.88 33.27
N ALA L 159 -10.33 28.62 33.07
CA ALA L 159 -10.72 27.24 32.98
C ALA L 159 -10.47 26.72 31.55
N SER L 160 -10.62 25.40 31.36
CA SER L 160 -10.34 24.72 30.15
C SER L 160 -11.36 23.64 29.83
N MET L 161 -11.58 23.35 28.55
CA MET L 161 -12.30 22.18 28.15
C MET L 161 -11.43 21.54 27.05
N VAL L 162 -11.42 20.21 26.95
CA VAL L 162 -10.67 19.48 25.93
C VAL L 162 -11.53 18.33 25.48
N ALA L 163 -11.79 18.20 24.17
CA ALA L 163 -12.49 17.03 23.63
C ALA L 163 -11.50 16.16 22.85
N LEU L 164 -11.80 14.86 22.72
CA LEU L 164 -10.95 13.95 21.97
C LEU L 164 -11.55 13.74 20.66
N THR L 165 -10.76 13.86 19.58
CA THR L 165 -11.35 13.77 18.21
C THR L 165 -10.47 12.89 17.38
N TYR L 166 -10.86 12.65 16.12
CA TYR L 166 -10.07 11.79 15.23
C TYR L 166 -10.10 12.34 13.82
N ILE L 167 -9.00 12.14 13.09
CA ILE L 167 -8.82 12.67 11.76
C ILE L 167 -9.92 12.32 10.79
N GLY L 168 -10.76 11.37 11.13
CA GLY L 168 -11.90 10.98 10.26
C GLY L 168 -12.94 12.08 10.17
N ALA L 169 -12.83 13.04 11.09
CA ALA L 169 -13.57 14.30 10.97
C ALA L 169 -13.18 15.11 9.69
N GLU L 170 -11.86 15.22 9.40
CA GLU L 170 -11.31 16.01 8.28
C GLU L 170 -11.33 15.30 6.93
N LYS L 171 -11.09 13.98 6.94
CA LYS L 171 -11.01 13.14 5.74
C LYS L 171 -12.04 11.99 5.72
N ALA L 172 -12.53 11.62 4.54
CA ALA L 172 -13.27 10.35 4.48
C ALA L 172 -12.31 9.15 4.58
N MET L 173 -12.61 8.26 5.52
CA MET L 173 -11.84 7.05 5.75
C MET L 173 -12.75 5.84 5.57
N PRO L 174 -12.16 4.65 5.33
CA PRO L 174 -13.04 3.49 5.32
C PRO L 174 -13.44 3.20 6.75
N SER L 175 -14.63 2.61 6.89
CA SER L 175 -15.20 2.18 8.22
C SER L 175 -15.74 3.26 9.14
N TYR L 176 -14.99 4.32 9.38
CA TYR L 176 -15.33 5.30 10.43
C TYR L 176 -16.69 5.97 10.20
N ASN L 177 -17.04 6.20 8.95
CA ASN L 177 -18.40 6.49 8.55
C ASN L 177 -19.08 7.55 9.38
N THR L 178 -20.20 7.16 10.01
CA THR L 178 -21.00 8.05 10.77
C THR L 178 -20.21 8.68 11.91
N MET L 179 -19.17 8.02 12.41
CA MET L 179 -18.43 8.66 13.48
C MET L 179 -17.60 9.79 12.94
N GLY L 180 -17.21 9.65 11.67
CA GLY L 180 -16.41 10.72 11.01
C GLY L 180 -17.28 11.99 10.90
N VAL L 181 -18.51 11.80 10.45
CA VAL L 181 -19.43 12.90 10.39
C VAL L 181 -19.71 13.48 11.75
N ALA L 182 -19.93 12.63 12.76
CA ALA L 182 -20.08 13.13 14.14
C ALA L 182 -18.83 13.85 14.64
N LYS L 183 -17.64 13.32 14.34
CA LYS L 183 -16.44 14.00 14.89
C LYS L 183 -16.32 15.38 14.29
N ALA L 184 -16.84 15.53 13.07
CA ALA L 184 -16.80 16.80 12.40
C ALA L 184 -17.63 17.82 13.16
N SER L 185 -18.82 17.38 13.53
CA SER L 185 -19.74 18.08 14.39
C SER L 185 -19.07 18.44 15.70
N LEU L 186 -18.44 17.44 16.30
CA LEU L 186 -17.70 17.72 17.52
C LEU L 186 -16.71 18.91 17.38
N GLU L 187 -15.94 18.92 16.30
CA GLU L 187 -14.87 19.95 16.12
C GLU L 187 -15.44 21.37 15.88
N ALA L 188 -16.55 21.46 15.15
CA ALA L 188 -17.28 22.68 15.00
C ALA L 188 -17.83 23.05 16.38
N THR L 189 -18.44 22.11 17.10
CA THR L 189 -18.91 22.41 18.45
C THR L 189 -17.78 22.97 19.28
N VAL L 190 -16.64 22.33 19.25
CA VAL L 190 -15.49 22.91 20.01
C VAL L 190 -15.21 24.39 19.65
N ARG L 191 -15.32 24.76 18.36
CA ARG L 191 -15.01 26.15 17.98
C ARG L 191 -16.10 27.13 18.41
N TYR L 192 -17.35 26.81 18.14
CA TYR L 192 -18.49 27.60 18.64
C TYR L 192 -18.49 27.69 20.17
N THR L 193 -18.05 26.63 20.82
CA THR L 193 -17.97 26.71 22.25
C THR L 193 -16.83 27.65 22.64
N ALA L 194 -15.74 27.61 21.93
CA ALA L 194 -14.62 28.46 22.31
C ALA L 194 -15.01 29.93 22.17
N LEU L 195 -15.80 30.19 21.15
CA LEU L 195 -16.21 31.51 20.90
C LEU L 195 -17.16 31.92 21.97
N ALA L 196 -18.09 31.02 22.35
CA ALA L 196 -19.14 31.34 23.32
C ALA L 196 -18.65 31.51 24.72
N LEU L 197 -17.64 30.75 25.13
CA LEU L 197 -17.16 30.69 26.58
C LEU L 197 -15.91 31.52 26.84
N GLY L 198 -15.26 31.99 25.77
CA GLY L 198 -14.02 32.76 25.95
C GLY L 198 -14.12 34.10 26.70
N GLU L 199 -15.29 34.73 26.70
CA GLU L 199 -15.53 35.94 27.51
C GLU L 199 -15.41 35.63 29.04
N ASP L 200 -15.67 34.37 29.43
CA ASP L 200 -15.51 33.92 30.81
C ASP L 200 -14.13 33.41 31.07
N GLY L 201 -13.23 33.57 30.10
CA GLY L 201 -11.85 33.13 30.24
C GLY L 201 -11.64 31.63 30.04
N ILE L 202 -12.63 30.91 29.51
CA ILE L 202 -12.55 29.45 29.42
C ILE L 202 -11.96 29.10 28.06
N LYS L 203 -10.96 28.25 28.05
CA LYS L 203 -10.41 27.89 26.79
C LYS L 203 -10.94 26.52 26.39
N VAL L 204 -11.13 26.31 25.08
CA VAL L 204 -11.80 25.14 24.56
C VAL L 204 -11.05 24.62 23.35
N ASN L 205 -10.61 23.36 23.41
CA ASN L 205 -9.68 22.79 22.43
C ASN L 205 -9.92 21.33 22.28
N ALA L 206 -9.26 20.71 21.32
CA ALA L 206 -9.49 19.31 21.01
C ALA L 206 -8.16 18.69 20.71
N VAL L 207 -8.05 17.40 21.01
CA VAL L 207 -6.89 16.65 20.70
C VAL L 207 -7.32 15.54 19.78
N SER L 208 -6.67 15.47 18.66
CA SER L 208 -7.04 14.55 17.62
C SER L 208 -6.05 13.41 17.74
N ALA L 209 -6.48 12.31 18.36
CA ALA L 209 -5.52 11.24 18.64
C ALA L 209 -5.28 10.39 17.42
N GLY L 210 -4.07 9.89 17.29
CA GLY L 210 -3.85 8.72 16.42
C GLY L 210 -4.64 7.50 16.94
N PRO L 211 -4.75 6.42 16.13
CA PRO L 211 -5.48 5.24 16.62
C PRO L 211 -4.71 4.55 17.75
N ILE L 212 -5.44 4.04 18.73
CA ILE L 212 -4.92 3.40 19.97
C ILE L 212 -5.85 2.27 20.36
N LYS L 213 -5.30 1.09 20.64
CA LYS L 213 -6.12 -0.10 20.87
C LYS L 213 -6.81 0.06 22.21
N THR L 214 -8.09 0.43 22.18
CA THR L 214 -8.86 0.69 23.42
C THR L 214 -10.11 -0.12 23.28
N LEU L 215 -10.98 -0.11 24.30
CA LEU L 215 -12.30 -0.77 24.17
C LEU L 215 -13.13 -0.33 22.97
N ALA L 216 -13.19 0.97 22.69
CA ALA L 216 -13.90 1.45 21.49
C ALA L 216 -13.32 0.84 20.20
N ALA L 217 -12.02 0.63 20.21
CA ALA L 217 -11.34 0.07 19.07
C ALA L 217 -11.71 -1.37 18.76
N SER L 218 -12.11 -2.09 19.79
CA SER L 218 -12.41 -3.52 19.62
C SER L 218 -13.72 -3.79 18.84
N GLY L 219 -14.48 -2.74 18.55
CA GLY L 219 -15.60 -2.86 17.62
C GLY L 219 -15.14 -3.10 16.18
N ILE L 220 -13.98 -2.54 15.83
CA ILE L 220 -13.49 -2.47 14.43
C ILE L 220 -12.65 -3.71 14.07
N SER L 221 -13.09 -4.47 13.06
CA SER L 221 -12.54 -5.82 12.89
C SER L 221 -11.07 -5.92 12.43
N ASN L 222 -10.60 -4.91 11.70
CA ASN L 222 -9.22 -4.96 11.20
C ASN L 222 -8.29 -3.93 11.83
N PHE L 223 -8.54 -3.63 13.10
CA PHE L 223 -7.93 -2.52 13.79
C PHE L 223 -6.39 -2.60 13.82
N LYS L 224 -5.88 -3.81 14.01
CA LYS L 224 -4.43 -4.00 14.10
C LYS L 224 -3.73 -3.53 12.83
N LYS L 225 -4.44 -3.63 11.71
CA LYS L 225 -3.93 -3.19 10.42
C LYS L 225 -3.93 -1.70 10.23
N MET L 226 -5.01 -1.04 10.68
CA MET L 226 -5.01 0.42 10.78
C MET L 226 -3.83 0.90 11.61
N LEU L 227 -3.61 0.30 12.78
CA LEU L 227 -2.46 0.63 13.60
C LEU L 227 -1.15 0.49 12.83
N ASP L 228 -1.00 -0.62 12.13
CA ASP L 228 0.25 -0.94 11.43
C ASP L 228 0.55 0.04 10.27
N TYR L 229 -0.49 0.30 9.49
CA TYR L 229 -0.46 1.34 8.49
C TYR L 229 -0.10 2.73 9.05
N ASN L 230 -0.75 3.14 10.13
CA ASN L 230 -0.34 4.40 10.76
C ASN L 230 1.14 4.40 11.10
N ALA L 231 1.64 3.34 11.71
CA ALA L 231 3.02 3.33 12.18
C ALA L 231 3.99 3.34 10.98
N MET L 232 3.58 2.68 9.93
CA MET L 232 4.36 2.69 8.70
C MET L 232 4.40 4.06 7.98
N VAL L 233 3.24 4.67 7.84
CA VAL L 233 3.11 5.88 7.07
C VAL L 233 3.50 7.16 7.80
N SER L 234 3.31 7.21 9.12
CA SER L 234 3.70 8.36 9.95
C SER L 234 5.15 8.76 9.85
N PRO L 235 5.44 10.07 9.97
CA PRO L 235 6.82 10.50 10.04
C PRO L 235 7.58 9.87 11.20
N LEU L 236 6.93 9.71 12.36
CA LEU L 236 7.65 9.18 13.48
C LEU L 236 7.69 7.65 13.52
N LYS L 237 7.05 6.99 12.55
CA LYS L 237 7.22 5.53 12.42
C LYS L 237 6.88 4.84 13.71
N LYS L 238 5.81 5.24 14.37
CA LYS L 238 5.38 4.55 15.59
C LYS L 238 3.93 4.90 15.80
N ASN L 239 3.27 4.13 16.68
CA ASN L 239 1.92 4.44 17.12
C ASN L 239 2.00 5.31 18.37
N VAL L 240 1.05 6.20 18.54
CA VAL L 240 0.95 6.94 19.81
C VAL L 240 0.35 6.07 20.91
N ASP L 241 0.68 6.39 22.15
CA ASP L 241 0.03 5.76 23.31
C ASP L 241 -0.71 6.78 24.20
N ILE L 242 -1.43 6.25 25.19
CA ILE L 242 -2.28 7.07 25.98
C ILE L 242 -1.54 8.13 26.77
N MET L 243 -0.26 7.93 27.05
CA MET L 243 0.46 8.91 27.80
C MET L 243 0.82 10.15 26.96
N GLU L 244 1.22 9.94 25.71
CA GLU L 244 1.37 11.02 24.77
C GLU L 244 0.08 11.85 24.64
N VAL L 245 -1.07 11.19 24.48
CA VAL L 245 -2.29 11.92 24.41
C VAL L 245 -2.56 12.61 25.73
N GLY L 246 -2.69 11.81 26.78
CA GLY L 246 -2.80 12.33 28.14
C GLY L 246 -1.99 13.55 28.44
N ASN L 247 -0.68 13.46 28.21
CA ASN L 247 0.14 14.58 28.57
C ASN L 247 -0.31 15.85 27.80
N THR L 248 -0.66 15.66 26.54
CA THR L 248 -1.19 16.75 25.76
C THR L 248 -2.50 17.35 26.29
N VAL L 249 -3.44 16.50 26.67
CA VAL L 249 -4.64 17.02 27.30
C VAL L 249 -4.25 17.77 28.60
N ALA L 250 -3.36 17.19 29.39
CA ALA L 250 -2.98 17.86 30.61
C ALA L 250 -2.51 19.28 30.28
N PHE L 251 -1.61 19.39 29.32
CA PHE L 251 -1.00 20.67 29.02
C PHE L 251 -2.00 21.72 28.60
N LEU L 252 -2.96 21.30 27.76
CA LEU L 252 -4.09 22.13 27.37
C LEU L 252 -5.03 22.45 28.55
N CYS L 253 -4.84 21.82 29.70
CA CYS L 253 -5.60 22.26 30.88
C CYS L 253 -4.75 23.09 31.84
N SER L 254 -3.55 23.48 31.42
CA SER L 254 -2.71 24.31 32.26
C SER L 254 -2.64 25.81 31.97
N ASP L 255 -1.99 26.55 32.88
CA ASP L 255 -1.82 28.00 32.75
C ASP L 255 -0.85 28.34 31.68
N MET L 256 -0.10 27.34 31.26
CA MET L 256 0.85 27.49 30.17
C MET L 256 0.13 27.62 28.83
N ALA L 257 -1.04 27.01 28.66
CA ALA L 257 -1.75 27.09 27.39
C ALA L 257 -2.80 28.16 27.27
N THR L 258 -2.75 29.16 28.13
CA THR L 258 -3.82 30.14 28.14
C THR L 258 -3.86 30.99 26.87
N GLY L 259 -2.97 30.76 25.91
CA GLY L 259 -3.05 31.50 24.66
C GLY L 259 -3.75 30.72 23.59
N ILE L 260 -4.17 29.49 23.90
CA ILE L 260 -4.66 28.58 22.92
C ILE L 260 -6.14 28.26 23.16
N THR L 261 -6.96 28.49 22.13
CA THR L 261 -8.35 28.11 22.14
C THR L 261 -8.87 27.86 20.73
N GLY L 262 -9.93 27.08 20.59
CA GLY L 262 -10.50 26.73 19.31
C GLY L 262 -9.63 25.83 18.48
N GLU L 263 -8.67 25.20 19.15
CA GLU L 263 -7.58 24.58 18.37
C GLU L 263 -7.75 23.03 18.37
N VAL L 264 -7.34 22.37 17.29
CA VAL L 264 -7.17 20.91 17.26
C VAL L 264 -5.68 20.54 17.28
N VAL L 265 -5.16 19.97 18.35
CA VAL L 265 -3.81 19.49 18.31
C VAL L 265 -3.77 17.98 17.97
N HIS L 266 -3.11 17.65 16.85
CA HIS L 266 -2.94 16.25 16.37
C HIS L 266 -1.87 15.59 17.16
N VAL L 267 -2.24 14.49 17.84
CA VAL L 267 -1.28 13.68 18.57
C VAL L 267 -1.34 12.26 17.95
N ASP L 268 -0.56 12.11 16.87
CA ASP L 268 -0.79 11.07 15.91
C ASP L 268 0.48 10.68 15.19
N ALA L 269 1.62 11.00 15.83
CA ALA L 269 2.97 10.68 15.33
C ALA L 269 3.28 11.33 13.95
N GLY L 270 2.43 12.29 13.57
CA GLY L 270 2.59 13.09 12.38
C GLY L 270 1.72 12.60 11.23
N TYR L 271 0.86 11.64 11.48
CA TYR L 271 0.04 11.13 10.42
C TYR L 271 -0.66 12.22 9.59
N HIS L 272 -1.17 13.27 10.26
CA HIS L 272 -2.01 14.25 9.61
C HIS L 272 -1.29 15.00 8.50
N CYS L 273 0.03 15.08 8.59
CA CYS L 273 0.76 15.98 7.74
C CYS L 273 1.31 15.33 6.46
N VAL L 274 1.12 14.02 6.29
CA VAL L 274 1.68 13.30 5.13
C VAL L 274 0.65 12.84 4.10
N SER L 275 1.11 12.63 2.89
CA SER L 275 0.21 12.01 1.96
C SER L 275 1.05 11.00 1.19
N MET L 276 0.48 9.83 0.89
CA MET L 276 1.17 8.85 0.05
C MET L 276 2.51 8.39 0.67
N GLY L 277 2.44 7.66 1.78
CA GLY L 277 3.63 7.01 2.38
C GLY L 277 4.03 5.79 1.55
N ASN L 278 5.12 5.97 0.78
CA ASN L 278 5.63 5.05 -0.28
C ASN L 278 6.49 5.79 -1.31
N GLY M 22 -1.60 68.65 47.36
CA GLY M 22 -1.90 69.36 46.10
C GLY M 22 -2.08 68.37 44.95
N PHE M 23 -3.02 68.62 44.03
CA PHE M 23 -3.27 67.64 42.95
C PHE M 23 -2.27 67.74 41.77
N LEU M 24 -1.30 68.62 41.86
CA LEU M 24 -0.19 68.60 40.90
C LEU M 24 1.16 68.39 41.58
N ALA M 25 1.15 67.86 42.82
CA ALA M 25 2.36 67.64 43.60
C ALA M 25 3.38 66.82 42.82
N GLY M 26 4.59 67.36 42.64
CA GLY M 26 5.66 66.67 41.93
C GLY M 26 5.73 66.91 40.42
N LYS M 27 4.59 67.19 39.81
CA LYS M 27 4.58 67.33 38.36
C LYS M 27 5.44 68.48 37.87
N LYS M 28 6.14 68.26 36.77
CA LYS M 28 7.08 69.24 36.26
C LYS M 28 6.49 69.88 35.00
N ILE M 29 6.11 71.16 35.11
CA ILE M 29 5.29 71.80 34.08
C ILE M 29 5.91 73.05 33.49
N LEU M 30 6.01 73.12 32.17
CA LEU M 30 6.55 74.28 31.51
C LEU M 30 5.40 75.21 31.13
N ILE M 31 5.51 76.50 31.49
CA ILE M 31 4.52 77.54 31.17
C ILE M 31 5.10 78.60 30.25
N THR M 32 4.53 78.74 29.07
CA THR M 32 4.90 79.78 28.14
C THR M 32 3.98 81.02 28.28
N GLY M 33 4.32 82.10 27.60
CA GLY M 33 3.49 83.31 27.59
C GLY M 33 3.19 84.09 28.87
N LEU M 34 3.94 83.90 29.96
CA LEU M 34 3.83 84.80 31.13
C LEU M 34 4.47 86.17 30.81
N LEU M 35 3.72 87.26 30.96
CA LEU M 35 4.18 88.59 30.49
C LEU M 35 3.93 89.75 31.42
N SER M 36 2.80 89.72 32.11
CA SER M 36 2.48 90.69 33.15
C SER M 36 1.72 89.90 34.20
N ASN M 37 1.40 90.50 35.33
CA ASN M 37 0.60 89.78 36.32
C ASN M 37 -0.91 89.77 35.96
N LYS M 38 -1.19 90.26 34.75
CA LYS M 38 -2.53 90.19 34.13
C LYS M 38 -2.65 89.01 33.17
N SER M 39 -1.51 88.57 32.65
CA SER M 39 -1.43 87.41 31.75
C SER M 39 -2.22 86.23 32.26
N ILE M 40 -2.84 85.51 31.33
CA ILE M 40 -3.60 84.30 31.70
C ILE M 40 -2.57 83.30 32.30
N ALA M 41 -1.39 83.23 31.68
CA ALA M 41 -0.23 82.43 32.17
C ALA M 41 0.05 82.67 33.65
N TYR M 42 -0.09 83.93 34.10
CA TYR M 42 0.07 84.25 35.51
C TYR M 42 -0.91 83.50 36.39
N GLY M 43 -2.19 83.55 36.03
CA GLY M 43 -3.25 82.85 36.78
C GLY M 43 -2.99 81.34 36.70
N ILE M 44 -2.61 80.84 35.53
CA ILE M 44 -2.24 79.44 35.45
C ILE M 44 -1.11 79.11 36.46
N ALA M 45 -0.06 79.95 36.45
CA ALA M 45 1.09 79.78 37.32
C ALA M 45 0.64 79.76 38.78
N LYS M 46 -0.15 80.75 39.17
CA LYS M 46 -0.69 80.78 40.55
C LYS M 46 -1.35 79.48 40.90
N ALA M 47 -2.18 78.99 40.00
CA ALA M 47 -3.03 77.82 40.32
C ALA M 47 -2.20 76.55 40.45
N MET M 48 -1.21 76.42 39.58
CA MET M 48 -0.33 75.26 39.62
C MET M 48 0.67 75.26 40.80
N HIS M 49 1.17 76.44 41.14
CA HIS M 49 2.07 76.54 42.26
C HIS M 49 1.32 76.18 43.50
N ARG M 50 0.11 76.70 43.64
CA ARG M 50 -0.79 76.33 44.77
C ARG M 50 -0.97 74.81 44.85
N GLU M 51 -0.95 74.15 43.71
CA GLU M 51 -1.23 72.72 43.68
C GLU M 51 -0.02 71.80 43.80
N GLY M 52 1.16 72.41 43.91
CA GLY M 52 2.39 71.68 44.23
C GLY M 52 3.27 71.39 43.04
N ALA M 53 2.97 72.01 41.91
CA ALA M 53 3.73 71.78 40.69
C ALA M 53 5.10 72.42 40.79
N GLU M 54 6.09 71.85 40.10
CA GLU M 54 7.34 72.53 39.87
C GLU M 54 7.26 73.16 38.53
N LEU M 55 7.51 74.46 38.48
CA LEU M 55 7.32 75.25 37.28
C LEU M 55 8.58 75.69 36.60
N ALA M 56 8.51 75.80 35.28
CA ALA M 56 9.52 76.46 34.50
C ALA M 56 8.81 77.43 33.59
N PHE M 57 9.50 78.47 33.11
CA PHE M 57 8.89 79.57 32.28
C PHE M 57 9.74 79.96 31.10
N THR M 58 9.06 80.42 30.06
CA THR M 58 9.75 80.96 28.90
C THR M 58 9.38 82.43 28.75
N TYR M 59 10.22 83.12 27.99
CA TYR M 59 10.08 84.55 27.66
C TYR M 59 10.63 84.83 26.24
N VAL M 60 10.19 85.95 25.68
CA VAL M 60 10.68 86.36 24.38
C VAL M 60 11.80 87.39 24.54
N GLY M 61 12.88 87.22 23.77
CA GLY M 61 14.12 88.01 23.87
C GLY M 61 14.18 89.16 24.89
N GLN M 62 13.55 90.27 24.54
CA GLN M 62 13.57 91.52 25.33
C GLN M 62 13.14 91.42 26.80
N PHE M 63 12.16 90.58 27.09
CA PHE M 63 11.50 90.64 28.38
C PHE M 63 12.13 89.81 29.48
N LYS M 64 13.37 89.38 29.28
CA LYS M 64 14.07 88.52 30.26
C LYS M 64 13.93 88.96 31.73
N ASP M 65 14.27 90.23 32.01
CA ASP M 65 14.22 90.78 33.37
C ASP M 65 12.81 90.88 33.96
N ARG M 66 11.90 91.43 33.13
CA ARG M 66 10.47 91.52 33.44
C ARG M 66 10.01 90.16 34.01
N VAL M 67 10.26 89.11 33.23
CA VAL M 67 9.69 87.79 33.47
C VAL M 67 10.32 87.14 34.66
N GLU M 68 11.65 87.22 34.77
CA GLU M 68 12.36 86.63 35.92
C GLU M 68 11.84 87.20 37.22
N LYS M 69 11.65 88.52 37.22
CA LYS M 69 11.12 89.21 38.40
C LYS M 69 9.73 88.66 38.73
N LEU M 70 8.91 88.64 37.69
CA LEU M 70 7.52 88.30 37.80
C LEU M 70 7.25 86.92 38.35
N CYS M 71 8.00 85.94 37.83
CA CYS M 71 7.73 84.55 38.22
C CYS M 71 8.66 83.99 39.28
N ALA M 72 9.53 84.83 39.81
CA ALA M 72 10.37 84.48 40.95
C ALA M 72 9.57 83.91 42.11
N GLU M 73 8.42 84.50 42.37
CA GLU M 73 7.51 84.02 43.43
C GLU M 73 7.04 82.55 43.30
N PHE M 74 7.17 81.98 42.10
CA PHE M 74 6.78 80.57 41.88
C PHE M 74 7.92 79.54 42.08
N ASN M 75 9.09 80.04 42.41
CA ASN M 75 10.27 79.24 42.63
C ASN M 75 10.60 78.39 41.43
N PRO M 76 10.84 79.05 40.29
CA PRO M 76 10.97 78.33 39.03
C PRO M 76 12.26 77.54 38.97
N ALA M 77 12.16 76.35 38.39
CA ALA M 77 13.33 75.52 38.16
C ALA M 77 14.17 76.06 37.02
N ALA M 78 13.56 76.84 36.17
CA ALA M 78 14.26 77.43 35.00
C ALA M 78 13.43 78.54 34.36
N VAL M 79 14.13 79.53 33.81
CA VAL M 79 13.49 80.63 33.15
C VAL M 79 14.32 80.87 31.91
N LEU M 80 13.77 80.54 30.75
CA LEU M 80 14.55 80.30 29.54
C LEU M 80 13.96 81.03 28.31
N PRO M 81 14.83 81.47 27.37
CA PRO M 81 14.34 82.17 26.17
C PRO M 81 13.68 81.24 25.19
N CYS M 82 12.50 81.63 24.73
CA CYS M 82 11.88 80.88 23.66
C CYS M 82 10.93 81.72 22.84
N ASP M 83 11.45 82.15 21.70
CA ASP M 83 10.68 82.82 20.67
C ASP M 83 10.23 81.77 19.67
N VAL M 84 8.94 81.44 19.69
CA VAL M 84 8.44 80.33 18.87
C VAL M 84 8.54 80.57 17.36
N ILE M 85 9.10 81.70 16.95
CA ILE M 85 9.35 81.94 15.55
C ILE M 85 10.53 81.10 15.13
N SER M 86 11.34 80.71 16.12
CA SER M 86 12.61 80.01 15.83
C SER M 86 12.62 78.51 16.18
N ASP M 87 12.86 77.66 15.18
CA ASP M 87 12.96 76.21 15.42
C ASP M 87 14.12 75.88 16.36
N GLN M 88 15.19 76.62 16.20
CA GLN M 88 16.40 76.42 17.00
C GLN M 88 16.18 76.67 18.49
N GLU M 89 15.57 77.80 18.80
CA GLU M 89 15.27 78.15 20.16
C GLU M 89 14.31 77.17 20.78
N ILE M 90 13.44 76.59 19.99
CA ILE M 90 12.47 75.64 20.57
C ILE M 90 13.18 74.36 20.92
N LYS M 91 14.13 73.98 20.05
CA LYS M 91 14.96 72.81 20.25
C LYS M 91 15.85 72.99 21.49
N ASP M 92 16.43 74.18 21.64
CA ASP M 92 17.33 74.47 22.79
C ASP M 92 16.58 74.60 24.09
N LEU M 93 15.29 74.90 23.99
CA LEU M 93 14.46 75.01 25.19
C LEU M 93 14.39 73.64 25.84
N PHE M 94 14.25 72.61 25.01
CA PHE M 94 14.15 71.27 25.57
C PHE M 94 15.48 70.62 25.99
N VAL M 95 16.56 70.94 25.25
CA VAL M 95 17.91 70.62 25.67
C VAL M 95 18.22 71.18 27.07
N GLU M 96 17.95 72.46 27.31
CA GLU M 96 18.32 73.13 28.56
C GLU M 96 17.47 72.62 29.69
N LEU M 97 16.19 72.50 29.41
CA LEU M 97 15.22 72.03 30.39
C LEU M 97 15.55 70.60 30.77
N GLY M 98 16.02 69.81 29.80
CA GLY M 98 16.42 68.42 30.03
C GLY M 98 17.65 68.29 30.94
N LYS M 99 18.41 69.36 31.07
CA LYS M 99 19.53 69.38 31.98
C LYS M 99 19.06 69.52 33.42
N VAL M 100 17.90 70.14 33.60
CA VAL M 100 17.36 70.36 34.95
C VAL M 100 16.39 69.26 35.34
N TRP M 101 15.65 68.69 34.38
CA TRP M 101 14.58 67.72 34.66
C TRP M 101 14.77 66.44 33.89
N ASP M 102 14.32 65.33 34.45
CA ASP M 102 14.42 64.07 33.73
C ASP M 102 13.28 63.88 32.74
N GLY M 103 12.06 64.04 33.21
CA GLY M 103 10.90 64.08 32.31
C GLY M 103 10.21 65.42 32.40
N LEU M 104 9.26 65.64 31.50
CA LEU M 104 8.35 66.75 31.56
C LEU M 104 6.93 66.22 31.76
N ASP M 105 6.17 66.78 32.68
CA ASP M 105 4.80 66.41 32.83
C ASP M 105 3.77 67.19 31.95
N ALA M 106 4.02 68.47 31.65
CA ALA M 106 3.05 69.23 30.87
C ALA M 106 3.67 70.45 30.21
N ILE M 107 3.13 70.78 29.03
CA ILE M 107 3.37 72.04 28.42
C ILE M 107 2.09 72.87 28.41
N VAL M 108 2.17 74.13 28.81
CA VAL M 108 1.05 75.06 28.77
C VAL M 108 1.38 76.10 27.73
N HIS M 109 0.70 76.03 26.59
CA HIS M 109 0.84 76.98 25.48
C HIS M 109 -0.15 78.10 25.74
N SER M 110 0.37 79.32 25.86
CA SER M 110 -0.48 80.46 26.15
C SER M 110 0.13 81.64 25.45
N ILE M 111 0.32 81.47 24.14
CA ILE M 111 0.89 82.51 23.31
C ILE M 111 0.10 82.69 22.02
N ALA M 112 0.01 83.93 21.57
CA ALA M 112 -0.65 84.26 20.32
C ALA M 112 -0.04 85.55 19.80
N PHE M 113 -0.13 85.76 18.50
CA PHE M 113 0.21 87.03 17.93
C PHE M 113 -0.31 87.10 16.50
N ALA M 114 -0.74 88.30 16.10
CA ALA M 114 -0.92 88.66 14.71
C ALA M 114 -0.55 90.13 14.61
N PRO M 115 0.01 90.57 13.45
CA PRO M 115 0.33 92.00 13.29
C PRO M 115 -0.90 92.88 13.59
N ARG M 116 -0.68 94.09 14.14
CA ARG M 116 -1.74 95.05 14.51
C ARG M 116 -2.82 95.16 13.42
N ASP M 117 -2.37 95.29 12.16
CA ASP M 117 -3.25 95.54 10.98
C ASP M 117 -4.24 94.41 10.67
N GLN M 118 -4.05 93.25 11.27
CA GLN M 118 -4.91 92.09 11.04
C GLN M 118 -6.10 92.08 11.97
N LEU M 119 -6.18 93.07 12.86
CA LEU M 119 -7.03 92.92 14.02
C LEU M 119 -8.14 93.94 14.28
N GLU M 120 -8.47 94.76 13.29
CA GLU M 120 -9.72 95.53 13.39
C GLU M 120 -10.24 95.93 12.01
N GLY M 121 -11.50 96.35 11.95
CA GLY M 121 -12.12 96.63 10.69
C GLY M 121 -12.55 95.37 9.96
N ASN M 122 -12.71 95.49 8.66
CA ASN M 122 -13.32 94.44 7.86
C ASN M 122 -12.30 93.35 7.57
N PHE M 123 -12.70 92.09 7.83
CA PHE M 123 -11.80 90.97 7.63
C PHE M 123 -11.10 90.96 6.30
N ILE M 124 -11.86 91.13 5.24
CA ILE M 124 -11.32 91.02 3.86
C ILE M 124 -10.43 92.20 3.45
N ASP M 125 -10.79 93.40 3.92
CA ASP M 125 -9.96 94.60 3.68
C ASP M 125 -8.59 94.44 4.29
N CYS M 126 -8.58 93.95 5.53
CA CYS M 126 -7.39 93.89 6.38
C CYS M 126 -6.49 92.67 6.22
N VAL M 127 -7.08 91.48 6.04
CA VAL M 127 -6.26 90.27 5.84
C VAL M 127 -5.19 90.44 4.78
N THR M 128 -3.95 90.06 5.10
CA THR M 128 -2.87 90.01 4.09
C THR M 128 -2.20 88.62 4.07
N ARG M 129 -1.54 88.28 2.98
CA ARG M 129 -0.83 87.00 2.92
C ARG M 129 0.16 86.81 4.09
N GLU M 130 1.01 87.81 4.33
CA GLU M 130 2.03 87.64 5.33
C GLU M 130 1.45 87.68 6.74
N GLY M 131 0.42 88.49 6.92
CA GLY M 131 -0.21 88.63 8.24
C GLY M 131 -0.97 87.39 8.64
N PHE M 132 -1.57 86.75 7.64
CA PHE M 132 -2.21 85.46 7.79
C PHE M 132 -1.16 84.41 8.21
N SER M 133 -0.04 84.41 7.47
CA SER M 133 1.07 83.50 7.72
C SER M 133 1.65 83.61 9.09
N ILE M 134 1.93 84.84 9.50
CA ILE M 134 2.55 85.11 10.80
C ILE M 134 1.63 84.68 11.93
N ALA M 135 0.35 85.07 11.86
CA ALA M 135 -0.61 84.72 12.91
C ALA M 135 -0.62 83.22 13.13
N HIS M 136 -0.63 82.45 12.03
CA HIS M 136 -0.71 80.98 12.05
C HIS M 136 0.54 80.35 12.58
N ASP M 137 1.67 80.81 12.03
CA ASP M 137 2.99 80.44 12.51
C ASP M 137 3.17 80.48 14.04
N ILE M 138 2.75 81.58 14.66
CA ILE M 138 3.00 81.84 16.06
C ILE M 138 1.85 81.37 16.94
N SER M 139 0.62 81.43 16.44
CA SER M 139 -0.54 81.16 17.29
C SER M 139 -0.98 79.74 17.22
N ALA M 140 -0.58 79.05 16.13
CA ALA M 140 -1.01 77.65 15.89
C ALA M 140 0.15 76.65 15.64
N TYR M 141 0.97 76.91 14.61
CA TYR M 141 2.03 75.98 14.32
C TYR M 141 2.87 75.75 15.59
N SER M 142 3.07 76.82 16.37
CA SER M 142 3.95 76.79 17.52
C SER M 142 3.55 75.71 18.54
N PHE M 143 2.25 75.38 18.60
CA PHE M 143 1.76 74.37 19.54
C PHE M 143 2.32 72.98 19.15
N ALA M 144 2.24 72.67 17.86
CA ALA M 144 2.75 71.43 17.34
C ALA M 144 4.26 71.40 17.49
N ALA M 145 4.90 72.56 17.37
CA ALA M 145 6.36 72.62 17.47
C ALA M 145 6.83 72.29 18.90
N LEU M 146 6.21 72.91 19.89
CA LEU M 146 6.39 72.47 21.26
C LEU M 146 6.19 70.96 21.48
N ALA M 147 5.15 70.40 20.87
CA ALA M 147 4.82 68.99 21.03
C ALA M 147 5.92 68.12 20.37
N LYS M 148 6.40 68.58 19.23
CA LYS M 148 7.40 67.86 18.44
C LYS M 148 8.72 67.73 19.22
N GLU M 149 9.13 68.82 19.84
CA GLU M 149 10.37 68.83 20.58
C GLU M 149 10.24 68.33 22.01
N GLY M 150 9.04 68.36 22.57
CA GLY M 150 8.88 68.03 23.98
C GLY M 150 8.40 66.61 24.18
N ARG M 151 8.11 65.97 23.07
CA ARG M 151 7.52 64.67 23.04
C ARG M 151 8.36 63.65 23.81
N SER M 152 9.65 63.61 23.55
CA SER M 152 10.45 62.59 24.18
C SER M 152 10.59 62.79 25.72
N MET M 153 10.56 64.03 26.21
CA MET M 153 10.56 64.20 27.69
C MET M 153 9.22 63.82 28.34
N MET M 154 8.20 63.65 27.51
CA MET M 154 6.82 63.54 27.97
C MET M 154 6.24 62.13 27.89
N LYS M 155 6.90 61.28 27.06
CA LYS M 155 6.57 59.86 26.93
C LYS M 155 6.19 59.22 28.27
N ASN M 156 5.06 58.52 28.27
CA ASN M 156 4.67 57.53 29.30
C ASN M 156 4.76 57.92 30.73
N ARG M 157 4.16 59.06 31.06
CA ARG M 157 4.02 59.49 32.44
C ARG M 157 2.74 60.29 32.61
N ASN M 158 1.66 59.93 31.88
CA ASN M 158 0.40 60.68 31.90
C ASN M 158 0.63 62.16 31.72
N ALA M 159 1.36 62.52 30.69
CA ALA M 159 1.65 63.86 30.44
C ALA M 159 0.44 64.63 29.83
N SER M 160 0.59 65.96 29.74
CA SER M 160 -0.47 66.85 29.30
C SER M 160 0.05 68.01 28.46
N MET M 161 -0.75 68.44 27.52
CA MET M 161 -0.59 69.72 26.89
C MET M 161 -1.93 70.47 27.00
N VAL M 162 -1.86 71.80 27.16
CA VAL M 162 -3.05 72.63 27.18
C VAL M 162 -2.73 73.90 26.40
N ALA M 163 -3.56 74.20 25.40
CA ALA M 163 -3.43 75.46 24.68
C ALA M 163 -4.58 76.38 25.15
N LEU M 164 -4.33 77.70 25.05
CA LEU M 164 -5.38 78.74 25.27
C LEU M 164 -6.01 79.22 23.96
N THR M 165 -7.35 79.16 23.92
CA THR M 165 -8.10 79.50 22.67
C THR M 165 -9.32 80.44 22.93
N TYR M 166 -9.84 80.99 21.85
CA TYR M 166 -10.97 81.89 21.94
C TYR M 166 -12.13 81.53 20.98
N ILE M 167 -13.37 81.73 21.44
CA ILE M 167 -14.60 81.42 20.63
C ILE M 167 -14.61 82.00 19.19
N GLY M 168 -13.72 82.93 18.89
CA GLY M 168 -13.60 83.49 17.55
C GLY M 168 -13.09 82.47 16.57
N ALA M 169 -12.69 81.31 17.10
CA ALA M 169 -12.27 80.18 16.27
C ALA M 169 -13.52 79.55 15.65
N GLU M 170 -14.53 79.33 16.50
CA GLU M 170 -15.83 78.76 16.11
C GLU M 170 -16.74 79.68 15.29
N LYS M 171 -16.79 80.97 15.62
CA LYS M 171 -17.73 81.94 15.05
C LYS M 171 -16.99 83.12 14.42
N ALA M 172 -17.57 83.77 13.42
CA ALA M 172 -17.05 85.06 12.98
C ALA M 172 -17.49 86.17 13.95
N MET M 173 -16.50 86.91 14.42
CA MET M 173 -16.73 88.01 15.33
C MET M 173 -16.15 89.28 14.72
N PRO M 174 -16.68 90.46 15.12
CA PRO M 174 -16.00 91.67 14.63
C PRO M 174 -14.61 91.78 15.28
N SER M 175 -13.66 92.33 14.50
CA SER M 175 -12.27 92.64 14.94
C SER M 175 -11.29 91.46 14.98
N TYR M 176 -11.69 90.34 15.56
CA TYR M 176 -10.78 89.21 15.81
C TYR M 176 -10.12 88.69 14.54
N ASN M 177 -10.85 88.71 13.45
CA ASN M 177 -10.31 88.52 12.09
C ASN M 177 -9.32 87.37 11.94
N THR M 178 -8.16 87.69 11.43
CA THR M 178 -7.11 86.72 11.26
C THR M 178 -6.77 85.93 12.54
N MET M 179 -7.03 86.47 13.71
CA MET M 179 -6.78 85.69 14.90
C MET M 179 -7.81 84.60 15.06
N GLY M 180 -9.02 84.86 14.57
CA GLY M 180 -10.07 83.86 14.64
C GLY M 180 -9.72 82.67 13.75
N VAL M 181 -9.13 82.96 12.59
CA VAL M 181 -8.74 81.95 11.65
C VAL M 181 -7.59 81.15 12.25
N ALA M 182 -6.59 81.86 12.76
CA ALA M 182 -5.51 81.20 13.45
C ALA M 182 -5.98 80.37 14.62
N LYS M 183 -6.94 80.85 15.39
CA LYS M 183 -7.39 80.07 16.51
C LYS M 183 -8.08 78.77 16.05
N ALA M 184 -8.73 78.81 14.90
CA ALA M 184 -9.38 77.63 14.35
C ALA M 184 -8.34 76.58 14.02
N SER M 185 -7.27 77.07 13.38
CA SER M 185 -6.07 76.31 13.09
C SER M 185 -5.47 75.75 14.37
N LEU M 186 -5.37 76.57 15.42
CA LEU M 186 -4.87 76.08 16.69
C LEU M 186 -5.64 74.83 17.19
N GLU M 187 -6.97 74.97 17.23
CA GLU M 187 -7.87 73.92 17.75
C GLU M 187 -7.77 72.59 16.93
N ALA M 188 -7.58 72.73 15.61
CA ALA M 188 -7.38 71.55 14.76
C ALA M 188 -6.04 70.95 15.13
N THR M 189 -5.03 71.79 15.31
CA THR M 189 -3.72 71.34 15.75
C THR M 189 -3.82 70.62 17.08
N VAL M 190 -4.55 71.17 18.01
CA VAL M 190 -4.77 70.42 19.26
C VAL M 190 -5.34 69.02 19.05
N ARG M 191 -6.38 68.87 18.22
CA ARG M 191 -6.98 67.57 17.96
C ARG M 191 -6.03 66.57 17.25
N TYR M 192 -5.38 67.00 16.17
CA TYR M 192 -4.36 66.16 15.51
C TYR M 192 -3.15 65.83 16.44
N THR M 193 -2.84 66.80 17.32
CA THR M 193 -1.82 66.58 18.31
C THR M 193 -2.29 65.54 19.30
N ALA M 194 -3.58 65.54 19.61
CA ALA M 194 -4.03 64.61 20.62
C ALA M 194 -3.96 63.22 20.03
N LEU M 195 -4.23 63.12 18.74
CA LEU M 195 -4.35 61.83 18.12
C LEU M 195 -2.92 61.32 17.98
N ALA M 196 -2.02 62.21 17.54
CA ALA M 196 -0.61 61.89 17.39
C ALA M 196 0.14 61.48 18.66
N LEU M 197 -0.21 62.07 19.80
CA LEU M 197 0.58 61.85 21.05
C LEU M 197 -0.07 60.90 22.07
N GLY M 198 -1.32 60.50 21.78
CA GLY M 198 -2.10 59.71 22.70
C GLY M 198 -1.51 58.34 22.94
N GLU M 199 -0.83 57.78 21.94
CA GLU M 199 -0.15 56.46 22.11
C GLU M 199 1.00 56.54 23.15
N ASP M 200 1.54 57.75 23.41
CA ASP M 200 2.55 57.97 24.47
C ASP M 200 1.90 58.36 25.83
N GLY M 201 0.60 58.10 26.00
CA GLY M 201 -0.12 58.56 27.19
C GLY M 201 -0.23 60.11 27.37
N ILE M 202 0.06 60.92 26.34
CA ILE M 202 -0.02 62.37 26.49
C ILE M 202 -1.40 62.91 26.15
N LYS M 203 -2.04 63.58 27.10
CA LYS M 203 -3.36 64.19 26.81
C LYS M 203 -3.24 65.64 26.33
N VAL M 204 -4.01 65.99 25.31
CA VAL M 204 -3.88 67.30 24.66
C VAL M 204 -5.23 67.98 24.54
N ASN M 205 -5.35 69.18 25.13
CA ASN M 205 -6.63 69.88 25.32
C ASN M 205 -6.48 71.39 25.18
N ALA M 206 -7.61 72.09 25.12
CA ALA M 206 -7.61 73.54 24.97
C ALA M 206 -8.64 74.12 25.91
N VAL M 207 -8.26 75.25 26.51
CA VAL M 207 -9.21 76.03 27.28
C VAL M 207 -9.59 77.27 26.47
N SER M 208 -10.90 77.43 26.29
CA SER M 208 -11.43 78.53 25.50
C SER M 208 -11.87 79.58 26.49
N ALA M 209 -11.04 80.58 26.70
CA ALA M 209 -11.35 81.55 27.76
C ALA M 209 -12.29 82.62 27.22
N GLY M 210 -13.21 83.06 28.08
CA GLY M 210 -13.94 84.33 27.84
C GLY M 210 -12.93 85.48 27.85
N PRO M 211 -13.32 86.66 27.31
CA PRO M 211 -12.37 87.79 27.25
C PRO M 211 -11.97 88.31 28.66
N ILE M 212 -10.70 88.68 28.80
CA ILE M 212 -10.06 89.11 30.07
C ILE M 212 -9.10 90.23 29.71
N LYS M 213 -9.14 91.34 30.48
CA LYS M 213 -8.27 92.50 30.20
C LYS M 213 -6.77 92.21 30.47
N THR M 214 -6.00 91.93 29.41
CA THR M 214 -4.59 91.54 29.52
C THR M 214 -3.82 92.35 28.53
N LEU M 215 -2.51 92.19 28.49
CA LEU M 215 -1.72 92.99 27.55
C LEU M 215 -2.12 92.77 26.10
N ALA M 216 -2.44 91.55 25.72
CA ALA M 216 -2.86 91.30 24.34
C ALA M 216 -4.15 92.10 24.07
N ALA M 217 -4.99 92.19 25.10
CA ALA M 217 -6.28 92.87 25.02
C ALA M 217 -6.18 94.36 24.81
N SER M 218 -5.07 94.97 25.23
CA SER M 218 -4.91 96.41 25.07
C SER M 218 -4.64 96.86 23.61
N GLY M 219 -4.48 95.92 22.69
CA GLY M 219 -4.42 96.25 21.27
C GLY M 219 -5.79 96.63 20.72
N ILE M 220 -6.85 96.10 21.34
CA ILE M 220 -8.24 96.21 20.87
C ILE M 220 -8.98 97.44 21.45
N SER M 221 -9.37 98.37 20.59
CA SER M 221 -9.74 99.69 21.08
C SER M 221 -11.03 99.77 21.89
N ASN M 222 -11.97 98.85 21.69
CA ASN M 222 -13.24 98.91 22.43
C ASN M 222 -13.45 97.78 23.41
N PHE M 223 -12.34 97.29 23.93
CA PHE M 223 -12.35 96.05 24.65
C PHE M 223 -13.29 96.05 25.84
N LYS M 224 -13.37 97.19 26.53
CA LYS M 224 -14.18 97.28 27.76
C LYS M 224 -15.64 96.92 27.46
N LYS M 225 -16.04 97.19 26.22
CA LYS M 225 -17.41 96.97 25.81
C LYS M 225 -17.68 95.51 25.48
N MET M 226 -16.71 94.87 24.81
CA MET M 226 -16.76 93.43 24.63
C MET M 226 -16.89 92.80 25.99
N LEU M 227 -16.06 93.21 26.95
CA LEU M 227 -16.19 92.70 28.33
C LEU M 227 -17.60 92.86 28.86
N ASP M 228 -18.14 94.07 28.68
CA ASP M 228 -19.43 94.43 29.25
C ASP M 228 -20.54 93.60 28.58
N TYR M 229 -20.45 93.50 27.26
CA TYR M 229 -21.36 92.64 26.52
C TYR M 229 -21.37 91.18 27.02
N ASN M 230 -20.18 90.59 27.14
CA ASN M 230 -20.05 89.23 27.65
C ASN M 230 -20.75 89.12 28.98
N ALA M 231 -20.49 90.05 29.89
CA ALA M 231 -21.04 89.94 31.24
C ALA M 231 -22.57 90.00 31.25
N MET M 232 -23.10 90.80 30.33
CA MET M 232 -24.54 90.99 30.22
C MET M 232 -25.20 89.76 29.64
N VAL M 233 -24.60 89.27 28.55
CA VAL M 233 -25.18 88.20 27.77
C VAL M 233 -25.00 86.79 28.37
N SER M 234 -23.85 86.54 29.00
CA SER M 234 -23.56 85.26 29.66
C SER M 234 -24.60 84.84 30.69
N PRO M 235 -24.84 83.53 30.81
CA PRO M 235 -25.75 83.02 31.83
C PRO M 235 -25.33 83.37 33.26
N LEU M 236 -24.02 83.45 33.50
CA LEU M 236 -23.54 83.73 34.86
C LEU M 236 -23.40 85.24 35.16
N LYS M 237 -23.62 86.08 34.16
CA LYS M 237 -23.73 87.51 34.38
C LYS M 237 -22.46 88.02 35.01
N LYS M 238 -21.32 87.61 34.48
CA LYS M 238 -20.04 88.10 35.00
C LYS M 238 -18.97 87.83 33.97
N ASN M 239 -17.81 88.44 34.15
CA ASN M 239 -16.65 88.15 33.33
C ASN M 239 -15.81 87.10 34.03
N VAL M 240 -15.07 86.30 33.27
CA VAL M 240 -14.18 85.32 33.91
C VAL M 240 -12.88 86.00 34.29
N ASP M 241 -12.19 85.46 35.30
CA ASP M 241 -10.84 85.95 35.65
C ASP M 241 -9.75 84.88 35.47
N ILE M 242 -8.50 85.32 35.58
CA ILE M 242 -7.37 84.43 35.36
C ILE M 242 -7.33 83.23 36.30
N MET M 243 -7.90 83.37 37.49
CA MET M 243 -7.96 82.21 38.38
C MET M 243 -8.91 81.11 37.95
N GLU M 244 -10.07 81.48 37.40
CA GLU M 244 -10.99 80.50 36.84
C GLU M 244 -10.38 79.75 35.65
N VAL M 245 -9.71 80.49 34.76
CA VAL M 245 -8.97 79.89 33.66
C VAL M 245 -7.84 79.00 34.20
N GLY M 246 -6.92 79.60 34.96
CA GLY M 246 -5.81 78.90 35.58
C GLY M 246 -6.18 77.62 36.30
N ASN M 247 -7.17 77.69 37.19
CA ASN M 247 -7.60 76.46 37.83
C ASN M 247 -8.01 75.38 36.84
N THR M 248 -8.65 75.78 35.73
CA THR M 248 -9.06 74.85 34.70
C THR M 248 -7.85 74.23 34.03
N VAL M 249 -6.92 75.07 33.58
CA VAL M 249 -5.72 74.55 33.02
C VAL M 249 -5.05 73.59 34.00
N ALA M 250 -4.95 73.98 35.26
CA ALA M 250 -4.32 73.11 36.26
C ALA M 250 -4.96 71.75 36.29
N PHE M 251 -6.29 71.71 36.41
CA PHE M 251 -7.03 70.46 36.37
C PHE M 251 -6.69 69.58 35.16
N LEU M 252 -6.62 70.22 33.99
CA LEU M 252 -6.35 69.52 32.77
C LEU M 252 -4.91 69.00 32.72
N CYS M 253 -4.11 69.37 33.69
CA CYS M 253 -2.79 68.79 33.76
C CYS M 253 -2.71 67.79 34.88
N SER M 254 -3.81 67.41 35.47
CA SER M 254 -3.73 66.45 36.56
C SER M 254 -4.11 65.03 36.18
N ASP M 255 -3.88 64.11 37.11
CA ASP M 255 -4.22 62.72 36.97
C ASP M 255 -5.73 62.53 37.05
N MET M 256 -6.44 63.60 37.39
CA MET M 256 -7.89 63.53 37.50
C MET M 256 -8.49 63.64 36.14
N ALA M 257 -7.77 64.30 35.24
CA ALA M 257 -8.26 64.47 33.91
C ALA M 257 -7.78 63.45 32.87
N THR M 258 -7.35 62.25 33.27
CA THR M 258 -6.66 61.38 32.29
C THR M 258 -7.62 60.79 31.24
N GLY M 259 -8.92 61.02 31.41
CA GLY M 259 -9.88 60.56 30.47
C GLY M 259 -10.18 61.57 29.40
N ILE M 260 -9.54 62.74 29.47
CA ILE M 260 -9.95 63.85 28.61
C ILE M 260 -8.87 64.20 27.66
N THR M 261 -9.16 64.17 26.35
CA THR M 261 -8.18 64.61 25.35
C THR M 261 -8.93 65.07 24.12
N GLY M 262 -8.27 65.90 23.31
CA GLY M 262 -8.89 66.44 22.11
C GLY M 262 -10.07 67.39 22.41
N GLU M 263 -10.13 67.88 23.66
CA GLU M 263 -11.24 68.64 24.13
C GLU M 263 -10.99 70.14 24.23
N VAL M 264 -12.03 70.92 23.95
CA VAL M 264 -12.06 72.40 24.18
C VAL M 264 -12.97 72.62 25.39
N VAL M 265 -12.43 73.19 26.46
CA VAL M 265 -13.28 73.48 27.60
C VAL M 265 -13.50 75.01 27.65
N HIS M 266 -14.75 75.46 27.52
CA HIS M 266 -15.05 76.89 27.54
C HIS M 266 -15.05 77.36 28.95
N VAL M 267 -14.21 78.36 29.21
CA VAL M 267 -14.22 78.97 30.54
C VAL M 267 -14.61 80.43 30.32
N ASP M 268 -15.91 80.67 30.32
CA ASP M 268 -16.41 81.88 29.66
C ASP M 268 -17.75 82.32 30.24
N ALA M 269 -18.00 81.84 31.46
CA ALA M 269 -19.21 82.16 32.20
C ALA M 269 -20.44 81.74 31.42
N GLY M 270 -20.26 80.86 30.44
CA GLY M 270 -21.37 80.27 29.70
C GLY M 270 -21.70 80.97 28.39
N TYR M 271 -20.93 81.99 28.04
CA TYR M 271 -21.12 82.70 26.77
C TYR M 271 -21.39 81.76 25.61
N HIS M 272 -20.61 80.69 25.48
CA HIS M 272 -20.62 79.86 24.26
C HIS M 272 -21.98 79.25 24.01
N CYS M 273 -22.80 79.07 25.06
CA CYS M 273 -24.01 78.27 24.93
C CYS M 273 -25.30 79.03 24.74
N VAL M 274 -25.23 80.37 24.62
CA VAL M 274 -26.43 81.21 24.43
C VAL M 274 -26.48 81.89 23.08
N SER M 275 -27.67 82.28 22.70
CA SER M 275 -27.79 83.08 21.51
C SER M 275 -28.86 84.12 21.73
N MET M 276 -28.62 85.36 21.27
CA MET M 276 -29.60 86.44 21.41
C MET M 276 -30.01 86.69 22.88
N GLY M 277 -29.11 87.31 23.64
CA GLY M 277 -29.33 87.58 25.06
C GLY M 277 -30.35 88.68 25.27
N ASN M 278 -30.47 89.54 24.24
CA ASN M 278 -31.64 90.42 23.99
C ASN M 278 -31.76 91.64 24.90
N GLY N 22 -32.65 77.10 -17.00
CA GLY N 22 -31.65 76.64 -16.00
C GLY N 22 -31.58 77.58 -14.81
N PHE N 23 -31.31 77.08 -13.59
CA PHE N 23 -31.30 77.95 -12.39
C PHE N 23 -30.04 78.80 -12.18
N LEU N 24 -29.07 78.70 -13.09
CA LEU N 24 -27.93 79.60 -13.12
C LEU N 24 -27.80 80.35 -14.45
N ALA N 25 -28.91 80.47 -15.17
CA ALA N 25 -28.93 81.14 -16.48
C ALA N 25 -28.40 82.56 -16.38
N GLY N 26 -27.44 82.89 -17.24
CA GLY N 26 -26.87 84.22 -17.26
C GLY N 26 -25.75 84.48 -16.27
N LYS N 27 -25.76 83.78 -15.12
CA LYS N 27 -24.78 84.02 -14.07
C LYS N 27 -23.37 83.76 -14.55
N LYS N 28 -22.46 84.65 -14.15
CA LYS N 28 -21.04 84.57 -14.60
C LYS N 28 -20.19 84.05 -13.44
N ILE N 29 -19.65 82.85 -13.63
CA ILE N 29 -19.00 82.13 -12.55
C ILE N 29 -17.58 81.70 -12.88
N LEU N 30 -16.67 82.00 -11.96
CA LEU N 30 -15.29 81.59 -12.07
C LEU N 30 -15.04 80.29 -11.29
N ILE N 31 -14.46 79.31 -11.99
CA ILE N 31 -14.10 78.01 -11.43
C ILE N 31 -12.57 77.79 -11.39
N THR N 32 -12.05 77.65 -10.17
CA THR N 32 -10.65 77.28 -9.97
C THR N 32 -10.47 75.75 -9.83
N GLY N 33 -9.27 75.25 -10.06
CA GLY N 33 -8.99 73.87 -9.70
C GLY N 33 -9.46 72.76 -10.62
N LEU N 34 -9.77 73.09 -11.87
CA LEU N 34 -10.09 72.06 -12.82
C LEU N 34 -8.79 71.51 -13.35
N LEU N 35 -8.60 70.20 -13.19
CA LEU N 35 -7.32 69.56 -13.53
C LEU N 35 -7.38 68.32 -14.40
N SER N 36 -8.35 67.43 -14.11
CA SER N 36 -8.60 66.22 -14.91
C SER N 36 -10.08 66.09 -14.95
N ASN N 37 -10.61 65.13 -15.71
CA ASN N 37 -12.06 64.92 -15.74
C ASN N 37 -12.59 64.13 -14.50
N LYS N 38 -11.67 63.86 -13.58
CA LYS N 38 -12.01 63.35 -12.24
C LYS N 38 -12.18 64.47 -11.21
N SER N 39 -11.71 65.67 -11.54
CA SER N 39 -11.65 66.80 -10.59
C SER N 39 -13.02 67.10 -10.07
N ILE N 40 -13.16 67.40 -8.80
CA ILE N 40 -14.44 67.86 -8.29
C ILE N 40 -14.91 69.09 -9.13
N ALA N 41 -13.96 69.96 -9.48
CA ALA N 41 -14.22 71.14 -10.31
C ALA N 41 -14.84 70.79 -11.65
N TYR N 42 -14.48 69.63 -12.21
CA TYR N 42 -15.13 69.15 -13.41
C TYR N 42 -16.63 68.88 -13.21
N GLY N 43 -16.98 68.27 -12.08
CA GLY N 43 -18.35 67.94 -11.73
C GLY N 43 -19.10 69.22 -11.51
N ILE N 44 -18.44 70.18 -10.85
CA ILE N 44 -19.02 71.47 -10.63
C ILE N 44 -19.28 72.12 -11.99
N ALA N 45 -18.32 72.02 -12.90
CA ALA N 45 -18.44 72.64 -14.20
C ALA N 45 -19.65 72.04 -14.92
N LYS N 46 -19.64 70.71 -15.08
CA LYS N 46 -20.75 70.01 -15.69
C LYS N 46 -22.09 70.51 -15.15
N ALA N 47 -22.23 70.62 -13.84
CA ALA N 47 -23.53 70.99 -13.24
C ALA N 47 -23.95 72.44 -13.58
N MET N 48 -22.98 73.35 -13.63
CA MET N 48 -23.28 74.74 -13.85
C MET N 48 -23.51 75.02 -15.34
N HIS N 49 -22.82 74.29 -16.20
CA HIS N 49 -23.04 74.44 -17.62
C HIS N 49 -24.44 73.97 -17.99
N ARG N 50 -24.78 72.76 -17.56
CA ARG N 50 -26.16 72.28 -17.56
C ARG N 50 -27.16 73.30 -17.06
N GLU N 51 -26.81 74.13 -16.07
CA GLU N 51 -27.82 75.07 -15.52
C GLU N 51 -27.77 76.49 -16.11
N GLY N 52 -27.03 76.62 -17.21
CA GLY N 52 -26.95 77.84 -18.02
C GLY N 52 -25.95 78.92 -17.62
N ALA N 53 -24.99 78.57 -16.77
CA ALA N 53 -24.02 79.52 -16.30
C ALA N 53 -23.01 79.77 -17.41
N GLU N 54 -22.47 81.00 -17.43
CA GLU N 54 -21.27 81.29 -18.24
C GLU N 54 -20.03 81.09 -17.38
N LEU N 55 -19.09 80.33 -17.89
CA LEU N 55 -18.03 79.84 -17.07
C LEU N 55 -16.69 80.37 -17.49
N ALA N 56 -15.84 80.62 -16.48
CA ALA N 56 -14.43 80.92 -16.71
C ALA N 56 -13.59 80.03 -15.80
N PHE N 57 -12.40 79.66 -16.27
CA PHE N 57 -11.54 78.74 -15.53
C PHE N 57 -10.15 79.28 -15.30
N THR N 58 -9.54 78.83 -14.19
CA THR N 58 -8.12 79.04 -13.94
C THR N 58 -7.29 77.75 -13.97
N TYR N 59 -5.99 77.92 -14.24
CA TYR N 59 -5.00 76.84 -14.26
C TYR N 59 -3.65 77.30 -13.68
N VAL N 60 -2.85 76.34 -13.21
CA VAL N 60 -1.53 76.63 -12.70
C VAL N 60 -0.51 76.46 -13.81
N GLY N 61 0.33 77.46 -13.99
CA GLY N 61 1.37 77.50 -15.03
C GLY N 61 1.45 76.37 -16.07
N GLN N 62 2.04 75.24 -15.67
CA GLN N 62 2.34 74.10 -16.58
C GLN N 62 1.15 73.52 -17.36
N PHE N 63 -0.03 73.53 -16.74
CA PHE N 63 -1.17 72.76 -17.23
C PHE N 63 -2.08 73.50 -18.23
N LYS N 64 -1.57 74.61 -18.79
CA LYS N 64 -2.36 75.43 -19.72
C LYS N 64 -3.10 74.60 -20.75
N ASP N 65 -2.38 73.76 -21.50
CA ASP N 65 -2.95 72.98 -22.60
C ASP N 65 -3.94 71.93 -22.14
N ARG N 66 -3.53 71.19 -21.10
CA ARG N 66 -4.38 70.21 -20.43
C ARG N 66 -5.75 70.84 -20.17
N VAL N 67 -5.75 72.01 -19.50
CA VAL N 67 -6.97 72.63 -18.98
C VAL N 67 -7.85 73.22 -20.09
N GLU N 68 -7.23 73.86 -21.06
CA GLU N 68 -7.97 74.44 -22.18
C GLU N 68 -8.72 73.35 -22.94
N LYS N 69 -8.05 72.24 -23.23
CA LYS N 69 -8.67 71.08 -23.90
C LYS N 69 -9.88 70.61 -23.07
N LEU N 70 -9.63 70.39 -21.80
CA LEU N 70 -10.57 69.81 -20.89
C LEU N 70 -11.83 70.62 -20.79
N CYS N 71 -11.69 71.93 -20.62
CA CYS N 71 -12.87 72.74 -20.36
C CYS N 71 -13.44 73.46 -21.60
N ALA N 72 -12.89 73.16 -22.77
CA ALA N 72 -13.44 73.64 -24.02
C ALA N 72 -14.93 73.30 -24.13
N GLU N 73 -15.29 72.06 -23.76
CA GLU N 73 -16.68 71.61 -23.81
C GLU N 73 -17.68 72.49 -23.01
N PHE N 74 -17.18 73.38 -22.14
CA PHE N 74 -18.06 74.27 -21.38
C PHE N 74 -18.17 75.68 -21.97
N ASN N 75 -17.58 75.84 -23.15
CA ASN N 75 -17.61 77.10 -23.90
C ASN N 75 -17.25 78.24 -22.96
N PRO N 76 -16.01 78.19 -22.44
CA PRO N 76 -15.59 79.15 -21.41
C PRO N 76 -15.38 80.57 -21.97
N ALA N 77 -15.84 81.57 -21.23
CA ALA N 77 -15.59 82.97 -21.55
C ALA N 77 -14.10 83.41 -21.40
N ALA N 78 -13.33 82.63 -20.62
CA ALA N 78 -11.89 82.88 -20.39
C ALA N 78 -11.25 81.70 -19.72
N VAL N 79 -10.01 81.42 -20.14
CA VAL N 79 -9.18 80.42 -19.48
C VAL N 79 -7.81 81.05 -19.13
N LEU N 80 -7.63 81.34 -17.84
CA LEU N 80 -6.58 82.25 -17.38
C LEU N 80 -5.66 81.63 -16.32
N PRO N 81 -4.34 82.01 -16.34
CA PRO N 81 -3.39 81.50 -15.34
C PRO N 81 -3.63 82.09 -13.97
N CYS N 82 -3.60 81.25 -12.95
CA CYS N 82 -3.69 81.74 -11.61
C CYS N 82 -3.14 80.74 -10.61
N ASP N 83 -1.89 80.97 -10.26
CA ASP N 83 -1.23 80.27 -9.19
C ASP N 83 -1.45 81.08 -7.90
N VAL N 84 -2.26 80.57 -6.98
CA VAL N 84 -2.61 81.33 -5.76
C VAL N 84 -1.45 81.51 -4.77
N ILE N 85 -0.27 81.04 -5.13
CA ILE N 85 0.91 81.40 -4.36
C ILE N 85 1.22 82.88 -4.57
N SER N 86 0.82 83.43 -5.72
CA SER N 86 1.21 84.79 -6.15
C SER N 86 0.12 85.85 -6.05
N ASP N 87 0.32 86.86 -5.20
CA ASP N 87 -0.64 87.96 -5.10
C ASP N 87 -0.86 88.70 -6.42
N GLN N 88 0.20 88.79 -7.21
CA GLN N 88 0.16 89.44 -8.52
C GLN N 88 -0.77 88.73 -9.51
N GLU N 89 -0.57 87.42 -9.68
CA GLU N 89 -1.39 86.62 -10.58
C GLU N 89 -2.84 86.68 -10.19
N ILE N 90 -3.13 86.73 -8.89
CA ILE N 90 -4.51 86.83 -8.44
C ILE N 90 -5.10 88.17 -8.84
N LYS N 91 -4.31 89.23 -8.65
CA LYS N 91 -4.73 90.56 -9.04
C LYS N 91 -5.01 90.64 -10.53
N ASP N 92 -4.13 90.03 -11.32
CA ASP N 92 -4.24 90.06 -12.77
C ASP N 92 -5.37 89.20 -13.28
N LEU N 93 -5.74 88.20 -12.49
CA LEU N 93 -6.84 87.34 -12.87
C LEU N 93 -8.08 88.20 -12.93
N PHE N 94 -8.25 89.11 -11.98
CA PHE N 94 -9.46 89.93 -11.97
C PHE N 94 -9.47 91.12 -12.92
N VAL N 95 -8.29 91.62 -13.25
CA VAL N 95 -8.11 92.59 -14.32
C VAL N 95 -8.50 92.02 -15.69
N GLU N 96 -7.95 90.86 -16.07
CA GLU N 96 -8.27 90.18 -17.34
C GLU N 96 -9.72 89.72 -17.47
N LEU N 97 -10.25 89.19 -16.38
CA LEU N 97 -11.63 88.77 -16.29
C LEU N 97 -12.53 89.99 -16.45
N GLY N 98 -12.18 91.09 -15.78
CA GLY N 98 -12.92 92.35 -15.86
C GLY N 98 -12.98 92.91 -17.27
N LYS N 99 -12.05 92.53 -18.13
CA LYS N 99 -12.10 92.89 -19.55
C LYS N 99 -13.18 92.13 -20.32
N VAL N 100 -13.49 90.92 -19.87
CA VAL N 100 -14.48 90.07 -20.53
C VAL N 100 -15.88 90.24 -19.93
N TRP N 101 -15.99 90.47 -18.62
CA TRP N 101 -17.28 90.56 -17.92
C TRP N 101 -17.39 91.82 -17.14
N ASP N 102 -18.62 92.29 -16.93
CA ASP N 102 -18.84 93.52 -16.19
C ASP N 102 -18.88 93.26 -14.70
N GLY N 103 -19.69 92.28 -14.33
CA GLY N 103 -19.72 91.78 -12.97
C GLY N 103 -19.34 90.30 -12.93
N LEU N 104 -19.20 89.79 -11.71
CA LEU N 104 -18.90 88.39 -11.48
C LEU N 104 -19.97 87.88 -10.53
N ASP N 105 -20.55 86.74 -10.84
CA ASP N 105 -21.59 86.21 -9.96
C ASP N 105 -21.12 85.23 -8.85
N ALA N 106 -20.08 84.44 -9.18
CA ALA N 106 -19.59 83.48 -8.21
C ALA N 106 -18.15 83.11 -8.38
N ILE N 107 -17.52 82.83 -7.24
CA ILE N 107 -16.20 82.20 -7.28
C ILE N 107 -16.31 80.82 -6.68
N VAL N 108 -15.81 79.84 -7.42
CA VAL N 108 -15.65 78.49 -6.91
C VAL N 108 -14.20 78.16 -6.62
N HIS N 109 -13.90 78.08 -5.32
CA HIS N 109 -12.59 77.65 -4.80
C HIS N 109 -12.58 76.15 -4.63
N SER N 110 -11.70 75.51 -5.37
CA SER N 110 -11.59 74.07 -5.31
C SER N 110 -10.11 73.78 -5.53
N ILE N 111 -9.31 74.26 -4.57
CA ILE N 111 -7.88 74.06 -4.64
C ILE N 111 -7.31 73.80 -3.24
N ALA N 112 -6.35 72.86 -3.21
CA ALA N 112 -5.67 72.50 -2.00
C ALA N 112 -4.28 72.02 -2.35
N PHE N 113 -3.36 72.14 -1.41
CA PHE N 113 -2.04 71.54 -1.52
C PHE N 113 -1.35 71.54 -0.15
N ALA N 114 -0.55 70.50 0.09
CA ALA N 114 0.41 70.44 1.16
C ALA N 114 1.50 69.57 0.59
N PRO N 115 2.77 69.79 1.02
CA PRO N 115 3.86 68.95 0.52
C PRO N 115 3.59 67.47 0.86
N ARG N 116 4.07 66.55 0.02
CA ARG N 116 3.88 65.09 0.17
C ARG N 116 4.13 64.65 1.61
N ASP N 117 5.25 65.11 2.20
CA ASP N 117 5.70 64.74 3.57
C ASP N 117 4.72 65.10 4.70
N GLN N 118 3.73 65.93 4.42
CA GLN N 118 2.82 66.39 5.46
C GLN N 118 1.63 65.48 5.59
N LEU N 119 1.60 64.42 4.80
CA LEU N 119 0.34 63.74 4.51
C LEU N 119 0.23 62.24 4.78
N GLU N 120 1.21 61.65 5.46
CA GLU N 120 0.97 60.30 6.00
C GLU N 120 1.86 60.04 7.21
N GLY N 121 1.61 58.96 7.92
CA GLY N 121 2.28 58.75 9.19
C GLY N 121 1.76 59.66 10.31
N ASN N 122 2.56 59.74 11.37
CA ASN N 122 2.16 60.43 12.58
C ASN N 122 2.18 61.96 12.42
N PHE N 123 1.08 62.61 12.81
CA PHE N 123 0.98 64.07 12.63
C PHE N 123 2.24 64.84 13.12
N ILE N 124 2.65 64.53 14.34
CA ILE N 124 3.69 65.26 15.06
C ILE N 124 5.08 64.96 14.54
N ASP N 125 5.35 63.71 14.16
CA ASP N 125 6.58 63.39 13.41
C ASP N 125 6.70 64.14 12.12
N CYS N 126 5.61 64.22 11.37
CA CYS N 126 5.68 64.74 10.00
C CYS N 126 5.49 66.26 9.84
N VAL N 127 4.66 66.87 10.71
CA VAL N 127 4.41 68.32 10.59
C VAL N 127 5.72 69.12 10.60
N THR N 128 5.93 69.99 9.62
CA THR N 128 7.05 70.93 9.66
C THR N 128 6.57 72.38 9.55
N ARG N 129 7.38 73.35 10.03
CA ARG N 129 6.98 74.76 10.01
C ARG N 129 6.63 75.26 8.61
N GLU N 130 7.38 74.85 7.61
CA GLU N 130 7.21 75.36 6.27
C GLU N 130 6.06 74.65 5.61
N GLY N 131 5.93 73.36 5.89
CA GLY N 131 4.87 72.54 5.33
C GLY N 131 3.52 72.97 5.89
N PHE N 132 3.49 73.35 7.15
CA PHE N 132 2.30 73.86 7.77
C PHE N 132 1.94 75.20 7.12
N SER N 133 2.96 76.00 6.88
CA SER N 133 2.82 77.31 6.25
C SER N 133 2.28 77.24 4.81
N ILE N 134 2.88 76.36 3.99
CA ILE N 134 2.50 76.24 2.59
C ILE N 134 1.06 75.74 2.48
N ALA N 135 0.71 74.71 3.26
CA ALA N 135 -0.62 74.14 3.25
C ALA N 135 -1.63 75.23 3.53
N HIS N 136 -1.42 76.05 4.58
CA HIS N 136 -2.36 77.11 4.91
C HIS N 136 -2.44 78.20 3.87
N ASP N 137 -1.28 78.57 3.32
CA ASP N 137 -1.17 79.59 2.29
C ASP N 137 -2.05 79.26 1.09
N ILE N 138 -1.94 78.02 0.61
CA ILE N 138 -2.59 77.58 -0.63
C ILE N 138 -4.03 77.07 -0.43
N SER N 139 -4.28 76.46 0.73
CA SER N 139 -5.53 75.79 0.96
C SER N 139 -6.53 76.65 1.67
N ALA N 140 -6.05 77.70 2.33
CA ALA N 140 -6.94 78.52 3.14
C ALA N 140 -6.80 80.01 2.85
N TYR N 141 -5.60 80.54 2.89
CA TYR N 141 -5.43 81.97 2.65
C TYR N 141 -5.96 82.32 1.22
N SER N 142 -5.67 81.48 0.27
CA SER N 142 -6.05 81.73 -1.10
C SER N 142 -7.54 82.02 -1.29
N PHE N 143 -8.39 81.51 -0.40
CA PHE N 143 -9.81 81.78 -0.49
C PHE N 143 -10.07 83.26 -0.22
N ALA N 144 -9.56 83.76 0.91
CA ALA N 144 -9.71 85.17 1.27
C ALA N 144 -9.03 86.04 0.21
N ALA N 145 -8.01 85.52 -0.47
CA ALA N 145 -7.30 86.31 -1.44
C ALA N 145 -8.16 86.50 -2.67
N LEU N 146 -8.82 85.43 -3.08
CA LEU N 146 -9.81 85.55 -4.17
C LEU N 146 -10.95 86.49 -3.79
N ALA N 147 -11.38 86.41 -2.53
CA ALA N 147 -12.48 87.24 -2.09
C ALA N 147 -12.05 88.72 -2.15
N LYS N 148 -10.81 88.98 -1.70
CA LYS N 148 -10.24 90.31 -1.62
C LYS N 148 -10.24 90.94 -3.00
N GLU N 149 -9.78 90.19 -4.00
CA GLU N 149 -9.61 90.75 -5.33
C GLU N 149 -10.86 90.68 -6.20
N GLY N 150 -11.80 89.82 -5.83
CA GLY N 150 -12.97 89.65 -6.65
C GLY N 150 -14.10 90.52 -6.15
N ARG N 151 -13.96 90.96 -4.90
CA ARG N 151 -14.97 91.72 -4.19
C ARG N 151 -15.67 92.82 -4.97
N SER N 152 -14.90 93.64 -5.69
CA SER N 152 -15.53 94.74 -6.38
C SER N 152 -16.35 94.25 -7.58
N MET N 153 -15.88 93.21 -8.29
CA MET N 153 -16.69 92.64 -9.39
C MET N 153 -18.01 91.99 -8.95
N MET N 154 -18.18 91.77 -7.64
CA MET N 154 -19.23 90.92 -7.08
C MET N 154 -20.26 91.69 -6.29
N LYS N 155 -19.92 92.94 -5.93
CA LYS N 155 -20.80 93.86 -5.22
C LYS N 155 -22.26 93.81 -5.74
N ASN N 156 -23.20 93.68 -4.78
CA ASN N 156 -24.69 93.84 -4.96
C ASN N 156 -25.35 93.21 -6.19
N ARG N 157 -25.17 91.90 -6.35
CA ARG N 157 -25.84 91.16 -7.41
C ARG N 157 -26.12 89.76 -6.92
N ASN N 158 -26.39 89.63 -5.61
CA ASN N 158 -26.53 88.30 -4.96
C ASN N 158 -25.41 87.33 -5.40
N ALA N 159 -24.17 87.75 -5.26
CA ALA N 159 -23.09 86.92 -5.67
C ALA N 159 -22.83 85.84 -4.60
N SER N 160 -21.90 84.96 -4.93
CA SER N 160 -21.62 83.76 -4.13
C SER N 160 -20.17 83.35 -4.18
N MET N 161 -19.71 82.81 -3.06
CA MET N 161 -18.47 82.04 -3.04
C MET N 161 -18.68 80.65 -2.44
N VAL N 162 -18.04 79.65 -3.03
CA VAL N 162 -18.09 78.32 -2.43
C VAL N 162 -16.69 77.72 -2.41
N ALA N 163 -16.32 77.26 -1.22
CA ALA N 163 -15.05 76.52 -1.06
C ALA N 163 -15.35 75.01 -0.87
N LEU N 164 -14.48 74.17 -1.42
CA LEU N 164 -14.48 72.71 -1.07
C LEU N 164 -13.67 72.37 0.17
N THR N 165 -14.31 71.67 1.11
CA THR N 165 -13.66 71.29 2.39
C THR N 165 -13.79 69.79 2.66
N TYR N 166 -13.18 69.30 3.75
CA TYR N 166 -13.22 67.89 4.10
C TYR N 166 -13.36 67.74 5.59
N ILE N 167 -14.10 66.71 6.02
CA ILE N 167 -14.43 66.52 7.45
C ILE N 167 -13.13 66.43 8.34
N GLY N 168 -11.96 66.24 7.71
CA GLY N 168 -10.68 66.22 8.46
C GLY N 168 -10.46 67.55 9.19
N ALA N 169 -11.23 68.58 8.79
CA ALA N 169 -11.24 69.87 9.47
C ALA N 169 -11.85 69.76 10.86
N GLU N 170 -12.89 68.96 11.00
CA GLU N 170 -13.60 68.86 12.26
C GLU N 170 -13.01 67.84 13.21
N LYS N 171 -12.46 66.75 12.66
CA LYS N 171 -11.99 65.60 13.43
C LYS N 171 -10.53 65.28 13.08
N ALA N 172 -9.83 64.69 14.05
CA ALA N 172 -8.53 64.10 13.72
C ALA N 172 -8.70 62.75 13.00
N MET N 173 -8.04 62.65 11.85
CA MET N 173 -8.08 61.45 11.05
C MET N 173 -6.66 60.97 10.81
N PRO N 174 -6.44 59.68 10.64
CA PRO N 174 -5.10 59.30 10.19
C PRO N 174 -4.77 59.88 8.80
N SER N 175 -3.49 60.13 8.55
CA SER N 175 -2.97 60.62 7.25
C SER N 175 -3.21 62.09 6.90
N TYR N 176 -4.44 62.56 7.05
CA TYR N 176 -4.83 63.89 6.54
C TYR N 176 -3.96 65.02 7.15
N ASN N 177 -3.71 64.93 8.46
CA ASN N 177 -2.64 65.66 9.17
C ASN N 177 -2.73 67.14 8.95
N THR N 178 -1.67 67.69 8.35
CA THR N 178 -1.56 69.09 8.06
C THR N 178 -2.70 69.63 7.17
N MET N 179 -3.19 68.82 6.22
CA MET N 179 -4.38 69.24 5.43
C MET N 179 -5.62 69.40 6.27
N GLY N 180 -5.74 68.60 7.32
CA GLY N 180 -6.86 68.71 8.23
C GLY N 180 -6.82 70.09 8.88
N VAL N 181 -5.63 70.47 9.37
CA VAL N 181 -5.44 71.73 10.10
C VAL N 181 -5.71 72.88 9.14
N ALA N 182 -5.15 72.79 7.93
CA ALA N 182 -5.43 73.76 6.91
C ALA N 182 -6.94 73.79 6.59
N LYS N 183 -7.57 72.63 6.42
CA LYS N 183 -9.04 72.70 6.16
C LYS N 183 -9.82 73.41 7.24
N ALA N 184 -9.39 73.28 8.51
CA ALA N 184 -10.01 74.00 9.63
C ALA N 184 -9.91 75.51 9.48
N SER N 185 -8.73 75.93 9.06
CA SER N 185 -8.42 77.29 8.74
C SER N 185 -9.28 77.77 7.56
N LEU N 186 -9.40 76.95 6.52
CA LEU N 186 -10.29 77.29 5.40
C LEU N 186 -11.74 77.55 5.83
N GLU N 187 -12.26 76.72 6.73
CA GLU N 187 -13.63 76.85 7.18
C GLU N 187 -13.86 78.09 8.02
N ALA N 188 -12.81 78.50 8.74
CA ALA N 188 -12.93 79.67 9.57
C ALA N 188 -12.85 80.85 8.60
N THR N 189 -11.99 80.75 7.60
CA THR N 189 -11.90 81.79 6.60
C THR N 189 -13.24 81.99 5.93
N VAL N 190 -13.86 80.90 5.50
CA VAL N 190 -15.20 80.97 4.97
C VAL N 190 -16.15 81.78 5.87
N ARG N 191 -16.24 81.45 7.15
CA ARG N 191 -17.09 82.19 8.06
C ARG N 191 -16.76 83.71 8.19
N TYR N 192 -15.47 84.05 8.29
CA TYR N 192 -15.07 85.43 8.46
C TYR N 192 -15.28 86.14 7.16
N THR N 193 -15.13 85.41 6.06
CA THR N 193 -15.35 86.00 4.75
C THR N 193 -16.84 86.28 4.59
N ALA N 194 -17.68 85.44 5.20
CA ALA N 194 -19.13 85.58 5.03
C ALA N 194 -19.60 86.83 5.73
N LEU N 195 -19.06 87.01 6.93
CA LEU N 195 -19.34 88.17 7.74
C LEU N 195 -18.82 89.42 7.10
N ALA N 196 -17.66 89.35 6.44
CA ALA N 196 -17.06 90.52 5.82
C ALA N 196 -17.71 90.91 4.52
N LEU N 197 -18.15 89.94 3.73
CA LEU N 197 -18.74 90.23 2.41
C LEU N 197 -20.29 90.31 2.32
N GLY N 198 -20.98 89.96 3.39
CA GLY N 198 -22.44 89.94 3.40
C GLY N 198 -23.14 91.28 3.25
N GLU N 199 -22.49 92.35 3.67
CA GLU N 199 -23.00 93.71 3.45
C GLU N 199 -23.08 94.05 1.94
N ASP N 200 -22.29 93.38 1.10
CA ASP N 200 -22.34 93.55 -0.33
C ASP N 200 -23.27 92.54 -0.99
N GLY N 201 -24.10 91.88 -0.16
CA GLY N 201 -24.96 90.76 -0.60
C GLY N 201 -24.30 89.46 -1.11
N ILE N 202 -23.00 89.27 -0.79
CA ILE N 202 -22.26 88.10 -1.26
C ILE N 202 -22.40 86.98 -0.25
N LYS N 203 -22.83 85.82 -0.73
CA LYS N 203 -22.97 84.68 0.18
C LYS N 203 -21.78 83.75 0.06
N VAL N 204 -21.37 83.26 1.21
CA VAL N 204 -20.11 82.52 1.26
C VAL N 204 -20.29 81.22 2.02
N ASN N 205 -20.07 80.11 1.32
CA ASN N 205 -20.28 78.78 1.90
C ASN N 205 -19.28 77.73 1.51
N ALA N 206 -19.34 76.60 2.21
CA ALA N 206 -18.45 75.47 1.87
C ALA N 206 -19.21 74.19 1.70
N VAL N 207 -18.69 73.38 0.79
CA VAL N 207 -19.21 72.04 0.67
C VAL N 207 -18.15 71.07 1.20
N SER N 208 -18.55 70.27 2.17
CA SER N 208 -17.68 69.29 2.71
C SER N 208 -17.90 67.96 1.99
N ALA N 209 -17.07 67.65 1.00
CA ALA N 209 -17.26 66.44 0.20
C ALA N 209 -16.74 65.21 0.91
N GLY N 210 -17.49 64.10 0.82
CA GLY N 210 -16.90 62.78 1.14
C GLY N 210 -15.73 62.51 0.20
N PRO N 211 -14.92 61.46 0.49
CA PRO N 211 -13.75 61.16 -0.37
C PRO N 211 -14.11 60.65 -1.77
N ILE N 212 -13.35 61.06 -2.79
CA ILE N 212 -13.64 60.79 -4.19
C ILE N 212 -12.30 60.59 -4.89
N LYS N 213 -12.18 59.57 -5.73
CA LYS N 213 -10.90 59.24 -6.33
C LYS N 213 -10.47 60.23 -7.42
N THR N 214 -9.75 61.27 -7.03
CA THR N 214 -9.28 62.35 -7.94
C THR N 214 -7.75 62.41 -7.96
N LEU N 215 -7.15 63.25 -8.78
CA LEU N 215 -5.68 63.35 -8.79
C LEU N 215 -5.07 63.64 -7.42
N ALA N 216 -5.73 64.47 -6.59
CA ALA N 216 -5.20 64.79 -5.26
C ALA N 216 -5.20 63.54 -4.40
N ALA N 217 -6.22 62.71 -4.61
CA ALA N 217 -6.39 61.45 -3.91
C ALA N 217 -5.31 60.40 -4.20
N SER N 218 -4.64 60.52 -5.34
CA SER N 218 -3.63 59.53 -5.75
C SER N 218 -2.32 59.70 -4.97
N GLY N 219 -2.22 60.79 -4.21
CA GLY N 219 -1.12 60.96 -3.26
C GLY N 219 -1.19 59.93 -2.12
N ILE N 220 -2.41 59.60 -1.70
CA ILE N 220 -2.66 58.80 -0.49
C ILE N 220 -2.63 57.30 -0.80
N SER N 221 -1.77 56.53 -0.13
CA SER N 221 -1.50 55.16 -0.59
C SER N 221 -2.62 54.10 -0.36
N ASN N 222 -3.46 54.31 0.65
CA ASN N 222 -4.55 53.36 0.92
C ASN N 222 -5.95 53.92 0.68
N PHE N 223 -6.06 54.78 -0.33
CA PHE N 223 -7.25 55.55 -0.54
C PHE N 223 -8.47 54.68 -0.82
N LYS N 224 -8.27 53.60 -1.58
CA LYS N 224 -9.36 52.72 -1.95
C LYS N 224 -10.09 52.23 -0.69
N LYS N 225 -9.33 52.09 0.38
CA LYS N 225 -9.85 51.59 1.63
C LYS N 225 -10.62 52.65 2.42
N MET N 226 -10.14 53.88 2.36
CA MET N 226 -10.92 54.98 2.93
C MET N 226 -12.24 55.09 2.20
N LEU N 227 -12.22 54.97 0.87
CA LEU N 227 -13.47 54.88 0.10
C LEU N 227 -14.39 53.73 0.57
N ASP N 228 -13.82 52.54 0.73
CA ASP N 228 -14.59 51.39 1.09
C ASP N 228 -15.18 51.54 2.46
N TYR N 229 -14.39 52.14 3.34
CA TYR N 229 -14.86 52.36 4.69
C TYR N 229 -16.04 53.32 4.71
N ASN N 230 -15.90 54.39 3.93
CA ASN N 230 -16.96 55.38 3.84
C ASN N 230 -18.27 54.74 3.40
N ALA N 231 -18.16 53.92 2.37
CA ALA N 231 -19.34 53.33 1.74
C ALA N 231 -19.99 52.37 2.71
N MET N 232 -19.18 51.71 3.52
CA MET N 232 -19.71 50.80 4.48
C MET N 232 -20.39 51.49 5.66
N VAL N 233 -19.75 52.52 6.17
CA VAL N 233 -20.16 53.18 7.41
C VAL N 233 -21.29 54.24 7.23
N SER N 234 -21.31 54.90 6.07
CA SER N 234 -22.34 55.88 5.73
C SER N 234 -23.77 55.34 5.78
N PRO N 235 -24.72 56.15 6.25
CA PRO N 235 -26.13 55.76 6.22
C PRO N 235 -26.62 55.42 4.78
N LEU N 236 -26.14 56.15 3.75
CA LEU N 236 -26.51 55.80 2.39
C LEU N 236 -25.72 54.64 1.72
N LYS N 237 -24.74 54.07 2.41
CA LYS N 237 -24.07 52.87 1.90
C LYS N 237 -23.54 53.11 0.48
N LYS N 238 -22.99 54.27 0.22
CA LYS N 238 -22.35 54.44 -1.09
C LYS N 238 -21.28 55.52 -0.96
N ASN N 239 -20.47 55.69 -2.00
CA ASN N 239 -19.58 56.84 -2.13
C ASN N 239 -20.21 57.93 -2.96
N VAL N 240 -19.96 59.19 -2.61
CA VAL N 240 -20.47 60.30 -3.40
C VAL N 240 -19.68 60.42 -4.69
N ASP N 241 -20.24 61.07 -5.68
CA ASP N 241 -19.49 61.37 -6.89
C ASP N 241 -19.46 62.87 -7.17
N ILE N 242 -18.70 63.24 -8.21
CA ILE N 242 -18.53 64.64 -8.56
C ILE N 242 -19.83 65.41 -8.92
N MET N 243 -20.79 64.69 -9.51
CA MET N 243 -22.10 65.27 -9.80
C MET N 243 -22.86 65.62 -8.56
N GLU N 244 -22.87 64.75 -7.56
CA GLU N 244 -23.52 65.10 -6.30
C GLU N 244 -22.89 66.33 -5.64
N VAL N 245 -21.57 66.44 -5.74
CA VAL N 245 -20.90 67.57 -5.20
C VAL N 245 -21.23 68.80 -6.06
N GLY N 246 -20.92 68.70 -7.37
CA GLY N 246 -21.19 69.76 -8.32
C GLY N 246 -22.59 70.36 -8.24
N ASN N 247 -23.60 69.49 -8.28
CA ASN N 247 -24.95 69.97 -8.10
C ASN N 247 -25.12 70.78 -6.85
N THR N 248 -24.55 70.31 -5.73
CA THR N 248 -24.65 71.12 -4.52
C THR N 248 -23.92 72.48 -4.60
N VAL N 249 -22.75 72.50 -5.25
CA VAL N 249 -22.04 73.74 -5.44
C VAL N 249 -22.89 74.65 -6.34
N ALA N 250 -23.37 74.11 -7.46
CA ALA N 250 -24.28 74.86 -8.32
C ALA N 250 -25.45 75.48 -7.55
N PHE N 251 -26.10 74.70 -6.70
CA PHE N 251 -27.20 75.26 -5.95
C PHE N 251 -26.76 76.40 -5.09
N LEU N 252 -25.59 76.27 -4.45
CA LEU N 252 -25.12 77.28 -3.50
C LEU N 252 -24.65 78.55 -4.19
N CYS N 253 -24.50 78.48 -5.51
CA CYS N 253 -24.39 79.70 -6.33
C CYS N 253 -25.68 80.23 -6.98
N SER N 254 -26.85 79.82 -6.54
CA SER N 254 -28.11 80.24 -7.18
C SER N 254 -28.95 81.19 -6.31
N ASP N 255 -29.97 81.81 -6.91
CA ASP N 255 -30.89 82.73 -6.20
C ASP N 255 -31.74 81.99 -5.19
N MET N 256 -31.75 80.67 -5.30
CA MET N 256 -32.57 79.86 -4.41
C MET N 256 -31.90 79.77 -3.05
N ALA N 257 -30.58 79.94 -3.04
CA ALA N 257 -29.80 79.77 -1.82
C ALA N 257 -29.47 81.09 -1.10
N THR N 258 -30.17 82.16 -1.46
CA THR N 258 -29.82 83.47 -0.93
C THR N 258 -30.05 83.64 0.53
N GLY N 259 -30.66 82.67 1.20
CA GLY N 259 -30.76 82.69 2.67
C GLY N 259 -29.64 81.94 3.43
N ILE N 260 -28.68 81.42 2.67
CA ILE N 260 -27.62 80.56 3.23
C ILE N 260 -26.25 81.19 3.11
N THR N 261 -25.63 81.42 4.27
CA THR N 261 -24.23 81.91 4.27
C THR N 261 -23.46 81.44 5.52
N GLY N 262 -22.17 81.30 5.33
CA GLY N 262 -21.29 80.80 6.39
C GLY N 262 -21.63 79.38 6.76
N GLU N 263 -22.06 78.61 5.77
CA GLU N 263 -22.53 77.29 6.04
C GLU N 263 -21.64 76.26 5.41
N VAL N 264 -21.49 75.14 6.10
CA VAL N 264 -20.80 73.97 5.57
C VAL N 264 -21.87 72.95 5.26
N VAL N 265 -21.94 72.57 4.00
CA VAL N 265 -22.90 71.52 3.65
C VAL N 265 -22.17 70.21 3.38
N HIS N 266 -22.42 69.18 4.17
CA HIS N 266 -21.74 67.89 3.95
C HIS N 266 -22.38 67.13 2.83
N VAL N 267 -21.60 66.91 1.78
CA VAL N 267 -22.03 66.03 0.71
C VAL N 267 -21.18 64.72 0.77
N ASP N 268 -21.59 63.80 1.62
CA ASP N 268 -20.71 62.73 2.00
C ASP N 268 -21.51 61.45 2.33
N ALA N 269 -22.68 61.28 1.68
CA ALA N 269 -23.57 60.12 1.90
C ALA N 269 -23.95 59.87 3.37
N GLY N 270 -23.84 60.93 4.16
CA GLY N 270 -24.24 60.89 5.57
C GLY N 270 -23.14 60.53 6.56
N TYR N 271 -21.90 60.43 6.07
CA TYR N 271 -20.74 60.09 6.92
C TYR N 271 -20.65 60.94 8.17
N HIS N 272 -20.82 62.25 8.05
CA HIS N 272 -20.60 63.14 9.16
C HIS N 272 -21.49 62.89 10.34
N CYS N 273 -22.65 62.24 10.15
CA CYS N 273 -23.61 62.17 11.28
C CYS N 273 -23.64 60.86 12.09
N VAL N 274 -22.81 59.88 11.71
CA VAL N 274 -22.76 58.60 12.39
C VAL N 274 -21.50 58.43 13.23
N SER N 275 -21.59 57.61 14.26
CA SER N 275 -20.37 57.21 14.93
C SER N 275 -20.41 55.67 15.15
N MET N 276 -19.26 55.00 14.99
CA MET N 276 -19.16 53.54 15.24
C MET N 276 -20.18 52.75 14.43
N GLY N 277 -19.89 52.30 13.23
CA GLY N 277 -20.98 51.51 12.58
C GLY N 277 -21.43 50.34 13.46
N ASN N 278 -22.17 49.39 12.93
CA ASN N 278 -22.11 48.10 13.66
C ASN N 278 -21.35 46.96 12.90
N VAL N 279 -20.64 47.38 11.88
CA VAL N 279 -19.51 46.65 11.42
C VAL N 279 -18.24 47.37 11.98
N LEU N 280 -17.92 47.09 13.24
CA LEU N 280 -16.67 47.47 13.83
C LEU N 280 -15.54 46.80 13.03
N GLY O 22 -38.50 71.12 -14.69
CA GLY O 22 -38.45 71.35 -13.22
C GLY O 22 -37.69 70.23 -12.49
N PHE O 23 -36.92 70.55 -11.44
CA PHE O 23 -36.08 69.53 -10.78
C PHE O 23 -36.82 68.62 -9.81
N LEU O 24 -38.13 68.82 -9.64
CA LEU O 24 -38.96 67.88 -8.90
C LEU O 24 -40.08 67.25 -9.76
N ALA O 25 -39.92 67.35 -11.08
CA ALA O 25 -40.91 66.82 -12.03
C ALA O 25 -41.22 65.36 -11.77
N GLY O 26 -42.49 65.08 -11.53
CA GLY O 26 -42.96 63.72 -11.35
C GLY O 26 -43.01 63.32 -9.89
N LYS O 27 -42.13 63.90 -9.07
CA LYS O 27 -41.98 63.44 -7.68
C LYS O 27 -43.24 63.69 -6.88
N LYS O 28 -43.58 62.75 -6.01
CA LYS O 28 -44.81 62.80 -5.27
C LYS O 28 -44.46 63.10 -3.82
N ILE O 29 -44.84 64.28 -3.37
CA ILE O 29 -44.38 64.78 -2.09
C ILE O 29 -45.54 65.11 -1.18
N LEU O 30 -45.52 64.58 0.05
CA LEU O 30 -46.47 64.94 1.07
C LEU O 30 -45.95 66.15 1.88
N ILE O 31 -46.77 67.18 2.07
CA ILE O 31 -46.41 68.37 2.89
C ILE O 31 -47.35 68.50 4.05
N THR O 32 -46.79 68.46 5.26
CA THR O 32 -47.54 68.71 6.48
C THR O 32 -47.45 70.19 6.92
N GLY O 33 -48.33 70.59 7.83
CA GLY O 33 -48.27 71.92 8.45
C GLY O 33 -48.53 73.19 7.64
N LEU O 34 -49.22 73.08 6.51
CA LEU O 34 -49.69 74.28 5.81
C LEU O 34 -50.90 74.81 6.60
N LEU O 35 -50.85 76.10 6.98
CA LEU O 35 -51.89 76.65 7.88
C LEU O 35 -52.40 78.03 7.52
N SER O 36 -51.52 78.86 6.97
CA SER O 36 -51.90 80.18 6.46
C SER O 36 -50.98 80.35 5.30
N ASN O 37 -51.09 81.43 4.54
CA ASN O 37 -50.17 81.67 3.43
C ASN O 37 -48.88 82.32 3.91
N LYS O 38 -48.76 82.38 5.24
CA LYS O 38 -47.53 82.81 5.92
C LYS O 38 -46.69 81.62 6.31
N SER O 39 -47.34 80.48 6.52
CA SER O 39 -46.69 79.21 6.88
C SER O 39 -45.43 78.95 6.05
N ILE O 40 -44.45 78.33 6.68
CA ILE O 40 -43.22 77.93 5.96
C ILE O 40 -43.63 76.83 4.94
N ALA O 41 -44.56 75.95 5.38
CA ALA O 41 -45.18 74.95 4.50
C ALA O 41 -45.71 75.50 3.16
N TYR O 42 -46.27 76.73 3.21
CA TYR O 42 -46.73 77.43 2.02
C TYR O 42 -45.58 77.75 1.08
N GLY O 43 -44.47 78.25 1.63
CA GLY O 43 -43.35 78.60 0.80
C GLY O 43 -42.79 77.31 0.23
N ILE O 44 -42.81 76.26 1.02
CA ILE O 44 -42.28 75.00 0.53
C ILE O 44 -43.15 74.57 -0.64
N ALA O 45 -44.47 74.64 -0.44
CA ALA O 45 -45.45 74.27 -1.48
C ALA O 45 -45.23 75.07 -2.77
N LYS O 46 -45.16 76.39 -2.65
CA LYS O 46 -44.92 77.23 -3.81
C LYS O 46 -43.75 76.73 -4.59
N ALA O 47 -42.66 76.44 -3.87
CA ALA O 47 -41.35 76.12 -4.49
C ALA O 47 -41.35 74.76 -5.20
N MET O 48 -42.01 73.76 -4.58
CA MET O 48 -42.12 72.45 -5.20
C MET O 48 -43.13 72.41 -6.36
N HIS O 49 -44.21 73.18 -6.26
CA HIS O 49 -45.15 73.24 -7.36
C HIS O 49 -44.48 73.85 -8.54
N ARG O 50 -43.81 74.97 -8.33
CA ARG O 50 -42.98 75.56 -9.38
C ARG O 50 -42.02 74.54 -9.99
N GLU O 51 -41.60 73.55 -9.22
CA GLU O 51 -40.58 72.60 -9.71
C GLU O 51 -41.13 71.30 -10.28
N GLY O 52 -42.46 71.23 -10.33
CA GLY O 52 -43.18 70.16 -11.04
C GLY O 52 -43.62 69.02 -10.14
N ALA O 53 -43.51 69.18 -8.83
CA ALA O 53 -43.87 68.12 -7.94
C ALA O 53 -45.40 67.90 -7.96
N GLU O 54 -45.86 66.68 -7.71
CA GLU O 54 -47.24 66.48 -7.32
C GLU O 54 -47.36 66.45 -5.84
N LEU O 55 -48.26 67.26 -5.32
CA LEU O 55 -48.35 67.53 -3.90
C LEU O 55 -49.58 66.96 -3.20
N ALA O 56 -49.42 66.66 -1.93
CA ALA O 56 -50.52 66.27 -1.12
C ALA O 56 -50.28 66.95 0.22
N PHE O 57 -51.34 67.21 0.98
CA PHE O 57 -51.26 68.00 2.19
C PHE O 57 -52.05 67.39 3.30
N THR O 58 -51.58 67.62 4.52
CA THR O 58 -52.34 67.29 5.73
C THR O 58 -52.87 68.56 6.46
N TYR O 59 -53.83 68.32 7.36
CA TYR O 59 -54.40 69.37 8.20
C TYR O 59 -54.85 68.75 9.53
N VAL O 60 -54.98 69.60 10.55
CA VAL O 60 -55.45 69.14 11.85
C VAL O 60 -56.95 69.40 11.97
N GLY O 61 -57.69 68.41 12.48
CA GLY O 61 -59.17 68.39 12.53
C GLY O 61 -59.94 69.61 12.05
N GLN O 62 -59.95 70.66 12.87
CA GLN O 62 -60.71 71.91 12.65
C GLN O 62 -60.47 72.67 11.33
N PHE O 63 -59.24 72.63 10.82
CA PHE O 63 -58.84 73.53 9.71
C PHE O 63 -59.02 72.97 8.30
N LYS O 64 -59.79 71.90 8.19
CA LYS O 64 -60.11 71.28 6.90
C LYS O 64 -60.37 72.31 5.78
N ASP O 65 -61.37 73.17 5.99
CA ASP O 65 -61.80 74.14 4.97
C ASP O 65 -60.74 75.17 4.66
N ARG O 66 -60.12 75.70 5.72
CA ARG O 66 -59.03 76.66 5.62
C ARG O 66 -57.98 76.13 4.65
N VAL O 67 -57.58 74.89 4.92
CA VAL O 67 -56.46 74.30 4.24
C VAL O 67 -56.79 73.96 2.79
N GLU O 68 -57.95 73.35 2.58
CA GLU O 68 -58.39 72.98 1.23
C GLU O 68 -58.37 74.18 0.31
N LYS O 69 -58.88 75.30 0.83
CA LYS O 69 -58.97 76.58 0.10
C LYS O 69 -57.58 77.05 -0.26
N LEU O 70 -56.73 77.01 0.76
CA LEU O 70 -55.38 77.52 0.68
C LEU O 70 -54.51 76.81 -0.35
N CYS O 71 -54.55 75.47 -0.33
CA CYS O 71 -53.65 74.71 -1.18
C CYS O 71 -54.28 74.24 -2.48
N ALA O 72 -55.51 74.66 -2.75
CA ALA O 72 -56.17 74.34 -4.01
C ALA O 72 -55.33 74.78 -5.19
N GLU O 73 -54.65 75.90 -5.04
CA GLU O 73 -53.82 76.44 -6.13
C GLU O 73 -52.67 75.52 -6.55
N PHE O 74 -52.35 74.54 -5.70
CA PHE O 74 -51.22 73.63 -5.99
C PHE O 74 -51.66 72.31 -6.67
N ASN O 75 -52.97 72.21 -6.93
CA ASN O 75 -53.59 71.08 -7.59
C ASN O 75 -53.28 69.78 -6.85
N PRO O 76 -53.63 69.73 -5.56
CA PRO O 76 -53.21 68.65 -4.73
C PRO O 76 -53.85 67.33 -5.08
N ALA O 77 -53.05 66.27 -5.09
CA ALA O 77 -53.59 64.93 -5.30
C ALA O 77 -54.45 64.43 -4.15
N ALA O 78 -54.33 65.06 -2.99
CA ALA O 78 -55.05 64.60 -1.80
C ALA O 78 -54.88 65.64 -0.73
N VAL O 79 -55.88 65.79 0.12
CA VAL O 79 -55.81 66.73 1.24
C VAL O 79 -56.45 66.03 2.41
N LEU O 80 -55.62 65.54 3.35
CA LEU O 80 -56.08 64.52 4.29
C LEU O 80 -55.86 64.88 5.77
N PRO O 81 -56.72 64.39 6.67
CA PRO O 81 -56.56 64.72 8.10
C PRO O 81 -55.39 64.00 8.73
N CYS O 82 -54.55 64.73 9.46
CA CYS O 82 -53.50 64.10 10.23
C CYS O 82 -53.07 64.95 11.42
N ASP O 83 -53.57 64.55 12.56
CA ASP O 83 -53.16 65.06 13.83
C ASP O 83 -52.11 64.09 14.40
N VAL O 84 -50.85 64.52 14.39
CA VAL O 84 -49.74 63.65 14.78
C VAL O 84 -49.75 63.20 16.25
N ILE O 85 -50.75 63.63 17.01
CA ILE O 85 -50.95 63.14 18.34
C ILE O 85 -51.44 61.69 18.29
N SER O 86 -51.97 61.30 17.12
CA SER O 86 -52.69 60.02 16.98
C SER O 86 -52.00 59.04 16.05
N ASP O 87 -51.62 57.89 16.60
CA ASP O 87 -50.95 56.85 15.78
C ASP O 87 -51.83 56.35 14.67
N GLN O 88 -53.11 56.18 14.99
CA GLN O 88 -54.12 55.75 14.04
C GLN O 88 -54.22 56.70 12.83
N GLU O 89 -54.34 57.98 13.07
CA GLU O 89 -54.48 58.92 11.99
C GLU O 89 -53.29 58.88 11.07
N ILE O 90 -52.12 58.62 11.66
CA ILE O 90 -50.86 58.62 10.89
C ILE O 90 -50.84 57.40 10.00
N LYS O 91 -51.25 56.29 10.60
CA LYS O 91 -51.43 55.08 9.86
C LYS O 91 -52.41 55.28 8.67
N ASP O 92 -53.57 55.91 8.93
CA ASP O 92 -54.63 56.07 7.92
C ASP O 92 -54.24 57.06 6.86
N LEU O 93 -53.31 57.94 7.19
CA LEU O 93 -52.86 58.94 6.24
C LEU O 93 -52.13 58.18 5.16
N PHE O 94 -51.40 57.13 5.53
CA PHE O 94 -50.66 56.41 4.48
C PHE O 94 -51.44 55.37 3.71
N VAL O 95 -52.45 54.79 4.37
CA VAL O 95 -53.43 53.96 3.70
C VAL O 95 -54.11 54.75 2.58
N GLU O 96 -54.61 55.95 2.92
CA GLU O 96 -55.39 56.77 1.99
C GLU O 96 -54.54 57.30 0.87
N LEU O 97 -53.36 57.75 1.23
CA LEU O 97 -52.41 58.24 0.26
C LEU O 97 -51.95 57.12 -0.69
N GLY O 98 -51.79 55.91 -0.14
CA GLY O 98 -51.49 54.71 -0.95
C GLY O 98 -52.55 54.34 -1.98
N LYS O 99 -53.81 54.76 -1.76
CA LYS O 99 -54.87 54.57 -2.73
C LYS O 99 -54.68 55.51 -3.94
N VAL O 100 -54.05 56.65 -3.73
CA VAL O 100 -53.89 57.63 -4.80
C VAL O 100 -52.55 57.46 -5.50
N TRP O 101 -51.52 57.04 -4.75
CA TRP O 101 -50.12 56.97 -5.29
C TRP O 101 -49.50 55.63 -5.08
N ASP O 102 -48.63 55.25 -5.99
CA ASP O 102 -47.95 53.97 -5.82
C ASP O 102 -46.79 54.02 -4.86
N GLY O 103 -45.87 54.93 -5.11
CA GLY O 103 -44.84 55.22 -4.12
C GLY O 103 -44.96 56.65 -3.64
N LEU O 104 -44.15 57.02 -2.67
CA LEU O 104 -44.06 58.36 -2.13
C LEU O 104 -42.60 58.78 -2.29
N ASP O 105 -42.38 60.00 -2.79
CA ASP O 105 -40.98 60.48 -2.95
C ASP O 105 -40.37 61.29 -1.75
N ALA O 106 -41.22 61.99 -0.99
CA ALA O 106 -40.75 62.82 0.08
C ALA O 106 -41.84 63.13 1.08
N ILE O 107 -41.44 63.23 2.35
CA ILE O 107 -42.27 63.79 3.41
C ILE O 107 -41.59 65.05 3.90
N VAL O 108 -42.33 66.16 3.93
CA VAL O 108 -41.89 67.42 4.51
C VAL O 108 -42.61 67.58 5.87
N HIS O 109 -41.84 67.51 6.95
CA HIS O 109 -42.31 67.71 8.32
C HIS O 109 -42.08 69.16 8.68
N SER O 110 -43.17 69.86 9.00
CA SER O 110 -43.14 71.30 9.26
C SER O 110 -44.26 71.55 10.24
N ILE O 111 -44.16 70.87 11.38
CA ILE O 111 -45.09 71.02 12.46
C ILE O 111 -44.34 71.05 13.78
N ALA O 112 -44.79 71.93 14.67
CA ALA O 112 -44.31 72.03 16.03
C ALA O 112 -45.47 72.44 16.91
N PHE O 113 -45.38 72.14 18.19
CA PHE O 113 -46.26 72.72 19.17
C PHE O 113 -45.67 72.52 20.57
N ALA O 114 -45.85 73.53 21.43
CA ALA O 114 -45.75 73.34 22.88
C ALA O 114 -46.87 74.17 23.50
N PRO O 115 -47.41 73.75 24.68
CA PRO O 115 -48.38 74.60 25.37
C PRO O 115 -47.86 76.04 25.59
N ARG O 116 -48.74 77.03 25.54
CA ARG O 116 -48.41 78.47 25.69
C ARG O 116 -47.44 78.70 26.86
N ASP O 117 -47.75 78.07 28.00
CA ASP O 117 -46.97 78.25 29.26
C ASP O 117 -45.48 77.82 29.22
N GLN O 118 -45.11 77.06 28.20
CA GLN O 118 -43.76 76.54 28.07
C GLN O 118 -42.89 77.53 27.36
N LEU O 119 -43.46 78.65 26.93
CA LEU O 119 -42.82 79.46 25.90
C LEU O 119 -42.45 80.92 26.19
N GLU O 120 -42.47 81.33 27.44
CA GLU O 120 -41.83 82.61 27.78
C GLU O 120 -41.44 82.64 29.26
N GLY O 121 -40.60 83.62 29.60
CA GLY O 121 -40.05 83.68 30.94
C GLY O 121 -38.94 82.66 31.15
N ASN O 122 -38.69 82.36 32.42
CA ASN O 122 -37.57 81.56 32.83
C ASN O 122 -37.80 80.07 32.58
N PHE O 123 -36.91 79.44 31.82
CA PHE O 123 -37.03 78.03 31.47
C PHE O 123 -37.44 77.16 32.65
N ILE O 124 -36.76 77.30 33.78
CA ILE O 124 -36.99 76.39 34.93
C ILE O 124 -38.30 76.66 35.67
N ASP O 125 -38.70 77.94 35.71
CA ASP O 125 -40.00 78.31 36.29
C ASP O 125 -41.13 77.69 35.50
N CYS O 126 -41.00 77.76 34.17
CA CYS O 126 -42.07 77.43 33.25
C CYS O 126 -42.19 75.97 32.86
N VAL O 127 -41.06 75.29 32.65
CA VAL O 127 -41.08 73.88 32.22
C VAL O 127 -41.96 73.02 33.14
N THR O 128 -42.83 72.21 32.55
CA THR O 128 -43.57 71.21 33.36
C THR O 128 -43.44 69.83 32.75
N ARG O 129 -43.70 68.80 33.54
CA ARG O 129 -43.57 67.43 33.04
C ARG O 129 -44.42 67.16 31.77
N GLU O 130 -45.69 67.57 31.81
CA GLU O 130 -46.61 67.32 30.72
C GLU O 130 -46.33 68.23 29.54
N GLY O 131 -45.88 69.45 29.80
CA GLY O 131 -45.60 70.39 28.71
C GLY O 131 -44.35 70.02 27.94
N PHE O 132 -43.39 69.45 28.68
CA PHE O 132 -42.16 68.90 28.13
C PHE O 132 -42.55 67.71 27.23
N SER O 133 -43.38 66.83 27.77
CA SER O 133 -43.87 65.64 27.07
C SER O 133 -44.61 65.93 25.76
N ILE O 134 -45.54 66.87 25.80
CA ILE O 134 -46.32 67.26 24.65
C ILE O 134 -45.43 67.86 23.59
N ALA O 135 -44.57 68.80 23.97
CA ALA O 135 -43.72 69.44 22.99
C ALA O 135 -42.91 68.40 22.21
N HIS O 136 -42.38 67.41 22.92
CA HIS O 136 -41.55 66.34 22.29
C HIS O 136 -42.36 65.40 21.44
N ASP O 137 -43.50 64.98 21.97
CA ASP O 137 -44.45 64.15 21.26
C ASP O 137 -44.80 64.69 19.89
N ILE O 138 -45.03 66.00 19.76
CA ILE O 138 -45.60 66.59 18.54
C ILE O 138 -44.50 67.21 17.68
N SER O 139 -43.47 67.70 18.34
CA SER O 139 -42.40 68.40 17.63
C SER O 139 -41.28 67.49 17.18
N ALA O 140 -41.15 66.33 17.81
CA ALA O 140 -40.02 65.46 17.55
C ALA O 140 -40.44 64.01 17.24
N TYR O 141 -41.24 63.41 18.12
CA TYR O 141 -41.59 62.02 17.94
C TYR O 141 -42.32 61.84 16.60
N SER O 142 -43.08 62.86 16.27
CA SER O 142 -43.92 62.82 15.10
C SER O 142 -43.09 62.60 13.84
N PHE O 143 -41.85 63.09 13.84
CA PHE O 143 -41.03 62.94 12.67
C PHE O 143 -40.72 61.46 12.41
N ALA O 144 -40.33 60.77 13.46
CA ALA O 144 -40.07 59.35 13.37
C ALA O 144 -41.34 58.62 13.07
N ALA O 145 -42.47 59.13 13.53
CA ALA O 145 -43.70 58.38 13.35
C ALA O 145 -44.10 58.42 11.86
N LEU O 146 -43.95 59.59 11.24
CA LEU O 146 -44.14 59.71 9.80
C LEU O 146 -43.21 58.81 9.01
N ALA O 147 -41.98 58.67 9.47
CA ALA O 147 -41.00 57.83 8.81
C ALA O 147 -41.44 56.36 8.94
N LYS O 148 -41.91 56.01 10.11
CA LYS O 148 -42.20 54.66 10.46
C LYS O 148 -43.31 54.17 9.53
N GLU O 149 -44.31 55.03 9.29
CA GLU O 149 -45.49 54.64 8.50
C GLU O 149 -45.33 54.93 7.02
N GLY O 150 -44.44 55.83 6.65
CA GLY O 150 -44.25 56.17 5.23
C GLY O 150 -43.17 55.35 4.58
N ARG O 151 -42.40 54.67 5.41
CA ARG O 151 -41.22 53.89 5.01
C ARG O 151 -41.47 53.00 3.78
N SER O 152 -42.50 52.16 3.86
CA SER O 152 -42.72 51.23 2.77
C SER O 152 -43.13 51.91 1.44
N MET O 153 -43.77 53.08 1.46
CA MET O 153 -44.09 53.74 0.20
C MET O 153 -42.85 54.42 -0.40
N MET O 154 -41.78 54.51 0.44
CA MET O 154 -40.60 55.31 0.15
C MET O 154 -39.39 54.48 -0.25
N LYS O 155 -39.40 53.20 0.08
CA LYS O 155 -38.35 52.25 -0.35
C LYS O 155 -37.82 52.47 -1.78
N ASN O 156 -36.51 52.56 -1.91
CA ASN O 156 -35.79 52.44 -3.16
C ASN O 156 -36.24 53.26 -4.33
N ARG O 157 -36.42 54.55 -4.10
CA ARG O 157 -36.69 55.48 -5.21
C ARG O 157 -36.03 56.83 -5.00
N ASN O 158 -34.86 56.86 -4.32
CA ASN O 158 -34.23 58.10 -3.87
C ASN O 158 -35.18 59.03 -3.18
N ALA O 159 -35.86 58.53 -2.17
CA ALA O 159 -36.80 59.30 -1.45
C ALA O 159 -36.07 60.28 -0.46
N SER O 160 -36.89 61.17 0.14
CA SER O 160 -36.41 62.21 1.01
C SER O 160 -37.36 62.48 2.19
N MET O 161 -36.75 62.88 3.30
CA MET O 161 -37.48 63.53 4.37
C MET O 161 -36.74 64.83 4.72
N VAL O 162 -37.52 65.84 5.10
CA VAL O 162 -37.01 67.12 5.55
C VAL O 162 -37.85 67.60 6.69
N ALA O 163 -37.20 67.85 7.83
CA ALA O 163 -37.88 68.47 8.98
C ALA O 163 -37.45 69.95 9.09
N LEU O 164 -38.29 70.78 9.69
CA LEU O 164 -37.95 72.19 9.94
C LEU O 164 -37.53 72.35 11.36
N THR O 165 -36.40 73.00 11.55
CA THR O 165 -35.86 73.18 12.89
C THR O 165 -35.40 74.64 13.12
N TYR O 166 -34.99 74.93 14.37
CA TYR O 166 -34.54 76.27 14.74
C TYR O 166 -33.29 76.20 15.62
N ILE O 167 -32.41 77.19 15.49
CA ILE O 167 -31.14 77.25 16.23
C ILE O 167 -31.26 77.17 17.75
N GLY O 168 -32.47 77.31 18.28
CA GLY O 168 -32.72 77.16 19.71
C GLY O 168 -32.48 75.75 20.18
N ALA O 169 -32.33 74.85 19.20
CA ALA O 169 -31.91 73.46 19.44
C ALA O 169 -30.44 73.42 19.87
N GLU O 170 -29.59 74.18 19.18
CA GLU O 170 -28.16 74.26 19.47
C GLU O 170 -27.79 75.12 20.70
N LYS O 171 -28.46 76.26 20.87
CA LYS O 171 -28.12 77.26 21.88
C LYS O 171 -29.30 77.52 22.82
N ALA O 172 -29.04 77.90 24.07
CA ALA O 172 -30.11 78.40 24.94
C ALA O 172 -30.44 79.83 24.54
N MET O 173 -31.72 80.06 24.29
CA MET O 173 -32.22 81.38 23.90
C MET O 173 -33.28 81.80 24.90
N PRO O 174 -33.50 83.13 25.02
CA PRO O 174 -34.63 83.49 25.88
C PRO O 174 -35.97 83.07 25.23
N SER O 175 -36.96 82.68 26.05
CA SER O 175 -38.32 82.34 25.58
C SER O 175 -38.52 80.94 24.95
N TYR O 176 -37.68 80.56 24.00
CA TYR O 176 -37.88 79.33 23.23
C TYR O 176 -38.04 78.11 24.11
N ASN O 177 -37.32 78.12 25.23
CA ASN O 177 -37.46 77.16 26.32
C ASN O 177 -37.68 75.71 25.90
N THR O 178 -38.79 75.14 26.35
CA THR O 178 -39.16 73.81 26.01
C THR O 178 -39.15 73.52 24.50
N MET O 179 -39.40 74.51 23.65
CA MET O 179 -39.30 74.20 22.24
C MET O 179 -37.86 73.98 21.80
N GLY O 180 -36.94 74.64 22.49
CA GLY O 180 -35.51 74.49 22.18
C GLY O 180 -35.06 73.07 22.44
N VAL O 181 -35.49 72.54 23.59
CA VAL O 181 -35.23 71.17 23.99
C VAL O 181 -35.85 70.17 23.01
N ALA O 182 -37.12 70.38 22.67
CA ALA O 182 -37.78 69.57 21.67
C ALA O 182 -37.09 69.66 20.31
N LYS O 183 -36.70 70.83 19.91
CA LYS O 183 -35.99 70.93 18.63
C LYS O 183 -34.69 70.10 18.63
N ALA O 184 -34.02 70.04 19.77
CA ALA O 184 -32.80 69.26 19.89
C ALA O 184 -33.10 67.77 19.69
N SER O 185 -34.18 67.34 20.34
CA SER O 185 -34.74 66.01 20.16
C SER O 185 -35.03 65.73 18.69
N LEU O 186 -35.65 66.73 18.03
CA LEU O 186 -36.00 66.61 16.61
C LEU O 186 -34.77 66.34 15.78
N GLU O 187 -33.75 67.17 15.96
CA GLU O 187 -32.47 67.04 15.21
C GLU O 187 -31.77 65.67 15.39
N ALA O 188 -31.91 65.07 16.59
CA ALA O 188 -31.31 63.79 16.89
C ALA O 188 -32.14 62.76 16.21
N THR O 189 -33.47 62.88 16.33
CA THR O 189 -34.39 62.03 15.55
C THR O 189 -34.10 62.09 14.04
N VAL O 190 -33.92 63.24 13.48
CA VAL O 190 -33.46 63.31 12.07
C VAL O 190 -32.21 62.44 11.76
N ARG O 191 -31.23 62.42 12.69
CA ARG O 191 -29.95 61.75 12.45
C ARG O 191 -30.14 60.24 12.53
N TYR O 192 -30.81 59.77 13.57
CA TYR O 192 -31.13 58.36 13.76
C TYR O 192 -32.13 57.87 12.75
N THR O 193 -32.98 58.77 12.28
CA THR O 193 -33.82 58.42 11.15
C THR O 193 -32.98 58.24 9.89
N ALA O 194 -31.98 59.11 9.70
CA ALA O 194 -31.14 59.00 8.49
C ALA O 194 -30.38 57.67 8.50
N LEU O 195 -29.93 57.28 9.68
CA LEU O 195 -29.13 56.11 9.77
C LEU O 195 -30.03 54.92 9.52
N ALA O 196 -31.24 54.95 10.11
CA ALA O 196 -32.17 53.85 10.00
C ALA O 196 -32.79 53.68 8.60
N LEU O 197 -32.98 54.78 7.86
CA LEU O 197 -33.66 54.68 6.55
C LEU O 197 -32.75 54.66 5.33
N GLY O 198 -31.49 54.89 5.52
CA GLY O 198 -30.60 55.04 4.36
C GLY O 198 -30.25 53.77 3.60
N GLU O 199 -30.46 52.63 4.23
CA GLU O 199 -30.32 51.36 3.54
C GLU O 199 -31.45 51.25 2.49
N ASP O 200 -32.54 52.03 2.66
CA ASP O 200 -33.66 52.09 1.68
C ASP O 200 -33.50 53.20 0.68
N GLY O 201 -32.32 53.78 0.59
CA GLY O 201 -32.09 54.92 -0.31
C GLY O 201 -32.78 56.22 0.15
N ILE O 202 -33.28 56.31 1.40
CA ILE O 202 -34.07 57.48 1.79
C ILE O 202 -33.18 58.48 2.49
N LYS O 203 -33.13 59.71 1.97
CA LYS O 203 -32.33 60.75 2.63
C LYS O 203 -33.15 61.54 3.62
N VAL O 204 -32.55 61.91 4.74
CA VAL O 204 -33.24 62.59 5.81
C VAL O 204 -32.38 63.75 6.33
N ASN O 205 -32.99 64.94 6.33
CA ASN O 205 -32.27 66.18 6.59
C ASN O 205 -33.18 67.17 7.28
N ALA O 206 -32.60 68.29 7.72
CA ALA O 206 -33.36 69.35 8.36
C ALA O 206 -32.88 70.69 7.89
N VAL O 207 -33.82 71.61 7.81
CA VAL O 207 -33.51 73.01 7.46
C VAL O 207 -33.78 73.78 8.71
N SER O 208 -32.77 74.53 9.12
CA SER O 208 -32.85 75.32 10.34
C SER O 208 -33.17 76.75 9.92
N ALA O 209 -34.40 77.16 10.05
CA ALA O 209 -34.79 78.44 9.48
C ALA O 209 -34.49 79.54 10.46
N GLY O 210 -34.05 80.69 9.93
CA GLY O 210 -34.10 81.96 10.69
C GLY O 210 -35.56 82.28 11.07
N PRO O 211 -35.78 83.19 12.02
CA PRO O 211 -37.17 83.49 12.40
C PRO O 211 -37.94 84.19 11.27
N ILE O 212 -39.23 83.87 11.15
CA ILE O 212 -40.14 84.38 10.10
C ILE O 212 -41.51 84.60 10.74
N LYS O 213 -42.18 85.72 10.41
CA LYS O 213 -43.48 86.04 11.05
C LYS O 213 -44.61 85.15 10.51
N THR O 214 -44.99 84.13 11.29
CA THR O 214 -45.98 83.13 10.86
C THR O 214 -46.94 82.98 12.00
N LEU O 215 -47.93 82.12 11.86
CA LEU O 215 -48.91 81.94 12.92
C LEU O 215 -48.32 81.40 14.22
N ALA O 216 -47.33 80.53 14.12
CA ALA O 216 -46.66 80.04 15.32
C ALA O 216 -45.93 81.20 16.00
N ALA O 217 -45.37 82.10 15.19
CA ALA O 217 -44.67 83.28 15.69
C ALA O 217 -45.52 84.28 16.47
N SER O 218 -46.81 84.30 16.21
CA SER O 218 -47.70 85.25 16.89
C SER O 218 -47.99 84.88 18.36
N GLY O 219 -47.55 83.71 18.81
CA GLY O 219 -47.59 83.38 20.25
C GLY O 219 -46.59 84.22 21.07
N ILE O 220 -45.48 84.61 20.42
CA ILE O 220 -44.30 85.24 21.08
C ILE O 220 -44.40 86.76 21.10
N SER O 221 -44.43 87.35 22.29
CA SER O 221 -44.90 88.73 22.40
C SER O 221 -43.96 89.80 21.84
N ASN O 222 -42.66 89.53 21.76
CA ASN O 222 -41.72 90.54 21.23
C ASN O 222 -41.05 90.18 19.91
N PHE O 223 -41.78 89.40 19.12
CA PHE O 223 -41.23 88.76 17.95
C PHE O 223 -40.60 89.73 16.97
N LYS O 224 -41.21 90.89 16.81
CA LYS O 224 -40.72 91.87 15.82
C LYS O 224 -39.27 92.25 16.11
N LYS O 225 -38.94 92.21 17.40
CA LYS O 225 -37.61 92.58 17.87
C LYS O 225 -36.59 91.48 17.58
N MET O 226 -36.99 90.23 17.85
CA MET O 226 -36.17 89.07 17.46
C MET O 226 -35.86 89.18 16.01
N LEU O 227 -36.87 89.47 15.19
CA LEU O 227 -36.66 89.66 13.77
C LEU O 227 -35.65 90.73 13.51
N ASP O 228 -35.80 91.84 14.23
CA ASP O 228 -34.96 93.01 13.97
C ASP O 228 -33.51 92.71 14.35
N TYR O 229 -33.36 92.07 15.50
CA TYR O 229 -32.05 91.66 15.96
C TYR O 229 -31.35 90.75 14.98
N ASN O 230 -32.08 89.74 14.50
CA ASN O 230 -31.53 88.84 13.50
C ASN O 230 -31.05 89.62 12.29
N ALA O 231 -31.85 90.54 11.81
CA ALA O 231 -31.50 91.27 10.58
C ALA O 231 -30.25 92.14 10.78
N MET O 232 -30.13 92.69 11.97
CA MET O 232 -28.98 93.52 12.29
C MET O 232 -27.70 92.73 12.43
N VAL O 233 -27.79 91.62 13.15
CA VAL O 233 -26.65 90.81 13.54
C VAL O 233 -26.12 89.85 12.46
N SER O 234 -27.01 89.35 11.61
CA SER O 234 -26.68 88.47 10.48
C SER O 234 -25.71 89.09 9.49
N PRO O 235 -24.85 88.25 8.88
CA PRO O 235 -23.94 88.74 7.85
C PRO O 235 -24.68 89.34 6.68
N LEU O 236 -25.83 88.80 6.32
CA LEU O 236 -26.52 89.30 5.13
C LEU O 236 -27.44 90.50 5.41
N LYS O 237 -27.54 90.87 6.69
CA LYS O 237 -28.27 92.08 7.05
C LYS O 237 -29.70 92.04 6.52
N LYS O 238 -30.40 90.92 6.73
CA LYS O 238 -31.80 90.81 6.30
C LYS O 238 -32.44 89.63 7.03
N ASN O 239 -33.77 89.56 6.97
CA ASN O 239 -34.49 88.41 7.48
C ASN O 239 -34.75 87.44 6.35
N VAL O 240 -34.82 86.15 6.65
CA VAL O 240 -35.14 85.18 5.58
C VAL O 240 -36.64 85.17 5.35
N ASP O 241 -37.04 84.78 4.14
CA ASP O 241 -38.46 84.57 3.87
C ASP O 241 -38.76 83.10 3.53
N ILE O 242 -40.05 82.80 3.45
CA ILE O 242 -40.55 81.45 3.16
C ILE O 242 -40.07 80.87 1.82
N MET O 243 -39.82 81.72 0.82
CA MET O 243 -39.22 81.27 -0.45
C MET O 243 -37.76 80.81 -0.37
N GLU O 244 -36.97 81.44 0.49
CA GLU O 244 -35.63 80.99 0.69
C GLU O 244 -35.61 79.64 1.40
N VAL O 245 -36.44 79.51 2.41
CA VAL O 245 -36.60 78.23 3.08
C VAL O 245 -37.18 77.17 2.13
N GLY O 246 -38.37 77.44 1.60
CA GLY O 246 -39.01 76.58 0.61
C GLY O 246 -38.12 76.08 -0.51
N ASN O 247 -37.39 76.97 -1.18
CA ASN O 247 -36.42 76.54 -2.20
C ASN O 247 -35.39 75.54 -1.69
N THR O 248 -34.94 75.75 -0.47
CA THR O 248 -33.98 74.88 0.15
C THR O 248 -34.56 73.51 0.42
N VAL O 249 -35.77 73.47 1.01
CA VAL O 249 -36.45 72.25 1.25
C VAL O 249 -36.66 71.53 -0.07
N ALA O 250 -37.14 72.24 -1.09
CA ALA O 250 -37.30 71.66 -2.43
C ALA O 250 -36.01 70.99 -2.90
N PHE O 251 -34.89 71.70 -2.81
CA PHE O 251 -33.62 71.13 -3.26
C PHE O 251 -33.27 69.83 -2.54
N LEU O 252 -33.48 69.81 -1.23
CA LEU O 252 -33.15 68.65 -0.45
C LEU O 252 -34.06 67.46 -0.74
N CYS O 253 -35.08 67.66 -1.56
CA CYS O 253 -35.96 66.60 -2.00
C CYS O 253 -35.69 66.26 -3.44
N SER O 254 -34.60 66.77 -4.00
CA SER O 254 -34.29 66.49 -5.38
C SER O 254 -33.21 65.44 -5.57
N ASP O 255 -33.03 64.99 -6.83
CA ASP O 255 -31.97 64.04 -7.20
C ASP O 255 -30.60 64.67 -7.16
N MET O 256 -30.56 65.99 -7.05
CA MET O 256 -29.27 66.71 -7.01
C MET O 256 -28.66 66.55 -5.62
N ALA O 257 -29.48 66.33 -4.61
CA ALA O 257 -29.03 66.31 -3.25
C ALA O 257 -28.76 64.90 -2.72
N THR O 258 -28.64 63.92 -3.61
CA THR O 258 -28.61 62.49 -3.14
C THR O 258 -27.37 62.16 -2.32
N GLY O 259 -26.40 63.05 -2.27
CA GLY O 259 -25.26 62.85 -1.42
C GLY O 259 -25.42 63.41 -0.01
N ILE O 260 -26.59 63.96 0.33
CA ILE O 260 -26.76 64.69 1.57
C ILE O 260 -27.75 63.98 2.50
N THR O 261 -27.32 63.61 3.70
CA THR O 261 -28.27 63.05 4.68
C THR O 261 -27.75 63.32 6.07
N GLY O 262 -28.64 63.21 7.05
CA GLY O 262 -28.35 63.56 8.44
C GLY O 262 -27.83 64.99 8.60
N GLU O 263 -28.14 65.83 7.64
CA GLU O 263 -27.63 67.19 7.67
C GLU O 263 -28.64 68.25 8.18
N VAL O 264 -28.13 69.26 8.91
CA VAL O 264 -28.89 70.51 9.18
C VAL O 264 -28.37 71.62 8.29
N VAL O 265 -29.22 72.14 7.40
CA VAL O 265 -28.87 73.32 6.61
C VAL O 265 -29.52 74.57 7.23
N HIS O 266 -28.69 75.53 7.64
CA HIS O 266 -29.20 76.79 8.21
C HIS O 266 -29.59 77.71 7.11
N VAL O 267 -30.86 78.10 7.10
CA VAL O 267 -31.32 79.09 6.13
C VAL O 267 -31.77 80.29 6.95
N ASP O 268 -30.81 81.19 7.23
CA ASP O 268 -30.97 82.12 8.34
C ASP O 268 -30.17 83.38 8.15
N ALA O 269 -29.83 83.65 6.89
CA ALA O 269 -29.06 84.82 6.51
C ALA O 269 -27.69 84.84 7.19
N GLY O 270 -27.26 83.69 7.72
CA GLY O 270 -25.91 83.56 8.27
C GLY O 270 -25.81 83.73 9.77
N TYR O 271 -26.96 83.91 10.42
CA TYR O 271 -27.03 84.12 11.86
C TYR O 271 -26.18 83.12 12.60
N HIS O 272 -26.26 81.83 12.23
CA HIS O 272 -25.65 80.74 12.98
C HIS O 272 -24.16 80.86 13.12
N CYS O 273 -23.50 81.59 12.22
CA CYS O 273 -22.07 81.57 12.14
C CYS O 273 -21.34 82.75 12.81
N VAL O 274 -22.07 83.58 13.52
CA VAL O 274 -21.55 84.84 14.00
C VAL O 274 -21.70 84.91 15.53
N SER O 275 -20.84 85.66 16.18
CA SER O 275 -21.07 85.86 17.60
C SER O 275 -20.77 87.33 17.90
N MET O 276 -21.58 87.95 18.73
CA MET O 276 -21.31 89.36 19.11
C MET O 276 -21.16 90.33 17.87
N GLY O 277 -22.24 90.73 17.18
CA GLY O 277 -22.17 91.51 15.90
C GLY O 277 -21.40 92.82 15.79
N GLY P 22 -9.37 69.36 51.08
CA GLY P 22 -10.07 68.81 49.88
C GLY P 22 -10.82 69.93 49.15
N PHE P 23 -10.91 69.87 47.81
CA PHE P 23 -11.50 70.97 47.06
C PHE P 23 -13.03 71.01 47.05
N LEU P 24 -13.67 70.05 47.73
CA LEU P 24 -15.12 70.11 47.97
C LEU P 24 -15.46 70.10 49.46
N ALA P 25 -14.52 70.59 50.27
CA ALA P 25 -14.67 70.55 51.75
C ALA P 25 -15.86 71.39 52.15
N GLY P 26 -16.75 70.80 52.95
CA GLY P 26 -17.93 71.51 53.42
C GLY P 26 -19.14 71.47 52.48
N LYS P 27 -18.89 71.34 51.18
CA LYS P 27 -19.98 71.38 50.20
C LYS P 27 -20.96 70.24 50.39
N LYS P 28 -22.26 70.57 50.27
CA LYS P 28 -23.34 69.59 50.46
C LYS P 28 -23.91 69.19 49.09
N ILE P 29 -23.72 67.92 48.72
CA ILE P 29 -23.99 67.49 47.37
C ILE P 29 -24.89 66.28 47.38
N LEU P 30 -25.93 66.35 46.56
CA LEU P 30 -26.87 65.26 46.36
C LEU P 30 -26.43 64.45 45.12
N ILE P 31 -26.33 63.13 45.31
CA ILE P 31 -26.02 62.17 44.23
C ILE P 31 -27.19 61.18 43.92
N THR P 32 -27.65 61.23 42.68
CA THR P 32 -28.70 60.32 42.22
C THR P 32 -28.04 59.15 41.49
N GLY P 33 -28.75 58.04 41.36
CA GLY P 33 -28.33 57.00 40.45
C GLY P 33 -27.24 56.05 40.91
N LEU P 34 -26.94 56.03 42.21
CA LEU P 34 -26.04 55.01 42.73
C LEU P 34 -26.78 53.69 42.82
N LEU P 35 -26.23 52.65 42.18
CA LEU P 35 -26.96 51.38 42.13
C LEU P 35 -26.13 50.12 42.43
N SER P 36 -24.88 50.14 41.97
CA SER P 36 -23.93 49.06 42.26
C SER P 36 -22.58 49.77 42.40
N ASN P 37 -21.54 49.04 42.79
CA ASN P 37 -20.21 49.66 42.87
C ASN P 37 -19.53 49.82 41.49
N LYS P 38 -20.27 49.49 40.43
CA LYS P 38 -19.83 49.76 39.06
C LYS P 38 -20.42 51.06 38.56
N SER P 39 -21.41 51.59 39.29
CA SER P 39 -22.18 52.74 38.83
C SER P 39 -21.25 53.90 38.58
N ILE P 40 -21.55 54.75 37.61
CA ILE P 40 -20.74 55.96 37.44
C ILE P 40 -20.88 56.81 38.71
N ALA P 41 -22.11 56.83 39.27
CA ALA P 41 -22.41 57.54 40.55
C ALA P 41 -21.47 57.13 41.68
N TYR P 42 -21.09 55.85 41.74
CA TYR P 42 -20.17 55.35 42.76
C TYR P 42 -18.80 56.03 42.60
N GLY P 43 -18.33 56.15 41.35
CA GLY P 43 -17.06 56.77 41.07
C GLY P 43 -17.16 58.23 41.47
N ILE P 44 -18.30 58.84 41.16
CA ILE P 44 -18.53 60.24 41.53
C ILE P 44 -18.51 60.38 43.06
N ALA P 45 -19.17 59.46 43.74
CA ALA P 45 -19.23 59.45 45.19
C ALA P 45 -17.82 59.33 45.77
N LYS P 46 -17.08 58.29 45.39
CA LYS P 46 -15.66 58.10 45.80
C LYS P 46 -14.85 59.39 45.65
N ALA P 47 -14.98 60.05 44.51
CA ALA P 47 -14.17 61.24 44.23
C ALA P 47 -14.53 62.44 45.13
N MET P 48 -15.83 62.61 45.38
CA MET P 48 -16.31 63.73 46.18
C MET P 48 -16.10 63.49 47.66
N HIS P 49 -16.19 62.24 48.10
CA HIS P 49 -15.90 61.91 49.50
C HIS P 49 -14.43 62.18 49.82
N ARG P 50 -13.55 61.63 49.00
CA ARG P 50 -12.12 61.97 48.98
C ARG P 50 -11.88 63.46 48.99
N GLU P 51 -12.75 64.28 48.41
CA GLU P 51 -12.46 65.73 48.41
C GLU P 51 -13.22 66.52 49.47
N GLY P 52 -13.87 65.78 50.38
CA GLY P 52 -14.40 66.32 51.62
C GLY P 52 -15.84 66.80 51.57
N ALA P 53 -16.55 66.42 50.50
CA ALA P 53 -17.94 66.74 50.38
C ALA P 53 -18.80 65.95 51.37
N GLU P 54 -19.90 66.57 51.80
CA GLU P 54 -20.92 65.83 52.54
C GLU P 54 -21.95 65.38 51.52
N LEU P 55 -22.29 64.10 51.63
CA LEU P 55 -23.01 63.44 50.57
C LEU P 55 -24.39 62.97 50.98
N ALA P 56 -25.37 63.17 50.08
CA ALA P 56 -26.68 62.52 50.19
C ALA P 56 -27.04 61.75 48.91
N PHE P 57 -27.78 60.67 49.08
CA PHE P 57 -28.07 59.78 47.97
C PHE P 57 -29.56 59.48 47.83
N THR P 58 -30.00 59.31 46.58
CA THR P 58 -31.34 58.79 46.27
C THR P 58 -31.32 57.36 45.71
N TYR P 59 -32.45 56.67 45.88
CA TYR P 59 -32.67 55.33 45.34
C TYR P 59 -34.11 55.17 44.83
N VAL P 60 -34.34 54.19 43.96
CA VAL P 60 -35.66 53.93 43.42
C VAL P 60 -36.31 52.83 44.26
N GLY P 61 -37.56 53.05 44.64
CA GLY P 61 -38.30 52.16 45.54
C GLY P 61 -37.65 50.88 46.04
N GLN P 62 -37.54 49.87 45.18
CA GLN P 62 -37.08 48.49 45.54
C GLN P 62 -35.67 48.38 46.14
N PHE P 63 -34.77 49.27 45.72
CA PHE P 63 -33.34 49.12 46.03
C PHE P 63 -32.86 49.80 47.31
N LYS P 64 -33.79 50.17 48.20
CA LYS P 64 -33.47 50.81 49.47
C LYS P 64 -32.28 50.16 50.18
N ASP P 65 -32.36 48.85 50.44
CA ASP P 65 -31.33 48.12 51.19
C ASP P 65 -30.02 48.03 50.47
N ARG P 66 -30.08 47.67 49.20
CA ARG P 66 -28.92 47.64 48.30
C ARG P 66 -28.13 48.94 48.46
N VAL P 67 -28.83 50.08 48.29
CA VAL P 67 -28.22 51.40 48.23
C VAL P 67 -27.66 51.90 49.57
N GLU P 68 -28.41 51.70 50.65
CA GLU P 68 -27.96 52.05 52.00
C GLU P 68 -26.66 51.37 52.35
N LYS P 69 -26.61 50.05 52.12
CA LYS P 69 -25.39 49.27 52.32
C LYS P 69 -24.24 49.86 51.52
N LEU P 70 -24.50 50.09 50.24
CA LEU P 70 -23.48 50.47 49.28
C LEU P 70 -22.84 51.77 49.64
N CYS P 71 -23.65 52.77 49.98
CA CYS P 71 -23.14 54.13 50.20
C CYS P 71 -22.90 54.47 51.68
N ALA P 72 -23.04 53.49 52.56
CA ALA P 72 -22.70 53.68 53.96
C ALA P 72 -21.27 54.20 54.09
N GLU P 73 -20.36 53.61 53.32
CA GLU P 73 -18.94 53.99 53.35
C GLU P 73 -18.67 55.48 53.09
N PHE P 74 -19.63 56.20 52.53
CA PHE P 74 -19.46 57.67 52.32
C PHE P 74 -20.03 58.58 53.41
N ASN P 75 -20.48 57.92 54.49
CA ASN P 75 -21.03 58.57 55.65
C ASN P 75 -22.07 59.58 55.22
N PRO P 76 -23.18 59.08 54.65
CA PRO P 76 -24.16 59.97 54.02
C PRO P 76 -25.01 60.73 55.04
N ALA P 77 -25.28 62.01 54.77
CA ALA P 77 -26.21 62.79 55.59
C ALA P 77 -27.67 62.32 55.48
N ALA P 78 -27.99 61.62 54.39
CA ALA P 78 -29.37 61.18 54.11
C ALA P 78 -29.38 60.23 52.92
N VAL P 79 -30.23 59.23 53.02
CA VAL P 79 -30.46 58.27 51.95
C VAL P 79 -32.00 58.18 51.74
N LEU P 80 -32.45 58.78 50.64
CA LEU P 80 -33.86 59.09 50.45
C LEU P 80 -34.45 58.52 49.14
N PRO P 81 -35.73 58.10 49.19
CA PRO P 81 -36.38 57.60 47.96
C PRO P 81 -36.63 58.70 46.96
N CYS P 82 -36.27 58.46 45.69
CA CYS P 82 -36.67 59.36 44.64
C CYS P 82 -36.73 58.69 43.27
N ASP P 83 -37.93 58.28 42.91
CA ASP P 83 -38.24 57.84 41.58
C ASP P 83 -38.66 59.03 40.74
N VAL P 84 -37.82 59.45 39.80
CA VAL P 84 -38.08 60.68 39.04
C VAL P 84 -39.29 60.64 38.09
N ILE P 85 -39.99 59.52 38.06
CA ILE P 85 -41.27 59.48 37.37
C ILE P 85 -42.30 60.37 38.08
N SER P 86 -42.11 60.56 39.39
CA SER P 86 -43.12 61.18 40.28
C SER P 86 -42.75 62.60 40.73
N ASP P 87 -43.54 63.59 40.33
CA ASP P 87 -43.33 64.97 40.76
C ASP P 87 -43.40 65.12 42.29
N GLN P 88 -44.24 64.30 42.92
CA GLN P 88 -44.40 64.30 44.36
C GLN P 88 -43.10 63.88 45.10
N GLU P 89 -42.60 62.69 44.76
CA GLU P 89 -41.36 62.19 45.33
C GLU P 89 -40.22 63.17 45.16
N ILE P 90 -40.17 63.88 44.04
CA ILE P 90 -39.10 64.86 43.81
C ILE P 90 -39.27 66.03 44.77
N LYS P 91 -40.51 66.46 44.94
CA LYS P 91 -40.82 67.55 45.84
C LYS P 91 -40.47 67.16 47.29
N ASP P 92 -40.77 65.91 47.66
CA ASP P 92 -40.52 65.40 49.02
C ASP P 92 -39.05 65.13 49.31
N LEU P 93 -38.29 64.90 48.24
CA LEU P 93 -36.87 64.74 48.37
C LEU P 93 -36.29 66.05 48.89
N PHE P 94 -36.73 67.19 48.39
CA PHE P 94 -36.16 68.45 48.84
C PHE P 94 -36.69 68.98 50.17
N VAL P 95 -37.90 68.56 50.53
CA VAL P 95 -38.45 68.85 51.84
C VAL P 95 -37.66 68.09 52.91
N GLU P 96 -37.48 66.79 52.73
CA GLU P 96 -36.71 65.96 53.68
C GLU P 96 -35.24 66.36 53.79
N LEU P 97 -34.63 66.66 52.65
CA LEU P 97 -33.26 67.09 52.57
C LEU P 97 -33.12 68.41 53.30
N GLY P 98 -34.09 69.31 53.10
CA GLY P 98 -34.12 70.63 53.73
C GLY P 98 -34.18 70.55 55.25
N LYS P 99 -34.68 69.45 55.78
CA LYS P 99 -34.64 69.19 57.22
C LYS P 99 -33.23 68.89 57.72
N VAL P 100 -32.38 68.35 56.86
CA VAL P 100 -31.03 67.97 57.25
C VAL P 100 -30.00 69.06 56.92
N TRP P 101 -30.21 69.81 55.84
CA TRP P 101 -29.26 70.83 55.39
C TRP P 101 -29.91 72.15 55.18
N ASP P 102 -29.15 73.23 55.33
CA ASP P 102 -29.72 74.55 55.13
C ASP P 102 -29.75 74.93 53.67
N GLY P 103 -28.59 74.81 53.03
CA GLY P 103 -28.50 74.96 51.59
C GLY P 103 -28.02 73.67 50.94
N LEU P 104 -28.01 73.66 49.61
CA LEU P 104 -27.51 72.55 48.83
C LEU P 104 -26.48 73.11 47.87
N ASP P 105 -25.34 72.45 47.77
CA ASP P 105 -24.28 72.95 46.86
C ASP P 105 -24.30 72.41 45.44
N ALA P 106 -24.70 71.15 45.30
CA ALA P 106 -24.73 70.53 44.00
C ALA P 106 -25.72 69.40 43.88
N ILE P 107 -26.24 69.28 42.67
CA ILE P 107 -26.99 68.09 42.30
C ILE P 107 -26.26 67.34 41.22
N VAL P 108 -26.06 66.04 41.45
CA VAL P 108 -25.50 65.16 40.45
C VAL P 108 -26.59 64.25 39.87
N HIS P 109 -26.90 64.49 38.58
CA HIS P 109 -27.87 63.70 37.80
C HIS P 109 -27.20 62.61 37.01
N SER P 110 -27.43 61.38 37.43
CA SER P 110 -26.76 60.25 36.81
C SER P 110 -27.81 59.14 36.72
N ILE P 111 -28.87 59.44 35.97
CA ILE P 111 -29.93 58.48 35.79
C ILE P 111 -30.37 58.53 34.34
N ALA P 112 -30.68 57.36 33.81
CA ALA P 112 -31.25 57.20 32.49
C ALA P 112 -32.11 55.96 32.46
N PHE P 113 -33.07 55.93 31.55
CA PHE P 113 -33.85 54.72 31.25
C PHE P 113 -34.56 54.88 29.92
N ALA P 114 -34.69 53.76 29.22
CA ALA P 114 -35.64 53.62 28.12
C ALA P 114 -36.08 52.16 28.20
N PRO P 115 -37.35 51.85 27.78
CA PRO P 115 -37.73 50.43 27.73
C PRO P 115 -36.76 49.59 26.84
N ARG P 116 -36.49 48.35 27.26
CA ARG P 116 -35.65 47.36 26.52
C ARG P 116 -35.81 47.47 25.00
N ASP P 117 -37.06 47.50 24.54
CA ASP P 117 -37.38 47.46 23.09
C ASP P 117 -36.90 48.67 22.28
N GLN P 118 -36.47 49.71 22.98
CA GLN P 118 -36.08 50.97 22.35
C GLN P 118 -34.61 50.95 21.95
N LEU P 119 -33.94 49.87 22.32
CA LEU P 119 -32.50 49.92 22.47
C LEU P 119 -31.66 48.91 21.68
N GLU P 120 -32.22 48.22 20.70
CA GLU P 120 -31.35 47.56 19.72
C GLU P 120 -32.10 47.37 18.41
N GLY P 121 -31.38 47.05 17.35
CA GLY P 121 -32.03 46.98 16.05
C GLY P 121 -32.20 48.37 15.44
N ASN P 122 -33.02 48.42 14.40
CA ASN P 122 -33.23 49.60 13.59
C ASN P 122 -34.08 50.64 14.33
N PHE P 123 -33.56 51.86 14.42
CA PHE P 123 -34.24 52.92 15.13
C PHE P 123 -35.72 53.02 14.75
N ILE P 124 -35.97 53.21 13.47
CA ILE P 124 -37.34 53.39 13.02
C ILE P 124 -38.22 52.19 13.33
N ASP P 125 -37.72 50.95 13.16
CA ASP P 125 -38.53 49.76 13.48
C ASP P 125 -38.94 49.72 14.90
N CYS P 126 -38.03 50.18 15.77
CA CYS P 126 -38.13 49.98 17.23
C CYS P 126 -38.74 51.17 17.98
N VAL P 127 -38.46 52.38 17.55
CA VAL P 127 -39.02 53.51 18.22
C VAL P 127 -40.58 53.46 18.34
N THR P 128 -41.11 53.59 19.56
CA THR P 128 -42.56 53.73 19.74
C THR P 128 -42.88 55.07 20.41
N ARG P 129 -44.14 55.48 20.36
CA ARG P 129 -44.58 56.77 20.95
C ARG P 129 -44.39 56.75 22.46
N GLU P 130 -44.73 55.66 23.11
CA GLU P 130 -44.64 55.60 24.56
C GLU P 130 -43.19 55.45 25.02
N GLY P 131 -42.43 54.63 24.30
CA GLY P 131 -41.03 54.41 24.63
C GLY P 131 -40.21 55.70 24.48
N PHE P 132 -40.53 56.47 23.45
CA PHE P 132 -39.89 57.74 23.20
C PHE P 132 -40.19 58.65 24.36
N SER P 133 -41.45 58.58 24.80
CA SER P 133 -41.95 59.43 25.88
C SER P 133 -41.28 59.13 27.22
N ILE P 134 -41.23 57.86 27.57
CA ILE P 134 -40.67 57.43 28.83
C ILE P 134 -39.18 57.73 28.88
N ALA P 135 -38.46 57.45 27.80
CA ALA P 135 -37.03 57.75 27.73
C ALA P 135 -36.76 59.22 28.03
N HIS P 136 -37.52 60.12 27.39
CA HIS P 136 -37.37 61.58 27.60
C HIS P 136 -37.80 62.03 28.99
N ASP P 137 -38.91 61.49 29.47
CA ASP P 137 -39.39 61.78 30.79
C ASP P 137 -38.29 61.54 31.82
N ILE P 138 -37.69 60.34 31.83
CA ILE P 138 -36.78 59.90 32.89
C ILE P 138 -35.32 60.33 32.67
N SER P 139 -34.93 60.49 31.41
CA SER P 139 -33.55 60.73 31.06
C SER P 139 -33.23 62.19 30.83
N ALA P 140 -34.26 62.97 30.60
CA ALA P 140 -34.07 64.38 30.27
C ALA P 140 -34.95 65.33 31.11
N TYR P 141 -36.24 65.06 31.18
CA TYR P 141 -37.11 65.97 31.89
C TYR P 141 -36.69 65.98 33.37
N SER P 142 -36.33 64.81 33.86
CA SER P 142 -35.99 64.67 35.24
C SER P 142 -34.89 65.63 35.68
N PHE P 143 -34.04 66.05 34.75
CA PHE P 143 -32.96 66.96 35.11
C PHE P 143 -33.54 68.30 35.50
N ALA P 144 -34.37 68.86 34.62
CA ALA P 144 -35.07 70.12 34.88
C ALA P 144 -35.93 70.01 36.12
N ALA P 145 -36.45 68.83 36.41
CA ALA P 145 -37.36 68.67 37.54
C ALA P 145 -36.60 68.76 38.82
N LEU P 146 -35.41 68.16 38.86
CA LEU P 146 -34.49 68.35 39.98
C LEU P 146 -34.06 69.80 40.13
N ALA P 147 -33.80 70.48 39.00
CA ALA P 147 -33.44 71.89 39.03
C ALA P 147 -34.57 72.73 39.64
N LYS P 148 -35.80 72.44 39.20
CA LYS P 148 -37.00 73.16 39.59
C LYS P 148 -37.17 73.10 41.10
N GLU P 149 -37.03 71.93 41.67
CA GLU P 149 -37.31 71.73 43.08
C GLU P 149 -36.12 72.00 43.98
N GLY P 150 -34.93 72.02 43.41
CA GLY P 150 -33.76 72.18 44.25
C GLY P 150 -33.34 73.63 44.25
N ARG P 151 -33.85 74.37 43.28
CA ARG P 151 -33.49 75.75 43.03
C ARG P 151 -33.38 76.65 44.27
N SER P 152 -34.39 76.63 45.12
CA SER P 152 -34.36 77.51 46.26
C SER P 152 -33.25 77.11 47.27
N MET P 153 -33.02 75.80 47.51
CA MET P 153 -31.90 75.40 48.38
C MET P 153 -30.50 75.75 47.80
N MET P 154 -30.44 76.15 46.52
CA MET P 154 -29.19 76.32 45.81
C MET P 154 -28.83 77.76 45.50
N LYS P 155 -29.80 78.66 45.69
CA LYS P 155 -29.61 80.09 45.42
C LYS P 155 -28.32 80.62 46.01
N ASN P 156 -27.56 81.37 45.20
CA ASN P 156 -26.43 82.20 45.68
C ASN P 156 -25.45 81.58 46.68
N ARG P 157 -24.91 80.42 46.32
CA ARG P 157 -23.76 79.85 47.02
C ARG P 157 -22.78 79.15 46.06
N ASN P 158 -22.61 79.70 44.86
CA ASN P 158 -21.86 79.03 43.76
C ASN P 158 -22.21 77.56 43.64
N ALA P 159 -23.50 77.30 43.47
CA ALA P 159 -23.95 75.93 43.40
C ALA P 159 -23.71 75.36 41.98
N SER P 160 -23.93 74.06 41.88
CA SER P 160 -23.66 73.31 40.66
C SER P 160 -24.69 72.22 40.36
N MET P 161 -24.86 72.02 39.05
CA MET P 161 -25.53 70.82 38.56
C MET P 161 -24.66 70.11 37.52
N VAL P 162 -24.63 68.78 37.60
CA VAL P 162 -23.96 67.99 36.59
C VAL P 162 -24.85 66.83 36.15
N ALA P 163 -24.99 66.71 34.82
CA ALA P 163 -25.69 65.54 34.25
C ALA P 163 -24.70 64.67 33.50
N LEU P 164 -24.97 63.36 33.51
CA LEU P 164 -24.20 62.42 32.69
C LEU P 164 -24.81 62.17 31.33
N THR P 165 -24.01 62.36 30.29
CA THR P 165 -24.52 62.19 28.93
C THR P 165 -23.61 61.25 28.11
N TYR P 166 -23.99 60.99 26.84
CA TYR P 166 -23.24 60.10 25.95
C TYR P 166 -23.22 60.65 24.53
N ILE P 167 -22.18 60.36 23.78
CA ILE P 167 -21.97 60.96 22.46
C ILE P 167 -23.06 60.55 21.44
N GLY P 168 -23.90 59.61 21.85
CA GLY P 168 -25.06 59.17 21.07
C GLY P 168 -26.07 60.30 20.90
N ALA P 169 -25.95 61.31 21.75
CA ALA P 169 -26.69 62.53 21.61
C ALA P 169 -26.27 63.31 20.37
N GLU P 170 -24.97 63.32 20.06
CA GLU P 170 -24.43 64.12 18.95
C GLU P 170 -24.42 63.39 17.62
N LYS P 171 -24.26 62.07 17.64
CA LYS P 171 -24.13 61.28 16.43
C LYS P 171 -25.11 60.13 16.42
N ALA P 172 -25.48 59.62 15.25
CA ALA P 172 -26.31 58.42 15.24
C ALA P 172 -25.41 57.20 15.33
N MET P 173 -25.75 56.34 16.28
CA MET P 173 -24.99 55.15 16.55
C MET P 173 -25.90 53.94 16.51
N PRO P 174 -25.34 52.78 16.15
CA PRO P 174 -26.21 51.61 16.24
C PRO P 174 -26.61 51.36 17.67
N SER P 175 -27.82 50.82 17.83
CA SER P 175 -28.39 50.38 19.13
C SER P 175 -28.91 51.45 20.10
N TYR P 176 -28.13 52.50 20.32
CA TYR P 176 -28.50 53.51 21.31
C TYR P 176 -29.89 54.09 21.07
N ASN P 177 -30.17 54.46 19.81
CA ASN P 177 -31.57 54.71 19.35
C ASN P 177 -32.24 55.78 20.18
N THR P 178 -33.33 55.39 20.84
CA THR P 178 -34.18 56.29 21.54
C THR P 178 -33.43 56.97 22.69
N MET P 179 -32.47 56.28 23.30
CA MET P 179 -31.59 56.93 24.27
C MET P 179 -30.74 58.04 23.66
N GLY P 180 -30.39 57.92 22.39
CA GLY P 180 -29.54 58.94 21.77
C GLY P 180 -30.37 60.19 21.71
N VAL P 181 -31.65 60.02 21.34
CA VAL P 181 -32.53 61.17 21.12
C VAL P 181 -32.79 61.80 22.48
N ALA P 182 -33.07 60.97 23.48
CA ALA P 182 -33.25 61.46 24.82
C ALA P 182 -31.97 62.22 25.36
N LYS P 183 -30.78 61.65 25.11
CA LYS P 183 -29.57 62.34 25.53
C LYS P 183 -29.47 63.69 24.85
N ALA P 184 -29.90 63.78 23.58
CA ALA P 184 -29.92 65.07 22.89
C ALA P 184 -30.79 66.11 23.62
N SER P 185 -31.97 65.66 24.01
CA SER P 185 -32.90 66.37 24.85
C SER P 185 -32.22 66.79 26.17
N LEU P 186 -31.61 65.81 26.86
CA LEU P 186 -30.86 66.09 28.12
C LEU P 186 -29.84 67.22 28.01
N GLU P 187 -29.09 67.22 26.93
CA GLU P 187 -28.08 68.24 26.71
C GLU P 187 -28.66 69.62 26.48
N ALA P 188 -29.82 69.67 25.85
CA ALA P 188 -30.46 70.95 25.56
C ALA P 188 -31.04 71.40 26.87
N THR P 189 -31.69 70.51 27.59
CA THR P 189 -32.16 70.85 28.93
C THR P 189 -31.01 71.42 29.80
N VAL P 190 -29.85 70.78 29.81
CA VAL P 190 -28.68 71.35 30.49
C VAL P 190 -28.39 72.80 30.09
N ARG P 191 -28.37 73.10 28.79
CA ARG P 191 -28.12 74.48 28.34
C ARG P 191 -29.20 75.49 28.79
N TYR P 192 -30.47 75.10 28.65
CA TYR P 192 -31.56 75.99 29.02
C TYR P 192 -31.60 76.11 30.50
N THR P 193 -31.25 75.04 31.21
CA THR P 193 -31.19 75.11 32.68
C THR P 193 -30.06 76.03 33.12
N ALA P 194 -28.98 76.09 32.35
CA ALA P 194 -27.85 76.89 32.70
C ALA P 194 -28.23 78.35 32.58
N LEU P 195 -28.85 78.69 31.46
CA LEU P 195 -29.35 80.03 31.22
C LEU P 195 -30.37 80.43 32.26
N ALA P 196 -31.29 79.53 32.62
CA ALA P 196 -32.32 79.84 33.59
C ALA P 196 -31.82 79.99 35.05
N LEU P 197 -30.83 79.18 35.44
CA LEU P 197 -30.34 79.19 36.82
C LEU P 197 -29.08 80.04 37.09
N GLY P 198 -28.46 80.59 36.05
CA GLY P 198 -27.21 81.35 36.19
C GLY P 198 -27.32 82.66 36.94
N GLU P 199 -28.49 83.29 36.93
CA GLU P 199 -28.74 84.51 37.71
C GLU P 199 -28.68 84.22 39.24
N ASP P 200 -28.91 82.98 39.65
CA ASP P 200 -28.75 82.57 41.05
C ASP P 200 -27.35 82.05 41.38
N GLY P 201 -26.39 82.31 40.47
CA GLY P 201 -25.02 81.77 40.54
C GLY P 201 -24.85 80.25 40.43
N ILE P 202 -25.86 79.54 39.93
CA ILE P 202 -25.80 78.09 39.77
C ILE P 202 -25.19 77.75 38.42
N LYS P 203 -24.11 76.97 38.46
CA LYS P 203 -23.54 76.48 37.19
C LYS P 203 -24.07 75.07 36.85
N VAL P 204 -24.34 74.91 35.54
CA VAL P 204 -24.98 73.69 35.03
C VAL P 204 -24.20 73.11 33.87
N ASN P 205 -23.77 71.86 34.04
CA ASN P 205 -22.90 71.20 33.06
C ASN P 205 -23.16 69.72 32.85
N ALA P 206 -22.60 69.20 31.77
CA ALA P 206 -22.68 67.76 31.53
C ALA P 206 -21.30 67.12 31.28
N VAL P 207 -21.14 65.91 31.80
CA VAL P 207 -19.98 65.13 31.45
C VAL P 207 -20.44 64.02 30.54
N SER P 208 -19.89 64.02 29.33
CA SER P 208 -20.15 63.00 28.32
C SER P 208 -19.16 61.83 28.48
N ALA P 209 -19.50 60.81 29.25
CA ALA P 209 -18.63 59.66 29.48
C ALA P 209 -18.51 58.74 28.27
N GLY P 210 -17.29 58.26 27.99
CA GLY P 210 -17.12 57.08 27.13
C GLY P 210 -17.84 55.88 27.73
N PRO P 211 -17.98 54.78 26.96
CA PRO P 211 -18.71 53.62 27.50
C PRO P 211 -17.94 52.95 28.65
N ILE P 212 -18.70 52.42 29.64
CA ILE P 212 -18.18 51.80 30.85
C ILE P 212 -19.13 50.65 31.21
N LYS P 213 -18.58 49.49 31.60
CA LYS P 213 -19.38 48.34 31.93
C LYS P 213 -20.07 48.55 33.27
N THR P 214 -21.31 49.00 33.22
CA THR P 214 -22.13 49.20 34.42
C THR P 214 -23.40 48.39 34.28
N LEU P 215 -24.30 48.45 35.27
CA LEU P 215 -25.57 47.73 35.17
C LEU P 215 -26.40 48.15 33.92
N ALA P 216 -26.49 49.44 33.63
CA ALA P 216 -27.18 49.90 32.44
C ALA P 216 -26.57 49.29 31.16
N ALA P 217 -25.26 49.08 31.18
CA ALA P 217 -24.58 48.51 30.04
C ALA P 217 -24.91 47.04 29.79
N SER P 218 -25.31 46.31 30.82
CA SER P 218 -25.63 44.88 30.68
C SER P 218 -26.93 44.58 29.86
N GLY P 219 -27.75 45.60 29.58
CA GLY P 219 -28.83 45.43 28.61
C GLY P 219 -28.37 45.25 27.16
N ILE P 220 -27.21 45.81 26.80
CA ILE P 220 -26.69 45.85 25.44
C ILE P 220 -25.85 44.60 25.11
N SER P 221 -26.27 43.83 24.13
CA SER P 221 -25.75 42.46 24.03
C SER P 221 -24.29 42.33 23.60
N ASN P 222 -23.78 43.29 22.82
CA ASN P 222 -22.38 43.19 22.36
C ASN P 222 -21.40 44.20 22.99
N PHE P 223 -21.65 44.53 24.26
CA PHE P 223 -21.10 45.71 24.87
C PHE P 223 -19.57 45.68 24.94
N LYS P 224 -19.04 44.47 25.17
CA LYS P 224 -17.59 44.25 25.22
C LYS P 224 -16.90 44.74 23.94
N LYS P 225 -17.60 44.55 22.82
CA LYS P 225 -17.10 44.97 21.54
C LYS P 225 -17.15 46.45 21.34
N MET P 226 -18.17 47.10 21.91
CA MET P 226 -18.22 48.57 21.87
C MET P 226 -17.01 49.09 22.60
N LEU P 227 -16.79 48.53 23.81
CA LEU P 227 -15.63 48.88 24.63
C LEU P 227 -14.30 48.74 23.86
N ASP P 228 -14.06 47.57 23.29
CA ASP P 228 -12.83 47.27 22.56
C ASP P 228 -12.62 48.20 21.39
N TYR P 229 -13.70 48.46 20.68
CA TYR P 229 -13.68 49.43 19.58
C TYR P 229 -13.27 50.81 20.05
N ASN P 230 -13.89 51.26 21.16
CA ASN P 230 -13.55 52.56 21.71
C ASN P 230 -12.06 52.62 22.05
N ALA P 231 -11.53 51.58 22.71
CA ALA P 231 -10.17 51.59 23.15
C ALA P 231 -9.27 51.60 21.91
N MET P 232 -9.66 50.89 20.88
CA MET P 232 -8.83 50.84 19.69
C MET P 232 -8.75 52.17 18.96
N VAL P 233 -9.87 52.86 18.90
CA VAL P 233 -10.00 53.99 18.01
C VAL P 233 -9.62 55.32 18.68
N SER P 234 -9.88 55.42 20.00
CA SER P 234 -9.50 56.57 20.85
C SER P 234 -8.03 56.91 20.78
N PRO P 235 -7.71 58.24 20.86
CA PRO P 235 -6.32 58.69 20.88
C PRO P 235 -5.58 58.12 22.05
N LEU P 236 -6.22 57.93 23.21
CA LEU P 236 -5.51 57.41 24.36
C LEU P 236 -5.48 55.87 24.45
N LYS P 237 -6.00 55.18 23.44
CA LYS P 237 -5.89 53.72 23.38
C LYS P 237 -6.33 53.07 24.70
N LYS P 238 -7.42 53.55 25.28
CA LYS P 238 -7.88 52.88 26.51
C LYS P 238 -9.36 53.19 26.73
N ASN P 239 -9.96 52.52 27.69
CA ASN P 239 -11.32 52.78 28.06
C ASN P 239 -11.25 53.67 29.29
N VAL P 240 -12.14 54.64 29.42
CA VAL P 240 -12.24 55.40 30.68
C VAL P 240 -12.83 54.56 31.81
N ASP P 241 -12.55 54.94 33.05
CA ASP P 241 -13.18 54.30 34.20
C ASP P 241 -13.96 55.32 35.04
N ILE P 242 -14.71 54.80 36.01
CA ILE P 242 -15.54 55.62 36.89
C ILE P 242 -14.81 56.71 37.64
N MET P 243 -13.54 56.49 37.98
CA MET P 243 -12.77 57.48 38.67
C MET P 243 -12.46 58.64 37.78
N GLU P 244 -12.15 58.38 36.52
CA GLU P 244 -11.87 59.49 35.61
C GLU P 244 -13.07 60.36 35.43
N VAL P 245 -14.24 59.73 35.44
CA VAL P 245 -15.48 60.40 35.27
C VAL P 245 -15.75 61.14 36.57
N GLY P 246 -15.94 60.38 37.64
CA GLY P 246 -16.11 60.92 38.97
C GLY P 246 -15.26 62.13 39.30
N ASN P 247 -13.94 62.01 39.11
CA ASN P 247 -13.07 63.17 39.30
C ASN P 247 -13.47 64.39 38.52
N THR P 248 -13.89 64.22 37.27
CA THR P 248 -14.38 65.34 36.47
C THR P 248 -15.70 65.95 37.02
N VAL P 249 -16.61 65.08 37.44
CA VAL P 249 -17.83 65.56 38.01
C VAL P 249 -17.49 66.36 39.29
N ALA P 250 -16.63 65.78 40.12
CA ALA P 250 -16.14 66.46 41.32
C ALA P 250 -15.64 67.86 41.02
N PHE P 251 -14.73 67.97 40.05
CA PHE P 251 -14.23 69.26 39.65
C PHE P 251 -15.31 70.22 39.26
N LEU P 252 -16.28 69.72 38.50
CA LEU P 252 -17.31 70.62 37.97
C LEU P 252 -18.26 71.08 39.05
N CYS P 253 -18.19 70.45 40.22
CA CYS P 253 -18.87 70.95 41.40
C CYS P 253 -18.01 71.81 42.32
N SER P 254 -16.85 72.27 41.90
CA SER P 254 -15.97 73.00 42.79
C SER P 254 -15.88 74.50 42.47
N ASP P 255 -15.30 75.28 43.40
CA ASP P 255 -15.14 76.73 43.19
C ASP P 255 -14.15 77.04 42.07
N MET P 256 -13.39 76.02 41.67
CA MET P 256 -12.37 76.18 40.63
C MET P 256 -13.05 76.24 39.28
N ALA P 257 -14.26 75.68 39.19
CA ALA P 257 -14.93 75.61 37.93
C ALA P 257 -15.96 76.73 37.74
N THR P 258 -15.85 77.81 38.52
CA THR P 258 -16.94 78.77 38.52
C THR P 258 -17.06 79.57 37.25
N GLY P 259 -16.13 79.42 36.32
CA GLY P 259 -16.29 80.06 35.01
C GLY P 259 -16.90 79.16 33.94
N ILE P 260 -17.35 77.98 34.34
CA ILE P 260 -17.84 76.99 33.38
C ILE P 260 -19.34 76.67 33.56
N THR P 261 -20.12 76.91 32.50
CA THR P 261 -21.53 76.55 32.53
C THR P 261 -22.05 76.32 31.09
N GLY P 262 -23.10 75.51 31.03
CA GLY P 262 -23.65 75.08 29.76
C GLY P 262 -22.70 74.24 28.92
N GLU P 263 -21.81 73.55 29.58
CA GLU P 263 -20.75 72.91 28.87
C GLU P 263 -20.93 71.41 28.94
N VAL P 264 -20.48 70.74 27.88
CA VAL P 264 -20.37 69.27 27.87
C VAL P 264 -18.88 68.91 27.84
N VAL P 265 -18.44 68.23 28.87
CA VAL P 265 -17.05 67.80 28.94
C VAL P 265 -16.96 66.31 28.58
N HIS P 266 -16.30 66.01 27.46
CA HIS P 266 -16.12 64.62 27.07
C HIS P 266 -15.09 63.93 27.89
N VAL P 267 -15.49 62.89 28.60
CA VAL P 267 -14.55 62.07 29.35
C VAL P 267 -14.53 60.67 28.77
N ASP P 268 -13.80 60.53 27.67
CA ASP P 268 -13.99 59.38 26.76
C ASP P 268 -12.71 58.93 26.03
N ALA P 269 -11.56 59.22 26.63
CA ALA P 269 -10.24 58.91 26.10
C ALA P 269 -10.01 59.50 24.74
N GLY P 270 -10.76 60.54 24.44
CA GLY P 270 -10.57 61.31 23.20
C GLY P 270 -11.39 60.84 22.01
N TYR P 271 -12.27 59.88 22.24
CA TYR P 271 -13.12 59.31 21.17
C TYR P 271 -13.81 60.39 20.33
N HIS P 272 -14.41 61.37 21.01
CA HIS P 272 -15.17 62.41 20.35
C HIS P 272 -14.45 63.14 19.29
N CYS P 273 -13.13 63.19 19.29
CA CYS P 273 -12.45 64.09 18.35
C CYS P 273 -11.85 63.39 17.12
N VAL P 274 -11.95 62.05 17.04
CA VAL P 274 -11.36 61.35 15.88
C VAL P 274 -12.42 60.90 14.93
N SER P 275 -12.05 60.78 13.66
CA SER P 275 -12.87 60.10 12.72
C SER P 275 -12.03 59.09 11.96
N MET P 276 -12.62 57.93 11.65
CA MET P 276 -11.96 56.95 10.81
C MET P 276 -10.67 56.55 11.47
N GLY P 277 -10.77 56.39 12.79
CA GLY P 277 -9.66 55.89 13.55
C GLY P 277 -9.48 54.39 13.34
N ASN P 278 -10.33 53.74 12.54
CA ASN P 278 -10.17 52.31 12.32
C ASN P 278 -9.53 51.93 10.99
N VAL P 279 -9.11 52.87 10.15
CA VAL P 279 -8.53 52.47 8.83
C VAL P 279 -7.01 52.67 8.69
N LEU P 280 -6.32 51.54 8.47
CA LEU P 280 -4.92 51.40 8.77
C LEU P 280 -4.10 51.28 7.51
PA NAD Q . 41.72 -54.70 -7.06
O1A NAD Q . 42.13 -53.56 -7.92
O2A NAD Q . 42.10 -54.61 -5.62
O5B NAD Q . 42.28 -56.09 -7.61
C5B NAD Q . 42.87 -55.97 -8.93
C4B NAD Q . 44.13 -56.86 -8.84
O4B NAD Q . 44.48 -57.24 -10.18
C3B NAD Q . 45.35 -56.23 -8.14
O3B NAD Q . 45.85 -56.93 -6.99
C2B NAD Q . 46.38 -56.16 -9.26
O2B NAD Q . 47.66 -56.24 -8.59
C1B NAD Q . 45.88 -57.27 -10.19
N9A NAD Q . 46.37 -57.23 -11.60
C8A NAD Q . 46.01 -56.48 -12.68
N7A NAD Q . 46.72 -56.78 -13.76
C5A NAD Q . 47.54 -57.78 -13.27
C6A NAD Q . 48.58 -58.56 -13.93
N6A NAD Q . 48.85 -58.37 -15.16
N1A NAD Q . 49.30 -59.52 -13.21
C2A NAD Q . 49.04 -59.77 -11.88
N3A NAD Q . 48.06 -59.05 -11.25
C4A NAD Q . 47.33 -58.06 -11.92
O3 NAD Q . 40.17 -54.94 -7.47
PN NAD Q . 39.21 -56.04 -6.90
O1N NAD Q . 37.77 -55.82 -7.06
O2N NAD Q . 39.76 -56.40 -5.55
O5D NAD Q . 39.39 -57.25 -7.89
C5D NAD Q . 39.98 -58.49 -7.60
C4D NAD Q . 39.12 -59.37 -8.49
O4D NAD Q . 37.77 -59.41 -8.00
C3D NAD Q . 38.91 -59.10 -9.96
O3D NAD Q . 38.74 -60.41 -10.55
C2D NAD Q . 37.56 -58.54 -10.10
O2D NAD Q . 36.98 -58.76 -11.41
C1D NAD Q . 36.81 -59.38 -9.12
N1N NAD Q . 35.46 -58.77 -8.93
C2N NAD Q . 35.46 -57.42 -8.36
C3N NAD Q . 34.21 -56.80 -8.19
C7N NAD Q . 34.22 -55.36 -7.67
O7N NAD Q . 33.11 -54.83 -7.70
N7N NAD Q . 35.35 -54.79 -7.24
C4N NAD Q . 32.99 -57.47 -8.56
C5N NAD Q . 33.01 -58.76 -9.11
C6N NAD Q . 34.22 -59.41 -9.30
C4 09T R . 31.52 -53.80 -11.57
C5 09T R . 32.78 -53.28 -11.90
C6 09T R . 32.97 -52.47 -12.99
C7 09T R . 31.87 -52.22 -13.78
N12 09T R . 35.82 -56.44 -12.42
C13 09T R . 36.56 -55.42 -12.90
C15 09T R . 38.22 -54.18 -14.08
C17 09T R . 37.65 -52.98 -13.69
C20 09T R . 35.96 -54.23 -12.48
CL8 09T R . 32.04 -51.21 -15.26
C2 09T R . 30.60 -52.73 -13.47
CL1 09T R . 29.19 -52.35 -14.57
C3 09T R . 30.42 -53.54 -12.35
C9 09T R . 33.95 -53.61 -11.01
N10 09T R . 34.87 -54.54 -11.69
C11 09T R . 34.80 -55.88 -11.67
C19 09T R . 36.53 -53.01 -12.89
C18 09T R . 38.24 -51.68 -14.10
C16 09T R . 39.46 -54.17 -14.92
C14 09T R . 37.69 -55.40 -13.68
PA NAD S . 34.23 -75.36 -41.79
O1A NAD S . 35.63 -75.88 -41.56
O2A NAD S . 33.51 -75.44 -43.13
O5B NAD S . 34.18 -73.77 -41.44
C5B NAD S . 35.14 -73.07 -40.57
C4B NAD S . 35.27 -71.69 -41.26
O4B NAD S . 36.15 -70.71 -40.56
C3B NAD S . 35.87 -71.88 -42.67
O3B NAD S . 34.92 -71.41 -43.61
C2B NAD S . 37.25 -71.18 -42.62
O2B NAD S . 37.46 -70.68 -43.93
C1B NAD S . 36.87 -70.08 -41.61
N9A NAD S . 38.03 -69.38 -41.07
C8A NAD S . 39.07 -69.86 -40.38
N7A NAD S . 39.90 -68.85 -40.11
C5A NAD S . 39.33 -67.76 -40.68
C6A NAD S . 39.81 -66.43 -40.70
N6A NAD S . 40.95 -66.12 -40.11
N1A NAD S . 39.07 -65.46 -41.33
C2A NAD S . 37.89 -65.83 -41.94
N3A NAD S . 37.40 -67.12 -41.94
C4A NAD S . 38.15 -68.08 -41.29
O3 NAD S . 33.34 -75.87 -40.49
PN NAD S . 31.84 -75.55 -40.05
O1N NAD S . 31.40 -76.64 -39.25
O2N NAD S . 30.84 -75.25 -41.21
O5D NAD S . 32.10 -74.13 -39.27
C5D NAD S . 31.20 -73.02 -39.20
C4D NAD S . 31.00 -72.68 -37.75
O4D NAD S . 30.10 -73.61 -37.02
C3D NAD S . 32.20 -72.57 -36.80
O3D NAD S . 31.93 -71.39 -35.99
C2D NAD S . 32.14 -73.77 -35.88
O2D NAD S . 32.54 -73.51 -34.56
C1D NAD S . 30.72 -73.99 -35.73
N1N NAD S . 30.24 -75.30 -35.25
C2N NAD S . 30.62 -76.55 -35.85
C3N NAD S . 30.09 -77.75 -35.30
C7N NAD S . 30.61 -79.08 -35.88
O7N NAD S . 30.34 -80.16 -35.31
N7N NAD S . 31.36 -78.97 -36.99
C4N NAD S . 29.17 -77.72 -34.20
C5N NAD S . 28.81 -76.48 -33.64
C6N NAD S . 29.32 -75.27 -34.14
C4 09T T . 32.23 -80.77 -32.49
C5 09T T . 33.36 -80.24 -33.11
C6 09T T . 34.60 -80.43 -32.53
C7 09T T . 34.69 -81.15 -31.34
N12 09T T . 33.53 -75.86 -34.26
C13 09T T . 34.84 -76.19 -34.40
C15 09T T . 37.23 -75.99 -34.63
C17 09T T . 37.35 -77.38 -34.71
C20 09T T . 34.95 -77.58 -34.48
CL8 09T T . 36.30 -81.38 -30.61
C2 09T T . 33.59 -81.67 -30.69
CL1 09T T . 33.83 -82.55 -29.10
C3 09T T . 32.34 -81.47 -31.28
C9 09T T . 33.28 -79.49 -34.42
N10 09T T . 33.69 -78.07 -34.37
C11 09T T . 32.85 -77.02 -34.25
C19 09T T . 36.20 -78.18 -34.64
C18 09T T . 38.70 -78.04 -34.87
C16 09T T . 38.43 -75.07 -34.71
C14 09T T . 35.99 -75.40 -34.50
PA NAD U . -5.29 -64.47 -22.62
O1A NAD U . -5.93 -64.16 -21.35
O2A NAD U . -5.68 -63.86 -23.88
O5B NAD U . -5.25 -66.06 -22.77
C5B NAD U . -4.99 -66.90 -21.56
C4B NAD U . -5.75 -68.21 -21.83
O4B NAD U . -5.66 -69.30 -20.81
C3B NAD U . -7.23 -67.89 -22.09
O3B NAD U . -7.54 -68.30 -23.39
C2B NAD U . -7.95 -68.75 -21.08
O2B NAD U . -9.27 -68.99 -21.62
C1B NAD U . -6.95 -69.90 -21.01
N9A NAD U . -7.34 -70.62 -19.84
C8A NAD U . -7.35 -70.19 -18.54
N7A NAD U . -7.79 -71.17 -17.74
C5A NAD U . -8.04 -72.20 -18.62
C6A NAD U . -8.53 -73.50 -18.33
N6A NAD U . -8.80 -73.84 -17.10
N1A NAD U . -8.71 -74.38 -19.37
C2A NAD U . -8.41 -73.98 -20.67
N3A NAD U . -7.95 -72.75 -20.97
C4A NAD U . -7.75 -71.85 -19.95
O3 NAD U . -3.81 -64.26 -22.20
PN NAD U . -2.41 -64.35 -22.90
O1N NAD U . -1.68 -63.24 -22.42
O2N NAD U . -2.81 -64.54 -24.32
O5D NAD U . -1.60 -65.60 -22.32
C5D NAD U . -1.40 -66.74 -23.15
C4D NAD U . -0.34 -67.65 -22.60
O4D NAD U . 0.86 -66.91 -22.77
C3D NAD U . -0.26 -67.91 -21.11
O3D NAD U . 0.37 -69.17 -20.91
C2D NAD U . 0.64 -66.86 -20.51
O2D NAD U . 1.18 -67.06 -19.10
C1D NAD U . 1.65 -66.79 -21.58
N1N NAD U . 2.43 -65.56 -21.50
C2N NAD U . 1.78 -64.27 -21.42
C3N NAD U . 2.64 -63.13 -21.34
C7N NAD U . 1.97 -61.78 -21.17
O7N NAD U . 2.58 -60.73 -20.96
N7N NAD U . 0.64 -61.84 -21.31
C4N NAD U . 4.04 -63.26 -21.33
C5N NAD U . 4.63 -64.54 -21.40
C6N NAD U . 3.83 -65.67 -21.48
C4 09T V . 3.37 -60.47 -17.39
C5 09T V . 2.20 -60.77 -16.68
C6 09T V . 2.04 -60.66 -15.33
C7 09T V . 3.12 -60.19 -14.64
N12 09T V . 1.60 -64.80 -17.64
C13 09T V . 0.40 -64.74 -16.95
C15 09T V . -1.61 -65.30 -15.67
C17 09T V . -1.85 -63.93 -15.48
C20 09T V . 0.09 -63.40 -16.76
CL8 09T V . 2.89 -59.97 -12.90
C2 09T V . 4.32 -59.86 -15.24
CL1 09T V . 5.66 -59.26 -14.15
C3 09T V . 4.45 -60.01 -16.64
C9 09T V . 1.02 -61.28 -17.34
N10 09T V . 1.05 -62.70 -17.32
C11 09T V . 1.95 -63.50 -17.85
C19 09T V . -1.01 -63.00 -16.05
C18 09T V . -3.11 -63.49 -14.71
C16 09T V . -2.58 -66.32 -15.07
C14 09T V . -0.48 -65.70 -16.40
PA NAD W . 15.21 -89.83 2.65
O1A NAD W . 14.28 -90.90 2.14
O2A NAD W . 16.06 -89.96 3.90
O5B NAD W . 14.38 -88.42 2.79
C5B NAD W . 12.97 -88.51 2.43
C4B NAD W . 12.33 -87.75 3.58
O4B NAD W . 11.13 -87.06 3.13
C3B NAD W . 11.93 -88.72 4.70
O3B NAD W . 12.62 -88.29 5.84
C2B NAD W . 10.44 -88.54 4.90
O2B NAD W . 10.23 -88.61 6.33
C1B NAD W . 10.23 -87.21 4.18
N9A NAD W . 8.88 -87.19 3.66
C8A NAD W . 8.25 -87.83 2.66
N7A NAD W . 6.94 -87.46 2.62
C5A NAD W . 6.87 -86.55 3.65
C6A NAD W . 5.78 -85.79 4.13
N6A NAD W . 4.59 -85.91 3.55
N1A NAD W . 5.98 -84.93 5.20
C2A NAD W . 7.15 -84.75 5.85
N3A NAD W . 8.21 -85.46 5.43
C4A NAD W . 8.06 -86.36 4.32
O3 NAD W . 16.15 -89.46 1.42
PN NAD W . 17.15 -88.23 1.18
O1N NAD W . 17.49 -88.58 -0.19
O2N NAD W . 18.27 -87.98 2.16
O5D NAD W . 16.03 -87.05 1.19
C5D NAD W . 16.44 -85.68 1.46
C4D NAD W . 16.19 -84.72 0.29
O4D NAD W . 17.36 -84.67 -0.57
C3D NAD W . 15.00 -84.93 -0.69
O3D NAD W . 14.19 -83.70 -0.87
C2D NAD W . 15.60 -85.36 -2.00
O2D NAD W . 14.76 -85.01 -3.12
C1D NAD W . 16.93 -84.68 -1.97
N1N NAD W . 17.92 -85.30 -2.83
C2N NAD W . 18.32 -86.74 -2.74
C3N NAD W . 19.31 -87.29 -3.64
C7N NAD W . 19.70 -88.77 -3.62
O7N NAD W . 20.47 -89.31 -4.44
N7N NAD W . 19.15 -89.48 -2.62
C4N NAD W . 19.88 -86.43 -4.59
C5N NAD W . 19.49 -85.06 -4.66
C6N NAD W . 18.53 -84.48 -3.81
C4 09T X . 18.70 -89.41 -7.43
C5 09T X . 17.40 -89.91 -7.21
C6 09T X . 16.58 -90.44 -8.20
C7 09T X . 17.00 -90.49 -9.50
N12 09T X . 14.80 -86.97 -5.12
C13 09T X . 13.87 -87.96 -5.06
C15 09T X . 11.78 -89.23 -4.75
C17 09T X . 12.46 -90.42 -5.04
C20 09T X . 14.53 -89.17 -5.36
CL8 09T X . 15.85 -91.16 -10.71
C2 09T X . 18.28 -90.02 -9.80
CL1 09T X . 18.85 -90.07 -11.52
C3 09T X . 19.12 -89.50 -8.76
C9 09T X . 16.80 -89.93 -5.84
N10 09T X . 15.81 -88.89 -5.57
C11 09T X . 15.99 -87.55 -5.45
C19 09T X . 13.84 -90.38 -5.34
C18 09T X . 11.73 -91.78 -5.04
C16 09T X . 10.31 -89.25 -4.44
C14 09T X . 12.50 -88.00 -4.76
PA NAD Y . 26.91 -7.68 4.88
O1A NAD Y . 27.04 -6.73 3.72
O2A NAD Y . 27.47 -7.33 6.21
O5B NAD Y . 27.55 -9.05 4.38
C5B NAD Y . 27.83 -9.11 2.97
C4B NAD Y . 29.07 -9.97 2.84
O4B NAD Y . 29.37 -10.08 1.42
C3B NAD Y . 30.27 -9.26 3.51
O3B NAD Y . 30.96 -10.10 4.46
C2B NAD Y . 31.07 -8.85 2.28
O2B NAD Y . 32.42 -8.55 2.66
C1B NAD Y . 30.78 -10.07 1.39
N9A NAD Y . 31.42 -10.03 0.07
C8A NAD Y . 31.34 -9.26 -1.07
N7A NAD Y . 32.21 -9.67 -2.03
C5A NAD Y . 32.81 -10.72 -1.42
C6A NAD Y . 33.84 -11.58 -1.90
N6A NAD Y . 34.33 -11.42 -3.12
N1A NAD Y . 34.30 -12.60 -1.06
C2A NAD Y . 33.82 -12.80 0.23
N3A NAD Y . 32.85 -12.02 0.74
C4A NAD Y . 32.35 -10.97 -0.11
O3 NAD Y . 25.41 -8.12 5.35
PN NAD Y . 24.27 -9.12 4.83
O1N NAD Y . 23.68 -8.45 3.69
O2N NAD Y . 23.47 -9.67 6.00
O5D NAD Y . 25.02 -10.30 4.00
C5D NAD Y . 24.80 -11.69 4.25
C4D NAD Y . 24.21 -12.45 3.06
O4D NAD Y . 22.81 -12.68 3.29
C3D NAD Y . 24.23 -11.95 1.63
O3D NAD Y . 24.56 -13.05 0.73
C2D NAD Y . 22.81 -11.45 1.36
O2D NAD Y . 22.43 -11.39 -0.02
C1D NAD Y . 22.00 -12.37 2.11
N1N NAD Y . 20.66 -11.87 2.49
C2N NAD Y . 20.52 -10.63 3.23
C3N NAD Y . 19.25 -10.10 3.62
C7N NAD Y . 19.11 -8.54 3.75
O7N NAD Y . 18.82 -7.81 2.80
N7N NAD Y . 19.31 -7.94 4.93
C4N NAD Y . 18.13 -10.88 3.21
C5N NAD Y . 18.24 -12.10 2.48
C6N NAD Y . 19.49 -12.60 2.12
C4 09T Z . 16.12 -6.41 0.28
C5 09T Z . 17.45 -6.12 -0.12
C6 09T Z . 17.68 -5.47 -1.34
C7 09T Z . 16.63 -5.11 -2.20
N12 09T Z . 20.68 -9.26 -0.34
C13 09T Z . 21.39 -8.27 -0.94
C15 09T Z . 23.05 -7.13 -2.22
C17 09T Z . 22.40 -5.91 -1.92
C20 09T Z . 20.73 -7.07 -0.62
CL8 09T Z . 17.15 -4.30 -3.73
C2 09T Z . 15.28 -5.40 -1.83
CL1 09T Z . 13.86 -4.98 -2.91
C3 09T Z . 15.06 -6.05 -0.57
C9 09T Z . 18.66 -6.44 0.73
N10 09T Z . 19.66 -7.35 0.13
C11 09T Z . 19.63 -8.70 0.31
C19 09T Z . 21.24 -5.88 -1.12
C18 09T Z . 22.93 -4.60 -2.44
C16 09T Z . 24.29 -7.15 -3.06
C14 09T Z . 22.53 -8.33 -1.75
PA NAD AA . 18.72 -27.30 -30.71
O1A NAD AA . 20.06 -27.81 -30.99
O2A NAD AA . 17.69 -27.49 -31.69
O5B NAD AA . 18.64 -25.76 -30.27
C5B NAD AA . 19.66 -25.10 -29.47
C4B NAD AA . 20.02 -23.83 -30.27
O4B NAD AA . 20.95 -22.99 -29.49
C3B NAD AA . 20.75 -24.15 -31.60
O3B NAD AA . 19.95 -23.76 -32.69
C2B NAD AA . 22.08 -23.38 -31.58
O2B NAD AA . 22.28 -22.80 -32.87
C1B NAD AA . 21.76 -22.38 -30.50
N9A NAD AA . 22.92 -21.78 -29.90
C8A NAD AA . 23.95 -22.32 -29.21
N7A NAD AA . 24.79 -21.36 -28.87
C5A NAD AA . 24.22 -20.24 -29.37
C6A NAD AA . 24.68 -18.90 -29.29
N6A NAD AA . 25.81 -18.65 -28.67
N1A NAD AA . 23.93 -17.91 -29.89
C2A NAD AA . 22.75 -18.19 -30.54
N3A NAD AA . 22.31 -19.45 -30.62
C4A NAD AA . 23.04 -20.49 -30.03
O3 NAD AA . 18.26 -27.97 -29.40
PN NAD AA . 16.99 -27.68 -28.53
O1N NAD AA . 17.00 -28.77 -27.60
O2N NAD AA . 15.86 -27.47 -29.50
O5D NAD AA . 17.17 -26.46 -27.51
C5D NAD AA . 16.49 -25.25 -27.65
C4D NAD AA . 16.10 -24.84 -26.28
O4D NAD AA . 15.15 -25.78 -25.71
C3D NAD AA . 17.05 -24.58 -25.10
O3D NAD AA . 16.49 -23.42 -24.34
C2D NAD AA . 16.79 -25.85 -24.30
O2D NAD AA . 17.45 -26.00 -22.99
C1D NAD AA . 15.28 -25.98 -24.31
N1N NAD AA . 14.93 -27.35 -23.98
C2N NAD AA . 15.47 -28.48 -24.81
C3N NAD AA . 15.14 -29.82 -24.48
C7N NAD AA . 15.55 -31.04 -25.31
O7N NAD AA . 15.07 -32.12 -25.00
N7N NAD AA . 16.41 -30.94 -26.32
C4N NAD AA . 14.30 -30.05 -23.36
C5N NAD AA . 13.79 -28.97 -22.57
C6N NAD AA . 14.11 -27.63 -22.88
C4 09T BA . 17.34 -32.92 -21.35
C5 09T BA . 18.56 -32.59 -21.94
C6 09T BA . 19.78 -32.85 -21.31
C7 09T BA . 19.76 -33.50 -20.06
N12 09T BA . 18.41 -28.37 -22.24
C13 09T BA . 19.74 -28.52 -22.65
C15 09T BA . 22.11 -28.20 -23.21
C17 09T BA . 22.23 -29.54 -23.57
C20 09T BA . 19.89 -29.83 -23.06
CL8 09T BA . 21.27 -33.90 -19.18
C2 09T BA . 18.54 -33.83 -19.47
CL1 09T BA . 18.63 -34.63 -17.85
C3 09T BA . 17.33 -33.55 -20.11
C9 09T BA . 18.60 -31.89 -23.24
N10 09T BA . 18.73 -30.46 -22.88
C11 09T BA . 17.81 -29.59 -22.36
C19 09T BA . 21.10 -30.33 -23.49
C18 09T BA . 23.51 -30.15 -24.12
C16 09T BA . 23.35 -27.34 -23.37
C14 09T BA . 20.88 -27.68 -22.74
PA NAD CA . -20.15 -17.32 -10.79
O1A NAD CA . -21.03 -17.16 -9.58
O2A NAD CA . -20.42 -16.69 -12.10
O5B NAD CA . -19.99 -18.90 -11.10
C5B NAD CA . -20.19 -19.67 -9.91
C4B NAD CA . -20.82 -20.96 -10.33
O4B NAD CA . -20.79 -21.73 -9.09
C3B NAD CA . -22.33 -20.76 -10.66
O3B NAD CA . -22.64 -21.32 -11.93
C2B NAD CA . -23.05 -21.41 -9.49
O2B NAD CA . -24.33 -21.88 -9.88
C1B NAD CA . -21.99 -22.47 -9.17
N9A NAD CA . -22.34 -23.31 -8.01
C8A NAD CA . -22.41 -23.13 -6.66
N7A NAD CA . -22.82 -24.28 -6.05
C5A NAD CA . -22.98 -25.11 -7.13
C6A NAD CA . -23.42 -26.44 -7.14
N6A NAD CA . -23.68 -27.00 -6.00
N1A NAD CA . -23.51 -27.11 -8.38
C2A NAD CA . -23.20 -26.50 -9.60
N3A NAD CA . -22.80 -25.22 -9.62
C4A NAD CA . -22.70 -24.53 -8.37
O3 NAD CA . -18.60 -16.96 -10.43
PN NAD CA . -17.28 -16.99 -11.37
O1N NAD CA . -16.25 -16.18 -10.79
O2N NAD CA . -17.56 -16.72 -12.83
O5D NAD CA . -16.99 -18.56 -11.07
C5D NAD CA . -16.28 -19.45 -11.93
C4D NAD CA . -15.20 -20.15 -11.15
O4D NAD CA . -14.04 -19.31 -11.22
C3D NAD CA . -15.34 -20.39 -9.65
O3D NAD CA . -14.90 -21.73 -9.30
C2D NAD CA . -14.49 -19.36 -8.93
O2D NAD CA . -14.13 -19.81 -7.59
C1D NAD CA . -13.41 -19.20 -9.89
N1N NAD CA . -12.56 -17.98 -9.90
C2N NAD CA . -13.13 -16.65 -9.97
C3N NAD CA . -12.26 -15.50 -9.99
C7N NAD CA . -12.84 -14.17 -9.38
O7N NAD CA . -12.53 -13.82 -8.23
N7N NAD CA . -13.65 -13.39 -10.11
C4N NAD CA . -10.83 -15.75 -9.93
C5N NAD CA . -10.28 -17.05 -9.86
C6N NAD CA . -11.13 -18.15 -9.86
C4 09T DA . -11.31 -13.13 -5.07
C5 09T DA . -12.56 -13.64 -4.70
C6 09T DA . -12.89 -13.71 -3.35
C7 09T DA . -12.01 -13.30 -2.34
N12 09T DA . -13.63 -17.75 -6.04
C13 09T DA . -14.65 -17.62 -5.17
C15 09T DA . -16.53 -18.07 -3.68
C17 09T DA . -16.67 -16.69 -3.44
C20 09T DA . -14.79 -16.25 -4.93
CL8 09T DA . -12.62 -13.47 -0.63
C2 09T DA . -10.73 -12.80 -2.68
CL1 09T DA . -9.52 -12.26 -1.40
C3 09T DA . -10.40 -12.72 -4.07
C9 09T DA . -13.61 -14.12 -5.71
N10 09T DA . -13.84 -15.60 -5.66
C11 09T DA . -13.15 -16.53 -6.35
C19 09T DA . -15.81 -15.80 -4.07
C18 09T DA . -17.74 -16.14 -2.51
C16 09T DA . -17.46 -19.07 -3.02
C14 09T DA . -15.52 -18.53 -4.53
PA NAD EA . 0.43 -43.14 13.44
O1A NAD EA . -0.55 -44.17 12.94
O2A NAD EA . 1.12 -43.55 14.64
O5B NAD EA . -0.14 -41.65 13.81
C5B NAD EA . -1.44 -41.13 13.32
C4B NAD EA . -2.31 -40.76 14.56
O4B NAD EA . -3.57 -40.17 14.12
C3B NAD EA . -2.71 -41.92 15.54
O3B NAD EA . -2.06 -41.86 16.80
C2B NAD EA . -4.21 -41.82 15.82
O2B NAD EA . -4.34 -41.92 17.24
C1B NAD EA . -4.47 -40.45 15.19
N9A NAD EA . -5.83 -40.32 14.75
C8A NAD EA . -6.49 -40.90 13.73
N7A NAD EA . -7.76 -40.45 13.71
C5A NAD EA . -7.83 -39.60 14.74
C6A NAD EA . -8.94 -38.84 15.18
N6A NAD EA . -10.10 -38.91 14.58
N1A NAD EA . -8.76 -38.02 16.28
C2A NAD EA . -7.54 -37.95 16.92
N3A NAD EA . -6.47 -38.66 16.51
C4A NAD EA . -6.62 -39.49 15.41
O3 NAD EA . 1.38 -42.83 12.16
PN NAD EA . 2.23 -41.54 11.83
O1N NAD EA . 2.85 -41.70 10.54
O2N NAD EA . 3.05 -41.33 13.09
O5D NAD EA . 1.30 -40.30 11.60
C5D NAD EA . 1.82 -39.08 12.03
C4D NAD EA . 1.37 -38.04 11.12
O4D NAD EA . 2.42 -37.76 10.22
C3D NAD EA . 0.16 -38.32 10.22
O3D NAD EA . -0.77 -37.20 10.41
C2D NAD EA . 0.74 -38.46 8.78
O2D NAD EA . -0.10 -38.04 7.70
C1D NAD EA . 2.06 -37.78 8.80
N1N NAD EA . 3.14 -38.43 8.00
C2N NAD EA . 3.57 -39.83 8.24
C3N NAD EA . 4.62 -40.39 7.44
C7N NAD EA . 4.92 -41.94 7.39
O7N NAD EA . 5.31 -42.37 6.28
N7N NAD EA . 4.77 -42.77 8.47
C4N NAD EA . 5.20 -39.56 6.44
C5N NAD EA . 4.80 -38.21 6.21
C6N NAD EA . 3.78 -37.66 6.97
C4 09T FA . 3.53 -42.63 3.23
C5 09T FA . 2.32 -43.20 3.67
C6 09T FA . 1.41 -43.75 2.74
C7 09T FA . 1.72 -43.71 1.36
N12 09T FA . 0.08 -40.40 6.19
C13 09T FA . -0.86 -41.40 6.28
C15 09T FA . -2.92 -42.65 6.68
C17 09T FA . -2.26 -43.84 6.28
C20 09T FA . -0.22 -42.57 5.90
CL8 09T FA . 0.54 -44.40 0.18
C2 09T FA . 2.94 -43.14 0.91
CL1 09T FA . 3.37 -43.07 -0.85
C3 09T FA . 3.84 -42.60 1.86
C9 09T FA . 2.03 -43.24 5.15
N10 09T FA . 1.05 -42.26 5.59
C11 09T FA . 1.25 -40.95 5.77
C19 09T FA . -0.92 -43.79 5.89
C18 09T FA . -2.90 -45.23 6.23
C16 09T FA . -4.37 -42.63 7.11
C14 09T FA . -2.22 -41.44 6.67
PA NAD GA . 12.46 40.09 17.01
O1A NAD GA . 12.60 41.19 16.07
O2A NAD GA . 12.69 40.36 18.43
O5B NAD GA . 13.27 38.84 16.51
C5B NAD GA . 13.34 38.51 15.07
C4B NAD GA . 14.71 37.84 14.92
O4B NAD GA . 15.05 37.44 13.52
C3B NAD GA . 15.85 38.77 15.45
O3B NAD GA . 16.58 38.22 16.52
C2B NAD GA . 16.72 38.89 14.21
O2B NAD GA . 18.05 39.25 14.58
C1B NAD GA . 16.47 37.54 13.60
N9A NAD GA . 17.01 37.64 12.29
C8A NAD GA . 16.65 38.46 11.26
N7A NAD GA . 17.48 38.20 10.22
C5A NAD GA . 18.31 37.23 10.69
C6A NAD GA . 19.40 36.57 10.02
N6A NAD GA . 19.70 36.86 8.79
N1A NAD GA . 20.10 35.62 10.71
C2A NAD GA . 19.77 35.31 11.99
N3A NAD GA . 18.76 35.92 12.65
C4A NAD GA . 18.04 36.87 11.99
O3 NAD GA . 11.03 39.69 16.60
PN NAD GA . 9.95 38.65 16.99
O1N NAD GA . 8.63 39.14 16.72
O2N NAD GA . 10.44 38.19 18.30
O5D NAD GA . 9.98 37.51 15.85
C5D NAD GA . 10.32 36.19 16.20
C4D NAD GA . 9.84 35.26 15.15
O4D NAD GA . 8.47 35.12 15.45
C3D NAD GA . 9.78 35.64 13.69
O3D NAD GA . 9.87 34.41 12.96
C2D NAD GA . 8.37 36.16 13.46
O2D NAD GA . 7.82 36.21 12.08
C1D NAD GA . 7.61 35.24 14.29
N1N NAD GA . 6.33 35.79 14.64
C2N NAD GA . 6.27 37.14 15.22
C3N NAD GA . 4.98 37.63 15.55
C7N NAD GA . 4.84 39.08 15.98
O7N NAD GA . 3.74 39.64 15.99
N7N NAD GA . 5.97 39.70 16.37
C4N NAD GA . 3.85 36.82 15.29
C5N NAD GA . 3.96 35.51 14.73
C6N NAD GA . 5.19 34.99 14.40
C4 09T HA . 2.43 40.71 12.91
C5 09T HA . 3.49 41.36 12.28
C6 09T HA . 3.34 42.10 11.13
C7 09T HA . 2.08 42.17 10.61
N12 09T HA . 6.40 38.37 11.53
C13 09T HA . 7.23 39.34 11.05
C15 09T HA . 9.00 40.50 9.87
C17 09T HA . 8.45 41.74 10.28
C20 09T HA . 6.73 40.56 11.46
CL8 09T HA . 1.94 43.15 9.16
C2 09T HA . 0.98 41.56 11.15
CL1 09T HA . -0.64 41.75 10.30
C3 09T HA . 1.16 40.81 12.32
C9 09T HA . 4.87 41.34 12.79
N10 09T HA . 5.64 40.30 12.16
C11 09T HA . 5.42 39.00 12.21
C19 09T HA . 7.32 41.77 11.09
C18 09T HA . 9.14 43.04 9.87
C16 09T HA . 10.26 40.49 9.02
C14 09T HA . 8.40 39.31 10.25
PA NAD IA . 5.20 20.53 -18.60
O1A NAD IA . 6.61 20.06 -18.48
O2A NAD IA . 4.39 20.45 -19.87
O5B NAD IA . 5.04 22.11 -18.14
C5B NAD IA . 6.30 22.64 -17.58
C4B NAD IA . 6.36 24.03 -18.22
O4B NAD IA . 7.07 24.99 -17.36
C3B NAD IA . 7.10 23.95 -19.57
O3B NAD IA . 6.29 24.58 -20.51
C2B NAD IA . 8.30 24.82 -19.41
O2B NAD IA . 8.39 25.41 -20.73
C1B NAD IA . 7.86 25.71 -18.24
N9A NAD IA . 9.04 26.20 -17.62
C8A NAD IA . 10.06 25.68 -16.91
N7A NAD IA . 10.98 26.64 -16.59
C5A NAD IA . 10.41 27.77 -17.17
C6A NAD IA . 10.86 29.12 -17.20
N6A NAD IA . 11.98 29.46 -16.61
N1A NAD IA . 10.09 30.05 -17.85
C2A NAD IA . 8.91 29.80 -18.50
N3A NAD IA . 8.46 28.53 -18.49
C4A NAD IA . 9.21 27.51 -17.82
O3 NAD IA . 4.34 19.83 -17.41
PN NAD IA . 2.86 20.10 -16.84
O1N NAD IA . 2.85 19.10 -15.80
O2N NAD IA . 1.76 20.16 -17.84
O5D NAD IA . 3.16 21.58 -16.22
C5D NAD IA . 2.10 22.55 -15.93
C4D NAD IA . 2.03 23.01 -14.47
O4D NAD IA . 1.18 22.07 -13.82
C3D NAD IA . 3.23 23.10 -13.46
O3D NAD IA . 3.26 24.30 -12.61
C2D NAD IA . 3.13 21.89 -12.57
O2D NAD IA . 3.83 21.98 -11.30
C1D NAD IA . 1.67 21.79 -12.44
N1N NAD IA . 1.20 20.48 -12.01
C2N NAD IA . 1.66 19.23 -12.67
C3N NAD IA . 1.18 17.96 -12.22
C7N NAD IA . 1.56 16.66 -12.94
O7N NAD IA . 1.06 15.56 -12.64
N7N NAD IA . 2.48 16.76 -13.90
C4N NAD IA . 0.27 17.94 -11.15
C5N NAD IA . -0.14 19.15 -10.54
C6N NAD IA . 0.30 20.42 -10.96
C4 09T JA . 3.40 15.02 -9.60
C5 09T JA . 4.72 15.41 -9.85
C6 09T JA . 5.82 15.05 -9.08
C7 09T JA . 5.62 14.25 -7.98
N12 09T JA . 4.96 19.82 -10.28
C13 09T JA . 6.26 19.62 -10.65
C15 09T JA . 8.62 19.98 -11.22
C17 09T JA . 8.77 18.60 -11.51
C20 09T JA . 6.43 18.26 -10.91
CL8 09T JA . 7.03 13.82 -6.97
C2 09T JA . 4.33 13.83 -7.68
CL1 09T JA . 4.11 12.80 -6.23
C3 09T JA . 3.22 14.20 -8.48
C9 09T JA . 5.03 16.26 -11.01
N10 09T JA . 5.24 17.68 -10.73
C11 09T JA . 4.33 18.60 -10.32
C19 09T JA . 7.66 17.75 -11.35
C18 09T JA . 10.11 18.05 -11.97
C16 09T JA . 9.80 20.90 -11.36
C14 09T JA . 7.36 20.46 -10.80
PA NAD KA . -34.27 29.55 1.25
O1A NAD KA . -35.08 29.84 2.48
O2A NAD KA . -34.89 29.85 -0.07
O5B NAD KA . -33.91 27.97 1.22
C5B NAD KA . -34.60 27.24 2.27
C4B NAD KA . -35.09 25.95 1.63
O4B NAD KA . -35.00 24.92 2.66
C3B NAD KA . -36.54 26.06 1.10
O3B NAD KA . -36.76 25.79 -0.34
C2B NAD KA . -37.29 25.17 2.10
O2B NAD KA . -38.45 24.66 1.42
C1B NAD KA . -36.21 24.19 2.51
N9A NAD KA . -36.48 23.37 3.74
C8A NAD KA . -36.44 23.71 5.06
N7A NAD KA . -36.75 22.68 5.84
C5A NAD KA . -36.98 21.68 4.93
C6A NAD KA . -37.36 20.30 5.13
N6A NAD KA . -37.54 19.84 6.30
N1A NAD KA . -37.55 19.44 4.06
C2A NAD KA . -37.37 19.91 2.78
N3A NAD KA . -37.01 21.20 2.57
C4A NAD KA . -36.82 22.11 3.62
O3 NAD KA . -32.83 30.11 1.59
PN NAD KA . -31.50 29.88 0.87
O1N NAD KA . -30.41 30.70 1.46
O2N NAD KA . -31.79 29.93 -0.63
O5D NAD KA . -30.97 28.46 1.27
C5D NAD KA . -30.83 27.39 0.40
C4D NAD KA . -29.56 26.82 0.99
O4D NAD KA . -28.45 27.71 0.71
C3D NAD KA . -29.36 26.53 2.46
O3D NAD KA . -28.58 25.30 2.38
C2D NAD KA . -28.38 27.55 2.95
O2D NAD KA . -27.61 27.26 4.14
C1D NAD KA . -27.42 27.71 1.78
N1N NAD KA . -26.64 28.96 2.01
C2N NAD KA . -27.41 30.21 2.02
C3N NAD KA . -26.73 31.44 2.24
C7N NAD KA . -27.54 32.74 2.34
O7N NAD KA . -26.86 33.69 2.69
N7N NAD KA . -28.85 32.85 2.07
C4N NAD KA . -25.34 31.44 2.44
C5N NAD KA . -24.59 30.23 2.42
C6N NAD KA . -25.22 29.01 2.21
C4 09T LA . -25.59 33.61 6.87
C5 09T LA . -26.86 33.25 7.24
C6 09T LA . -27.34 33.30 8.52
C7 09T LA . -26.44 33.75 9.46
N12 09T LA . -27.75 29.08 6.13
C13 09T LA . -28.83 29.29 6.90
C15 09T LA . -30.77 28.97 8.34
C17 09T LA . -30.89 30.35 8.50
C20 09T LA . -28.96 30.68 7.07
CL8 09T LA . -26.98 33.81 11.14
C2 09T LA . -25.15 34.12 9.13
CL1 09T LA . -24.00 34.68 10.41
C3 09T LA . -24.71 34.06 7.82
C9 09T LA . -27.78 32.75 6.20
N10 09T LA . -27.98 31.29 6.35
C11 09T LA . -27.24 30.31 5.78
C19 09T LA . -30.00 31.17 7.87
C18 09T LA . -32.00 30.90 9.35
C16 09T LA . -31.78 28.07 9.01
C14 09T LA . -29.76 28.45 7.52
PA NAD MA . -13.25 3.79 25.39
O1A NAD MA . -14.21 2.77 24.80
O2A NAD MA . -12.39 3.67 26.59
O5B NAD MA . -14.02 5.18 25.73
C5B NAD MA . -15.29 5.56 25.09
C4B NAD MA . -16.01 6.24 26.28
O4B NAD MA . -17.32 6.85 25.89
C3B NAD MA . -16.29 5.23 27.41
O3B NAD MA . -15.80 5.79 28.62
C2B NAD MA . -17.82 5.05 27.36
O2B NAD MA . -18.20 4.77 28.69
C1B NAD MA . -18.19 6.48 26.93
N9A NAD MA . -19.60 6.63 26.59
C8A NAD MA . -20.37 6.07 25.65
N7A NAD MA . -21.59 6.55 25.77
C5A NAD MA . -21.54 7.40 26.80
C6A NAD MA . -22.60 8.16 27.33
N6A NAD MA . -23.79 8.04 26.79
N1A NAD MA . -22.34 9.00 28.42
C2A NAD MA . -21.05 9.03 28.92
N3A NAD MA . -20.00 8.29 28.41
C4A NAD MA . -20.29 7.47 27.34
O3 NAD MA . -12.42 4.35 24.07
PN NAD MA . -11.39 5.56 24.02
O1N NAD MA . -10.60 5.24 22.88
O2N NAD MA . -10.64 5.77 25.32
O5D NAD MA . -12.32 6.89 23.83
C5D NAD MA . -12.08 8.19 24.34
C4D NAD MA . -12.39 9.16 23.23
O4D NAD MA . -11.23 9.20 22.32
C3D NAD MA . -13.55 9.05 22.21
O3D NAD MA . -14.02 10.41 21.89
C2D NAD MA . -12.99 8.47 20.93
O2D NAD MA . -13.55 8.92 19.70
C1D NAD MA . -11.68 9.06 20.93
N1N NAD MA . -10.66 8.52 20.03
C2N NAD MA . -10.25 7.13 20.04
C3N NAD MA . -9.24 6.73 19.13
C7N NAD MA . -8.83 5.25 19.00
O7N NAD MA . -8.09 4.88 18.09
N7N NAD MA . -9.31 4.39 19.91
C4N NAD MA . -8.68 7.71 18.25
C5N NAD MA . -9.09 9.07 18.27
C6N NAD MA . -10.08 9.49 19.14
C4 09T NA . -9.97 4.42 14.63
C5 09T NA . -11.10 4.00 15.34
C6 09T NA . -12.18 3.48 14.67
C7 09T NA . -12.15 3.38 13.29
N12 09T NA . -13.25 6.82 18.05
C13 09T NA . -14.18 5.81 18.04
C15 09T NA . -16.31 4.65 18.30
C17 09T NA . -15.70 3.47 17.85
C20 09T NA . -13.57 4.64 17.58
CL8 09T NA . -13.57 2.72 12.47
C2 09T NA . -11.08 3.80 12.54
CL1 09T NA . -11.17 3.68 10.71
C3 09T NA . -9.97 4.32 13.23
C9 09T NA . -11.18 4.07 16.84
N10 09T NA . -12.28 4.96 17.31
C11 09T NA . -12.11 6.27 17.62
C19 09T NA . -14.34 3.47 17.49
C18 09T NA . -16.49 2.18 17.73
C16 09T NA . -17.77 4.72 18.72
C14 09T NA . -15.54 5.80 18.41
PA NAD OA . -0.70 88.25 27.00
O1A NAD OA . -0.12 89.25 26.04
O2A NAD OA . -0.51 88.32 28.49
O5B NAD OA . -0.08 86.83 26.57
C5B NAD OA . 0.56 87.04 25.29
C4B NAD OA . 1.74 86.13 25.24
O4B NAD OA . 1.99 86.03 23.81
C3B NAD OA . 2.99 86.81 25.86
O3B NAD OA . 3.52 86.01 26.93
C2B NAD OA . 3.96 87.03 24.69
O2B NAD OA . 5.27 86.81 25.17
C1B NAD OA . 3.40 85.93 23.76
N9A NAD OA . 3.97 85.96 22.41
C8A NAD OA . 3.72 86.67 21.26
N7A NAD OA . 4.58 86.28 20.30
C5A NAD OA . 5.32 85.30 20.93
C6A NAD OA . 6.38 84.52 20.44
N6A NAD OA . 6.78 84.68 19.20
N1A NAD OA . 6.97 83.59 21.33
C2A NAD OA . 6.57 83.41 22.64
N3A NAD OA . 5.57 84.15 23.13
C4A NAD OA . 4.95 85.10 22.27
O3 NAD OA . -2.25 87.90 26.74
PN NAD OA . -3.09 86.74 27.43
O1N NAD OA . -4.47 87.06 27.22
O2N NAD OA . -2.64 86.54 28.87
O5D NAD OA . -2.57 85.63 26.39
C5D NAD OA . -2.53 84.22 26.62
C4D NAD OA . -3.27 83.49 25.52
O4D NAD OA . -4.69 83.56 25.77
C3D NAD OA . -3.16 83.92 24.04
O3D NAD OA . -2.85 82.82 23.14
C2D NAD OA . -4.50 84.53 23.65
O2D NAD OA . -4.78 84.49 22.24
C1D NAD OA . -5.41 83.75 24.50
N1N NAD OA . -6.73 84.29 24.78
C2N NAD OA . -7.04 85.71 24.90
C3N NAD OA . -8.39 86.13 25.21
C7N NAD OA . -8.66 87.44 26.06
O7N NAD OA . -8.55 87.44 27.32
N7N NAD OA . -9.01 88.57 25.43
C4N NAD OA . -9.34 85.06 25.36
C5N NAD OA . -9.05 83.67 25.25
C6N NAD OA . -7.75 83.30 24.96
C4 09T PA . -10.58 89.08 22.90
C5 09T PA . -9.42 89.57 22.29
C6 09T PA . -9.54 90.18 21.04
C7 09T PA . -10.77 90.30 20.40
N12 09T PA . -6.31 86.59 21.60
C13 09T PA . -5.60 87.55 20.98
C15 09T PA . -3.95 88.69 19.60
C17 09T PA . -4.48 89.95 20.00
C20 09T PA . -6.13 88.78 21.40
CL8 09T PA . -10.83 91.09 18.77
C2 09T PA . -11.93 89.80 21.00
CL1 09T PA . -13.54 89.94 20.15
C3 09T PA . -11.83 89.20 22.28
C9 09T PA . -8.05 89.46 22.95
N10 09T PA . -7.16 88.50 22.25
C11 09T PA . -7.26 87.17 22.36
C19 09T PA . -5.57 89.99 20.90
C18 09T PA . -3.88 91.25 19.47
C16 09T PA . -2.79 88.61 18.65
C14 09T PA . -4.52 87.51 20.08
PA NAD QA . -7.60 67.91 -7.74
O1A NAD QA . -6.21 67.51 -7.34
O2A NAD QA . -7.95 67.64 -9.14
O5B NAD QA . -8.06 69.46 -7.44
C5B NAD QA . -7.26 70.38 -6.59
C4B NAD QA . -6.86 71.62 -7.45
O4B NAD QA . -6.11 72.56 -6.61
C3B NAD QA . -5.95 71.34 -8.72
O3B NAD QA . -6.47 71.71 -9.99
C2B NAD QA . -4.66 72.10 -8.46
O2B NAD QA . -4.14 72.62 -9.67
C1B NAD QA . -5.21 73.17 -7.53
N9A NAD QA . -4.03 73.83 -6.98
C8A NAD QA . -3.02 73.35 -6.22
N7A NAD QA . -2.15 74.33 -5.97
C5A NAD QA . -2.66 75.38 -6.62
C6A NAD QA . -2.12 76.69 -6.70
N6A NAD QA . -0.99 76.98 -6.07
N1A NAD QA . -2.84 77.62 -7.44
C2A NAD QA . -4.02 77.30 -8.08
N3A NAD QA . -4.55 76.06 -8.01
C4A NAD QA . -3.84 75.09 -7.27
O3 NAD QA . -8.42 67.10 -6.59
PN NAD QA . -9.76 67.47 -5.87
O1N NAD QA . -9.98 66.38 -4.95
O2N NAD QA . -10.65 67.72 -7.08
O5D NAD QA . -9.67 68.74 -4.96
C5D NAD QA . -10.54 69.83 -5.13
C4D NAD QA . -10.79 70.42 -3.80
O4D NAD QA . -11.61 69.48 -3.13
C3D NAD QA . -9.69 70.67 -2.76
O3D NAD QA . -9.84 72.01 -2.13
C2D NAD QA . -9.89 69.51 -1.74
O2D NAD QA . -9.20 69.62 -0.49
C1D NAD QA . -11.37 69.33 -1.70
N1N NAD QA . -11.86 67.99 -1.20
C2N NAD QA . -11.59 66.75 -1.97
C3N NAD QA . -12.05 65.48 -1.48
C7N NAD QA . -11.58 64.12 -2.12
O7N NAD QA . -11.61 63.14 -1.35
N7N NAD QA . -11.15 64.00 -3.43
C4N NAD QA . -12.77 65.47 -0.26
C5N NAD QA . -13.03 66.64 0.47
C6N NAD QA . -12.59 67.89 0.01
C4 09T RA . -9.46 62.55 1.31
C5 09T RA . -8.21 62.91 0.81
C6 09T RA . -7.05 62.57 1.52
C7 09T RA . -7.11 61.86 2.75
N12 09T RA . -8.03 67.19 -0.02
C13 09T RA . -6.75 66.97 -0.45
C15 09T RA . -4.43 67.24 -1.18
C17 09T RA . -4.35 65.85 -1.42
C20 09T RA . -6.66 65.60 -0.69
CL8 09T RA . -5.55 61.47 3.60
C2 09T RA . -8.39 61.50 3.26
CL1 09T RA . -8.62 60.58 4.83
C3 09T RA . -9.54 61.85 2.53
C9 09T RA . -8.16 63.64 -0.50
N10 09T RA . -7.86 65.06 -0.37
C11 09T RA . -8.71 66.02 0.04
C19 09T RA . -5.46 65.05 -1.17
C18 09T RA . -3.08 65.18 -1.93
C16 09T RA . -3.25 68.16 -1.44
C14 09T RA . -5.64 67.79 -0.70
PA NAD SA . -47.24 77.51 11.36
O1A NAD SA . -48.08 77.60 12.60
O2A NAD SA . -47.57 78.24 10.07
O5B NAD SA . -47.18 75.94 11.03
C5B NAD SA . -47.00 75.12 12.20
C4B NAD SA . -47.81 73.87 11.92
O4B NAD SA . -47.92 73.14 13.19
C3B NAD SA . -49.24 74.24 11.44
O3B NAD SA . -49.44 73.94 10.07
C2B NAD SA . -50.13 73.43 12.39
O2B NAD SA . -51.27 73.04 11.63
C1B NAD SA . -49.09 72.38 12.90
N9A NAD SA . -49.49 71.54 14.02
C8A NAD SA . -49.65 71.69 15.38
N7A NAD SA . -50.04 70.56 16.00
C5A NAD SA . -50.10 69.73 14.91
C6A NAD SA . -50.47 68.38 14.92
N6A NAD SA . -50.79 67.86 16.08
N1A NAD SA . -50.48 67.69 13.70
C2A NAD SA . -50.13 68.31 12.49
N3A NAD SA . -49.76 69.61 12.42
C4A NAD SA . -49.76 70.31 13.67
O3 NAD SA . -45.67 77.81 11.71
PN NAD SA . -44.35 77.87 10.78
O1N NAD SA . -43.42 78.80 11.34
O2N NAD SA . -44.65 78.00 9.29
O5D NAD SA . -43.77 76.44 11.26
C5D NAD SA . -43.15 75.49 10.38
C4D NAD SA . -42.27 74.58 11.19
O4D NAD SA . -41.02 75.25 11.28
C3D NAD SA . -42.52 74.25 12.65
O3D NAD SA . -41.95 72.95 12.96
C2D NAD SA . -41.76 75.32 13.43
O2D NAD SA . -41.51 74.92 14.77
C1D NAD SA . -40.53 75.44 12.66
N1N NAD SA . -39.78 76.71 12.67
C2N NAD SA . -40.43 78.00 12.89
C3N NAD SA . -39.69 79.23 12.88
C7N NAD SA . -40.42 80.53 13.40
O7N NAD SA . -39.86 81.52 13.88
N7N NAD SA . -41.75 80.55 13.33
C4N NAD SA . -38.29 79.13 12.64
C5N NAD SA . -37.64 77.88 12.43
C6N NAD SA . -38.38 76.68 12.44
C4 09T TA . -38.58 82.07 17.11
C5 09T TA . -39.80 81.46 17.49
C6 09T TA . -40.17 81.34 18.83
C7 09T TA . -39.33 81.80 19.85
N12 09T TA . -40.87 77.34 16.10
C13 09T TA . -41.92 77.49 16.96
C15 09T TA . -43.79 77.08 18.42
C17 09T TA . -43.88 78.46 18.68
C20 09T TA . -42.02 78.88 17.21
CL8 09T TA . -39.98 81.56 21.52
C2 09T TA . -38.07 82.41 19.52
CL1 09T TA . -36.90 83.03 20.79
C3 09T TA . -37.72 82.53 18.13
C9 09T TA . -40.79 80.94 16.48
N10 09T TA . -41.05 79.50 16.53
C11 09T TA . -40.35 78.56 15.84
C19 09T TA . -42.99 79.36 18.06
C18 09T TA . -44.93 79.05 19.59
C16 09T TA . -44.76 76.12 19.09
C14 09T TA . -42.80 76.58 17.57
PA NAD UA . -26.37 52.50 36.45
O1A NAD UA . -27.16 51.35 35.99
O2A NAD UA . -25.63 52.21 37.65
O5B NAD UA . -27.14 53.89 36.80
C5B NAD UA . -28.33 54.36 36.13
C4B NAD UA . -29.24 54.79 37.30
O4B NAD UA . -30.53 55.25 36.77
C3B NAD UA . -29.59 53.62 38.27
O3B NAD UA . -28.99 53.82 39.54
C2B NAD UA . -31.12 53.56 38.34
O2B NAD UA . -31.55 53.35 39.69
C1B NAD UA . -31.42 54.95 37.82
N9A NAD UA . -32.82 54.99 37.44
C8A NAD UA . -33.52 54.26 36.56
N7A NAD UA . -34.78 54.66 36.56
C5A NAD UA . -34.81 55.65 37.47
C6A NAD UA . -35.91 56.44 37.87
N6A NAD UA . -37.09 56.22 37.33
N1A NAD UA . -35.69 57.41 38.83
C2A NAD UA . -34.44 57.62 39.39
N3A NAD UA . -33.39 56.87 39.00
C4A NAD UA . -33.57 55.88 38.04
O3 NAD UA . -25.57 52.88 35.12
PN NAD UA . -24.69 54.10 34.65
O1N NAD UA . -24.08 53.80 33.36
O2N NAD UA . -23.98 54.34 35.96
O5D NAD UA . -25.56 55.32 34.11
C5D NAD UA . -25.61 56.50 34.87
C4D NAD UA . -25.69 57.59 33.84
O4D NAD UA . -24.51 57.54 33.04
C3D NAD UA . -26.76 57.72 32.75
O3D NAD UA . -26.99 59.17 32.67
C2D NAD UA . -26.02 57.24 31.51
O2D NAD UA . -26.57 57.46 30.17
C1D NAD UA . -24.68 57.87 31.66
N1N NAD UA . -23.71 57.24 30.77
C2N NAD UA . -23.42 55.81 30.96
C3N NAD UA . -22.48 55.15 30.12
C7N NAD UA . -22.08 53.70 30.42
O7N NAD UA . -21.07 53.31 29.79
N7N NAD UA . -22.76 52.92 31.28
C4N NAD UA . -21.84 55.88 29.08
C5N NAD UA . -22.12 57.27 28.90
C6N NAD UA . -23.04 57.94 29.72
C4 09T VA . -23.28 52.86 25.95
C5 09T VA . -24.38 52.24 26.52
C6 09T VA . -25.37 51.65 25.70
C7 09T VA . -25.19 51.68 24.31
N12 09T VA . -26.37 55.42 28.50
C13 09T VA . -27.35 54.46 28.65
C15 09T VA . -29.48 53.27 29.01
C17 09T VA . -28.85 52.05 28.82
C20 09T VA . -26.76 53.21 28.48
CL8 09T VA . -26.34 50.95 23.12
C2 09T VA . -24.07 52.29 23.76
CL1 09T VA . -23.96 52.26 21.95
C3 09T VA . -23.11 52.90 24.57
C9 09T VA . -24.56 52.26 27.98
N10 09T VA . -25.47 53.40 28.23
C11 09T VA . -25.22 54.76 28.22
C19 09T VA . -27.49 52.03 28.55
C18 09T VA . -29.62 50.75 28.92
C16 09T VA . -30.97 53.29 29.35
C14 09T VA . -28.73 54.47 28.93
#